data_6EJF
#
_entry.id   6EJF
#
loop_
_entity.id
_entity.type
_entity.pdbx_description
1 polymer 'Type IV pilus assembly protein PilF'
2 polymer 'Type IV pilus assembly protein PilF'
3 polymer 'Type IV pilus assembly protein PilF'
#
loop_
_entity_poly.entity_id
_entity_poly.type
_entity_poly.pdbx_seq_one_letter_code
_entity_poly.pdbx_strand_id
1 'polypeptide(L)'
;LPRAKPLGEILVELGLARPEDVEEALQKQRRGGGRLEDTLVQSGKLRPEALAQAVATQLGYPYVDPEEDPPDPGAPLLLP
EDLCRRYGVFPHRLEGNRLVLLMKDPRNILALDDVRLALKRKGLNYEVAPAVATEAAITKLIERFY
;
G,H,I,M,Q,R
2 'polypeptide(L)'
;QKDLKLGELLLQKGWISREALEEALVEQEKTGDLLGRILVRKGLPEEALYRALAEQKGLEFLESTEGIVPDPSAALLLLR
SDALRYGAVPIGFQNGEVEVVLSDPRHKEAVAQLLNRPARFYLALPQAWEELFRRAY
;
J,K,L,N,O,P
3 'polypeptide(L)'
;SAAQKFVKQVIREAFLQDASDIHIEPRQNDVQVRLRIDGALRPYSTLPKGALNAVISVVKIMGGLNIAEKRLPQDGRVRY
REGAIDVDLRLSTLPTVYGEKAVMRLLKKASDIPEIEDLGFAPGVFERFKEVISKPYGIFLITGPTGSGKSFTTFSILKR
IATPDKNTQTIEDPVEYEIPGINQTQVNPQAGLTFARALRAFLRQDPDIIMVGEIRDSETAKIATEAALTGHLVIATLHT
NDAAQAITRLDEMGVEPFNISAALIGVLSQRLVRRVCEHCKVEVKPDPETLRRLGLSEAEIQGARLYKGMGCERCGGTGY
KGRYAIHELLVVDDEIRHAIVAGKSATEIKEIARRKGMKTLREDGLYKALQGITTLEEVLARTIEAAAELALVPRGSSAH
HHHHHHHHH
;
A,B,C,D,E,F
#
# COMPACT_ATOMS: atom_id res chain seq x y z
N LEU A 1 -1.12 13.88 41.41
CA LEU A 1 -0.11 14.53 42.22
C LEU A 1 -0.53 15.97 42.52
N PRO A 2 0.05 16.65 43.55
CA PRO A 2 1.11 16.30 44.51
C PRO A 2 0.87 15.01 45.24
N ARG A 3 1.93 14.43 45.84
CA ARG A 3 1.82 13.10 46.45
C ARG A 3 0.53 12.85 47.20
N ALA A 4 0.08 13.86 47.98
CA ALA A 4 -1.15 13.83 48.77
C ALA A 4 -1.07 13.03 50.06
N LYS A 5 -1.97 13.38 50.98
CA LYS A 5 -2.21 12.57 52.17
C LYS A 5 -3.03 11.40 51.64
N PRO A 6 -3.23 10.30 52.36
CA PRO A 6 -4.19 9.27 51.99
C PRO A 6 -5.58 9.89 51.97
N LEU A 7 -6.45 9.47 51.07
CA LEU A 7 -7.79 10.05 51.08
C LEU A 7 -8.52 9.68 52.30
N GLY A 8 -8.43 8.45 52.66
CA GLY A 8 -9.16 8.07 53.82
C GLY A 8 -8.67 8.85 55.02
N GLU A 9 -7.36 9.10 55.10
CA GLU A 9 -6.89 9.74 56.30
C GLU A 9 -7.34 11.19 56.35
N ILE A 10 -7.35 11.89 55.21
CA ILE A 10 -7.88 13.26 55.26
C ILE A 10 -9.35 13.22 55.68
N LEU A 11 -10.08 12.18 55.28
CA LEU A 11 -11.46 12.05 55.71
C LEU A 11 -11.49 11.88 57.24
N VAL A 12 -10.47 11.21 57.81
CA VAL A 12 -10.45 11.08 59.27
C VAL A 12 -10.29 12.44 59.92
N GLU A 13 -9.36 13.23 59.39
CA GLU A 13 -9.09 14.57 59.94
C GLU A 13 -10.32 15.47 59.86
N LEU A 14 -11.09 15.30 58.80
CA LEU A 14 -12.29 16.08 58.56
C LEU A 14 -13.49 15.60 59.37
N GLY A 15 -13.36 14.50 60.12
CA GLY A 15 -14.46 13.95 60.90
C GLY A 15 -15.39 13.12 60.03
N LEU A 16 -14.91 12.78 58.84
CA LEU A 16 -15.65 12.04 57.85
C LEU A 16 -15.29 10.56 57.80
N ALA A 17 -14.34 10.13 58.65
CA ALA A 17 -13.88 8.74 58.61
C ALA A 17 -13.18 8.27 59.86
N ARG A 18 -13.11 6.95 60.01
CA ARG A 18 -12.25 6.35 61.04
C ARG A 18 -10.99 5.89 60.31
N PRO A 19 -9.82 5.81 60.95
CA PRO A 19 -8.58 5.29 60.36
C PRO A 19 -8.77 3.83 59.93
N GLU A 20 -9.77 3.18 60.53
CA GLU A 20 -10.15 1.82 60.26
C GLU A 20 -10.69 1.69 58.83
N ASP A 21 -11.35 2.75 58.37
CA ASP A 21 -11.99 2.75 57.07
C ASP A 21 -10.93 3.00 56.04
N VAL A 22 -9.93 3.76 56.48
CA VAL A 22 -8.85 4.14 55.60
C VAL A 22 -8.02 2.93 55.28
N GLU A 23 -7.59 2.24 56.33
CA GLU A 23 -6.76 1.06 56.18
C GLU A 23 -7.50 -0.11 55.57
N GLU A 24 -8.78 -0.28 55.90
CA GLU A 24 -9.50 -1.40 55.32
C GLU A 24 -9.66 -1.16 53.81
N ALA A 25 -10.05 0.05 53.44
CA ALA A 25 -10.17 0.38 52.03
C ALA A 25 -8.83 0.25 51.33
N LEU A 26 -7.77 0.59 52.04
CA LEU A 26 -6.43 0.50 51.53
C LEU A 26 -6.11 -0.96 51.28
N GLN A 27 -6.47 -1.83 52.21
CA GLN A 27 -6.19 -3.22 51.95
C GLN A 27 -7.02 -3.69 50.77
N LYS A 28 -8.23 -3.16 50.59
CA LYS A 28 -9.02 -3.54 49.43
C LYS A 28 -8.30 -3.14 48.14
N GLN A 29 -7.80 -1.90 48.04
CA GLN A 29 -7.18 -1.50 46.76
C GLN A 29 -5.91 -2.30 46.48
N ARG A 30 -5.23 -2.75 47.55
CA ARG A 30 -4.02 -3.56 47.41
C ARG A 30 -4.30 -4.88 46.66
N ARG A 31 -5.56 -5.33 46.67
CA ARG A 31 -5.93 -6.57 46.01
C ARG A 31 -6.82 -6.29 44.79
N GLY A 32 -7.71 -5.31 44.94
CA GLY A 32 -8.71 -4.92 43.94
C GLY A 32 -8.13 -4.31 42.67
N GLY A 33 -7.03 -3.54 42.80
CA GLY A 33 -6.43 -2.89 41.63
C GLY A 33 -6.91 -1.45 41.41
N GLY A 34 -7.85 -0.99 42.23
CA GLY A 34 -8.36 0.36 42.14
C GLY A 34 -7.47 1.22 43.02
N ARG A 35 -7.90 2.42 43.35
CA ARG A 35 -7.11 3.31 44.22
C ARG A 35 -7.76 3.43 45.59
N LEU A 36 -7.00 3.88 46.61
CA LEU A 36 -7.64 4.17 47.91
C LEU A 36 -8.77 5.15 47.68
N GLU A 37 -8.52 6.11 46.80
CA GLU A 37 -9.45 7.13 46.41
C GLU A 37 -10.77 6.57 45.84
N ASP A 38 -10.77 5.30 45.41
CA ASP A 38 -11.95 4.63 44.92
C ASP A 38 -12.51 3.73 46.03
N THR A 39 -11.61 3.02 46.73
CA THR A 39 -12.05 1.99 47.67
C THR A 39 -12.60 2.52 48.96
N LEU A 40 -12.35 3.75 49.29
CA LEU A 40 -12.97 4.25 50.49
C LEU A 40 -14.48 4.16 50.33
N VAL A 41 -14.97 4.36 49.10
CA VAL A 41 -16.40 4.22 48.89
C VAL A 41 -16.72 2.83 48.30
N GLN A 42 -15.84 2.25 47.48
CA GLN A 42 -16.14 0.92 46.89
C GLN A 42 -16.16 -0.16 47.96
N SER A 43 -15.39 0.03 49.04
CA SER A 43 -15.36 -0.89 50.17
C SER A 43 -16.56 -0.67 51.07
N GLY A 44 -17.40 0.34 50.76
CA GLY A 44 -18.60 0.64 51.53
C GLY A 44 -18.32 1.34 52.84
N LYS A 45 -17.31 2.22 52.90
CA LYS A 45 -17.02 2.82 54.17
C LYS A 45 -17.35 4.31 54.22
N LEU A 46 -16.77 5.07 53.32
CA LEU A 46 -16.89 6.51 53.38
C LEU A 46 -17.76 7.04 52.25
N ARG A 47 -18.48 8.11 52.52
CA ARG A 47 -19.40 8.70 51.54
C ARG A 47 -18.64 9.24 50.34
N PRO A 48 -19.07 8.98 49.09
CA PRO A 48 -18.41 9.45 47.89
C PRO A 48 -18.36 10.96 47.81
N GLU A 49 -19.29 11.63 48.50
CA GLU A 49 -19.28 13.09 48.53
C GLU A 49 -18.14 13.52 49.40
N ALA A 50 -17.96 12.80 50.52
CA ALA A 50 -16.91 13.11 51.45
C ALA A 50 -15.60 12.91 50.74
N LEU A 51 -15.51 11.82 49.96
CA LEU A 51 -14.29 11.51 49.24
C LEU A 51 -14.03 12.61 48.24
N ALA A 52 -15.09 13.04 47.56
CA ALA A 52 -14.96 14.07 46.56
C ALA A 52 -14.53 15.36 47.18
N GLN A 53 -15.09 15.79 48.28
CA GLN A 53 -14.61 17.07 48.77
C GLN A 53 -13.18 16.95 49.25
N ALA A 54 -12.93 15.82 49.86
CA ALA A 54 -11.68 15.57 50.49
C ALA A 54 -10.50 15.32 49.56
N VAL A 55 -10.62 14.82 48.33
CA VAL A 55 -9.33 14.59 47.65
C VAL A 55 -8.60 15.89 47.36
N ALA A 56 -9.27 16.89 46.86
CA ALA A 56 -8.48 18.09 46.63
C ALA A 56 -7.96 18.57 47.95
N THR A 57 -8.78 18.46 49.01
CA THR A 57 -8.32 18.86 50.33
C THR A 57 -7.01 18.10 50.68
N GLN A 58 -6.97 16.80 50.35
CA GLN A 58 -5.86 15.85 50.55
C GLN A 58 -4.57 16.43 49.92
N LEU A 59 -4.75 17.20 48.82
CA LEU A 59 -3.68 17.89 48.09
C LEU A 59 -3.51 19.37 48.47
N GLY A 60 -4.47 19.95 49.18
CA GLY A 60 -4.47 21.39 49.47
C GLY A 60 -5.25 22.22 48.43
N TYR A 61 -6.07 21.57 47.62
CA TYR A 61 -6.88 22.21 46.59
C TYR A 61 -8.37 22.20 46.99
N PRO A 62 -9.21 23.07 46.44
CA PRO A 62 -10.64 23.16 46.68
C PRO A 62 -11.52 22.09 46.04
N TYR A 63 -12.73 21.98 46.61
CA TYR A 63 -13.83 21.23 46.02
C TYR A 63 -14.51 22.13 45.02
N VAL A 64 -14.63 21.63 43.83
CA VAL A 64 -15.23 22.36 42.75
C VAL A 64 -16.33 21.52 42.15
N ASP A 65 -17.56 22.03 42.16
CA ASP A 65 -18.66 21.21 41.67
C ASP A 65 -18.84 21.37 40.12
N PRO A 66 -18.65 20.31 39.30
CA PRO A 66 -18.74 20.27 37.85
C PRO A 66 -20.06 20.76 37.26
N GLU A 67 -21.14 20.77 38.05
CA GLU A 67 -22.41 21.23 37.49
C GLU A 67 -22.57 22.73 37.69
N GLU A 68 -21.57 23.33 38.33
CA GLU A 68 -21.53 24.74 38.67
C GLU A 68 -20.36 25.46 37.98
N ASP A 69 -19.15 24.94 38.24
CA ASP A 69 -17.90 25.53 37.79
C ASP A 69 -17.86 25.51 36.27
N PRO A 70 -17.55 26.63 35.60
CA PRO A 70 -17.54 26.74 34.15
C PRO A 70 -16.43 25.93 33.47
N PRO A 71 -16.80 24.97 32.61
CA PRO A 71 -15.91 24.12 31.86
C PRO A 71 -15.40 24.85 30.65
N ASP A 72 -14.57 25.86 30.86
CA ASP A 72 -14.13 26.69 29.74
C ASP A 72 -13.76 25.80 28.59
N PRO A 73 -14.54 25.78 27.47
CA PRO A 73 -14.42 24.89 26.32
C PRO A 73 -13.00 24.70 25.81
N GLY A 74 -12.13 25.67 25.99
CA GLY A 74 -10.79 25.47 25.48
C GLY A 74 -10.15 24.29 26.19
N ALA A 75 -10.46 24.17 27.47
CA ALA A 75 -9.91 23.19 28.36
C ALA A 75 -10.27 21.73 27.98
N PRO A 76 -11.53 21.38 27.69
CA PRO A 76 -11.87 20.05 27.24
C PRO A 76 -11.36 19.78 25.84
N LEU A 77 -11.07 20.82 25.08
CA LEU A 77 -10.52 20.56 23.76
C LEU A 77 -9.00 20.41 23.87
N LEU A 78 -8.43 21.09 24.86
CA LEU A 78 -7.04 21.04 25.26
C LEU A 78 -6.67 19.62 25.66
N LEU A 79 -7.50 19.06 26.55
CA LEU A 79 -7.37 17.69 26.97
C LEU A 79 -8.56 16.92 26.38
N PRO A 80 -8.36 16.05 25.37
CA PRO A 80 -9.40 15.35 24.63
C PRO A 80 -10.36 14.53 25.48
N GLU A 81 -11.58 14.37 24.97
CA GLU A 81 -12.63 13.61 25.65
C GLU A 81 -12.22 12.22 26.03
N ASP A 82 -11.63 11.49 25.10
CA ASP A 82 -11.24 10.12 25.42
C ASP A 82 -10.24 10.10 26.55
N LEU A 83 -9.34 11.07 26.52
CA LEU A 83 -8.28 11.15 27.50
C LEU A 83 -8.87 11.57 28.84
N CYS A 84 -9.85 12.47 28.81
CA CYS A 84 -10.50 12.90 30.03
C CYS A 84 -11.27 11.75 30.67
N ARG A 85 -12.04 11.07 29.83
CA ARG A 85 -12.88 9.97 30.25
C ARG A 85 -12.04 8.90 30.89
N ARG A 86 -10.90 8.62 30.25
CA ARG A 86 -9.92 7.65 30.68
C ARG A 86 -9.48 7.79 32.14
N TYR A 87 -9.41 9.02 32.66
CA TYR A 87 -8.89 9.18 34.00
C TYR A 87 -9.94 9.62 34.99
N GLY A 88 -11.14 9.95 34.48
CA GLY A 88 -12.16 10.46 35.36
C GLY A 88 -11.87 11.91 35.66
N VAL A 89 -11.45 12.66 34.64
CA VAL A 89 -11.12 14.06 34.87
C VAL A 89 -11.82 14.98 33.89
N PHE A 90 -11.97 16.26 34.23
CA PHE A 90 -12.53 17.21 33.30
C PHE A 90 -11.84 18.59 33.47
N PRO A 91 -11.21 19.14 32.44
CA PRO A 91 -10.54 20.44 32.36
C PRO A 91 -11.38 21.71 32.60
N HIS A 92 -10.82 22.74 33.24
CA HIS A 92 -11.53 24.03 33.45
C HIS A 92 -10.71 25.28 33.11
N ARG A 93 -10.34 26.07 34.11
CA ARG A 93 -9.63 27.34 33.86
C ARG A 93 -8.25 27.21 33.25
N LEU A 94 -7.99 28.04 32.22
CA LEU A 94 -6.69 28.07 31.54
C LEU A 94 -5.95 29.39 31.78
N GLU A 95 -4.62 29.31 31.87
CA GLU A 95 -3.79 30.53 31.97
C GLU A 95 -2.31 30.31 31.66
N GLY A 96 -1.78 30.94 30.62
CA GLY A 96 -0.37 30.64 30.34
C GLY A 96 -0.28 29.16 30.03
N ASN A 97 0.50 28.42 30.83
CA ASN A 97 0.68 26.98 30.64
C ASN A 97 -0.24 26.18 31.59
N ARG A 98 -1.06 26.90 32.35
CA ARG A 98 -1.91 26.34 33.39
C ARG A 98 -3.23 25.75 32.94
N LEU A 99 -3.62 24.71 33.66
CA LEU A 99 -4.95 24.09 33.55
C LEU A 99 -5.52 23.61 34.86
N VAL A 100 -6.71 24.06 35.20
CA VAL A 100 -7.39 23.49 36.36
C VAL A 100 -7.99 22.19 35.91
N LEU A 101 -7.73 21.11 36.61
CA LEU A 101 -8.29 19.87 36.15
C LEU A 101 -9.18 19.34 37.25
N LEU A 102 -10.47 19.23 36.96
CA LEU A 102 -11.43 18.81 37.97
C LEU A 102 -11.54 17.31 37.91
N MET A 103 -11.10 16.66 38.96
CA MET A 103 -10.91 15.24 38.94
C MET A 103 -11.74 14.54 40.01
N LYS A 104 -12.15 13.30 39.77
CA LYS A 104 -12.78 12.60 40.90
C LYS A 104 -11.70 12.28 41.92
N ASP A 105 -10.48 12.24 41.40
CA ASP A 105 -9.29 11.92 42.11
C ASP A 105 -8.12 12.73 41.65
N PRO A 106 -7.88 13.90 42.22
CA PRO A 106 -6.78 14.80 41.98
C PRO A 106 -5.38 14.19 42.13
N ARG A 107 -5.31 13.06 42.84
CA ARG A 107 -4.08 12.37 43.09
C ARG A 107 -3.65 11.59 41.83
N ASN A 108 -4.60 11.37 40.90
CA ASN A 108 -4.36 10.51 39.76
C ASN A 108 -3.34 11.07 38.76
N ILE A 109 -2.10 10.65 38.98
CA ILE A 109 -0.96 11.02 38.15
C ILE A 109 -1.06 10.52 36.72
N LEU A 110 -1.91 9.55 36.46
CA LEU A 110 -2.00 9.08 35.10
C LEU A 110 -2.63 10.18 34.32
N ALA A 111 -3.54 10.88 34.95
CA ALA A 111 -4.13 11.96 34.23
C ALA A 111 -3.09 12.98 34.07
N LEU A 112 -2.51 13.38 35.16
CA LEU A 112 -1.68 14.54 35.10
C LEU A 112 -0.50 14.40 34.13
N ASP A 113 0.10 13.22 34.00
CA ASP A 113 1.17 13.11 33.02
C ASP A 113 0.64 12.86 31.61
N ASP A 114 -0.47 12.14 31.46
CA ASP A 114 -0.95 11.96 30.10
C ASP A 114 -1.61 13.26 29.65
N VAL A 115 -2.16 13.97 30.63
CA VAL A 115 -2.74 15.29 30.44
C VAL A 115 -1.63 16.20 30.03
N ARG A 116 -0.51 16.18 30.77
CA ARG A 116 0.66 16.98 30.43
C ARG A 116 1.01 16.86 28.98
N LEU A 117 1.09 15.63 28.51
CA LEU A 117 1.47 15.43 27.14
C LEU A 117 0.42 16.01 26.19
N ALA A 118 -0.87 15.83 26.51
CA ALA A 118 -1.92 16.39 25.67
C ALA A 118 -1.88 17.91 25.66
N LEU A 119 -1.57 18.48 26.82
CA LEU A 119 -1.60 19.91 26.96
C LEU A 119 -0.50 20.47 26.09
N LYS A 120 0.64 19.78 26.09
CA LYS A 120 1.83 20.20 25.37
C LYS A 120 1.60 20.09 23.88
N ARG A 121 0.87 19.06 23.44
CA ARG A 121 0.58 18.99 22.01
C ARG A 121 -0.29 20.19 21.59
N LYS A 122 -1.21 20.61 22.46
CA LYS A 122 -2.05 21.77 22.20
C LYS A 122 -1.24 23.07 22.24
N GLY A 123 -0.25 23.13 23.15
CA GLY A 123 0.60 24.32 23.27
C GLY A 123 0.84 24.79 24.70
N LEU A 124 0.32 24.07 25.69
CA LEU A 124 0.53 24.40 27.09
C LEU A 124 1.54 23.41 27.66
N ASN A 125 2.57 23.88 28.33
CA ASN A 125 3.63 22.97 28.80
C ASN A 125 3.37 22.37 30.19
N TYR A 126 2.09 22.36 30.54
CA TYR A 126 1.50 21.89 31.79
C TYR A 126 1.84 22.78 32.96
N GLU A 127 0.98 22.67 33.94
CA GLU A 127 1.00 23.27 35.25
C GLU A 127 -0.44 23.05 35.69
N VAL A 128 -0.79 21.80 35.88
CA VAL A 128 -2.15 21.49 36.26
C VAL A 128 -2.37 21.74 37.72
N ALA A 129 -3.53 22.28 38.00
CA ALA A 129 -4.00 22.58 39.33
C ALA A 129 -5.20 21.69 39.59
N PRO A 130 -5.02 20.47 40.11
CA PRO A 130 -6.06 19.52 40.33
C PRO A 130 -7.08 20.14 41.26
N ALA A 131 -8.32 19.78 41.06
CA ALA A 131 -9.41 20.22 41.90
C ALA A 131 -10.30 19.02 41.98
N VAL A 132 -11.16 18.93 42.96
CA VAL A 132 -11.90 17.68 43.07
C VAL A 132 -13.37 17.83 42.99
N ALA A 133 -13.97 16.82 42.39
CA ALA A 133 -15.38 16.77 42.22
C ALA A 133 -15.99 15.43 42.40
N THR A 134 -17.28 15.45 42.67
CA THR A 134 -18.05 14.25 42.64
C THR A 134 -17.89 13.61 41.27
N GLU A 135 -17.58 12.31 41.25
CA GLU A 135 -17.37 11.61 40.00
C GLU A 135 -18.57 11.72 39.07
N ALA A 136 -19.79 11.55 39.59
CA ALA A 136 -20.98 11.64 38.76
C ALA A 136 -21.11 13.02 38.14
N ALA A 137 -20.78 14.04 38.91
CA ALA A 137 -20.90 15.38 38.40
C ALA A 137 -19.89 15.60 37.26
N ILE A 138 -18.65 15.10 37.42
CA ILE A 138 -17.72 15.26 36.30
C ILE A 138 -18.09 14.31 35.19
N THR A 139 -18.76 13.20 35.48
CA THR A 139 -19.17 12.33 34.42
C THR A 139 -20.09 13.11 33.52
N LYS A 140 -21.05 13.79 34.14
CA LYS A 140 -21.99 14.61 33.42
C LYS A 140 -21.27 15.76 32.75
N LEU A 141 -20.23 16.29 33.38
CA LEU A 141 -19.49 17.39 32.78
C LEU A 141 -18.76 16.87 31.54
N ILE A 142 -18.21 15.67 31.64
CA ILE A 142 -17.52 15.04 30.53
C ILE A 142 -18.51 14.79 29.41
N GLU A 143 -19.69 14.26 29.74
CA GLU A 143 -20.73 14.00 28.75
C GLU A 143 -21.17 15.26 28.02
N ARG A 144 -21.26 16.36 28.75
CA ARG A 144 -21.75 17.62 28.21
C ARG A 144 -20.78 18.54 27.44
N PHE A 145 -19.46 18.52 27.70
CA PHE A 145 -18.61 19.56 27.08
C PHE A 145 -17.32 19.27 26.30
N TYR A 146 -17.40 18.62 25.13
CA TYR A 146 -16.24 18.46 24.24
C TYR A 146 -16.61 18.82 22.82
N GLN B 1 -40.74 29.26 39.45
CA GLN B 1 -39.55 28.96 38.66
C GLN B 1 -38.80 27.79 39.29
N LYS B 2 -38.39 26.84 38.47
CA LYS B 2 -37.72 25.63 38.92
C LYS B 2 -36.29 25.86 39.45
N ASP B 3 -35.89 24.99 40.39
CA ASP B 3 -34.51 24.93 40.90
C ASP B 3 -34.22 23.50 41.30
N LEU B 4 -32.99 23.20 41.71
CA LEU B 4 -32.72 21.87 42.24
C LEU B 4 -32.89 21.81 43.77
N LYS B 5 -34.09 22.15 44.26
CA LYS B 5 -34.49 22.06 45.67
C LYS B 5 -33.70 22.89 46.68
N LEU B 6 -33.81 24.22 46.65
CA LEU B 6 -33.00 24.98 47.62
C LEU B 6 -33.20 24.50 49.04
N GLY B 7 -32.05 24.19 49.63
CA GLY B 7 -31.93 23.64 50.96
C GLY B 7 -31.38 22.22 50.94
N GLU B 8 -31.73 21.45 49.91
CA GLU B 8 -31.28 20.07 49.89
C GLU B 8 -29.81 19.86 49.64
N LEU B 9 -29.19 20.65 48.76
CA LEU B 9 -27.76 20.48 48.55
C LEU B 9 -27.04 20.89 49.78
N LEU B 10 -27.59 21.84 50.49
CA LEU B 10 -26.91 22.26 51.65
C LEU B 10 -26.77 21.12 52.62
N LEU B 11 -27.82 20.32 52.75
CA LEU B 11 -27.67 19.21 53.65
C LEU B 11 -26.85 18.08 53.02
N GLN B 12 -27.22 17.72 51.79
CA GLN B 12 -26.63 16.58 51.08
C GLN B 12 -25.14 16.72 50.78
N LYS B 13 -24.68 17.96 50.55
CA LYS B 13 -23.27 18.20 50.26
C LYS B 13 -22.50 18.49 51.57
N GLY B 14 -23.17 18.41 52.72
CA GLY B 14 -22.51 18.62 54.01
C GLY B 14 -22.22 20.09 54.30
N TRP B 15 -23.01 20.97 53.71
CA TRP B 15 -22.84 22.39 53.83
C TRP B 15 -23.51 22.99 55.08
N ILE B 16 -24.63 22.39 55.54
CA ILE B 16 -25.37 22.89 56.72
C ILE B 16 -25.79 21.93 57.76
N SER B 17 -26.17 22.51 58.89
CA SER B 17 -27.00 21.79 59.81
C SER B 17 -28.39 21.76 59.20
N ARG B 18 -29.09 20.64 59.36
CA ARG B 18 -30.47 20.56 58.90
C ARG B 18 -31.29 21.71 59.48
N GLU B 19 -30.90 22.19 60.68
CA GLU B 19 -31.63 23.25 61.34
C GLU B 19 -31.65 24.50 60.48
N ALA B 20 -30.58 24.76 59.73
CA ALA B 20 -30.57 25.96 58.93
C ALA B 20 -31.68 25.87 57.95
N LEU B 21 -31.80 24.70 57.37
CA LEU B 21 -32.85 24.55 56.39
C LEU B 21 -34.22 24.58 56.98
N GLU B 22 -34.44 23.84 58.04
CA GLU B 22 -35.81 23.82 58.51
C GLU B 22 -36.25 25.16 59.04
N GLU B 23 -35.39 25.88 59.77
CA GLU B 23 -35.87 27.16 60.25
C GLU B 23 -36.08 28.09 59.08
N ALA B 24 -35.17 28.04 58.12
CA ALA B 24 -35.26 28.95 57.02
C ALA B 24 -36.40 28.64 56.08
N LEU B 25 -36.66 27.37 55.90
CA LEU B 25 -37.71 26.92 55.03
C LEU B 25 -38.99 27.35 55.63
N VAL B 26 -39.14 27.15 56.94
CA VAL B 26 -40.34 27.60 57.58
C VAL B 26 -40.49 29.09 57.43
N GLU B 27 -39.43 29.87 57.63
CA GLU B 27 -39.65 31.29 57.41
C GLU B 27 -40.02 31.58 55.95
N GLN B 28 -39.43 30.90 54.97
CA GLN B 28 -39.89 31.19 53.63
C GLN B 28 -41.38 30.90 53.50
N GLU B 29 -41.78 29.73 53.99
CA GLU B 29 -43.15 29.26 53.94
C GLU B 29 -44.15 30.11 54.74
N LYS B 30 -43.70 30.68 55.87
CA LYS B 30 -44.59 31.44 56.76
C LYS B 30 -44.46 32.97 56.69
N THR B 31 -43.28 33.50 56.37
CA THR B 31 -43.09 34.95 56.34
C THR B 31 -43.06 35.46 54.92
N GLY B 32 -42.71 34.60 53.97
CA GLY B 32 -42.61 35.02 52.58
C GLY B 32 -41.22 35.54 52.21
N ASP B 33 -40.29 35.58 53.18
CA ASP B 33 -38.95 36.04 52.86
C ASP B 33 -38.34 34.92 52.05
N LEU B 34 -37.18 35.12 51.46
CA LEU B 34 -36.65 34.07 50.61
C LEU B 34 -35.63 33.21 51.29
N LEU B 35 -35.76 31.92 51.04
CA LEU B 35 -34.94 30.91 51.65
C LEU B 35 -33.44 31.17 51.56
N GLY B 36 -32.92 31.75 50.47
CA GLY B 36 -31.47 31.96 50.36
C GLY B 36 -30.92 32.82 51.52
N ARG B 37 -31.20 34.11 51.52
CA ARG B 37 -30.77 34.95 52.64
C ARG B 37 -31.36 34.50 53.98
N ILE B 38 -32.54 33.86 54.00
CA ILE B 38 -33.06 33.38 55.27
C ILE B 38 -32.16 32.28 55.87
N LEU B 39 -31.69 31.34 55.03
CA LEU B 39 -30.83 30.22 55.45
C LEU B 39 -29.55 30.62 56.12
N VAL B 40 -28.83 31.58 55.57
CA VAL B 40 -27.57 31.91 56.21
C VAL B 40 -27.82 32.41 57.60
N ARG B 41 -26.89 32.06 58.50
CA ARG B 41 -26.91 32.41 59.93
C ARG B 41 -27.83 31.49 60.76
N LYS B 42 -28.61 30.62 60.10
CA LYS B 42 -29.51 29.69 60.78
C LYS B 42 -28.82 28.35 61.09
N GLY B 43 -27.54 28.24 60.75
CA GLY B 43 -26.78 27.00 60.92
C GLY B 43 -26.05 26.74 59.60
N LEU B 44 -26.23 27.72 58.71
CA LEU B 44 -25.62 27.77 57.39
C LEU B 44 -24.54 28.84 57.24
N PRO B 45 -23.31 28.44 56.90
CA PRO B 45 -22.22 29.34 56.57
C PRO B 45 -22.59 30.12 55.31
N GLU B 46 -22.11 31.34 55.19
CA GLU B 46 -22.44 32.07 53.98
C GLU B 46 -21.91 31.35 52.72
N GLU B 47 -20.68 30.84 52.80
CA GLU B 47 -20.08 30.12 51.67
C GLU B 47 -20.94 28.96 51.23
N ALA B 48 -21.39 28.23 52.22
CA ALA B 48 -22.20 27.05 52.03
C ALA B 48 -23.49 27.39 51.29
N LEU B 49 -24.10 28.55 51.61
CA LEU B 49 -25.32 28.94 50.93
C LEU B 49 -25.13 29.14 49.49
N TYR B 50 -24.11 29.91 49.20
CA TYR B 50 -23.88 30.34 47.85
C TYR B 50 -23.50 29.16 46.99
N ARG B 51 -22.74 28.20 47.52
CA ARG B 51 -22.43 27.04 46.69
C ARG B 51 -23.72 26.27 46.38
N ALA B 52 -24.65 26.16 47.35
CA ALA B 52 -25.90 25.48 47.06
C ALA B 52 -26.75 26.23 46.06
N LEU B 53 -26.91 27.54 46.25
CA LEU B 53 -27.70 28.33 45.30
C LEU B 53 -27.07 28.29 43.93
N ALA B 54 -25.75 28.29 43.88
CA ALA B 54 -25.06 28.27 42.61
C ALA B 54 -25.44 27.04 41.83
N GLU B 55 -25.33 25.90 42.46
CA GLU B 55 -25.69 24.68 41.78
C GLU B 55 -27.20 24.64 41.48
N GLN B 56 -28.00 24.96 42.49
CA GLN B 56 -29.45 24.83 42.40
C GLN B 56 -30.13 25.69 41.37
N LYS B 57 -29.60 26.87 41.11
CA LYS B 57 -30.20 27.74 40.13
C LYS B 57 -29.43 27.75 38.79
N GLY B 58 -28.40 26.90 38.64
CA GLY B 58 -27.61 26.90 37.40
C GLY B 58 -26.67 28.10 37.31
N LEU B 59 -26.27 28.58 38.47
CA LEU B 59 -25.45 29.75 38.68
C LEU B 59 -24.05 29.39 39.18
N GLU B 60 -23.20 30.38 39.42
CA GLU B 60 -21.83 30.08 39.87
C GLU B 60 -21.34 30.79 41.13
N PHE B 61 -20.77 30.01 42.07
CA PHE B 61 -20.15 30.54 43.28
C PHE B 61 -18.92 31.36 42.98
N LEU B 62 -18.83 32.52 43.62
CA LEU B 62 -17.70 33.40 43.47
C LEU B 62 -16.80 33.43 44.71
N GLU B 63 -15.52 33.60 44.46
CA GLU B 63 -14.49 33.74 45.48
C GLU B 63 -14.35 35.23 45.83
N SER B 64 -13.32 35.59 46.59
CA SER B 64 -13.13 36.99 47.04
C SER B 64 -12.94 37.87 45.83
N THR B 65 -12.82 39.18 46.07
CA THR B 65 -12.62 40.19 45.03
C THR B 65 -11.29 40.13 44.29
N GLU B 66 -10.42 39.18 44.64
CA GLU B 66 -9.24 38.93 43.82
C GLU B 66 -9.78 38.27 42.53
N GLY B 67 -10.90 37.56 42.72
CA GLY B 67 -11.68 36.87 41.70
C GLY B 67 -12.79 37.81 41.24
N ILE B 68 -13.64 38.26 42.17
CA ILE B 68 -14.75 39.14 41.79
C ILE B 68 -14.28 40.55 41.58
N VAL B 69 -13.71 40.77 40.42
CA VAL B 69 -13.24 42.07 40.07
C VAL B 69 -14.46 42.81 39.51
N PRO B 70 -14.81 44.01 39.99
CA PRO B 70 -15.96 44.78 39.54
C PRO B 70 -15.73 45.22 38.12
N ASP B 71 -16.80 45.49 37.39
CA ASP B 71 -16.72 46.00 36.04
C ASP B 71 -17.07 47.49 36.00
N PRO B 72 -16.07 48.40 35.80
CA PRO B 72 -16.16 49.85 35.77
C PRO B 72 -17.22 50.35 34.81
N SER B 73 -17.68 49.50 33.85
CA SER B 73 -18.69 49.96 32.91
C SER B 73 -19.90 50.46 33.65
N ALA B 74 -20.11 49.89 34.84
CA ALA B 74 -21.17 50.25 35.73
C ALA B 74 -20.58 50.66 37.05
N ALA B 75 -19.50 49.99 37.49
CA ALA B 75 -18.97 50.20 38.83
C ALA B 75 -18.55 51.67 39.07
N LEU B 76 -18.17 52.43 38.03
CA LEU B 76 -17.77 53.83 38.28
C LEU B 76 -18.97 54.78 38.40
N LEU B 77 -20.16 54.26 38.15
CA LEU B 77 -21.38 55.04 38.18
C LEU B 77 -22.19 54.56 39.39
N LEU B 78 -22.03 53.27 39.65
CA LEU B 78 -22.64 52.47 40.72
C LEU B 78 -22.19 53.01 42.05
N LEU B 79 -23.07 53.19 43.00
CA LEU B 79 -22.52 53.67 44.24
C LEU B 79 -21.91 52.50 44.97
N ARG B 80 -20.90 52.76 45.77
CA ARG B 80 -20.27 51.69 46.52
C ARG B 80 -21.27 50.93 47.38
N SER B 81 -22.31 51.64 47.82
CA SER B 81 -23.36 51.07 48.64
C SER B 81 -24.31 50.17 47.84
N ASP B 82 -24.29 50.25 46.51
CA ASP B 82 -25.15 49.39 45.71
C ASP B 82 -24.40 48.08 45.55
N ALA B 83 -23.07 48.20 45.40
CA ALA B 83 -22.24 47.00 45.27
C ALA B 83 -22.40 46.18 46.54
N LEU B 84 -22.43 46.86 47.69
CA LEU B 84 -22.63 46.21 48.99
C LEU B 84 -24.02 45.67 49.29
N ARG B 85 -25.06 46.49 49.16
CA ARG B 85 -26.38 46.09 49.63
C ARG B 85 -27.16 45.12 48.74
N TYR B 86 -26.99 45.21 47.41
CA TYR B 86 -27.64 44.19 46.56
C TYR B 86 -26.67 43.03 46.56
N GLY B 87 -25.42 43.40 46.81
CA GLY B 87 -24.35 42.49 46.75
C GLY B 87 -24.21 42.23 45.31
N ALA B 88 -24.07 43.29 44.51
CA ALA B 88 -24.13 43.04 43.08
C ALA B 88 -23.48 44.05 42.16
N VAL B 89 -22.90 43.49 41.09
CA VAL B 89 -22.31 44.22 39.95
C VAL B 89 -22.60 43.53 38.59
N PRO B 90 -23.09 44.23 37.55
CA PRO B 90 -23.25 43.69 36.20
C PRO B 90 -21.88 43.59 35.54
N ILE B 91 -21.53 42.44 34.94
CA ILE B 91 -20.20 42.28 34.38
C ILE B 91 -20.05 41.72 32.93
N GLY B 92 -19.28 42.46 32.11
CA GLY B 92 -18.92 42.06 30.74
C GLY B 92 -20.09 41.62 29.87
N PHE B 93 -19.89 40.49 29.20
CA PHE B 93 -20.89 39.82 28.40
C PHE B 93 -20.40 38.43 27.98
N GLN B 94 -21.35 37.54 27.70
CA GLN B 94 -21.12 36.20 27.16
C GLN B 94 -22.36 35.72 26.43
N ASN B 95 -22.26 35.47 25.12
CA ASN B 95 -23.39 35.02 24.26
C ASN B 95 -24.40 36.15 23.98
N GLY B 96 -24.88 36.77 25.05
CA GLY B 96 -25.83 37.86 25.07
C GLY B 96 -26.10 38.15 26.53
N GLU B 97 -25.63 37.24 27.37
CA GLU B 97 -25.83 37.35 28.81
C GLU B 97 -24.73 38.18 29.43
N VAL B 98 -25.09 38.95 30.43
CA VAL B 98 -24.13 39.75 31.15
C VAL B 98 -24.17 39.24 32.57
N GLU B 99 -23.03 39.08 33.19
CA GLU B 99 -23.02 38.44 34.47
C GLU B 99 -23.60 39.33 35.57
N VAL B 100 -24.37 38.77 36.51
CA VAL B 100 -24.76 39.61 37.65
C VAL B 100 -24.21 39.01 38.90
N VAL B 101 -23.22 39.61 39.53
CA VAL B 101 -22.79 38.94 40.75
C VAL B 101 -23.86 39.32 41.75
N LEU B 102 -24.25 38.41 42.65
CA LEU B 102 -25.33 38.64 43.63
C LEU B 102 -25.09 38.17 45.07
N SER B 103 -25.64 38.89 46.05
CA SER B 103 -25.65 38.31 47.41
C SER B 103 -26.61 37.15 47.55
N ASP B 104 -27.55 37.00 46.62
CA ASP B 104 -28.54 35.93 46.65
C ASP B 104 -29.41 35.95 45.40
N PRO B 105 -29.21 35.06 44.43
CA PRO B 105 -30.05 34.92 43.24
C PRO B 105 -31.53 34.65 43.52
N ARG B 106 -31.88 34.22 44.73
CA ARG B 106 -33.28 33.97 45.04
C ARG B 106 -33.90 35.37 45.36
N HIS B 107 -33.05 36.29 45.82
CA HIS B 107 -33.43 37.64 46.20
C HIS B 107 -33.55 38.50 44.94
N LYS B 108 -34.70 38.41 44.30
CA LYS B 108 -34.91 39.03 42.99
C LYS B 108 -34.66 40.55 42.89
N GLU B 109 -34.65 41.28 43.99
CA GLU B 109 -34.36 42.71 43.87
C GLU B 109 -32.92 42.90 43.41
N ALA B 110 -32.05 41.96 43.80
CA ALA B 110 -30.66 42.00 43.43
C ALA B 110 -30.48 41.39 42.05
N VAL B 111 -31.29 40.37 41.68
CA VAL B 111 -31.07 39.74 40.34
C VAL B 111 -31.50 40.75 39.31
N ALA B 112 -32.41 41.65 39.70
CA ALA B 112 -32.91 42.73 38.87
C ALA B 112 -31.78 43.62 38.39
N GLN B 113 -30.70 43.71 39.16
CA GLN B 113 -29.63 44.58 38.77
C GLN B 113 -29.08 44.00 37.49
N LEU B 114 -28.74 44.86 36.52
CA LEU B 114 -28.23 44.43 35.21
C LEU B 114 -29.29 44.25 34.13
N LEU B 115 -30.50 43.79 34.51
CA LEU B 115 -31.38 43.14 33.53
C LEU B 115 -32.06 44.07 32.52
N ASN B 116 -31.20 44.63 31.68
CA ASN B 116 -31.43 45.46 30.52
C ASN B 116 -30.96 44.53 29.42
N ARG B 117 -30.11 43.60 29.87
CA ARG B 117 -29.49 42.57 29.06
C ARG B 117 -29.75 41.22 29.75
N PRO B 118 -29.79 40.08 29.04
CA PRO B 118 -29.94 38.75 29.59
C PRO B 118 -28.85 38.50 30.59
N ALA B 119 -29.02 37.54 31.48
CA ALA B 119 -27.94 37.30 32.43
C ALA B 119 -27.93 35.94 33.08
N ARG B 120 -26.72 35.53 33.43
CA ARG B 120 -26.48 34.44 34.33
C ARG B 120 -26.14 35.14 35.62
N PHE B 121 -26.58 34.60 36.73
CA PHE B 121 -26.31 35.25 37.99
C PHE B 121 -25.18 34.49 38.70
N TYR B 122 -24.41 35.22 39.49
CA TYR B 122 -23.26 34.66 40.20
C TYR B 122 -23.40 34.96 41.70
N LEU B 123 -22.74 34.20 42.59
CA LEU B 123 -22.99 34.40 44.03
C LEU B 123 -21.82 34.65 44.98
N ALA B 124 -22.02 35.52 46.00
CA ALA B 124 -20.94 35.67 46.99
C ALA B 124 -21.39 36.15 48.38
N LEU B 125 -20.43 36.08 49.31
CA LEU B 125 -20.55 36.35 50.74
C LEU B 125 -20.59 37.84 51.11
N PRO B 126 -21.19 38.25 52.25
CA PRO B 126 -21.19 39.61 52.78
C PRO B 126 -19.83 40.27 52.72
N GLN B 127 -18.76 39.54 53.03
CA GLN B 127 -17.44 40.15 52.94
C GLN B 127 -17.02 40.39 51.51
N ALA B 128 -17.50 39.59 50.58
CA ALA B 128 -17.16 39.83 49.19
C ALA B 128 -17.78 41.16 48.81
N TRP B 129 -18.97 41.40 49.34
CA TRP B 129 -19.70 42.62 49.02
C TRP B 129 -19.11 43.82 49.73
N GLU B 130 -18.65 43.66 50.98
CA GLU B 130 -18.00 44.78 51.65
C GLU B 130 -16.64 45.07 51.00
N GLU B 131 -15.95 44.05 50.54
CA GLU B 131 -14.69 44.35 49.89
C GLU B 131 -14.98 45.01 48.54
N LEU B 132 -16.04 44.55 47.85
CA LEU B 132 -16.41 45.11 46.56
C LEU B 132 -16.84 46.58 46.77
N PHE B 133 -17.52 46.86 47.88
CA PHE B 133 -17.91 48.22 48.28
C PHE B 133 -16.66 49.08 48.32
N ARG B 134 -15.66 48.57 49.05
CA ARG B 134 -14.39 49.23 49.25
C ARG B 134 -13.56 49.43 47.95
N ARG B 135 -13.63 48.49 46.99
CA ARG B 135 -12.84 48.59 45.75
C ARG B 135 -13.55 49.15 44.49
N ALA B 136 -14.84 48.85 44.33
CA ALA B 136 -15.64 49.19 43.14
C ALA B 136 -15.84 50.68 42.92
N TYR B 137 -16.06 51.43 43.98
CA TYR B 137 -16.37 52.85 43.87
C TYR B 137 -15.91 53.59 45.14
N GLN C 1 -18.30 52.74 30.64
CA GLN C 1 -17.14 53.27 31.37
C GLN C 1 -16.11 52.18 31.77
N LYS C 2 -15.78 51.21 30.90
CA LYS C 2 -14.89 50.10 31.35
C LYS C 2 -13.37 50.26 31.16
N ASP C 3 -12.58 49.96 32.19
CA ASP C 3 -11.11 50.03 32.09
C ASP C 3 -10.38 49.26 33.20
N LEU C 4 -9.05 49.20 33.11
CA LEU C 4 -8.22 48.61 34.20
C LEU C 4 -7.76 49.65 35.25
N LYS C 5 -8.39 50.81 35.27
CA LYS C 5 -8.17 51.94 36.17
C LYS C 5 -6.82 52.66 36.16
N LEU C 6 -6.80 53.78 35.47
CA LEU C 6 -5.68 54.68 35.48
C LEU C 6 -5.44 55.17 36.87
N GLY C 7 -4.18 55.09 37.26
CA GLY C 7 -3.75 55.44 38.57
C GLY C 7 -3.41 54.19 39.31
N GLU C 8 -4.10 53.11 38.99
CA GLU C 8 -3.84 51.88 39.69
C GLU C 8 -2.81 51.13 38.87
N LEU C 9 -2.99 51.10 37.54
CA LEU C 9 -1.97 50.42 36.74
C LEU C 9 -0.69 51.21 36.79
N LEU C 10 -0.87 52.52 36.90
CA LEU C 10 0.27 53.38 36.97
C LEU C 10 1.08 53.14 38.22
N LEU C 11 0.40 52.92 39.32
CA LEU C 11 1.17 52.68 40.49
C LEU C 11 1.84 51.30 40.35
N GLN C 12 1.10 50.31 39.81
CA GLN C 12 1.56 48.93 39.67
C GLN C 12 2.84 48.75 38.84
N LYS C 13 2.97 49.53 37.77
CA LYS C 13 4.15 49.41 36.94
C LYS C 13 5.22 50.44 37.28
N GLY C 14 5.08 51.17 38.40
CA GLY C 14 6.08 52.15 38.80
C GLY C 14 5.96 53.45 38.02
N TRP C 15 4.82 53.66 37.39
CA TRP C 15 4.57 54.80 36.56
C TRP C 15 4.23 56.07 37.33
N ILE C 16 3.60 55.96 38.50
CA ILE C 16 3.30 57.16 39.33
C ILE C 16 3.67 57.08 40.77
N SER C 17 3.71 58.24 41.39
CA SER C 17 3.67 58.24 42.85
C SER C 17 2.20 58.04 43.23
N ARG C 18 1.91 57.46 44.40
CA ARG C 18 0.52 57.29 44.81
C ARG C 18 -0.20 58.63 44.89
N GLU C 19 0.51 59.64 45.33
CA GLU C 19 -0.05 60.97 45.48
C GLU C 19 -0.53 61.53 44.16
N ALA C 20 0.12 61.16 43.04
CA ALA C 20 -0.31 61.69 41.75
C ALA C 20 -1.72 61.22 41.52
N LEU C 21 -1.95 59.95 41.85
CA LEU C 21 -3.27 59.38 41.65
C LEU C 21 -4.29 60.07 42.50
N GLU C 22 -3.99 60.18 43.78
CA GLU C 22 -4.99 60.73 44.67
C GLU C 22 -5.32 62.20 44.39
N GLU C 23 -4.32 63.03 44.12
CA GLU C 23 -4.65 64.43 43.88
C GLU C 23 -5.27 64.59 42.52
N ALA C 24 -4.75 63.88 41.52
CA ALA C 24 -5.29 64.03 40.20
C ALA C 24 -6.74 63.60 40.19
N LEU C 25 -7.12 62.55 40.96
CA LEU C 25 -8.53 62.19 41.03
C LEU C 25 -9.35 63.30 41.64
N VAL C 26 -8.81 64.01 42.63
CA VAL C 26 -9.59 65.10 43.18
C VAL C 26 -9.79 66.18 42.15
N GLU C 27 -8.71 66.60 41.50
CA GLU C 27 -8.83 67.65 40.50
C GLU C 27 -9.77 67.16 39.37
N GLN C 28 -9.72 65.87 39.10
CA GLN C 28 -10.54 65.22 38.10
C GLN C 28 -12.04 65.25 38.41
N GLU C 29 -12.39 65.52 39.65
CA GLU C 29 -13.78 65.61 40.04
C GLU C 29 -14.14 67.08 40.25
N LYS C 30 -13.19 67.84 40.79
CA LYS C 30 -13.43 69.23 41.12
C LYS C 30 -13.40 70.15 39.90
N THR C 31 -12.56 69.82 38.92
CA THR C 31 -12.47 70.59 37.69
C THR C 31 -13.16 69.79 36.61
N GLY C 32 -13.12 68.48 36.79
CA GLY C 32 -13.71 67.58 35.82
C GLY C 32 -12.74 67.17 34.72
N ASP C 33 -11.49 67.65 34.75
CA ASP C 33 -10.54 67.27 33.70
C ASP C 33 -10.12 65.80 33.84
N LEU C 34 -9.66 65.20 32.75
CA LEU C 34 -9.24 63.81 32.88
C LEU C 34 -8.20 63.53 33.96
N LEU C 35 -8.36 62.43 34.70
CA LEU C 35 -7.35 62.04 35.69
C LEU C 35 -5.99 61.95 35.11
N GLY C 36 -5.86 61.21 34.04
CA GLY C 36 -4.56 61.05 33.39
C GLY C 36 -3.93 62.33 32.95
N ARG C 37 -4.66 63.16 32.21
CA ARG C 37 -4.06 64.39 31.75
C ARG C 37 -3.57 65.19 32.95
N ILE C 38 -4.34 65.14 34.04
CA ILE C 38 -3.99 65.76 35.29
C ILE C 38 -2.78 65.05 35.95
N LEU C 39 -2.75 63.72 35.92
CA LEU C 39 -1.66 62.99 36.57
C LEU C 39 -0.34 63.45 36.02
N VAL C 40 -0.26 63.64 34.71
CA VAL C 40 0.96 64.19 34.18
C VAL C 40 0.87 65.63 34.65
N ARG C 41 1.85 66.07 35.45
CA ARG C 41 1.85 67.35 36.19
C ARG C 41 1.68 67.06 37.70
N LYS C 42 0.76 66.18 38.10
CA LYS C 42 0.61 65.86 39.53
C LYS C 42 1.59 64.79 40.05
N GLY C 43 2.46 64.26 39.19
CA GLY C 43 3.45 63.25 39.61
C GLY C 43 3.59 62.01 38.71
N LEU C 44 3.01 62.07 37.51
CA LEU C 44 3.17 61.03 36.49
C LEU C 44 4.12 61.42 35.35
N PRO C 45 5.20 60.65 35.10
CA PRO C 45 6.18 60.95 34.06
C PRO C 45 5.79 60.56 32.63
N GLU C 46 4.84 61.32 32.12
CA GLU C 46 4.44 61.29 30.72
C GLU C 46 4.06 59.93 30.15
N GLU C 47 5.03 59.28 29.48
CA GLU C 47 4.86 57.98 28.82
C GLU C 47 4.19 57.01 29.74
N ALA C 48 4.53 57.12 31.00
CA ALA C 48 4.05 56.30 32.05
C ALA C 48 2.50 56.26 32.04
N LEU C 49 1.89 57.41 31.72
CA LEU C 49 0.45 57.56 31.63
C LEU C 49 -0.13 56.79 30.51
N TYR C 50 0.49 56.97 29.39
CA TYR C 50 -0.06 56.44 28.16
C TYR C 50 0.11 54.97 28.10
N ARG C 51 1.19 54.48 28.68
CA ARG C 51 1.38 53.06 28.69
C ARG C 51 0.30 52.43 29.58
N ALA C 52 -0.02 53.04 30.74
CA ALA C 52 -1.09 52.50 31.56
C ALA C 52 -2.42 52.54 30.85
N LEU C 53 -2.69 53.63 30.17
CA LEU C 53 -3.97 53.75 29.49
C LEU C 53 -4.12 52.79 28.36
N ALA C 54 -3.04 52.58 27.65
CA ALA C 54 -3.08 51.64 26.58
C ALA C 54 -3.37 50.26 27.18
N GLU C 55 -2.82 49.96 28.37
CA GLU C 55 -3.18 48.66 28.96
C GLU C 55 -4.67 48.66 29.32
N GLN C 56 -5.18 49.78 29.84
CA GLN C 56 -6.56 49.87 30.32
C GLN C 56 -7.64 49.59 29.34
N LYS C 57 -7.45 50.05 28.12
CA LYS C 57 -8.42 49.81 27.06
C LYS C 57 -7.96 48.79 26.02
N GLY C 58 -6.83 48.10 26.24
CA GLY C 58 -6.37 47.14 25.23
C GLY C 58 -5.95 47.87 23.94
N LEU C 59 -5.25 48.99 24.08
CA LEU C 59 -4.91 49.81 22.92
C LEU C 59 -3.53 49.54 22.41
N GLU C 60 -3.29 49.91 21.16
CA GLU C 60 -1.93 49.88 20.65
C GLU C 60 -1.12 50.93 21.39
N PHE C 61 0.09 50.55 21.78
CA PHE C 61 1.05 51.40 22.45
C PHE C 61 1.92 52.00 21.34
N LEU C 62 1.55 53.22 20.95
CA LEU C 62 1.99 54.00 19.81
C LEU C 62 3.22 54.90 19.95
N GLU C 63 3.63 55.38 18.76
CA GLU C 63 4.64 56.41 18.51
C GLU C 63 3.99 57.79 18.38
N SER C 64 4.83 58.81 18.21
CA SER C 64 4.45 60.21 18.13
C SER C 64 3.74 60.66 16.85
N THR C 65 3.41 61.96 16.85
CA THR C 65 2.73 62.64 15.75
C THR C 65 3.57 62.76 14.46
N GLU C 66 4.82 62.24 14.48
CA GLU C 66 5.57 62.16 13.24
C GLU C 66 4.76 61.30 12.26
N GLY C 67 4.13 60.27 12.83
CA GLY C 67 3.29 59.34 12.09
C GLY C 67 1.81 59.59 12.43
N ILE C 68 1.53 59.88 13.70
CA ILE C 68 0.13 60.04 14.07
C ILE C 68 -0.36 61.47 13.86
N VAL C 69 -0.71 61.74 12.62
CA VAL C 69 -1.11 63.07 12.19
C VAL C 69 -2.62 63.32 12.41
N PRO C 70 -3.02 64.40 13.11
CA PRO C 70 -4.38 64.79 13.45
C PRO C 70 -5.16 65.31 12.27
N ASP C 71 -6.45 65.51 12.48
CA ASP C 71 -7.28 66.09 11.44
C ASP C 71 -7.87 67.45 11.84
N PRO C 72 -7.35 68.58 11.30
CA PRO C 72 -7.80 69.94 11.56
C PRO C 72 -9.31 70.15 11.34
N SER C 73 -9.95 69.35 10.46
CA SER C 73 -11.38 69.54 10.23
C SER C 73 -12.08 69.04 11.45
N ALA C 74 -11.61 67.90 11.92
CA ALA C 74 -12.16 67.28 13.12
C ALA C 74 -11.82 68.13 14.34
N ALA C 75 -10.62 68.71 14.37
CA ALA C 75 -10.20 69.50 15.51
C ALA C 75 -11.12 70.66 15.77
N LEU C 76 -11.56 71.31 14.69
CA LEU C 76 -12.44 72.46 14.80
C LEU C 76 -13.88 72.09 15.16
N LEU C 77 -14.17 70.79 15.28
CA LEU C 77 -15.47 70.30 15.71
C LEU C 77 -15.72 70.66 17.16
N LEU C 78 -14.67 70.56 17.97
CA LEU C 78 -14.74 70.78 19.41
C LEU C 78 -14.08 72.09 19.77
N LEU C 79 -14.51 72.73 20.84
CA LEU C 79 -13.75 73.87 21.26
C LEU C 79 -12.42 73.27 21.66
N ARG C 80 -11.28 73.86 21.31
CA ARG C 80 -10.06 73.17 21.74
C ARG C 80 -10.05 72.93 23.26
N SER C 81 -10.74 73.75 24.04
CA SER C 81 -10.82 73.57 25.49
C SER C 81 -11.61 72.30 25.84
N ASP C 82 -12.56 71.91 24.98
CA ASP C 82 -13.38 70.73 25.21
C ASP C 82 -12.47 69.55 24.95
N ALA C 83 -11.71 69.66 23.86
CA ALA C 83 -10.76 68.65 23.42
C ALA C 83 -9.63 68.49 24.44
N LEU C 84 -9.17 69.60 25.02
CA LEU C 84 -8.11 69.56 26.01
C LEU C 84 -8.56 68.92 27.32
N ARG C 85 -9.78 69.23 27.82
CA ARG C 85 -10.17 68.54 29.06
C ARG C 85 -10.48 67.09 28.75
N TYR C 86 -10.98 66.85 27.51
CA TYR C 86 -11.27 65.51 26.97
C TYR C 86 -10.02 64.71 27.01
N GLY C 87 -8.91 65.30 26.52
CA GLY C 87 -7.61 64.67 26.49
C GLY C 87 -7.11 64.33 25.11
N ALA C 88 -7.73 64.87 24.07
CA ALA C 88 -7.26 64.63 22.71
C ALA C 88 -7.95 65.55 21.74
N VAL C 89 -7.26 65.86 20.68
CA VAL C 89 -7.87 66.54 19.56
C VAL C 89 -8.05 65.35 18.64
N PRO C 90 -9.18 65.17 17.98
CA PRO C 90 -9.45 64.00 17.18
C PRO C 90 -8.61 63.87 15.93
N ILE C 91 -8.44 62.62 15.54
CA ILE C 91 -7.74 62.21 14.36
C ILE C 91 -8.80 61.54 13.46
N GLY C 92 -8.99 62.03 12.26
CA GLY C 92 -10.04 61.46 11.42
C GLY C 92 -11.40 61.78 12.05
N PHE C 93 -12.47 61.16 11.53
CA PHE C 93 -13.82 61.40 12.04
C PHE C 93 -14.88 60.51 11.38
N GLN C 94 -14.65 59.23 11.25
CA GLN C 94 -15.62 58.38 10.56
C GLN C 94 -16.86 58.16 11.42
N ASN C 95 -17.99 57.82 10.78
CA ASN C 95 -19.24 57.58 11.53
C ASN C 95 -19.15 56.48 12.58
N GLY C 96 -18.29 55.50 12.35
CA GLY C 96 -18.12 54.41 13.30
C GLY C 96 -16.66 54.28 13.68
N GLU C 97 -15.90 55.37 13.52
CA GLU C 97 -14.47 55.33 13.76
C GLU C 97 -13.76 56.69 13.80
N VAL C 98 -13.87 57.38 14.91
CA VAL C 98 -13.08 58.59 15.09
C VAL C 98 -11.78 58.09 15.65
N GLU C 99 -10.63 58.53 15.19
CA GLU C 99 -9.44 58.01 15.85
C GLU C 99 -9.08 58.89 17.05
N VAL C 100 -9.03 58.29 18.22
CA VAL C 100 -8.74 59.05 19.41
C VAL C 100 -7.59 58.51 20.23
N VAL C 101 -6.77 59.43 20.66
CA VAL C 101 -5.62 59.13 21.47
C VAL C 101 -5.66 59.85 22.81
N LEU C 102 -6.71 59.56 23.59
CA LEU C 102 -6.92 60.13 24.92
C LEU C 102 -5.90 59.92 26.00
N SER C 103 -5.70 60.99 26.75
CA SER C 103 -4.87 60.99 27.95
C SER C 103 -5.48 60.26 29.14
N ASP C 104 -6.73 59.79 29.03
CA ASP C 104 -7.35 58.97 30.06
C ASP C 104 -8.73 58.44 29.72
N PRO C 105 -8.86 57.37 28.95
CA PRO C 105 -10.12 56.70 28.65
C PRO C 105 -10.94 56.24 29.88
N ARG C 106 -10.36 56.30 31.09
CA ARG C 106 -11.00 55.94 32.36
C ARG C 106 -11.84 57.07 32.92
N HIS C 107 -11.41 58.29 32.71
CA HIS C 107 -12.11 59.33 33.42
C HIS C 107 -13.46 59.66 32.89
N LYS C 108 -14.41 59.07 33.57
CA LYS C 108 -15.81 59.04 33.26
C LYS C 108 -16.54 60.36 32.93
N GLU C 109 -16.03 61.53 33.36
CA GLU C 109 -16.74 62.76 33.01
C GLU C 109 -16.12 63.50 31.80
N ALA C 110 -14.77 63.57 31.68
CA ALA C 110 -14.20 64.28 30.54
C ALA C 110 -14.08 63.34 29.35
N VAL C 111 -13.97 62.04 29.61
CA VAL C 111 -13.88 61.02 28.56
C VAL C 111 -15.13 61.00 27.69
N ALA C 112 -16.23 61.54 28.25
CA ALA C 112 -17.53 61.61 27.62
C ALA C 112 -17.68 62.78 26.66
N GLN C 113 -16.65 63.61 26.55
CA GLN C 113 -16.69 64.78 25.69
C GLN C 113 -16.19 64.35 24.31
N LEU C 114 -16.25 65.24 23.31
CA LEU C 114 -15.70 65.01 21.96
C LEU C 114 -16.36 63.96 21.06
N LEU C 115 -16.59 62.76 21.56
CA LEU C 115 -17.07 61.68 20.71
C LEU C 115 -18.53 61.68 20.34
N ASN C 116 -18.80 62.56 19.37
CA ASN C 116 -20.07 62.77 18.71
C ASN C 116 -20.39 61.54 17.83
N ARG C 117 -19.32 60.83 17.51
CA ARG C 117 -19.26 59.57 16.78
C ARG C 117 -18.24 58.80 17.59
N PRO C 118 -18.36 57.50 17.77
CA PRO C 118 -17.48 56.71 18.62
C PRO C 118 -16.08 56.66 18.07
N ALA C 119 -15.12 56.49 18.96
CA ALA C 119 -13.75 56.37 18.54
C ALA C 119 -13.19 55.01 18.66
N ARG C 120 -12.23 54.76 17.79
CA ARG C 120 -11.41 53.60 17.87
C ARG C 120 -10.16 54.14 18.57
N PHE C 121 -9.72 53.51 19.64
CA PHE C 121 -8.61 54.10 20.39
C PHE C 121 -7.25 53.46 20.19
N TYR C 122 -6.24 54.32 20.20
CA TYR C 122 -4.82 53.99 20.12
C TYR C 122 -4.08 54.92 21.09
N LEU C 123 -2.84 54.64 21.54
CA LEU C 123 -2.27 55.67 22.42
C LEU C 123 -0.71 55.73 22.57
N ALA C 124 -0.15 56.97 22.56
CA ALA C 124 1.31 57.26 22.72
C ALA C 124 1.51 58.33 23.77
N LEU C 125 2.73 58.86 23.85
CA LEU C 125 3.19 59.89 24.79
C LEU C 125 2.47 61.24 24.68
N PRO C 126 2.33 61.98 25.81
CA PRO C 126 1.67 63.28 25.84
C PRO C 126 2.36 64.30 24.96
N GLN C 127 3.63 64.09 24.67
CA GLN C 127 4.33 65.04 23.84
C GLN C 127 3.67 65.04 22.49
N ALA C 128 3.29 63.85 22.06
CA ALA C 128 2.66 63.67 20.79
C ALA C 128 1.26 64.21 20.84
N TRP C 129 0.57 63.88 21.91
CA TRP C 129 -0.83 64.25 21.96
C TRP C 129 -1.04 65.74 22.14
N GLU C 130 -0.15 66.41 22.85
CA GLU C 130 -0.30 67.85 22.95
C GLU C 130 0.13 68.45 21.59
N GLU C 131 1.14 67.85 20.95
CA GLU C 131 1.59 68.30 19.63
C GLU C 131 0.43 68.16 18.64
N LEU C 132 -0.42 67.16 18.87
CA LEU C 132 -1.56 66.84 18.05
C LEU C 132 -2.48 68.08 17.96
N PHE C 133 -2.51 68.90 19.03
CA PHE C 133 -3.32 70.12 19.05
C PHE C 133 -2.57 71.19 18.30
N ARG C 134 -1.26 71.26 18.49
CA ARG C 134 -0.45 72.28 17.81
C ARG C 134 -0.56 72.10 16.29
N ARG C 135 -0.70 70.86 15.87
CA ARG C 135 -0.82 70.48 14.47
C ARG C 135 -2.26 70.54 13.92
N ALA C 136 -3.25 70.94 14.73
CA ALA C 136 -4.62 70.91 14.23
C ALA C 136 -5.53 72.02 14.76
N TYR C 137 -5.45 72.28 16.06
CA TYR C 137 -6.29 73.19 16.84
C TYR C 137 -6.63 72.55 18.19
N GLN D 1 -15.19 64.45 2.56
CA GLN D 1 -14.07 65.40 2.52
C GLN D 1 -12.76 64.77 2.11
N LYS D 2 -12.70 63.43 2.00
CA LYS D 2 -11.41 62.78 1.70
C LYS D 2 -11.38 61.89 0.47
N ASP D 3 -10.15 61.75 -0.03
CA ASP D 3 -9.71 60.95 -1.15
C ASP D 3 -8.23 60.73 -0.97
N LEU D 4 -7.57 60.02 -1.88
CA LEU D 4 -6.10 59.97 -1.80
C LEU D 4 -5.48 61.18 -2.55
N LYS D 5 -5.91 62.37 -2.12
CA LYS D 5 -5.55 63.73 -2.48
C LYS D 5 -5.63 64.09 -3.97
N LEU D 6 -6.76 64.66 -4.37
CA LEU D 6 -6.89 65.16 -5.74
C LEU D 6 -5.96 66.33 -5.91
N GLY D 7 -5.63 66.69 -7.13
CA GLY D 7 -4.70 67.78 -7.37
C GLY D 7 -3.30 67.28 -7.24
N GLU D 8 -2.92 66.88 -6.04
CA GLU D 8 -1.59 66.38 -5.80
C GLU D 8 -1.32 65.14 -6.62
N LEU D 9 -2.22 64.16 -6.66
CA LEU D 9 -1.93 62.97 -7.45
C LEU D 9 -1.83 63.36 -8.91
N LEU D 10 -2.70 64.24 -9.34
CA LEU D 10 -2.74 64.69 -10.72
C LEU D 10 -1.45 65.44 -11.08
N LEU D 11 -0.89 66.13 -10.11
CA LEU D 11 0.37 66.82 -10.33
C LEU D 11 1.47 65.76 -10.44
N GLN D 12 1.43 64.76 -9.56
CA GLN D 12 2.44 63.69 -9.53
C GLN D 12 2.45 62.89 -10.82
N LYS D 13 1.27 62.65 -11.37
CA LYS D 13 1.12 61.87 -12.60
C LYS D 13 1.63 62.68 -13.82
N GLY D 14 1.95 63.96 -13.63
CA GLY D 14 2.40 64.76 -14.75
C GLY D 14 1.17 65.18 -15.55
N TRP D 15 0.00 65.06 -14.92
CA TRP D 15 -1.26 65.37 -15.56
C TRP D 15 -1.63 66.83 -15.46
N ILE D 16 -1.17 67.50 -14.40
CA ILE D 16 -1.46 68.93 -14.28
C ILE D 16 -0.20 69.71 -14.04
N SER D 17 -0.30 71.02 -14.22
CA SER D 17 0.78 71.91 -13.85
C SER D 17 0.58 72.33 -12.41
N ARG D 18 1.62 72.85 -11.78
CA ARG D 18 1.49 73.35 -10.41
C ARG D 18 0.48 74.50 -10.37
N GLU D 19 0.40 75.24 -11.48
CA GLU D 19 -0.45 76.39 -11.58
C GLU D 19 -1.90 75.95 -11.72
N ALA D 20 -2.12 74.86 -12.46
CA ALA D 20 -3.48 74.35 -12.59
C ALA D 20 -4.00 73.99 -11.24
N LEU D 21 -3.15 73.37 -10.44
CA LEU D 21 -3.58 72.96 -9.12
C LEU D 21 -3.94 74.18 -8.31
N GLU D 22 -3.00 75.13 -8.21
CA GLU D 22 -3.20 76.28 -7.36
C GLU D 22 -4.36 77.18 -7.79
N GLU D 23 -4.50 77.48 -9.08
CA GLU D 23 -5.61 78.33 -9.49
C GLU D 23 -6.90 77.62 -9.22
N ALA D 24 -6.93 76.33 -9.53
CA ALA D 24 -8.11 75.54 -9.33
C ALA D 24 -8.50 75.52 -7.86
N LEU D 25 -7.49 75.48 -7.00
CA LEU D 25 -7.72 75.48 -5.58
C LEU D 25 -8.29 76.82 -5.17
N VAL D 26 -7.79 77.91 -5.76
CA VAL D 26 -8.36 79.21 -5.42
C VAL D 26 -9.82 79.21 -5.81
N GLU D 27 -10.13 78.73 -7.01
CA GLU D 27 -11.52 78.65 -7.43
C GLU D 27 -12.30 77.75 -6.46
N GLN D 28 -11.72 76.63 -6.01
CA GLN D 28 -12.41 75.80 -5.03
C GLN D 28 -12.80 76.55 -3.78
N GLU D 29 -11.86 77.27 -3.20
CA GLU D 29 -12.13 77.98 -1.98
C GLU D 29 -13.11 79.12 -2.22
N LYS D 30 -13.05 79.71 -3.41
CA LYS D 30 -13.92 80.80 -3.81
C LYS D 30 -15.37 80.37 -4.10
N THR D 31 -15.54 79.24 -4.80
CA THR D 31 -16.87 78.84 -5.26
C THR D 31 -17.55 77.69 -4.51
N GLY D 32 -16.80 76.82 -3.85
CA GLY D 32 -17.39 75.64 -3.22
C GLY D 32 -17.28 74.39 -4.10
N ASP D 33 -16.98 74.58 -5.38
CA ASP D 33 -16.80 73.43 -6.23
C ASP D 33 -15.49 72.84 -5.83
N LEU D 34 -15.27 71.54 -5.92
CA LEU D 34 -13.93 71.15 -5.53
C LEU D 34 -12.93 71.04 -6.62
N LEU D 35 -11.70 71.07 -6.17
CA LEU D 35 -10.51 71.09 -6.95
C LEU D 35 -10.53 70.22 -8.18
N GLY D 36 -11.02 68.99 -8.14
CA GLY D 36 -10.89 68.10 -9.28
C GLY D 36 -11.56 68.63 -10.52
N ARG D 37 -12.87 68.86 -10.44
CA ARG D 37 -13.62 69.39 -11.59
C ARG D 37 -13.14 70.80 -11.93
N ILE D 38 -12.39 71.38 -11.02
CA ILE D 38 -11.79 72.66 -11.25
C ILE D 38 -10.39 72.56 -11.90
N LEU D 39 -9.61 71.49 -11.58
CA LEU D 39 -8.24 71.34 -12.11
C LEU D 39 -8.33 71.28 -13.60
N VAL D 40 -9.37 70.60 -14.05
CA VAL D 40 -9.59 70.50 -15.45
C VAL D 40 -9.92 71.84 -15.95
N ARG D 41 -9.49 72.13 -17.16
CA ARG D 41 -9.67 73.45 -17.79
C ARG D 41 -8.57 74.43 -17.34
N LYS D 42 -7.99 74.22 -16.14
CA LYS D 42 -6.93 75.07 -15.61
C LYS D 42 -5.58 74.48 -16.02
N GLY D 43 -5.64 73.33 -16.69
CA GLY D 43 -4.47 72.60 -17.15
C GLY D 43 -4.68 71.09 -17.18
N LEU D 44 -5.61 70.55 -16.39
CA LEU D 44 -5.82 69.11 -16.37
C LEU D 44 -6.80 68.60 -17.45
N PRO D 45 -6.48 67.53 -18.17
CA PRO D 45 -7.44 66.82 -18.99
C PRO D 45 -8.48 66.14 -18.10
N GLU D 46 -9.74 66.10 -18.51
CA GLU D 46 -10.69 65.39 -17.66
C GLU D 46 -10.37 63.90 -17.59
N GLU D 47 -9.81 63.33 -18.65
CA GLU D 47 -9.42 61.94 -18.61
C GLU D 47 -8.47 61.67 -17.47
N ALA D 48 -7.46 62.51 -17.39
CA ALA D 48 -6.45 62.43 -16.38
C ALA D 48 -7.05 62.63 -15.01
N LEU D 49 -8.00 63.56 -14.91
CA LEU D 49 -8.66 63.81 -13.65
C LEU D 49 -9.30 62.55 -13.20
N TYR D 50 -10.09 61.97 -14.05
CA TYR D 50 -10.88 60.81 -13.73
C TYR D 50 -10.02 59.59 -13.45
N ARG D 51 -8.96 59.39 -14.22
CA ARG D 51 -8.10 58.25 -13.98
C ARG D 51 -7.49 58.31 -12.59
N ALA D 52 -6.93 59.47 -12.23
CA ALA D 52 -6.33 59.58 -10.92
C ALA D 52 -7.40 59.46 -9.85
N LEU D 53 -8.52 60.10 -10.08
CA LEU D 53 -9.56 60.08 -9.07
C LEU D 53 -10.11 58.69 -8.84
N ALA D 54 -10.16 57.86 -9.89
CA ALA D 54 -10.68 56.52 -9.72
C ALA D 54 -9.83 55.79 -8.69
N GLU D 55 -8.50 56.00 -8.79
CA GLU D 55 -7.53 55.42 -7.84
C GLU D 55 -7.70 55.99 -6.45
N GLN D 56 -8.08 57.27 -6.39
CA GLN D 56 -8.18 58.00 -5.14
C GLN D 56 -9.40 57.84 -4.29
N LYS D 57 -10.54 57.43 -4.84
CA LYS D 57 -11.76 57.39 -4.02
C LYS D 57 -12.52 56.07 -3.98
N GLY D 58 -11.88 54.93 -4.11
CA GLY D 58 -12.68 53.71 -4.02
C GLY D 58 -13.59 53.51 -5.21
N LEU D 59 -13.17 53.95 -6.40
CA LEU D 59 -14.07 53.82 -7.52
C LEU D 59 -13.72 52.67 -8.42
N GLU D 60 -14.75 52.05 -8.99
CA GLU D 60 -14.49 51.06 -10.01
C GLU D 60 -14.36 51.77 -11.34
N PHE D 61 -13.38 51.38 -12.12
CA PHE D 61 -13.17 52.12 -13.36
C PHE D 61 -14.29 51.86 -14.39
N LEU D 62 -14.72 52.92 -15.06
CA LEU D 62 -15.75 52.87 -16.13
C LEU D 62 -15.22 52.80 -17.56
N GLU D 63 -16.16 52.79 -18.52
CA GLU D 63 -15.86 52.65 -19.95
C GLU D 63 -15.98 53.96 -20.74
N SER D 64 -15.61 53.85 -22.03
CA SER D 64 -15.63 54.88 -23.07
C SER D 64 -17.02 55.07 -23.65
N THR D 65 -17.08 55.88 -24.72
CA THR D 65 -18.31 56.22 -25.44
C THR D 65 -18.94 55.00 -26.11
N GLU D 66 -18.18 53.92 -26.22
CA GLU D 66 -18.67 52.68 -26.81
C GLU D 66 -19.23 51.74 -25.73
N GLY D 67 -19.18 52.19 -24.47
CA GLY D 67 -19.56 51.40 -23.30
C GLY D 67 -20.77 51.87 -22.48
N ILE D 68 -20.62 52.96 -21.72
CA ILE D 68 -21.61 53.31 -20.68
C ILE D 68 -22.99 53.77 -21.22
N VAL D 69 -24.05 53.17 -20.64
CA VAL D 69 -25.45 53.39 -21.07
C VAL D 69 -26.32 54.38 -20.26
N PRO D 70 -26.98 55.37 -20.93
CA PRO D 70 -27.87 56.37 -20.36
C PRO D 70 -29.20 55.78 -19.92
N ASP D 71 -29.78 56.33 -18.85
CA ASP D 71 -31.12 55.92 -18.41
C ASP D 71 -31.74 56.91 -17.42
N PRO D 72 -32.74 57.71 -17.85
CA PRO D 72 -33.47 58.72 -17.08
C PRO D 72 -33.99 58.22 -15.73
N SER D 73 -34.23 56.91 -15.60
CA SER D 73 -34.75 56.36 -14.36
C SER D 73 -33.78 56.68 -13.21
N ALA D 74 -32.49 56.63 -13.55
CA ALA D 74 -31.42 56.92 -12.62
C ALA D 74 -30.94 58.34 -12.79
N ALA D 75 -30.87 58.80 -14.03
CA ALA D 75 -30.30 60.10 -14.33
C ALA D 75 -31.17 61.26 -13.86
N LEU D 76 -32.48 61.03 -13.65
CA LEU D 76 -33.38 62.09 -13.19
C LEU D 76 -33.11 62.47 -11.75
N LEU D 77 -32.05 63.23 -11.58
CA LEU D 77 -31.52 63.72 -10.33
C LEU D 77 -30.46 64.76 -10.68
N LEU D 78 -29.85 64.57 -11.86
CA LEU D 78 -28.77 65.47 -12.31
C LEU D 78 -28.94 65.80 -13.80
N LEU D 79 -29.29 67.06 -14.13
CA LEU D 79 -29.63 67.47 -15.51
C LEU D 79 -28.44 67.36 -16.39
N ARG D 80 -28.58 66.97 -17.66
CA ARG D 80 -27.42 66.93 -18.57
C ARG D 80 -26.49 68.15 -18.42
N SER D 81 -27.04 69.34 -18.14
CA SER D 81 -26.25 70.57 -18.01
C SER D 81 -25.53 70.64 -16.65
N ASP D 82 -26.09 69.96 -15.65
CA ASP D 82 -25.49 69.96 -14.33
C ASP D 82 -24.43 68.90 -14.40
N ALA D 83 -24.78 67.84 -15.11
CA ALA D 83 -23.94 66.71 -15.35
C ALA D 83 -22.73 67.18 -16.11
N LEU D 84 -22.94 68.10 -17.06
CA LEU D 84 -21.87 68.65 -17.86
C LEU D 84 -20.93 69.52 -17.06
N ARG D 85 -21.46 70.45 -16.25
CA ARG D 85 -20.55 71.28 -15.47
C ARG D 85 -19.88 70.48 -14.34
N TYR D 86 -20.59 69.49 -13.80
CA TYR D 86 -20.10 68.60 -12.76
C TYR D 86 -19.05 67.65 -13.33
N GLY D 87 -19.39 67.03 -14.47
CA GLY D 87 -18.64 65.99 -15.16
C GLY D 87 -19.10 64.59 -14.68
N ALA D 88 -20.38 64.46 -14.33
CA ALA D 88 -20.89 63.20 -13.75
C ALA D 88 -22.35 62.91 -14.07
N VAL D 89 -22.75 61.64 -14.00
CA VAL D 89 -24.14 61.24 -14.29
C VAL D 89 -24.43 59.78 -13.84
N PRO D 90 -25.63 59.44 -13.37
CA PRO D 90 -26.03 58.07 -13.07
C PRO D 90 -25.98 57.18 -14.32
N ILE D 91 -25.75 55.88 -14.11
CA ILE D 91 -25.66 54.86 -15.16
C ILE D 91 -26.71 53.75 -15.05
N GLY D 92 -27.47 53.54 -16.13
CA GLY D 92 -28.46 52.46 -16.16
C GLY D 92 -29.46 52.57 -15.01
N PHE D 93 -30.24 51.50 -14.79
CA PHE D 93 -31.18 51.45 -13.67
C PHE D 93 -31.84 50.10 -13.47
N GLN D 94 -31.68 49.53 -12.29
CA GLN D 94 -32.38 48.33 -11.88
C GLN D 94 -33.39 48.79 -10.86
N ASN D 95 -34.44 48.05 -10.64
CA ASN D 95 -35.40 48.48 -9.65
C ASN D 95 -34.79 48.63 -8.24
N GLY D 96 -33.72 47.88 -7.97
CA GLY D 96 -33.05 47.99 -6.67
C GLY D 96 -31.61 48.49 -6.76
N GLU D 97 -31.16 48.97 -7.95
CA GLU D 97 -29.75 49.38 -8.05
C GLU D 97 -29.36 50.31 -9.22
N VAL D 98 -28.53 51.31 -8.92
CA VAL D 98 -27.96 52.24 -9.90
C VAL D 98 -26.42 52.29 -9.87
N GLU D 99 -25.80 52.34 -11.04
CA GLU D 99 -24.35 52.49 -11.07
C GLU D 99 -24.13 53.96 -11.32
N VAL D 100 -23.07 54.56 -10.79
CA VAL D 100 -22.89 56.00 -10.99
C VAL D 100 -21.55 56.53 -11.51
N VAL D 101 -21.60 57.46 -12.47
CA VAL D 101 -20.38 58.13 -12.93
C VAL D 101 -20.11 59.34 -12.08
N LEU D 102 -18.94 59.41 -11.46
CA LEU D 102 -18.44 60.59 -10.76
C LEU D 102 -17.62 61.47 -11.65
N SER D 103 -17.31 62.65 -11.16
CA SER D 103 -16.32 63.44 -11.84
C SER D 103 -15.25 63.51 -10.81
N ASP D 104 -15.45 64.44 -9.91
CA ASP D 104 -14.63 64.68 -8.78
C ASP D 104 -15.34 64.13 -7.53
N PRO D 105 -14.90 63.01 -6.94
CA PRO D 105 -15.44 62.35 -5.78
C PRO D 105 -15.35 63.22 -4.53
N ARG D 106 -14.61 64.33 -4.62
CA ARG D 106 -14.46 65.30 -3.56
C ARG D 106 -15.44 66.45 -3.67
N HIS D 107 -16.14 66.57 -4.80
CA HIS D 107 -17.04 67.71 -4.96
C HIS D 107 -18.28 67.55 -4.12
N LYS D 108 -18.12 67.89 -2.85
CA LYS D 108 -19.05 67.70 -1.73
C LYS D 108 -20.50 67.88 -2.10
N GLU D 109 -20.78 68.98 -2.78
CA GLU D 109 -22.13 69.38 -3.15
C GLU D 109 -22.76 68.47 -4.21
N ALA D 110 -21.93 68.02 -5.12
CA ALA D 110 -22.36 67.31 -6.31
C ALA D 110 -22.32 65.80 -6.14
N VAL D 111 -21.35 65.31 -5.40
CA VAL D 111 -21.19 63.86 -5.18
C VAL D 111 -22.30 63.36 -4.26
N ALA D 112 -23.01 64.30 -3.64
CA ALA D 112 -24.15 64.08 -2.79
C ALA D 112 -25.41 63.71 -3.60
N GLN D 113 -25.33 63.91 -4.91
CA GLN D 113 -26.42 63.61 -5.84
C GLN D 113 -26.05 62.31 -6.53
N LEU D 114 -26.48 62.12 -7.76
CA LEU D 114 -26.18 60.92 -8.56
C LEU D 114 -26.84 59.59 -8.09
N LEU D 115 -26.69 59.30 -6.81
CA LEU D 115 -27.18 58.07 -6.21
C LEU D 115 -28.71 58.13 -6.05
N ASN D 116 -29.44 57.93 -7.15
CA ASN D 116 -30.91 58.03 -7.19
C ASN D 116 -31.62 56.71 -6.88
N ARG D 117 -30.91 55.79 -6.27
CA ARG D 117 -31.42 54.46 -5.93
C ARG D 117 -30.27 53.91 -5.09
N PRO D 118 -30.38 52.79 -4.35
CA PRO D 118 -29.19 52.20 -3.79
C PRO D 118 -28.22 52.13 -4.96
N ALA D 119 -26.96 52.52 -4.73
CA ALA D 119 -26.05 52.65 -5.87
C ALA D 119 -24.57 52.58 -5.51
N ARG D 120 -23.76 52.39 -6.55
CA ARG D 120 -22.30 52.28 -6.47
C ARG D 120 -21.57 53.29 -7.36
N PHE D 121 -20.52 53.92 -6.83
CA PHE D 121 -19.77 54.87 -7.64
C PHE D 121 -18.64 54.26 -8.46
N TYR D 122 -18.52 54.77 -9.66
CA TYR D 122 -17.54 54.40 -10.65
C TYR D 122 -16.92 55.65 -11.33
N LEU D 123 -15.79 55.49 -12.03
CA LEU D 123 -15.21 56.63 -12.75
C LEU D 123 -14.28 56.32 -13.94
N ALA D 124 -14.45 57.04 -15.08
CA ALA D 124 -13.55 56.93 -16.25
C ALA D 124 -13.65 58.16 -17.17
N LEU D 125 -13.60 57.95 -18.49
CA LEU D 125 -13.48 59.03 -19.49
C LEU D 125 -14.60 60.06 -19.68
N PRO D 126 -14.24 61.36 -19.81
CA PRO D 126 -15.15 62.46 -20.04
C PRO D 126 -15.89 62.35 -21.35
N GLN D 127 -15.31 61.63 -22.31
CA GLN D 127 -15.96 61.51 -23.59
C GLN D 127 -17.23 60.72 -23.41
N ALA D 128 -17.13 59.71 -22.55
CA ALA D 128 -18.23 58.84 -22.29
C ALA D 128 -19.25 59.61 -21.54
N TRP D 129 -18.77 60.39 -20.57
CA TRP D 129 -19.68 61.11 -19.71
C TRP D 129 -20.48 62.12 -20.51
N GLU D 130 -19.83 62.87 -21.41
CA GLU D 130 -20.58 63.87 -22.16
C GLU D 130 -21.69 63.28 -23.01
N GLU D 131 -21.39 62.22 -23.74
CA GLU D 131 -22.42 61.65 -24.58
C GLU D 131 -23.51 61.09 -23.69
N LEU D 132 -23.13 60.51 -22.55
CA LEU D 132 -24.07 59.93 -21.62
C LEU D 132 -24.98 61.04 -21.06
N PHE D 133 -24.41 62.18 -20.64
CA PHE D 133 -25.17 63.28 -20.06
C PHE D 133 -26.32 63.69 -20.94
N ARG D 134 -25.99 63.86 -22.21
CA ARG D 134 -26.89 64.39 -23.23
C ARG D 134 -28.00 63.45 -23.65
N ARG D 135 -27.93 62.20 -23.22
CA ARG D 135 -28.93 61.22 -23.57
C ARG D 135 -29.66 60.74 -22.31
N ALA D 136 -28.92 60.65 -21.21
CA ALA D 136 -29.41 60.16 -19.93
C ALA D 136 -30.46 61.08 -19.31
N TYR D 137 -30.28 62.41 -19.40
CA TYR D 137 -31.26 63.35 -18.83
C TYR D 137 -30.96 64.80 -19.19
N LEU E 1 15.23 56.27 28.14
CA LEU E 1 14.98 54.98 27.53
C LEU E 1 13.57 54.50 27.90
N PRO E 2 13.09 53.36 27.40
CA PRO E 2 13.65 52.36 26.49
C PRO E 2 14.03 52.88 25.11
N ARG E 3 15.17 52.43 24.62
CA ARG E 3 15.61 52.74 23.27
C ARG E 3 16.93 52.05 23.00
N ALA E 4 16.94 51.08 22.11
CA ALA E 4 18.11 50.30 21.67
C ALA E 4 18.67 49.35 22.76
N LYS E 5 18.81 49.85 23.98
CA LYS E 5 19.36 49.14 25.12
C LYS E 5 18.59 47.85 25.41
N PRO E 6 19.22 46.81 25.98
CA PRO E 6 18.65 45.51 26.20
C PRO E 6 17.51 45.55 27.19
N LEU E 7 16.60 44.59 27.03
CA LEU E 7 15.38 44.49 27.79
C LEU E 7 15.51 44.84 29.25
N GLY E 8 16.32 44.15 29.98
CA GLY E 8 16.36 44.44 31.39
C GLY E 8 16.59 45.89 31.73
N GLU E 9 17.67 46.47 31.29
CA GLU E 9 17.93 47.81 31.72
C GLU E 9 16.78 48.74 31.30
N ILE E 10 16.20 48.52 30.12
CA ILE E 10 15.08 49.35 29.74
C ILE E 10 13.80 49.07 30.60
N LEU E 11 13.76 47.94 31.30
CA LEU E 11 12.66 47.67 32.21
C LEU E 11 12.78 48.58 33.40
N VAL E 12 13.99 48.99 33.69
CA VAL E 12 14.21 49.86 34.83
C VAL E 12 13.60 51.19 34.53
N GLU E 13 13.86 51.64 33.31
CA GLU E 13 13.40 52.93 32.83
C GLU E 13 11.88 53.05 32.86
N LEU E 14 11.17 51.96 32.54
CA LEU E 14 9.71 52.02 32.66
C LEU E 14 9.15 51.52 33.99
N GLY E 15 9.99 51.17 34.98
CA GLY E 15 9.51 50.70 36.30
C GLY E 15 9.02 49.24 36.32
N LEU E 16 9.42 48.50 35.30
CA LEU E 16 9.01 47.14 35.07
C LEU E 16 9.86 46.09 35.81
N ALA E 17 11.13 46.41 36.02
CA ALA E 17 12.11 45.58 36.77
C ALA E 17 13.17 46.52 37.29
N ARG E 18 13.96 46.12 38.27
CA ARG E 18 14.94 47.08 38.80
C ARG E 18 16.38 46.77 38.34
N PRO E 19 17.35 47.73 38.41
CA PRO E 19 18.74 47.56 38.05
C PRO E 19 19.34 46.28 38.62
N GLU E 20 18.86 45.88 39.78
CA GLU E 20 19.32 44.69 40.45
C GLU E 20 18.89 43.42 39.72
N ASP E 21 17.73 43.44 39.10
CA ASP E 21 17.18 42.25 38.49
C ASP E 21 17.83 42.04 37.16
N VAL E 22 18.13 43.15 36.53
CA VAL E 22 18.71 43.12 35.22
C VAL E 22 20.19 42.79 35.35
N GLU E 23 20.85 43.25 36.42
CA GLU E 23 22.24 42.88 36.62
C GLU E 23 22.36 41.40 36.93
N GLU E 24 21.47 40.86 37.78
CA GLU E 24 21.58 39.43 38.06
C GLU E 24 21.32 38.62 36.79
N ALA E 25 20.38 39.07 35.97
CA ALA E 25 20.13 38.38 34.72
C ALA E 25 21.36 38.48 33.81
N LEU E 26 22.08 39.62 33.83
CA LEU E 26 23.30 39.70 33.05
C LEU E 26 24.32 38.68 33.59
N GLN E 27 24.35 38.54 34.90
CA GLN E 27 25.29 37.59 35.50
C GLN E 27 24.94 36.19 35.05
N LYS E 28 23.64 35.92 34.92
CA LYS E 28 23.18 34.63 34.48
C LYS E 28 23.52 34.37 33.02
N GLN E 29 23.34 35.35 32.12
CA GLN E 29 23.61 35.11 30.69
C GLN E 29 25.07 34.86 30.41
N ARG E 30 25.95 35.22 31.35
CA ARG E 30 27.38 34.96 31.18
C ARG E 30 27.65 33.45 31.00
N ARG E 31 26.72 32.59 31.46
CA ARG E 31 26.85 31.16 31.29
C ARG E 31 25.58 30.64 30.63
N GLY E 32 24.50 31.38 30.83
CA GLY E 32 23.18 31.05 30.30
C GLY E 32 23.18 31.08 28.77
N GLY E 33 23.93 32.02 28.18
CA GLY E 33 24.07 32.16 26.74
C GLY E 33 22.94 32.93 26.05
N GLY E 34 21.95 33.36 26.81
CA GLY E 34 20.82 34.06 26.23
C GLY E 34 20.98 35.57 26.30
N ARG E 35 19.90 36.27 26.01
CA ARG E 35 19.89 37.73 26.08
C ARG E 35 19.48 38.10 27.48
N LEU E 36 19.71 39.34 27.87
CA LEU E 36 19.24 39.81 29.17
C LEU E 36 17.78 39.45 29.36
N GLU E 37 16.98 39.64 28.33
CA GLU E 37 15.59 39.27 28.43
C GLU E 37 15.36 37.80 28.72
N ASP E 38 16.24 36.94 28.22
CA ASP E 38 15.99 35.53 28.37
C ASP E 38 16.39 35.14 29.75
N THR E 39 17.42 35.79 30.26
CA THR E 39 17.84 35.41 31.59
C THR E 39 16.98 36.09 32.63
N LEU E 40 16.34 37.19 32.27
CA LEU E 40 15.34 37.80 33.13
C LEU E 40 14.10 36.92 33.19
N VAL E 41 13.71 36.32 32.07
CA VAL E 41 12.58 35.42 32.17
C VAL E 41 12.99 34.12 32.89
N GLN E 42 14.14 33.56 32.50
CA GLN E 42 14.70 32.32 33.06
C GLN E 42 14.90 32.40 34.56
N SER E 43 15.31 33.56 35.04
CA SER E 43 15.57 33.78 36.45
C SER E 43 14.30 34.12 37.24
N GLY E 44 13.16 34.24 36.56
CA GLY E 44 11.91 34.58 37.21
C GLY E 44 11.78 36.06 37.55
N LYS E 45 12.45 36.92 36.79
CA LYS E 45 12.42 38.34 37.07
C LYS E 45 11.32 39.08 36.35
N LEU E 46 10.93 38.60 35.17
CA LEU E 46 9.99 39.42 34.42
C LEU E 46 8.54 39.09 34.44
N ARG E 47 7.79 40.17 34.46
CA ARG E 47 6.38 40.14 34.25
C ARG E 47 6.20 40.08 32.74
N PRO E 48 5.20 39.38 32.21
CA PRO E 48 4.84 39.40 30.81
C PRO E 48 4.71 40.81 30.26
N GLU E 49 4.30 41.73 31.15
CA GLU E 49 4.13 43.14 30.88
C GLU E 49 5.45 43.84 30.83
N ALA E 50 6.41 43.35 31.61
CA ALA E 50 7.69 44.00 31.70
C ALA E 50 8.32 43.91 30.34
N LEU E 51 8.17 42.71 29.79
CA LEU E 51 8.70 42.43 28.48
C LEU E 51 8.05 43.26 27.43
N ALA E 52 6.72 43.26 27.45
CA ALA E 52 6.02 43.95 26.40
C ALA E 52 6.20 45.45 26.41
N GLN E 53 6.17 46.05 27.59
CA GLN E 53 6.26 47.48 27.70
C GLN E 53 7.61 48.03 27.32
N ALA E 54 8.68 47.44 27.82
CA ALA E 54 9.94 48.06 27.48
C ALA E 54 10.46 47.61 26.13
N VAL E 55 10.25 46.35 25.75
CA VAL E 55 10.87 45.93 24.51
C VAL E 55 10.26 46.59 23.32
N ALA E 56 8.94 46.74 23.27
CA ALA E 56 8.42 47.39 22.08
C ALA E 56 9.01 48.77 21.93
N THR E 57 8.99 49.49 23.04
CA THR E 57 9.43 50.86 23.10
C THR E 57 10.88 50.93 22.60
N GLN E 58 11.70 49.98 23.06
CA GLN E 58 13.12 49.88 22.73
C GLN E 58 13.45 50.05 21.27
N LEU E 59 12.66 49.45 20.40
CA LEU E 59 13.03 49.43 19.01
C LEU E 59 12.09 50.23 18.13
N GLY E 60 11.13 50.93 18.74
CA GLY E 60 10.15 51.66 17.94
C GLY E 60 9.09 50.70 17.41
N TYR E 61 8.95 49.57 18.07
CA TYR E 61 8.00 48.58 17.66
C TYR E 61 6.79 48.88 18.50
N PRO E 62 5.58 48.57 18.09
CA PRO E 62 4.43 48.73 18.91
C PRO E 62 4.30 47.64 19.96
N TYR E 63 3.71 48.03 21.07
CA TYR E 63 3.23 47.08 22.05
C TYR E 63 1.77 46.94 21.71
N VAL E 64 1.35 45.76 21.44
CA VAL E 64 -0.02 45.52 21.06
C VAL E 64 -0.67 44.64 22.10
N ASP E 65 -1.96 44.75 22.22
CA ASP E 65 -2.71 43.94 23.16
C ASP E 65 -3.71 43.05 22.45
N PRO E 66 -3.34 41.79 22.16
CA PRO E 66 -4.02 40.76 21.41
C PRO E 66 -5.44 40.49 21.77
N GLU E 67 -5.89 40.91 22.94
CA GLU E 67 -7.27 40.64 23.27
C GLU E 67 -8.12 41.47 22.32
N GLU E 68 -7.57 42.63 21.93
CA GLU E 68 -8.22 43.56 21.03
C GLU E 68 -7.46 43.71 19.69
N ASP E 69 -6.12 43.76 19.76
CA ASP E 69 -5.26 44.03 18.61
C ASP E 69 -5.24 42.92 17.55
N PRO E 70 -5.24 43.32 16.25
CA PRO E 70 -5.43 42.49 15.05
C PRO E 70 -4.94 41.06 15.08
N PRO E 71 -5.73 40.14 15.62
CA PRO E 71 -5.45 38.72 15.77
C PRO E 71 -5.77 38.14 14.42
N ASP E 72 -4.97 38.52 13.43
CA ASP E 72 -5.31 38.27 12.05
C ASP E 72 -5.38 36.80 11.73
N PRO E 73 -6.57 36.24 11.42
CA PRO E 73 -6.82 34.84 11.18
C PRO E 73 -6.18 34.30 9.93
N GLY E 74 -5.76 35.17 9.01
CA GLY E 74 -5.12 34.66 7.79
C GLY E 74 -3.62 34.74 7.95
N ALA E 75 -3.17 35.42 8.98
CA ALA E 75 -1.77 35.62 9.19
C ALA E 75 -1.06 34.32 9.61
N PRO E 76 -1.72 33.35 10.31
CA PRO E 76 -1.19 32.02 10.58
C PRO E 76 -0.87 31.22 9.32
N LEU E 77 -1.27 31.71 8.14
CA LEU E 77 -0.95 31.03 6.90
C LEU E 77 0.48 31.44 6.50
N LEU E 78 1.01 32.46 7.20
CA LEU E 78 2.35 33.00 7.03
C LEU E 78 3.22 32.56 8.20
N LEU E 79 2.68 32.66 9.40
CA LEU E 79 3.43 32.24 10.59
C LEU E 79 2.55 31.28 11.39
N PRO E 80 2.51 30.00 11.05
CA PRO E 80 1.63 29.01 11.60
C PRO E 80 2.03 28.67 13.00
N GLU E 81 1.19 27.90 13.65
CA GLU E 81 1.43 27.43 14.99
C GLU E 81 2.85 26.90 15.19
N ASP E 82 3.38 26.19 14.18
CA ASP E 82 4.72 25.61 14.29
C ASP E 82 5.75 26.69 14.65
N LEU E 83 5.64 27.80 13.94
CA LEU E 83 6.56 28.91 14.04
C LEU E 83 6.22 29.76 15.24
N CYS E 84 4.92 29.83 15.56
CA CYS E 84 4.47 30.61 16.70
C CYS E 84 5.16 30.06 17.94
N ARG E 85 5.16 28.74 18.06
CA ARG E 85 5.77 28.10 19.21
C ARG E 85 7.28 28.23 19.21
N ARG E 86 7.88 28.09 18.02
CA ARG E 86 9.33 28.14 17.90
C ARG E 86 9.93 29.40 18.53
N TYR E 87 9.36 30.56 18.22
CA TYR E 87 9.89 31.79 18.80
C TYR E 87 9.02 32.53 19.82
N GLY E 88 7.85 32.01 20.21
CA GLY E 88 7.06 32.76 21.17
C GLY E 88 6.45 33.95 20.45
N VAL E 89 6.00 33.68 19.23
CA VAL E 89 5.49 34.72 18.36
C VAL E 89 4.11 34.48 17.81
N PHE E 90 3.53 35.53 17.28
CA PHE E 90 2.24 35.41 16.66
C PHE E 90 2.10 36.36 15.49
N PRO E 91 1.48 35.94 14.42
CA PRO E 91 1.23 36.70 13.26
C PRO E 91 0.14 37.76 13.33
N HIS E 92 0.41 38.84 14.02
CA HIS E 92 -0.55 39.93 13.98
C HIS E 92 -0.53 40.50 12.58
N ARG E 93 -1.64 41.12 12.18
CA ARG E 93 -1.81 41.77 10.87
C ARG E 93 -0.79 41.53 9.73
N LEU E 94 -1.28 40.95 8.64
CA LEU E 94 -0.49 40.90 7.40
C LEU E 94 -0.43 42.26 6.67
N GLU E 95 0.68 42.51 5.97
CA GLU E 95 0.83 43.67 5.06
C GLU E 95 1.57 43.25 3.76
N GLY E 96 0.84 42.69 2.80
CA GLY E 96 1.50 42.19 1.58
C GLY E 96 2.18 40.83 1.76
N ASN E 97 3.42 40.86 2.27
CA ASN E 97 4.21 39.68 2.64
C ASN E 97 4.57 39.89 4.10
N ARG E 98 4.41 41.15 4.52
CA ARG E 98 4.85 41.55 5.84
C ARG E 98 4.03 40.94 6.93
N LEU E 99 4.65 40.88 8.10
CA LEU E 99 3.92 40.35 9.23
C LEU E 99 4.19 41.08 10.54
N VAL E 100 3.14 41.44 11.27
CA VAL E 100 3.43 41.99 12.56
C VAL E 100 3.79 40.87 13.49
N LEU E 101 5.07 40.66 13.54
CA LEU E 101 5.59 39.55 14.28
C LEU E 101 5.56 39.84 15.72
N LEU E 102 4.45 39.48 16.31
CA LEU E 102 4.27 39.69 17.69
C LEU E 102 5.27 38.75 18.31
N MET E 103 6.09 39.20 19.24
CA MET E 103 7.11 38.35 19.87
C MET E 103 7.27 38.72 21.32
N LYS E 104 7.52 37.76 22.22
CA LYS E 104 7.71 38.11 23.66
C LYS E 104 8.84 39.13 23.88
N ASP E 105 9.79 39.16 22.95
CA ASP E 105 10.96 40.01 23.01
C ASP E 105 11.61 40.35 21.67
N PRO E 106 11.14 41.38 20.97
CA PRO E 106 11.72 41.93 19.77
C PRO E 106 13.17 42.39 19.94
N ARG E 107 13.65 42.52 21.20
CA ARG E 107 15.03 42.90 21.45
C ARG E 107 15.90 41.89 20.75
N ASN E 108 15.42 40.66 20.68
CA ASN E 108 16.15 39.64 19.99
C ASN E 108 15.78 39.76 18.54
N ILE E 109 16.40 40.74 17.90
CA ILE E 109 16.11 41.02 16.53
C ILE E 109 16.43 39.83 15.70
N LEU E 110 17.52 39.16 16.01
CA LEU E 110 17.86 38.02 15.20
C LEU E 110 16.75 36.98 15.28
N ALA E 111 16.09 36.80 16.43
CA ALA E 111 14.96 35.88 16.47
C ALA E 111 13.83 36.40 15.58
N LEU E 112 13.63 37.70 15.54
CA LEU E 112 12.56 38.24 14.70
C LEU E 112 12.89 37.91 13.25
N ASP E 113 14.20 38.01 12.93
CA ASP E 113 14.72 37.74 11.59
C ASP E 113 14.68 36.24 11.31
N ASP E 114 14.89 35.40 12.32
CA ASP E 114 14.81 33.97 12.07
C ASP E 114 13.39 33.62 11.74
N VAL E 115 12.44 34.26 12.43
CA VAL E 115 11.07 34.03 12.12
C VAL E 115 10.79 34.52 10.73
N ARG E 116 11.27 35.72 10.43
CA ARG E 116 11.09 36.30 9.13
C ARG E 116 11.44 35.28 8.07
N LEU E 117 12.63 34.72 8.15
CA LEU E 117 13.03 33.76 7.16
C LEU E 117 12.15 32.51 7.21
N ALA E 118 11.77 32.12 8.43
CA ALA E 118 10.92 30.96 8.60
C ALA E 118 9.52 31.24 8.09
N LEU E 119 9.13 32.50 7.91
CA LEU E 119 7.80 32.76 7.40
C LEU E 119 7.79 32.25 5.97
N LYS E 120 8.90 32.48 5.23
CA LYS E 120 8.98 31.98 3.84
C LYS E 120 8.84 30.48 3.76
N ARG E 121 9.39 29.79 4.75
CA ARG E 121 9.32 28.34 4.79
C ARG E 121 7.89 27.82 4.98
N LYS E 122 6.99 28.68 5.43
CA LYS E 122 5.63 28.31 5.72
C LYS E 122 4.61 28.96 4.77
N GLY E 123 4.91 30.16 4.24
CA GLY E 123 3.95 30.93 3.43
C GLY E 123 4.54 31.94 2.41
N LEU E 124 4.39 33.23 2.70
CA LEU E 124 4.78 34.36 1.83
C LEU E 124 6.21 34.81 2.10
N ASN E 125 6.74 35.69 1.26
CA ASN E 125 8.16 36.05 1.39
C ASN E 125 8.43 37.14 2.40
N TYR E 126 8.04 36.84 3.63
CA TYR E 126 8.25 37.63 4.84
C TYR E 126 8.33 39.15 4.76
N GLU E 127 9.09 39.71 5.71
CA GLU E 127 9.36 41.10 5.98
C GLU E 127 8.69 41.42 7.30
N VAL E 128 9.42 41.19 8.36
CA VAL E 128 8.90 41.39 9.68
C VAL E 128 8.73 42.86 10.03
N ALA E 129 7.55 43.14 10.59
CA ALA E 129 7.11 44.43 11.05
C ALA E 129 6.67 44.23 12.49
N PRO E 130 7.62 43.90 13.35
CA PRO E 130 7.48 43.26 14.64
C PRO E 130 6.77 44.05 15.71
N ALA E 131 6.30 43.33 16.72
CA ALA E 131 5.60 43.90 17.85
C ALA E 131 5.72 42.98 19.03
N VAL E 132 5.29 43.44 20.18
CA VAL E 132 5.23 42.57 21.34
C VAL E 132 3.98 42.78 22.11
N ALA E 133 3.45 41.72 22.63
CA ALA E 133 2.30 41.79 23.49
C ALA E 133 2.68 41.26 24.81
N THR E 134 1.82 41.43 25.78
CA THR E 134 2.06 40.85 27.07
C THR E 134 2.49 39.44 26.71
N GLU E 135 3.60 38.93 27.22
CA GLU E 135 3.97 37.56 26.81
C GLU E 135 2.80 36.59 26.95
N ALA E 136 2.04 36.72 28.04
CA ALA E 136 0.88 35.90 28.30
C ALA E 136 -0.18 36.05 27.22
N ALA E 137 -0.30 37.27 26.66
CA ALA E 137 -1.30 37.55 25.65
C ALA E 137 -0.84 37.00 24.33
N ILE E 138 0.47 36.91 24.14
CA ILE E 138 0.97 36.35 22.90
C ILE E 138 0.58 34.89 22.95
N THR E 139 0.79 34.27 24.11
CA THR E 139 0.44 32.87 24.28
C THR E 139 -1.06 32.63 24.06
N LYS E 140 -1.92 33.47 24.66
CA LYS E 140 -3.38 33.30 24.50
C LYS E 140 -3.78 33.52 23.05
N LEU E 141 -3.17 34.49 22.41
CA LEU E 141 -3.40 34.80 21.03
C LEU E 141 -3.08 33.63 20.15
N ILE E 142 -1.93 33.02 20.36
CA ILE E 142 -1.55 31.87 19.57
C ILE E 142 -2.58 30.75 19.77
N GLU E 143 -2.97 30.50 21.02
CA GLU E 143 -3.97 29.45 21.29
C GLU E 143 -5.27 29.70 20.53
N ARG E 144 -5.68 30.97 20.41
CA ARG E 144 -6.91 31.33 19.70
C ARG E 144 -6.94 30.85 18.24
N PHE E 145 -5.78 30.60 17.64
CA PHE E 145 -5.73 30.18 16.26
C PHE E 145 -5.28 28.74 16.01
N TYR E 146 -5.33 27.88 17.03
CA TYR E 146 -4.95 26.49 16.80
C TYR E 146 -5.62 25.52 17.78
N LEU F 1 4.80 39.13 -25.95
CA LEU F 1 3.94 40.28 -25.72
C LEU F 1 3.59 40.37 -24.22
N PRO F 2 3.04 41.51 -23.72
CA PRO F 2 2.69 42.79 -24.34
C PRO F 2 3.91 43.45 -24.94
N ARG F 3 3.73 44.29 -25.95
CA ARG F 3 4.88 44.96 -26.54
C ARG F 3 4.72 46.47 -26.55
N ALA F 4 4.17 46.99 -27.67
CA ALA F 4 4.00 48.41 -27.93
C ALA F 4 5.29 49.21 -27.65
N LYS F 5 5.18 50.29 -26.88
CA LYS F 5 6.34 51.12 -26.55
C LYS F 5 7.12 50.45 -25.43
N PRO F 6 8.42 50.72 -25.22
CA PRO F 6 9.20 50.30 -24.05
C PRO F 6 8.79 51.07 -22.81
N LEU F 7 8.74 50.41 -21.65
CA LEU F 7 8.26 51.05 -20.44
C LEU F 7 9.14 52.18 -19.99
N GLY F 8 10.43 51.92 -19.92
CA GLY F 8 11.37 52.91 -19.45
C GLY F 8 11.23 54.22 -20.17
N GLU F 9 11.29 54.19 -21.48
CA GLU F 9 11.21 55.43 -22.22
C GLU F 9 9.87 56.12 -22.00
N ILE F 10 8.79 55.36 -21.85
CA ILE F 10 7.50 56.00 -21.60
C ILE F 10 7.50 56.71 -20.25
N LEU F 11 8.18 56.14 -19.25
CA LEU F 11 8.23 56.73 -17.91
C LEU F 11 8.71 58.15 -18.06
N VAL F 12 9.72 58.27 -18.93
CA VAL F 12 10.38 59.51 -19.25
C VAL F 12 9.50 60.44 -20.07
N GLU F 13 8.80 59.90 -21.07
CA GLU F 13 7.93 60.75 -21.91
C GLU F 13 6.88 61.47 -21.08
N LEU F 14 6.42 60.80 -20.02
CA LEU F 14 5.42 61.36 -19.13
C LEU F 14 5.97 62.43 -18.19
N GLY F 15 7.31 62.59 -18.16
CA GLY F 15 7.97 63.51 -17.26
C GLY F 15 8.09 62.87 -15.89
N LEU F 16 7.98 61.54 -15.85
CA LEU F 16 7.99 60.83 -14.60
C LEU F 16 9.27 59.99 -14.36
N ALA F 17 10.30 60.25 -15.14
CA ALA F 17 11.60 59.60 -15.00
C ALA F 17 12.60 60.34 -15.86
N ARG F 18 13.89 60.23 -15.57
CA ARG F 18 14.87 60.77 -16.49
C ARG F 18 15.26 59.66 -17.47
N PRO F 19 15.71 59.95 -18.69
CA PRO F 19 16.24 58.96 -19.63
C PRO F 19 17.46 58.30 -18.99
N GLU F 20 18.07 59.00 -18.04
CA GLU F 20 19.22 58.57 -17.26
C GLU F 20 18.83 57.40 -16.34
N ASP F 21 17.55 57.36 -15.94
CA ASP F 21 17.08 56.33 -15.04
C ASP F 21 16.76 55.11 -15.88
N VAL F 22 16.27 55.39 -17.08
CA VAL F 22 15.97 54.32 -18.01
C VAL F 22 17.26 53.64 -18.40
N GLU F 23 18.29 54.44 -18.67
CA GLU F 23 19.57 53.87 -19.03
C GLU F 23 20.17 53.08 -17.90
N GLU F 24 20.11 53.55 -16.64
CA GLU F 24 20.67 52.69 -15.61
C GLU F 24 19.94 51.37 -15.54
N ALA F 25 18.62 51.41 -15.69
CA ALA F 25 17.86 50.17 -15.68
C ALA F 25 18.32 49.31 -16.85
N LEU F 26 18.55 49.91 -18.01
CA LEU F 26 19.07 49.13 -19.11
C LEU F 26 20.43 48.58 -18.73
N GLN F 27 21.23 49.34 -18.02
CA GLN F 27 22.50 48.78 -17.64
C GLN F 27 22.20 47.58 -16.76
N LYS F 28 21.16 47.63 -15.93
CA LYS F 28 20.87 46.45 -15.17
C LYS F 28 20.54 45.26 -16.10
N GLN F 29 19.95 45.52 -17.29
CA GLN F 29 19.70 44.38 -18.20
C GLN F 29 21.04 43.82 -18.71
N ARG F 30 22.12 44.56 -18.53
CA ARG F 30 23.48 44.12 -18.81
C ARG F 30 24.21 43.68 -17.50
N ARG F 31 23.67 44.06 -16.33
CA ARG F 31 24.23 43.82 -14.98
C ARG F 31 23.32 42.90 -14.16
N GLY F 32 22.74 41.92 -14.82
CA GLY F 32 21.81 41.00 -14.16
C GLY F 32 20.97 40.30 -15.19
N GLY F 33 20.56 41.04 -16.21
CA GLY F 33 19.82 40.43 -17.33
C GLY F 33 18.32 40.68 -17.36
N GLY F 34 17.75 41.20 -16.27
CA GLY F 34 16.30 41.47 -16.28
C GLY F 34 16.07 42.43 -17.42
N ARG F 35 14.90 42.46 -18.01
CA ARG F 35 14.74 43.37 -19.14
C ARG F 35 14.42 44.74 -18.65
N LEU F 36 14.49 45.74 -19.51
CA LEU F 36 14.14 47.10 -19.09
C LEU F 36 13.00 47.15 -18.05
N GLU F 37 11.85 46.53 -18.30
CA GLU F 37 10.76 46.59 -17.33
C GLU F 37 11.10 46.01 -15.95
N ASP F 38 11.97 44.99 -15.90
CA ASP F 38 12.30 44.38 -14.64
C ASP F 38 13.34 45.22 -13.99
N THR F 39 14.22 45.74 -14.79
CA THR F 39 15.31 46.49 -14.27
C THR F 39 14.89 47.81 -13.74
N LEU F 40 13.86 48.38 -14.32
CA LEU F 40 13.39 49.64 -13.82
C LEU F 40 12.76 49.46 -12.47
N VAL F 41 11.95 48.39 -12.32
CA VAL F 41 11.31 48.20 -11.03
C VAL F 41 12.31 47.71 -10.00
N GLN F 42 13.27 46.91 -10.43
CA GLN F 42 14.33 46.44 -9.54
C GLN F 42 15.29 47.54 -9.13
N SER F 43 15.61 48.44 -10.07
CA SER F 43 16.56 49.49 -9.81
C SER F 43 15.92 50.77 -9.25
N GLY F 44 14.58 50.87 -9.28
CA GLY F 44 13.91 52.06 -8.75
C GLY F 44 14.01 53.25 -9.69
N LYS F 45 13.93 52.98 -10.97
CA LYS F 45 14.10 53.98 -12.03
C LYS F 45 12.79 54.51 -12.55
N LEU F 46 11.76 54.24 -11.79
CA LEU F 46 10.39 54.56 -12.05
C LEU F 46 9.81 55.46 -10.99
N ARG F 47 9.29 56.64 -11.31
CA ARG F 47 8.57 57.25 -10.21
C ARG F 47 7.40 56.25 -10.10
N PRO F 48 6.82 55.95 -8.95
CA PRO F 48 5.72 55.02 -8.82
C PRO F 48 4.67 55.21 -9.91
N GLU F 49 4.29 56.47 -10.10
CA GLU F 49 3.34 56.82 -11.13
C GLU F 49 3.92 56.60 -12.49
N ALA F 50 5.23 56.67 -12.62
CA ALA F 50 5.81 56.51 -13.91
C ALA F 50 5.57 55.14 -14.35
N LEU F 51 5.81 54.20 -13.46
CA LEU F 51 5.63 52.82 -13.86
C LEU F 51 4.22 52.54 -14.25
N ALA F 52 3.32 52.88 -13.35
CA ALA F 52 1.94 52.55 -13.56
C ALA F 52 1.33 53.24 -14.76
N GLN F 53 1.63 54.52 -14.89
CA GLN F 53 1.07 55.34 -15.92
C GLN F 53 1.76 55.05 -17.21
N ALA F 54 3.07 54.88 -17.17
CA ALA F 54 3.79 54.60 -18.36
C ALA F 54 3.33 53.32 -18.93
N VAL F 55 3.08 52.31 -18.12
CA VAL F 55 2.61 51.09 -18.71
C VAL F 55 1.19 51.32 -19.26
N ALA F 56 0.36 52.02 -18.48
CA ALA F 56 -0.99 52.34 -18.92
C ALA F 56 -0.99 53.12 -20.23
N THR F 57 0.05 53.92 -20.46
CA THR F 57 0.27 54.72 -21.66
C THR F 57 0.90 53.88 -22.79
N GLN F 58 1.87 53.06 -22.43
CA GLN F 58 2.68 52.18 -23.28
C GLN F 58 1.85 51.18 -24.03
N LEU F 59 0.97 50.53 -23.28
CA LEU F 59 0.09 49.47 -23.72
C LEU F 59 -1.39 49.85 -23.74
N GLY F 60 -1.88 50.49 -22.68
CA GLY F 60 -3.30 50.88 -22.58
C GLY F 60 -4.07 50.18 -21.45
N TYR F 61 -4.09 50.80 -20.25
CA TYR F 61 -4.77 50.20 -19.07
C TYR F 61 -5.68 51.13 -18.23
N PRO F 62 -6.70 50.55 -17.51
CA PRO F 62 -7.62 51.22 -16.58
C PRO F 62 -6.99 51.63 -15.25
N TYR F 63 -7.58 52.64 -14.63
CA TYR F 63 -7.23 53.14 -13.29
C TYR F 63 -8.28 52.80 -12.28
N VAL F 64 -7.91 52.00 -11.32
CA VAL F 64 -8.89 51.49 -10.38
C VAL F 64 -8.49 51.72 -8.96
N ASP F 65 -9.46 51.63 -8.04
CA ASP F 65 -9.11 51.59 -6.63
C ASP F 65 -9.51 50.26 -6.01
N PRO F 66 -8.59 49.29 -5.90
CA PRO F 66 -8.73 47.91 -5.43
C PRO F 66 -9.34 47.79 -4.06
N GLU F 67 -9.40 48.87 -3.29
CA GLU F 67 -10.00 48.73 -1.99
C GLU F 67 -11.48 48.40 -2.19
N GLU F 68 -12.08 48.95 -3.26
CA GLU F 68 -13.49 48.78 -3.61
C GLU F 68 -13.69 48.11 -4.98
N ASP F 69 -12.72 48.28 -5.90
CA ASP F 69 -12.84 47.75 -7.26
C ASP F 69 -12.91 46.22 -7.03
N PRO F 70 -13.99 45.59 -7.50
CA PRO F 70 -14.42 44.26 -7.10
C PRO F 70 -13.37 43.15 -7.04
N PRO F 71 -13.02 42.67 -5.85
CA PRO F 71 -12.12 41.58 -5.57
C PRO F 71 -12.88 40.28 -5.72
N ASP F 72 -13.26 39.99 -6.95
CA ASP F 72 -14.08 38.84 -7.31
C ASP F 72 -13.63 37.61 -6.52
N PRO F 73 -14.49 36.88 -5.79
CA PRO F 73 -14.15 35.65 -5.07
C PRO F 73 -13.37 34.67 -5.97
N GLY F 74 -13.61 34.75 -7.28
CA GLY F 74 -12.90 33.87 -8.18
C GLY F 74 -11.42 34.26 -8.24
N ALA F 75 -11.10 35.50 -7.89
CA ALA F 75 -9.75 36.04 -7.91
C ALA F 75 -8.79 35.28 -6.97
N PRO F 76 -9.10 35.02 -5.67
CA PRO F 76 -8.24 34.23 -4.82
C PRO F 76 -8.24 32.78 -5.21
N LEU F 77 -9.31 32.35 -5.88
CA LEU F 77 -9.34 30.98 -6.36
C LEU F 77 -8.36 30.84 -7.53
N LEU F 78 -8.43 31.84 -8.42
CA LEU F 78 -7.68 32.02 -9.64
C LEU F 78 -6.16 32.18 -9.51
N LEU F 79 -5.71 33.09 -8.64
CA LEU F 79 -4.28 33.29 -8.59
C LEU F 79 -3.88 33.25 -7.09
N PRO F 80 -2.91 32.42 -6.66
CA PRO F 80 -2.53 32.24 -5.26
C PRO F 80 -1.78 33.43 -4.71
N GLU F 81 -1.90 33.66 -3.40
CA GLU F 81 -1.28 34.78 -2.69
C GLU F 81 0.25 34.88 -2.79
N ASP F 82 0.96 33.75 -2.89
CA ASP F 82 2.42 33.84 -2.93
C ASP F 82 2.84 34.42 -4.26
N LEU F 83 2.30 33.86 -5.33
CA LEU F 83 2.53 34.31 -6.67
C LEU F 83 2.07 35.74 -6.79
N CYS F 84 0.85 36.01 -6.34
CA CYS F 84 0.28 37.33 -6.47
C CYS F 84 1.18 38.37 -5.85
N ARG F 85 1.70 38.08 -4.66
CA ARG F 85 2.55 39.06 -4.06
C ARG F 85 3.89 39.16 -4.79
N ARG F 86 4.49 38.04 -5.19
CA ARG F 86 5.77 38.08 -5.91
C ARG F 86 5.76 38.95 -7.15
N TYR F 87 4.64 38.97 -7.86
CA TYR F 87 4.57 39.73 -9.09
C TYR F 87 3.77 41.02 -8.99
N GLY F 88 3.35 41.39 -7.76
CA GLY F 88 2.61 42.64 -7.54
C GLY F 88 1.21 42.64 -8.16
N VAL F 89 0.54 41.48 -8.16
CA VAL F 89 -0.74 41.42 -8.81
C VAL F 89 -1.90 40.81 -8.06
N PHE F 90 -3.12 41.11 -8.50
CA PHE F 90 -4.26 40.37 -7.97
C PHE F 90 -5.48 40.57 -8.87
N PRO F 91 -6.18 39.53 -9.30
CA PRO F 91 -7.33 39.66 -10.16
C PRO F 91 -8.43 40.49 -9.51
N HIS F 92 -9.17 41.23 -10.31
CA HIS F 92 -10.33 41.99 -9.86
C HIS F 92 -11.52 41.27 -10.40
N ARG F 93 -12.26 41.94 -11.28
CA ARG F 93 -13.43 41.35 -11.90
C ARG F 93 -12.99 40.33 -12.94
N LEU F 94 -13.58 39.13 -12.89
CA LEU F 94 -13.26 38.20 -13.94
C LEU F 94 -14.32 38.49 -15.01
N GLU F 95 -13.93 38.48 -16.29
CA GLU F 95 -14.85 38.82 -17.37
C GLU F 95 -14.89 37.75 -18.46
N GLY F 96 -15.52 36.64 -18.14
CA GLY F 96 -15.52 35.49 -19.03
C GLY F 96 -14.10 34.99 -19.15
N ASN F 97 -13.59 34.94 -20.36
CA ASN F 97 -12.22 34.48 -20.60
C ASN F 97 -11.19 35.45 -20.02
N ARG F 98 -11.60 36.72 -19.97
CA ARG F 98 -10.79 37.89 -19.64
C ARG F 98 -10.63 38.22 -18.17
N LEU F 99 -9.61 39.02 -17.91
CA LEU F 99 -9.37 39.51 -16.56
C LEU F 99 -8.88 40.94 -16.38
N VAL F 100 -9.50 41.66 -15.45
CA VAL F 100 -8.94 42.92 -15.03
C VAL F 100 -7.99 42.55 -13.90
N LEU F 101 -6.69 42.62 -14.15
CA LEU F 101 -5.70 42.10 -13.17
C LEU F 101 -5.01 43.21 -12.44
N LEU F 102 -5.16 43.33 -11.18
CA LEU F 102 -4.45 44.43 -10.62
C LEU F 102 -2.99 44.19 -10.78
N MET F 103 -2.22 45.15 -11.30
CA MET F 103 -0.80 44.88 -11.39
C MET F 103 0.10 46.10 -11.32
N LYS F 104 1.17 46.01 -10.52
CA LYS F 104 2.13 47.12 -10.43
C LYS F 104 2.81 47.45 -11.78
N ASP F 105 2.95 46.45 -12.64
CA ASP F 105 3.57 46.59 -13.97
C ASP F 105 2.95 45.74 -15.08
N PRO F 106 1.82 46.16 -15.65
CA PRO F 106 1.02 45.49 -16.69
C PRO F 106 1.76 45.14 -18.02
N ARG F 107 3.06 45.48 -18.13
CA ARG F 107 3.93 45.20 -19.29
C ARG F 107 4.96 44.12 -18.99
N ASN F 108 5.31 43.95 -17.74
CA ASN F 108 6.42 43.06 -17.48
C ASN F 108 6.06 41.65 -17.78
N ILE F 109 6.49 41.24 -18.97
CA ILE F 109 6.22 39.94 -19.52
C ILE F 109 6.71 38.78 -18.68
N LEU F 110 7.78 38.95 -17.90
CA LEU F 110 8.22 37.80 -17.13
C LEU F 110 7.27 37.64 -15.98
N ALA F 111 6.98 38.75 -15.33
CA ALA F 111 6.08 38.71 -14.21
C ALA F 111 4.75 38.20 -14.69
N LEU F 112 4.33 38.70 -15.84
CA LEU F 112 3.08 38.29 -16.47
C LEU F 112 3.11 36.84 -16.85
N ASP F 113 4.26 36.31 -17.28
CA ASP F 113 4.34 34.91 -17.67
C ASP F 113 4.20 34.00 -16.45
N ASP F 114 4.81 34.40 -15.33
CA ASP F 114 4.66 33.56 -14.14
C ASP F 114 3.19 33.60 -13.69
N VAL F 115 2.59 34.79 -13.78
CA VAL F 115 1.18 34.98 -13.48
C VAL F 115 0.32 34.20 -14.44
N ARG F 116 0.67 34.23 -15.73
CA ARG F 116 -0.04 33.55 -16.79
C ARG F 116 -0.19 32.10 -16.54
N LEU F 117 0.88 31.44 -16.18
CA LEU F 117 0.74 30.02 -15.96
C LEU F 117 -0.24 29.75 -14.86
N ALA F 118 -0.24 30.56 -13.80
CA ALA F 118 -1.24 30.33 -12.78
C ALA F 118 -2.65 30.71 -13.29
N LEU F 119 -2.76 31.80 -14.07
CA LEU F 119 -4.06 32.26 -14.58
C LEU F 119 -4.54 31.40 -15.75
N LYS F 120 -3.63 30.61 -16.31
CA LYS F 120 -3.89 29.69 -17.39
C LYS F 120 -4.33 28.35 -16.81
N ARG F 121 -3.61 27.90 -15.79
CA ARG F 121 -3.92 26.61 -15.18
C ARG F 121 -5.21 26.69 -14.35
N LYS F 122 -5.58 27.88 -13.87
CA LYS F 122 -6.81 28.03 -13.12
C LYS F 122 -7.71 29.16 -13.64
N GLY F 123 -9.03 28.94 -13.64
CA GLY F 123 -10.04 30.00 -13.84
C GLY F 123 -10.26 30.60 -15.24
N LEU F 124 -9.21 31.20 -15.78
CA LEU F 124 -9.26 31.99 -17.03
C LEU F 124 -8.64 31.39 -18.28
N ASN F 125 -8.76 32.15 -19.38
CA ASN F 125 -8.09 31.87 -20.66
C ASN F 125 -6.99 32.91 -20.74
N TYR F 126 -6.60 33.35 -19.56
CA TYR F 126 -5.67 34.41 -19.30
C TYR F 126 -6.29 35.73 -19.77
N GLU F 127 -6.23 35.99 -21.08
CA GLU F 127 -6.81 37.20 -21.69
C GLU F 127 -6.80 38.40 -20.70
N VAL F 128 -5.60 38.74 -20.21
CA VAL F 128 -5.51 39.66 -19.09
C VAL F 128 -5.20 41.07 -19.52
N ALA F 129 -5.89 42.01 -18.92
CA ALA F 129 -5.67 43.45 -19.11
C ALA F 129 -5.45 44.04 -17.72
N PRO F 130 -4.22 44.05 -17.18
CA PRO F 130 -4.00 44.45 -15.83
C PRO F 130 -4.38 45.90 -15.57
N ALA F 131 -4.78 46.20 -14.34
CA ALA F 131 -5.21 47.52 -13.93
C ALA F 131 -4.20 48.28 -13.08
N VAL F 132 -4.29 49.60 -13.15
CA VAL F 132 -3.48 50.52 -12.37
C VAL F 132 -4.03 50.92 -11.01
N ALA F 133 -3.18 50.85 -9.99
CA ALA F 133 -3.56 51.28 -8.65
C ALA F 133 -2.35 51.56 -7.82
N THR F 134 -2.56 52.31 -6.75
CA THR F 134 -1.51 52.47 -5.76
C THR F 134 -1.11 51.14 -5.18
N GLU F 135 0.18 51.01 -4.92
CA GLU F 135 0.71 49.81 -4.30
C GLU F 135 0.02 49.55 -2.97
N ALA F 136 -0.44 50.58 -2.28
CA ALA F 136 -1.10 50.34 -1.01
C ALA F 136 -2.31 49.45 -1.20
N ALA F 137 -3.02 49.68 -2.30
CA ALA F 137 -4.25 48.99 -2.59
C ALA F 137 -3.92 47.65 -3.24
N ILE F 138 -2.78 47.59 -3.95
CA ILE F 138 -2.36 46.33 -4.55
C ILE F 138 -2.05 45.40 -3.39
N THR F 139 -1.33 45.92 -2.42
CA THR F 139 -0.97 45.19 -1.25
C THR F 139 -2.22 44.72 -0.55
N LYS F 140 -3.17 45.63 -0.29
CA LYS F 140 -4.41 45.25 0.37
C LYS F 140 -5.24 44.24 -0.42
N LEU F 141 -5.27 44.36 -1.74
CA LEU F 141 -6.05 43.45 -2.55
C LEU F 141 -5.47 42.06 -2.46
N ILE F 142 -4.16 41.95 -2.53
CA ILE F 142 -3.55 40.65 -2.43
C ILE F 142 -3.75 40.07 -1.03
N GLU F 143 -3.42 40.89 -0.04
CA GLU F 143 -3.46 40.58 1.38
C GLU F 143 -4.81 40.08 1.89
N ARG F 144 -5.88 40.74 1.48
CA ARG F 144 -7.21 40.39 1.95
C ARG F 144 -7.84 39.16 1.32
N PHE F 145 -7.29 38.63 0.24
CA PHE F 145 -7.95 37.54 -0.45
C PHE F 145 -7.16 36.26 -0.66
N TYR F 146 -7.33 35.34 0.30
CA TYR F 146 -6.68 34.03 0.29
C TYR F 146 -7.13 33.25 1.52
N LEU G 1 -29.63 7.98 -33.20
CA LEU G 1 -28.85 9.19 -32.95
C LEU G 1 -28.93 10.21 -34.09
N PRO G 2 -28.15 11.24 -34.00
CA PRO G 2 -27.86 12.05 -35.14
C PRO G 2 -27.07 11.32 -36.22
N ARG G 3 -27.44 11.66 -37.42
CA ARG G 3 -26.86 11.29 -38.70
C ARG G 3 -27.04 12.57 -39.44
N ALA G 4 -26.43 12.78 -40.61
CA ALA G 4 -26.61 14.14 -41.11
C ALA G 4 -26.47 14.35 -42.59
N LYS G 5 -27.13 15.41 -43.05
CA LYS G 5 -26.98 15.99 -44.37
C LYS G 5 -25.68 16.75 -44.20
N PRO G 6 -24.95 17.12 -45.24
CA PRO G 6 -23.80 17.97 -45.08
C PRO G 6 -24.15 19.36 -44.53
N LEU G 7 -23.36 19.83 -43.58
CA LEU G 7 -23.53 21.20 -43.09
C LEU G 7 -23.15 22.06 -44.25
N GLY G 8 -22.09 21.63 -44.93
CA GLY G 8 -21.53 22.24 -46.10
C GLY G 8 -22.57 23.05 -46.85
N GLU G 9 -23.32 22.39 -47.70
CA GLU G 9 -24.28 23.18 -48.45
C GLU G 9 -25.65 23.40 -47.83
N ILE G 10 -25.99 22.81 -46.66
CA ILE G 10 -27.32 23.18 -46.15
C ILE G 10 -27.30 24.69 -45.88
N LEU G 11 -26.14 25.20 -45.52
CA LEU G 11 -25.92 26.60 -45.26
C LEU G 11 -26.15 27.47 -46.49
N VAL G 12 -25.98 26.87 -47.65
CA VAL G 12 -26.15 27.57 -48.90
C VAL G 12 -27.63 27.67 -49.19
N GLU G 13 -28.33 26.56 -49.03
CA GLU G 13 -29.76 26.53 -49.30
C GLU G 13 -30.51 27.48 -48.35
N LEU G 14 -30.00 27.60 -47.13
CA LEU G 14 -30.57 28.46 -46.11
C LEU G 14 -30.27 29.94 -46.31
N GLY G 15 -29.40 30.28 -47.27
CA GLY G 15 -29.05 31.66 -47.50
C GLY G 15 -28.07 32.20 -46.47
N LEU G 16 -27.31 31.32 -45.84
CA LEU G 16 -26.37 31.72 -44.81
C LEU G 16 -24.97 31.89 -45.35
N ALA G 17 -24.56 31.00 -46.25
CA ALA G 17 -23.19 31.01 -46.74
C ALA G 17 -23.12 30.62 -48.21
N ARG G 18 -22.00 30.92 -48.85
CA ARG G 18 -21.79 30.50 -50.23
C ARG G 18 -21.20 29.09 -50.19
N PRO G 19 -21.35 28.25 -51.23
CA PRO G 19 -20.76 26.92 -51.28
C PRO G 19 -19.23 27.03 -51.16
N GLU G 20 -18.70 28.18 -51.51
CA GLU G 20 -17.30 28.48 -51.42
C GLU G 20 -16.85 28.58 -49.97
N ASP G 21 -17.73 29.09 -49.11
CA ASP G 21 -17.39 29.35 -47.72
C ASP G 21 -17.47 28.11 -46.92
N VAL G 22 -18.43 27.30 -47.27
CA VAL G 22 -18.65 26.10 -46.52
C VAL G 22 -17.64 25.06 -46.94
N GLU G 23 -17.23 25.05 -48.22
CA GLU G 23 -16.23 24.10 -48.63
C GLU G 23 -14.88 24.55 -48.09
N GLU G 24 -14.59 25.86 -48.13
CA GLU G 24 -13.31 26.33 -47.62
C GLU G 24 -13.18 25.95 -46.16
N ALA G 25 -14.20 26.26 -45.38
CA ALA G 25 -14.21 25.93 -43.99
C ALA G 25 -14.15 24.40 -43.79
N LEU G 26 -14.78 23.63 -44.69
CA LEU G 26 -14.77 22.17 -44.63
C LEU G 26 -13.33 21.68 -44.86
N GLN G 27 -12.63 22.31 -45.78
CA GLN G 27 -11.26 21.92 -46.02
C GLN G 27 -10.38 22.37 -44.85
N LYS G 28 -10.75 23.46 -44.18
CA LYS G 28 -9.97 23.87 -43.01
C LYS G 28 -10.06 22.81 -41.92
N GLN G 29 -11.29 22.38 -41.59
CA GLN G 29 -11.49 21.40 -40.51
C GLN G 29 -10.87 20.05 -40.89
N ARG G 30 -10.79 19.77 -42.19
CA ARG G 30 -10.15 18.57 -42.71
C ARG G 30 -8.73 18.42 -42.16
N ARG G 31 -8.06 19.55 -41.94
CA ARG G 31 -6.69 19.54 -41.47
C ARG G 31 -6.63 19.99 -40.00
N GLY G 32 -7.48 20.95 -39.65
CA GLY G 32 -7.54 21.55 -38.32
C GLY G 32 -7.95 20.59 -37.21
N GLY G 33 -8.83 19.63 -37.52
CA GLY G 33 -9.31 18.67 -36.53
C GLY G 33 -10.62 19.09 -35.84
N GLY G 34 -11.13 20.26 -36.21
CA GLY G 34 -12.38 20.77 -35.64
C GLY G 34 -13.49 20.32 -36.57
N ARG G 35 -14.66 20.98 -36.48
CA ARG G 35 -15.80 20.63 -37.33
C ARG G 35 -16.13 21.77 -38.28
N LEU G 36 -16.87 21.52 -39.36
CA LEU G 36 -17.30 22.64 -40.23
C LEU G 36 -18.01 23.72 -39.42
N GLU G 37 -18.77 23.28 -38.42
CA GLU G 37 -19.52 24.16 -37.54
C GLU G 37 -18.57 25.14 -36.85
N ASP G 38 -17.31 24.72 -36.63
CA ASP G 38 -16.33 25.55 -35.95
C ASP G 38 -15.59 26.39 -36.96
N THR G 39 -15.25 25.81 -38.10
CA THR G 39 -14.42 26.57 -39.02
C THR G 39 -15.18 27.69 -39.68
N LEU G 40 -16.49 27.55 -39.84
CA LEU G 40 -17.27 28.67 -40.35
C LEU G 40 -17.31 29.80 -39.34
N VAL G 41 -17.28 29.45 -38.06
CA VAL G 41 -17.26 30.45 -37.01
C VAL G 41 -15.89 31.11 -36.89
N GLN G 42 -14.84 30.28 -36.85
CA GLN G 42 -13.47 30.72 -36.69
C GLN G 42 -13.04 31.61 -37.85
N SER G 43 -13.54 31.29 -39.04
CA SER G 43 -13.19 32.01 -40.24
C SER G 43 -14.01 33.29 -40.43
N GLY G 44 -15.01 33.52 -39.56
CA GLY G 44 -15.87 34.68 -39.65
C GLY G 44 -16.91 34.55 -40.76
N LYS G 45 -17.15 33.33 -41.24
CA LYS G 45 -18.08 33.11 -42.33
C LYS G 45 -19.52 33.08 -41.84
N LEU G 46 -19.75 32.41 -40.71
CA LEU G 46 -21.07 32.32 -40.10
C LEU G 46 -21.09 32.42 -38.59
N ARG G 47 -22.20 32.95 -38.11
CA ARG G 47 -22.43 33.09 -36.69
C ARG G 47 -22.72 31.71 -36.12
N PRO G 48 -22.21 31.33 -34.94
CA PRO G 48 -22.49 30.07 -34.29
C PRO G 48 -23.97 29.72 -34.31
N GLU G 49 -24.86 30.71 -34.12
CA GLU G 49 -26.29 30.44 -34.18
C GLU G 49 -26.73 30.06 -35.57
N ALA G 50 -26.10 30.64 -36.58
CA ALA G 50 -26.45 30.38 -37.95
C ALA G 50 -26.08 28.95 -38.25
N LEU G 51 -24.96 28.53 -37.67
CA LEU G 51 -24.54 27.19 -37.94
C LEU G 51 -25.40 26.25 -37.12
N ALA G 52 -25.71 26.64 -35.89
CA ALA G 52 -26.51 25.79 -35.03
C ALA G 52 -27.86 25.57 -35.65
N GLN G 53 -28.45 26.65 -36.14
CA GLN G 53 -29.73 26.59 -36.81
C GLN G 53 -29.62 25.69 -38.01
N ALA G 54 -28.57 25.88 -38.79
CA ALA G 54 -28.35 25.08 -39.96
C ALA G 54 -28.18 23.62 -39.61
N VAL G 55 -27.52 23.34 -38.50
CA VAL G 55 -27.31 21.99 -38.07
C VAL G 55 -28.67 21.39 -37.73
N ALA G 56 -29.56 22.17 -37.12
CA ALA G 56 -30.89 21.63 -36.85
C ALA G 56 -31.54 21.12 -38.11
N THR G 57 -31.44 21.93 -39.18
CA THR G 57 -32.02 21.60 -40.48
C THR G 57 -31.32 20.40 -41.12
N GLN G 58 -30.00 20.42 -41.01
CA GLN G 58 -29.08 19.43 -41.53
C GLN G 58 -29.40 18.04 -40.97
N LEU G 59 -29.62 17.99 -39.66
CA LEU G 59 -29.84 16.74 -38.95
C LEU G 59 -31.30 16.39 -38.63
N GLY G 60 -32.20 17.38 -38.58
CA GLY G 60 -33.58 17.15 -38.16
C GLY G 60 -33.78 17.33 -36.64
N TYR G 61 -32.95 18.18 -36.04
CA TYR G 61 -32.96 18.45 -34.60
C TYR G 61 -33.07 19.95 -34.31
N PRO G 62 -34.31 20.49 -34.26
CA PRO G 62 -34.67 21.90 -34.27
C PRO G 62 -33.84 22.82 -33.40
N TYR G 63 -33.72 24.06 -33.85
CA TYR G 63 -32.96 25.03 -33.08
C TYR G 63 -33.71 25.28 -31.78
N VAL G 64 -32.98 25.19 -30.70
CA VAL G 64 -33.46 25.37 -29.34
C VAL G 64 -32.60 26.34 -28.57
N ASP G 65 -33.19 27.24 -27.78
CA ASP G 65 -32.37 28.16 -27.00
C ASP G 65 -32.15 27.69 -25.54
N PRO G 66 -30.93 27.22 -25.18
CA PRO G 66 -30.49 26.69 -23.91
C PRO G 66 -30.85 27.51 -22.70
N GLU G 67 -31.01 28.81 -22.86
CA GLU G 67 -31.28 29.61 -21.69
C GLU G 67 -32.62 29.27 -21.07
N GLU G 68 -33.58 28.87 -21.90
CA GLU G 68 -34.90 28.58 -21.39
C GLU G 68 -35.31 27.13 -21.60
N ASP G 69 -34.76 26.48 -22.63
CA ASP G 69 -35.14 25.10 -22.85
C ASP G 69 -34.91 24.43 -21.51
N PRO G 70 -35.92 23.78 -20.90
CA PRO G 70 -35.85 23.28 -19.53
C PRO G 70 -34.67 22.35 -19.25
N PRO G 71 -33.64 22.85 -18.55
CA PRO G 71 -32.43 22.15 -18.20
C PRO G 71 -32.70 21.35 -16.97
N ASP G 72 -33.59 20.37 -17.06
CA ASP G 72 -34.01 19.61 -15.89
C ASP G 72 -32.79 19.24 -15.10
N PRO G 73 -32.54 19.81 -13.89
CA PRO G 73 -31.35 19.62 -13.07
C PRO G 73 -30.87 18.17 -12.95
N GLY G 74 -31.78 17.20 -13.03
CA GLY G 74 -31.34 15.82 -12.91
C GLY G 74 -30.40 15.50 -14.05
N ALA G 75 -30.71 16.08 -15.20
CA ALA G 75 -30.00 15.87 -16.43
C ALA G 75 -28.53 16.32 -16.26
N PRO G 76 -28.23 17.51 -15.67
CA PRO G 76 -26.87 17.88 -15.32
C PRO G 76 -26.19 16.94 -14.34
N LEU G 77 -26.95 16.23 -13.53
CA LEU G 77 -26.27 15.32 -12.62
C LEU G 77 -25.95 14.03 -13.37
N LEU G 78 -26.80 13.73 -14.35
CA LEU G 78 -26.71 12.55 -15.18
C LEU G 78 -25.53 12.67 -16.18
N LEU G 79 -25.40 13.84 -16.82
CA LEU G 79 -24.32 14.10 -17.80
C LEU G 79 -23.37 15.14 -17.18
N PRO G 80 -22.14 14.78 -16.77
CA PRO G 80 -21.18 15.64 -16.06
C PRO G 80 -20.80 16.95 -16.74
N GLU G 81 -20.44 17.92 -15.91
CA GLU G 81 -20.03 19.26 -16.35
C GLU G 81 -18.87 19.26 -17.32
N ASP G 82 -17.88 18.44 -17.07
CA ASP G 82 -16.73 18.47 -17.95
C ASP G 82 -17.09 17.76 -19.21
N LEU G 83 -17.93 16.75 -19.09
CA LEU G 83 -18.38 16.00 -20.25
C LEU G 83 -19.14 16.97 -21.15
N CYS G 84 -19.85 17.91 -20.54
CA CYS G 84 -20.58 18.90 -21.30
C CYS G 84 -19.68 19.84 -22.03
N ARG G 85 -18.76 20.43 -21.28
CA ARG G 85 -17.86 21.42 -21.82
C ARG G 85 -17.00 20.83 -22.91
N ARG G 86 -16.64 19.57 -22.72
CA ARG G 86 -15.85 18.79 -23.62
C ARG G 86 -16.42 18.73 -25.03
N TYR G 87 -17.75 18.74 -25.16
CA TYR G 87 -18.37 18.58 -26.46
C TYR G 87 -19.20 19.75 -26.92
N GLY G 88 -19.49 20.69 -26.01
CA GLY G 88 -20.39 21.79 -26.33
C GLY G 88 -21.82 21.30 -26.21
N VAL G 89 -22.09 20.46 -25.21
CA VAL G 89 -23.43 19.91 -25.08
C VAL G 89 -24.00 20.14 -23.69
N PHE G 90 -25.32 20.08 -23.57
CA PHE G 90 -25.94 20.18 -22.25
C PHE G 90 -27.19 19.28 -22.20
N PRO G 91 -27.35 18.44 -21.17
CA PRO G 91 -28.48 17.53 -20.98
C PRO G 91 -29.75 18.28 -20.50
N HIS G 92 -30.94 17.96 -21.05
CA HIS G 92 -32.20 18.60 -20.65
C HIS G 92 -33.30 17.63 -20.19
N ARG G 93 -34.42 17.54 -20.90
CA ARG G 93 -35.49 16.65 -20.44
C ARG G 93 -35.10 15.18 -20.42
N LEU G 94 -35.46 14.52 -19.32
CA LEU G 94 -35.26 13.10 -19.19
C LEU G 94 -36.61 12.41 -19.37
N GLU G 95 -36.64 11.27 -20.08
CA GLU G 95 -37.90 10.55 -20.23
C GLU G 95 -37.67 9.03 -20.36
N GLY G 96 -37.90 8.31 -19.29
CA GLY G 96 -37.65 6.87 -19.29
C GLY G 96 -36.15 6.63 -19.18
N ASN G 97 -35.48 6.76 -20.32
CA ASN G 97 -34.03 6.63 -20.50
C ASN G 97 -33.56 7.75 -21.39
N ARG G 98 -34.53 8.32 -22.08
CA ARG G 98 -34.31 9.30 -23.13
C ARG G 98 -33.71 10.58 -22.59
N LEU G 99 -32.75 11.14 -23.34
CA LEU G 99 -32.15 12.41 -22.95
C LEU G 99 -32.12 13.45 -24.05
N VAL G 100 -32.73 14.59 -23.79
CA VAL G 100 -32.60 15.66 -24.75
C VAL G 100 -31.22 16.23 -24.59
N LEU G 101 -30.43 16.18 -25.63
CA LEU G 101 -29.08 16.70 -25.46
C LEU G 101 -29.00 17.89 -26.40
N LEU G 102 -28.80 19.07 -25.84
CA LEU G 102 -28.77 20.28 -26.63
C LEU G 102 -27.32 20.50 -26.98
N MET G 103 -27.04 20.46 -28.27
CA MET G 103 -25.66 20.43 -28.70
C MET G 103 -25.31 21.57 -29.63
N LYS G 104 -24.08 22.05 -29.58
CA LYS G 104 -23.64 23.05 -30.56
C LYS G 104 -23.86 22.58 -31.99
N ASP G 105 -23.79 21.27 -32.12
CA ASP G 105 -23.92 20.51 -33.32
C ASP G 105 -24.28 19.10 -32.92
N PRO G 106 -25.53 18.64 -33.08
CA PRO G 106 -25.85 17.32 -32.64
C PRO G 106 -25.22 16.23 -33.48
N ARG G 107 -24.47 16.59 -34.53
CA ARG G 107 -23.74 15.63 -35.34
C ARG G 107 -22.58 15.05 -34.54
N ASN G 108 -22.25 15.67 -33.40
CA ASN G 108 -21.11 15.24 -32.60
C ASN G 108 -21.37 13.87 -31.98
N ILE G 109 -21.17 12.83 -32.79
CA ILE G 109 -21.36 11.44 -32.40
C ILE G 109 -20.46 11.05 -31.25
N LEU G 110 -19.22 11.54 -31.26
CA LEU G 110 -18.36 11.24 -30.14
C LEU G 110 -19.08 11.64 -28.87
N ALA G 111 -19.60 12.87 -28.85
CA ALA G 111 -20.31 13.30 -27.68
C ALA G 111 -21.47 12.43 -27.38
N LEU G 112 -22.20 12.04 -28.41
CA LEU G 112 -23.38 11.25 -28.16
C LEU G 112 -23.04 9.93 -27.52
N ASP G 113 -21.94 9.31 -27.95
CA ASP G 113 -21.53 8.03 -27.42
C ASP G 113 -20.92 8.17 -26.04
N ASP G 114 -20.06 9.16 -25.85
CA ASP G 114 -19.44 9.35 -24.55
C ASP G 114 -20.50 9.70 -23.56
N VAL G 115 -21.47 10.51 -24.00
CA VAL G 115 -22.60 10.86 -23.20
C VAL G 115 -23.45 9.64 -22.95
N ARG G 116 -23.74 8.85 -23.98
CA ARG G 116 -24.52 7.65 -23.76
C ARG G 116 -23.99 6.87 -22.59
N LEU G 117 -22.69 6.61 -22.64
CA LEU G 117 -22.05 5.83 -21.62
C LEU G 117 -22.02 6.55 -20.27
N ALA G 118 -21.74 7.85 -20.28
CA ALA G 118 -21.69 8.60 -19.03
C ALA G 118 -23.02 8.65 -18.33
N LEU G 119 -24.09 8.79 -19.10
CA LEU G 119 -25.40 8.90 -18.54
C LEU G 119 -25.75 7.56 -17.91
N LYS G 120 -25.37 6.47 -18.60
CA LYS G 120 -25.65 5.11 -18.13
C LYS G 120 -24.94 4.81 -16.83
N ARG G 121 -23.72 5.32 -16.69
CA ARG G 121 -22.97 5.14 -15.44
C ARG G 121 -23.56 5.97 -14.30
N LYS G 122 -24.42 6.93 -14.64
CA LYS G 122 -25.06 7.81 -13.68
C LYS G 122 -26.54 7.50 -13.50
N GLY G 123 -27.18 6.81 -14.46
CA GLY G 123 -28.60 6.51 -14.30
C GLY G 123 -29.44 6.09 -15.53
N LEU G 124 -29.19 6.64 -16.73
CA LEU G 124 -30.08 6.30 -17.87
C LEU G 124 -29.41 5.58 -19.02
N ASN G 125 -30.17 4.75 -19.76
CA ASN G 125 -29.58 4.04 -20.89
C ASN G 125 -29.50 4.86 -22.18
N TYR G 126 -29.93 6.12 -22.09
CA TYR G 126 -29.92 7.13 -23.14
C TYR G 126 -30.99 6.85 -24.19
N GLU G 127 -30.69 7.18 -25.43
CA GLU G 127 -31.62 7.44 -26.52
C GLU G 127 -31.69 8.95 -26.57
N VAL G 128 -30.76 9.52 -27.28
CA VAL G 128 -30.71 10.96 -27.35
C VAL G 128 -31.95 11.46 -28.05
N ALA G 129 -32.43 12.61 -27.60
CA ALA G 129 -33.54 13.31 -28.20
C ALA G 129 -33.04 14.72 -28.51
N PRO G 130 -32.05 14.84 -29.39
CA PRO G 130 -31.20 15.98 -29.61
C PRO G 130 -31.92 17.21 -30.05
N ALA G 131 -31.23 18.30 -29.86
CA ALA G 131 -31.62 19.61 -30.31
C ALA G 131 -30.34 20.38 -30.51
N VAL G 132 -30.39 21.49 -31.20
CA VAL G 132 -29.15 22.21 -31.44
C VAL G 132 -29.23 23.64 -30.97
N ALA G 133 -28.12 24.15 -30.49
CA ALA G 133 -28.12 25.53 -30.05
C ALA G 133 -26.82 26.25 -30.21
N THR G 134 -26.90 27.58 -30.18
CA THR G 134 -25.69 28.36 -30.18
C THR G 134 -24.81 27.83 -29.05
N GLU G 135 -23.56 27.48 -29.37
CA GLU G 135 -22.70 26.94 -28.32
C GLU G 135 -22.54 27.89 -27.16
N ALA G 136 -22.48 29.19 -27.43
CA ALA G 136 -22.31 30.14 -26.34
C ALA G 136 -23.44 30.06 -25.34
N ALA G 137 -24.67 29.90 -25.86
CA ALA G 137 -25.83 29.78 -25.00
C ALA G 137 -25.75 28.46 -24.23
N ILE G 138 -25.27 27.41 -24.90
CA ILE G 138 -25.13 26.12 -24.25
C ILE G 138 -24.10 26.23 -23.15
N THR G 139 -22.99 26.90 -23.46
CA THR G 139 -21.90 27.12 -22.53
C THR G 139 -22.41 27.85 -21.33
N LYS G 140 -23.22 28.87 -21.56
CA LYS G 140 -23.74 29.64 -20.46
C LYS G 140 -24.68 28.72 -19.70
N LEU G 141 -25.43 27.87 -20.39
CA LEU G 141 -26.31 26.94 -19.73
C LEU G 141 -25.52 25.96 -18.87
N ILE G 142 -24.35 25.54 -19.36
CA ILE G 142 -23.49 24.64 -18.62
C ILE G 142 -23.02 25.38 -17.37
N GLU G 143 -22.63 26.64 -17.52
CA GLU G 143 -22.20 27.43 -16.36
C GLU G 143 -23.35 27.60 -15.35
N ARG G 144 -24.57 27.79 -15.87
CA ARG G 144 -25.78 27.98 -15.08
C ARG G 144 -26.26 26.77 -14.24
N PHE G 145 -26.16 25.54 -14.79
CA PHE G 145 -26.71 24.36 -14.07
C PHE G 145 -25.80 23.25 -13.55
N TYR G 146 -24.51 23.52 -13.43
CA TYR G 146 -23.58 22.54 -12.86
C TYR G 146 -22.92 23.06 -11.60
N GLN H 1 -41.92 47.90 -22.01
CA GLN H 1 -41.35 49.21 -22.26
C GLN H 1 -39.91 49.01 -22.64
N LYS H 2 -39.12 48.53 -21.67
CA LYS H 2 -37.70 48.26 -21.84
C LYS H 2 -37.34 46.85 -21.37
N ASP H 3 -36.32 46.28 -22.01
CA ASP H 3 -35.79 44.96 -21.67
C ASP H 3 -34.35 44.83 -22.13
N LEU H 4 -33.76 43.63 -22.04
CA LEU H 4 -32.37 43.45 -22.44
C LEU H 4 -32.15 43.34 -23.97
N LYS H 5 -32.41 44.47 -24.64
CA LYS H 5 -32.26 44.70 -26.07
C LYS H 5 -33.09 43.84 -27.04
N LEU H 6 -34.41 43.78 -26.85
CA LEU H 6 -35.20 43.04 -27.82
C LEU H 6 -34.94 43.62 -29.19
N GLY H 7 -34.58 42.75 -30.10
CA GLY H 7 -34.23 43.15 -31.44
C GLY H 7 -32.78 42.84 -31.71
N GLU H 8 -31.90 43.15 -30.76
CA GLU H 8 -30.51 42.81 -30.97
C GLU H 8 -30.39 41.35 -30.65
N LEU H 9 -31.10 40.92 -29.62
CA LEU H 9 -31.07 39.52 -29.23
C LEU H 9 -31.82 38.69 -30.23
N LEU H 10 -32.87 39.27 -30.79
CA LEU H 10 -33.60 38.57 -31.80
C LEU H 10 -32.77 38.37 -33.05
N LEU H 11 -31.96 39.35 -33.39
CA LEU H 11 -31.17 39.18 -34.58
C LEU H 11 -30.07 38.13 -34.28
N GLN H 12 -29.44 38.26 -33.11
CA GLN H 12 -28.34 37.39 -32.67
C GLN H 12 -28.73 35.93 -32.54
N LYS H 13 -29.96 35.68 -32.10
CA LYS H 13 -30.45 34.34 -31.90
C LYS H 13 -31.16 33.77 -33.12
N GLY H 14 -31.13 34.51 -34.24
CA GLY H 14 -31.75 34.02 -35.48
C GLY H 14 -33.25 34.08 -35.47
N TRP H 15 -33.80 34.93 -34.62
CA TRP H 15 -35.23 35.03 -34.47
C TRP H 15 -35.91 35.97 -35.46
N ILE H 16 -35.31 37.11 -35.76
CA ILE H 16 -35.94 38.10 -36.66
C ILE H 16 -35.22 38.40 -37.93
N SER H 17 -36.00 38.80 -38.92
CA SER H 17 -35.40 39.51 -40.01
C SER H 17 -35.08 40.84 -39.42
N ARG H 18 -33.97 41.42 -39.79
CA ARG H 18 -33.67 42.75 -39.29
C ARG H 18 -34.86 43.69 -39.57
N GLU H 19 -35.58 43.43 -40.67
CA GLU H 19 -36.70 44.26 -41.07
C GLU H 19 -37.78 44.28 -39.99
N ALA H 20 -37.98 43.15 -39.31
CA ALA H 20 -39.02 43.08 -38.30
C ALA H 20 -38.71 44.05 -37.21
N LEU H 21 -37.45 44.08 -36.84
CA LEU H 21 -37.06 44.96 -35.77
C LEU H 21 -37.15 46.40 -36.08
N GLU H 22 -36.60 46.81 -37.20
CA GLU H 22 -36.59 48.24 -37.39
C GLU H 22 -37.99 48.77 -37.56
N GLU H 23 -38.87 48.05 -38.24
CA GLU H 23 -40.21 48.57 -38.36
C GLU H 23 -40.86 48.61 -36.99
N ALA H 24 -40.77 47.49 -36.27
CA ALA H 24 -41.44 47.36 -35.00
C ALA H 24 -40.92 48.31 -33.94
N LEU H 25 -39.62 48.55 -33.96
CA LEU H 25 -38.99 49.44 -33.01
C LEU H 25 -39.41 50.83 -33.27
N VAL H 26 -39.38 51.23 -34.54
CA VAL H 26 -39.80 52.58 -34.83
C VAL H 26 -41.25 52.73 -34.45
N GLU H 27 -42.08 51.74 -34.78
CA GLU H 27 -43.48 51.86 -34.40
C GLU H 27 -43.56 52.04 -32.88
N GLN H 28 -42.82 51.28 -32.06
CA GLN H 28 -42.86 51.58 -30.62
C GLN H 28 -42.44 53.00 -30.30
N GLU H 29 -41.32 53.41 -30.87
CA GLU H 29 -40.77 54.73 -30.61
C GLU H 29 -41.74 55.85 -31.01
N LYS H 30 -42.53 55.62 -32.05
CA LYS H 30 -43.47 56.61 -32.55
C LYS H 30 -44.91 56.48 -32.02
N THR H 31 -45.35 55.29 -31.62
CA THR H 31 -46.75 55.12 -31.23
C THR H 31 -46.97 54.80 -29.76
N GLY H 32 -45.96 54.28 -29.08
CA GLY H 32 -46.15 53.86 -27.70
C GLY H 32 -46.57 52.39 -27.58
N ASP H 33 -46.91 51.72 -28.70
CA ASP H 33 -47.26 50.31 -28.55
C ASP H 33 -45.93 49.65 -28.34
N LEU H 34 -45.89 48.40 -27.97
CA LEU H 34 -44.57 47.86 -27.69
C LEU H 34 -44.01 46.93 -28.72
N LEU H 35 -42.71 47.03 -28.84
CA LEU H 35 -41.90 46.26 -29.78
C LEU H 35 -42.26 44.79 -29.85
N GLY H 36 -42.52 44.14 -28.74
CA GLY H 36 -42.78 42.70 -28.74
C GLY H 36 -43.94 42.29 -29.66
N ARG H 37 -45.17 42.56 -29.24
CA ARG H 37 -46.32 42.26 -30.09
C ARG H 37 -46.21 42.98 -31.45
N ILE H 38 -45.56 44.15 -31.52
CA ILE H 38 -45.40 44.82 -32.81
C ILE H 38 -44.52 43.98 -33.77
N LEU H 39 -43.40 43.41 -33.28
CA LEU H 39 -42.45 42.60 -34.08
C LEU H 39 -43.02 41.36 -34.72
N VAL H 40 -43.85 40.62 -34.00
CA VAL H 40 -44.33 39.41 -34.65
C VAL H 40 -45.12 39.81 -35.85
N ARG H 41 -45.01 38.97 -36.89
CA ARG H 41 -45.68 39.16 -38.19
C ARG H 41 -44.95 40.15 -39.10
N LYS H 42 -43.93 40.85 -38.58
CA LYS H 42 -43.16 41.83 -39.36
C LYS H 42 -41.90 41.19 -39.97
N GLY H 43 -41.74 39.89 -39.78
CA GLY H 43 -40.55 39.18 -40.21
C GLY H 43 -40.06 38.40 -39.01
N LEU H 44 -41.00 38.17 -38.09
CA LEU H 44 -40.72 37.43 -36.87
C LEU H 44 -41.84 36.44 -36.48
N PRO H 45 -41.54 35.14 -36.39
CA PRO H 45 -42.45 34.12 -35.90
C PRO H 45 -42.78 34.41 -34.45
N GLU H 46 -43.98 34.04 -34.01
CA GLU H 46 -44.29 34.27 -32.61
C GLU H 46 -43.36 33.46 -31.71
N GLU H 47 -42.99 32.24 -32.11
CA GLU H 47 -42.08 31.45 -31.27
C GLU H 47 -40.78 32.18 -31.05
N ALA H 48 -40.24 32.68 -32.15
CA ALA H 48 -38.98 33.37 -32.16
C ALA H 48 -39.04 34.59 -31.24
N LEU H 49 -40.15 35.33 -31.31
CA LEU H 49 -40.28 36.48 -30.46
C LEU H 49 -40.41 36.18 -29.00
N TYR H 50 -41.28 35.25 -28.66
CA TYR H 50 -41.56 35.03 -27.26
C TYR H 50 -40.35 34.45 -26.56
N ARG H 51 -39.52 33.69 -27.27
CA ARG H 51 -38.30 33.23 -26.60
C ARG H 51 -37.46 34.44 -26.21
N ALA H 52 -37.39 35.44 -27.09
CA ALA H 52 -36.64 36.66 -26.80
C ALA H 52 -37.25 37.49 -25.70
N LEU H 53 -38.56 37.65 -25.73
CA LEU H 53 -39.22 38.46 -24.73
C LEU H 53 -39.03 37.90 -23.34
N ALA H 54 -39.11 36.60 -23.23
CA ALA H 54 -38.93 36.00 -21.92
C ALA H 54 -37.49 36.17 -21.44
N GLU H 55 -36.53 35.86 -22.32
CA GLU H 55 -35.13 35.90 -21.99
C GLU H 55 -34.71 37.24 -21.44
N GLN H 56 -35.21 38.27 -22.09
CA GLN H 56 -34.82 39.63 -21.84
C GLN H 56 -35.51 40.29 -20.66
N LYS H 57 -36.43 39.58 -20.04
CA LYS H 57 -37.14 40.07 -18.87
C LYS H 57 -36.75 39.24 -17.65
N GLY H 58 -36.15 38.07 -17.89
CA GLY H 58 -35.79 37.16 -16.81
C GLY H 58 -36.97 36.24 -16.51
N LEU H 59 -37.83 36.12 -17.50
CA LEU H 59 -39.03 35.32 -17.48
C LEU H 59 -38.79 34.11 -18.33
N GLU H 60 -39.73 33.16 -18.38
CA GLU H 60 -39.45 31.98 -19.22
C GLU H 60 -40.50 31.66 -20.27
N PHE H 61 -40.04 31.30 -21.46
CA PHE H 61 -40.88 30.86 -22.55
C PHE H 61 -41.31 29.42 -22.35
N LEU H 62 -42.59 29.17 -22.54
CA LEU H 62 -43.13 27.83 -22.37
C LEU H 62 -43.39 27.07 -23.66
N GLU H 63 -43.45 25.75 -23.50
CA GLU H 63 -43.74 24.72 -24.50
C GLU H 63 -45.06 24.96 -25.23
N SER H 64 -45.27 24.25 -26.32
CA SER H 64 -46.51 24.40 -27.05
C SER H 64 -47.69 24.32 -26.12
N THR H 65 -48.69 25.12 -26.43
CA THR H 65 -49.88 25.16 -25.63
C THR H 65 -50.63 23.83 -25.64
N GLU H 66 -50.27 22.91 -26.54
CA GLU H 66 -50.88 21.59 -26.51
C GLU H 66 -50.67 20.94 -25.13
N GLY H 67 -49.47 21.17 -24.54
CA GLY H 67 -49.08 20.62 -23.25
C GLY H 67 -49.38 21.60 -22.11
N ILE H 68 -49.49 22.88 -22.41
CA ILE H 68 -49.72 23.82 -21.33
C ILE H 68 -51.16 23.83 -20.85
N VAL H 69 -51.40 23.13 -19.77
CA VAL H 69 -52.73 23.06 -19.18
C VAL H 69 -53.02 24.36 -18.42
N PRO H 70 -54.12 25.09 -18.71
CA PRO H 70 -54.51 26.35 -18.09
C PRO H 70 -54.92 26.06 -16.66
N ASP H 71 -54.79 27.00 -15.71
CA ASP H 71 -55.28 26.62 -14.38
C ASP H 71 -56.75 26.20 -14.47
N PRO H 72 -57.12 24.99 -14.02
CA PRO H 72 -58.47 24.44 -14.06
C PRO H 72 -59.56 25.33 -13.50
N SER H 73 -59.22 26.18 -12.50
CA SER H 73 -60.21 27.02 -11.85
C SER H 73 -60.21 28.39 -12.46
N ALA H 74 -59.02 28.98 -12.61
CA ALA H 74 -58.98 30.34 -13.15
C ALA H 74 -59.63 30.37 -14.52
N ALA H 75 -59.43 29.29 -15.27
CA ALA H 75 -59.98 29.15 -16.61
C ALA H 75 -61.50 29.25 -16.63
N LEU H 76 -62.19 28.91 -15.54
CA LEU H 76 -63.64 28.99 -15.54
C LEU H 76 -64.14 30.42 -15.69
N LEU H 77 -63.29 31.38 -15.32
CA LEU H 77 -63.61 32.79 -15.41
C LEU H 77 -62.78 33.45 -16.51
N LEU H 78 -62.13 32.63 -17.32
CA LEU H 78 -61.27 33.03 -18.42
C LEU H 78 -61.43 31.93 -19.45
N LEU H 79 -62.60 31.94 -20.06
CA LEU H 79 -63.08 30.88 -20.92
C LEU H 79 -62.56 31.08 -22.30
N ARG H 80 -62.79 30.14 -23.20
CA ARG H 80 -62.34 30.32 -24.57
C ARG H 80 -62.60 31.72 -25.11
N SER H 81 -63.82 32.21 -24.98
CA SER H 81 -64.15 33.52 -25.54
C SER H 81 -63.36 34.69 -24.94
N ASP H 82 -62.69 34.48 -23.80
CA ASP H 82 -61.90 35.52 -23.15
C ASP H 82 -60.39 35.30 -23.42
N ALA H 83 -59.98 34.06 -23.15
CA ALA H 83 -58.61 33.57 -23.17
C ALA H 83 -57.97 33.63 -24.55
N LEU H 84 -58.78 33.37 -25.62
CA LEU H 84 -58.31 33.35 -27.01
C LEU H 84 -57.74 34.70 -27.44
N ARG H 85 -58.37 35.77 -26.99
CA ARG H 85 -57.97 37.10 -27.41
C ARG H 85 -56.74 37.58 -26.65
N TYR H 86 -56.69 37.30 -25.35
CA TYR H 86 -55.55 37.73 -24.55
C TYR H 86 -54.30 36.95 -24.97
N GLY H 87 -54.47 35.63 -25.11
CA GLY H 87 -53.34 34.77 -25.37
C GLY H 87 -52.66 34.50 -24.04
N ALA H 88 -53.45 34.29 -23.00
CA ALA H 88 -52.80 34.09 -21.70
C ALA H 88 -53.67 33.41 -20.65
N VAL H 89 -53.00 32.80 -19.67
CA VAL H 89 -53.69 32.19 -18.52
C VAL H 89 -52.68 31.96 -17.36
N PRO H 90 -53.03 32.18 -16.07
CA PRO H 90 -52.19 31.83 -14.95
C PRO H 90 -52.26 30.34 -14.79
N ILE H 91 -51.16 29.71 -14.35
CA ILE H 91 -51.23 28.29 -14.14
C ILE H 91 -50.73 27.78 -12.77
N GLY H 92 -51.63 27.13 -12.04
CA GLY H 92 -51.33 26.49 -10.77
C GLY H 92 -50.69 27.39 -9.75
N PHE H 93 -49.75 26.82 -9.06
CA PHE H 93 -49.01 27.54 -8.07
C PHE H 93 -47.79 26.70 -7.83
N GLN H 94 -46.62 27.15 -8.27
CA GLN H 94 -45.45 26.29 -8.12
C GLN H 94 -44.93 26.46 -6.72
N ASN H 95 -45.64 25.81 -5.79
CA ASN H 95 -45.41 25.83 -4.35
C ASN H 95 -45.63 27.22 -3.74
N GLY H 96 -44.83 28.19 -4.19
CA GLY H 96 -44.93 29.56 -3.76
C GLY H 96 -45.24 30.55 -4.89
N GLU H 97 -45.07 30.15 -6.16
CA GLU H 97 -45.24 31.12 -7.26
C GLU H 97 -46.04 30.57 -8.48
N VAL H 98 -47.13 31.25 -8.85
CA VAL H 98 -47.94 30.86 -10.02
C VAL H 98 -47.21 31.16 -11.29
N GLU H 99 -47.42 30.35 -12.30
CA GLU H 99 -46.84 30.66 -13.57
C GLU H 99 -47.79 31.55 -14.33
N VAL H 100 -47.55 32.85 -14.36
CA VAL H 100 -48.52 33.65 -15.08
C VAL H 100 -48.10 33.69 -16.51
N VAL H 101 -48.83 33.02 -17.40
CA VAL H 101 -48.27 32.94 -18.71
C VAL H 101 -48.94 34.00 -19.57
N LEU H 102 -48.17 34.95 -20.04
CA LEU H 102 -48.62 36.13 -20.76
C LEU H 102 -48.46 36.00 -22.25
N SER H 103 -48.96 37.01 -22.99
CA SER H 103 -48.69 37.06 -24.43
C SER H 103 -47.56 38.08 -24.74
N ASP H 104 -47.19 38.94 -23.77
CA ASP H 104 -46.09 39.90 -23.95
C ASP H 104 -45.72 40.62 -22.64
N PRO H 105 -44.68 40.18 -21.90
CA PRO H 105 -44.28 40.69 -20.61
C PRO H 105 -43.70 42.11 -20.65
N ARG H 106 -43.49 42.68 -21.86
CA ARG H 106 -42.98 44.06 -21.94
C ARG H 106 -44.04 45.03 -21.48
N HIS H 107 -45.28 44.57 -21.47
CA HIS H 107 -46.39 45.36 -21.02
C HIS H 107 -46.58 45.13 -19.54
N LYS H 108 -46.29 46.15 -18.72
CA LYS H 108 -46.43 45.95 -17.29
C LYS H 108 -47.91 45.71 -16.94
N GLU H 109 -48.79 46.27 -17.76
CA GLU H 109 -50.21 46.05 -17.60
C GLU H 109 -50.62 44.60 -17.96
N ALA H 110 -49.71 43.81 -18.58
CA ALA H 110 -49.96 42.40 -18.87
C ALA H 110 -49.54 41.58 -17.69
N VAL H 111 -48.38 41.90 -17.09
CA VAL H 111 -47.93 41.10 -15.94
C VAL H 111 -48.90 41.34 -14.77
N ALA H 112 -49.54 42.52 -14.75
CA ALA H 112 -50.56 42.84 -13.75
C ALA H 112 -51.79 41.92 -13.89
N GLN H 113 -52.12 41.55 -15.11
CA GLN H 113 -53.31 40.77 -15.34
C GLN H 113 -53.04 39.37 -14.93
N LEU H 114 -54.09 38.69 -14.50
CA LEU H 114 -54.02 37.29 -14.11
C LEU H 114 -53.22 37.13 -12.80
N LEU H 115 -52.74 38.24 -12.23
CA LEU H 115 -51.89 38.17 -11.06
C LEU H 115 -52.66 38.11 -9.76
N ASN H 116 -53.28 36.97 -9.54
CA ASN H 116 -54.12 36.75 -8.35
C ASN H 116 -53.40 35.90 -7.29
N ARG H 117 -52.17 35.51 -7.60
CA ARG H 117 -51.34 34.67 -6.75
C ARG H 117 -49.91 35.24 -6.84
N PRO H 118 -49.03 35.03 -5.85
CA PRO H 118 -47.61 35.39 -5.91
C PRO H 118 -47.11 34.78 -7.20
N ALA H 119 -46.23 35.47 -7.92
CA ALA H 119 -45.91 34.95 -9.25
C ALA H 119 -44.59 35.31 -9.87
N ARG H 120 -44.26 34.50 -10.86
CA ARG H 120 -43.20 34.78 -11.82
C ARG H 120 -43.93 34.78 -13.14
N PHE H 121 -43.39 35.49 -14.11
CA PHE H 121 -44.11 35.53 -15.36
C PHE H 121 -43.46 34.64 -16.38
N TYR H 122 -44.33 34.07 -17.17
CA TYR H 122 -44.00 33.14 -18.21
C TYR H 122 -44.62 33.62 -19.49
N LEU H 123 -44.23 33.03 -20.59
CA LEU H 123 -44.73 33.51 -21.86
C LEU H 123 -45.03 32.43 -22.92
N ALA H 124 -46.19 32.57 -23.60
CA ALA H 124 -46.52 31.62 -24.67
C ALA H 124 -47.33 32.32 -25.78
N LEU H 125 -47.24 31.75 -26.97
CA LEU H 125 -47.71 32.32 -28.25
C LEU H 125 -49.24 32.41 -28.41
N PRO H 126 -49.84 33.57 -28.81
CA PRO H 126 -51.27 33.71 -28.99
C PRO H 126 -51.82 32.85 -30.12
N GLN H 127 -51.04 32.51 -31.14
CA GLN H 127 -51.66 31.63 -32.13
C GLN H 127 -51.84 30.25 -31.51
N ALA H 128 -50.82 29.82 -30.76
CA ALA H 128 -50.86 28.52 -30.11
C ALA H 128 -51.94 28.52 -29.05
N TRP H 129 -52.08 29.65 -28.37
CA TRP H 129 -53.09 29.76 -27.35
C TRP H 129 -54.45 29.66 -27.94
N GLU H 130 -54.68 30.24 -29.12
CA GLU H 130 -56.01 30.13 -29.65
C GLU H 130 -56.39 28.67 -29.85
N GLU H 131 -55.45 27.82 -30.29
CA GLU H 131 -55.82 26.43 -30.48
C GLU H 131 -56.12 25.74 -29.13
N LEU H 132 -55.32 26.06 -28.10
CA LEU H 132 -55.55 25.47 -26.77
C LEU H 132 -56.83 25.91 -26.13
N PHE H 133 -57.05 27.20 -26.11
CA PHE H 133 -58.19 27.76 -25.45
C PHE H 133 -59.45 27.29 -26.15
N ARG H 134 -59.39 27.21 -27.50
CA ARG H 134 -60.53 26.76 -28.28
C ARG H 134 -60.96 25.37 -27.83
N ARG H 135 -59.95 24.51 -27.64
CA ARG H 135 -60.05 23.14 -27.15
C ARG H 135 -60.48 22.99 -25.68
N ALA H 136 -59.82 23.73 -24.80
CA ALA H 136 -59.93 23.58 -23.36
C ALA H 136 -61.23 24.04 -22.68
N TYR H 137 -61.72 25.26 -22.97
CA TYR H 137 -62.89 25.83 -22.27
C TYR H 137 -63.98 26.45 -23.14
N GLN I 1 -62.11 23.95 -6.97
CA GLN I 1 -62.36 23.72 -8.39
C GLN I 1 -61.15 23.23 -9.17
N LYS I 2 -60.25 22.43 -8.56
CA LYS I 2 -59.07 22.00 -9.31
C LYS I 2 -58.74 20.51 -9.27
N ASP I 3 -58.32 20.05 -10.45
CA ASP I 3 -57.89 18.68 -10.77
C ASP I 3 -57.29 18.73 -12.17
N LEU I 4 -56.81 17.60 -12.71
CA LEU I 4 -56.51 17.56 -14.15
C LEU I 4 -57.80 17.22 -14.90
N LYS I 5 -58.80 18.05 -14.67
CA LYS I 5 -60.15 17.97 -15.15
C LYS I 5 -60.83 16.64 -14.90
N LEU I 6 -61.74 16.70 -13.95
CA LEU I 6 -62.70 15.68 -13.71
C LEU I 6 -63.36 15.40 -15.03
N GLY I 7 -63.51 14.13 -15.37
CA GLY I 7 -64.10 13.76 -16.64
C GLY I 7 -63.06 13.70 -17.74
N GLU I 8 -62.30 14.75 -17.90
CA GLU I 8 -61.30 14.78 -18.96
C GLU I 8 -60.27 13.68 -18.84
N LEU I 9 -59.67 13.48 -17.66
CA LEU I 9 -58.66 12.41 -17.64
C LEU I 9 -59.31 11.03 -17.90
N LEU I 10 -60.56 10.86 -17.47
CA LEU I 10 -61.31 9.63 -17.66
C LEU I 10 -61.52 9.40 -19.13
N LEU I 11 -61.72 10.50 -19.85
CA LEU I 11 -61.89 10.44 -21.27
C LEU I 11 -60.57 10.03 -21.93
N GLN I 12 -59.47 10.69 -21.51
CA GLN I 12 -58.14 10.46 -22.07
C GLN I 12 -57.66 9.03 -21.84
N LYS I 13 -58.08 8.45 -20.73
CA LYS I 13 -57.72 7.10 -20.36
C LYS I 13 -58.60 6.02 -21.02
N GLY I 14 -59.63 6.43 -21.77
CA GLY I 14 -60.52 5.48 -22.42
C GLY I 14 -61.57 4.94 -21.46
N TRP I 15 -61.79 5.63 -20.36
CA TRP I 15 -62.73 5.20 -19.34
C TRP I 15 -64.13 5.71 -19.63
N ILE I 16 -64.22 6.88 -20.25
CA ILE I 16 -65.55 7.42 -20.57
C ILE I 16 -65.64 7.86 -22.01
N SER I 17 -66.87 8.12 -22.45
CA SER I 17 -67.09 8.76 -23.73
C SER I 17 -67.15 10.26 -23.50
N ARG I 18 -66.91 11.07 -24.52
CA ARG I 18 -67.04 12.51 -24.32
C ARG I 18 -68.46 12.85 -23.91
N GLU I 19 -69.43 12.16 -24.51
CA GLU I 19 -70.81 12.45 -24.22
C GLU I 19 -71.11 12.20 -22.74
N ALA I 20 -70.55 11.13 -22.17
CA ALA I 20 -70.74 10.88 -20.75
C ALA I 20 -70.12 12.01 -19.94
N LEU I 21 -68.95 12.49 -20.40
CA LEU I 21 -68.25 13.57 -19.72
C LEU I 21 -69.17 14.75 -19.64
N GLU I 22 -69.73 15.12 -20.79
CA GLU I 22 -70.53 16.30 -20.87
C GLU I 22 -71.85 16.19 -20.12
N GLU I 23 -72.51 15.04 -20.15
CA GLU I 23 -73.78 14.98 -19.41
C GLU I 23 -73.49 15.18 -17.94
N ALA I 24 -72.50 14.44 -17.47
CA ALA I 24 -72.06 14.46 -16.09
C ALA I 24 -71.53 15.85 -15.70
N LEU I 25 -70.83 16.52 -16.62
CA LEU I 25 -70.30 17.84 -16.41
C LEU I 25 -71.39 18.86 -16.34
N VAL I 26 -72.38 18.77 -17.24
CA VAL I 26 -73.45 19.72 -17.19
C VAL I 26 -74.13 19.63 -15.88
N GLU I 27 -74.45 18.43 -15.42
CA GLU I 27 -75.09 18.41 -14.12
C GLU I 27 -74.13 18.96 -13.07
N GLN I 28 -72.85 18.66 -13.15
CA GLN I 28 -71.96 19.26 -12.19
C GLN I 28 -72.02 20.75 -12.15
N GLU I 29 -71.92 21.37 -13.31
CA GLU I 29 -71.90 22.81 -13.37
C GLU I 29 -73.26 23.47 -13.15
N LYS I 30 -74.32 22.80 -13.60
CA LYS I 30 -75.71 23.24 -13.57
C LYS I 30 -76.42 23.02 -12.25
N THR I 31 -76.27 21.81 -11.70
CA THR I 31 -77.00 21.43 -10.50
C THR I 31 -76.09 21.45 -9.28
N GLY I 32 -74.78 21.36 -9.54
CA GLY I 32 -73.81 21.31 -8.46
C GLY I 32 -73.43 19.88 -8.09
N ASP I 33 -73.98 18.91 -8.85
CA ASP I 33 -73.71 17.49 -8.66
C ASP I 33 -72.30 17.27 -9.19
N LEU I 34 -71.92 16.05 -9.55
CA LEU I 34 -70.54 15.82 -9.95
C LEU I 34 -70.24 14.98 -11.16
N LEU I 35 -69.26 15.43 -11.91
CA LEU I 35 -68.83 14.74 -13.09
C LEU I 35 -68.29 13.32 -12.87
N GLY I 36 -67.34 13.09 -11.98
CA GLY I 36 -66.82 11.73 -11.82
C GLY I 36 -67.93 10.84 -11.31
N ARG I 37 -68.55 11.32 -10.25
CA ARG I 37 -69.65 10.65 -9.57
C ARG I 37 -70.78 10.26 -10.53
N ILE I 38 -71.16 11.19 -11.41
CA ILE I 38 -72.18 10.95 -12.40
C ILE I 38 -71.70 10.08 -13.54
N LEU I 39 -70.45 10.26 -13.96
CA LEU I 39 -69.96 9.44 -15.04
C LEU I 39 -70.10 7.97 -14.75
N VAL I 40 -69.75 7.51 -13.55
CA VAL I 40 -70.05 6.11 -13.33
C VAL I 40 -71.54 6.05 -13.38
N ARG I 41 -72.07 4.98 -13.97
CA ARG I 41 -73.53 4.84 -14.21
C ARG I 41 -73.97 5.42 -15.58
N LYS I 42 -73.27 6.44 -16.10
CA LYS I 42 -73.56 7.04 -17.42
C LYS I 42 -72.70 6.42 -18.53
N GLY I 43 -71.98 5.37 -18.19
CA GLY I 43 -71.11 4.69 -19.14
C GLY I 43 -69.71 4.41 -18.59
N LEU I 44 -69.35 5.02 -17.46
CA LEU I 44 -68.04 4.78 -16.89
C LEU I 44 -68.04 3.62 -15.89
N PRO I 45 -67.08 2.66 -16.02
CA PRO I 45 -66.84 1.62 -15.03
C PRO I 45 -66.20 2.24 -13.80
N GLU I 46 -66.45 1.66 -12.64
CA GLU I 46 -65.96 2.25 -11.42
C GLU I 46 -64.45 2.23 -11.13
N GLU I 47 -63.73 1.10 -11.22
CA GLU I 47 -62.32 1.25 -10.85
C GLU I 47 -61.66 2.22 -11.82
N ALA I 48 -62.05 2.15 -13.09
CA ALA I 48 -61.60 3.08 -14.11
C ALA I 48 -61.89 4.53 -13.69
N LEU I 49 -63.06 4.79 -13.09
CA LEU I 49 -63.32 6.13 -12.60
C LEU I 49 -62.27 6.56 -11.65
N TYR I 50 -62.03 5.69 -10.71
CA TYR I 50 -61.17 6.04 -9.64
C TYR I 50 -59.74 6.08 -10.06
N ARG I 51 -59.38 5.29 -11.03
CA ARG I 51 -58.01 5.34 -11.41
C ARG I 51 -57.71 6.72 -12.01
N ALA I 52 -58.59 7.25 -12.86
CA ALA I 52 -58.28 8.58 -13.36
C ALA I 52 -58.40 9.58 -12.27
N LEU I 53 -59.39 9.46 -11.39
CA LEU I 53 -59.53 10.50 -10.39
C LEU I 53 -58.27 10.55 -9.57
N ALA I 54 -57.66 9.38 -9.32
CA ALA I 54 -56.45 9.34 -8.55
C ALA I 54 -55.37 10.14 -9.24
N GLU I 55 -55.28 10.03 -10.56
CA GLU I 55 -54.28 10.77 -11.30
C GLU I 55 -54.66 12.25 -11.50
N GLN I 56 -55.96 12.53 -11.57
CA GLN I 56 -56.45 13.89 -11.77
C GLN I 56 -56.21 14.77 -10.57
N LYS I 57 -56.40 14.19 -9.41
CA LYS I 57 -56.35 14.95 -8.18
C LYS I 57 -55.10 14.65 -7.34
N GLY I 58 -54.58 13.42 -7.41
CA GLY I 58 -53.47 13.02 -6.54
C GLY I 58 -54.04 12.28 -5.34
N LEU I 59 -54.80 11.24 -5.63
CA LEU I 59 -55.53 10.52 -4.59
C LEU I 59 -54.99 9.14 -4.31
N GLU I 60 -55.13 8.76 -3.06
CA GLU I 60 -54.76 7.42 -2.66
C GLU I 60 -55.96 6.46 -2.59
N PHE I 61 -55.99 5.53 -3.54
CA PHE I 61 -57.07 4.57 -3.72
C PHE I 61 -57.20 3.60 -2.51
N LEU I 62 -58.44 3.42 -2.04
CA LEU I 62 -58.80 2.63 -0.86
C LEU I 62 -59.66 1.37 -1.07
N GLU I 63 -59.83 0.66 0.04
CA GLU I 63 -60.60 -0.59 0.21
C GLU I 63 -61.99 -0.35 0.82
N SER I 64 -62.72 -1.46 1.10
CA SER I 64 -64.07 -1.42 1.68
C SER I 64 -64.02 -0.88 3.09
N THR I 65 -65.18 -0.69 3.68
CA THR I 65 -65.28 -0.11 5.02
C THR I 65 -65.04 -1.08 6.17
N GLU I 66 -64.62 -2.31 5.86
CA GLU I 66 -64.25 -3.23 6.93
C GLU I 66 -62.76 -3.03 7.19
N GLY I 67 -62.20 -2.12 6.37
CA GLY I 67 -60.86 -1.60 6.37
C GLY I 67 -61.02 -0.11 6.70
N ILE I 68 -61.74 0.60 5.83
CA ILE I 68 -61.88 2.04 5.97
C ILE I 68 -63.02 2.42 6.91
N VAL I 69 -62.68 2.39 8.19
CA VAL I 69 -63.59 2.66 9.30
C VAL I 69 -63.65 4.18 9.59
N PRO I 70 -64.84 4.80 9.66
CA PRO I 70 -65.02 6.22 9.90
C PRO I 70 -64.65 6.64 11.30
N ASP I 71 -64.28 7.91 11.38
CA ASP I 71 -63.91 8.65 12.58
C ASP I 71 -65.11 9.09 13.45
N PRO I 72 -65.24 8.62 14.71
CA PRO I 72 -66.34 8.94 15.63
C PRO I 72 -66.68 10.44 15.74
N SER I 73 -65.74 11.33 15.42
CA SER I 73 -65.98 12.76 15.52
C SER I 73 -65.95 13.45 14.14
N ALA I 74 -64.89 13.21 13.35
CA ALA I 74 -64.70 13.87 12.04
C ALA I 74 -65.80 13.50 11.06
N ALA I 75 -66.36 12.30 11.19
CA ALA I 75 -67.40 11.84 10.30
C ALA I 75 -68.60 12.82 10.27
N LEU I 76 -68.80 13.61 11.32
CA LEU I 76 -69.97 14.47 11.31
C LEU I 76 -69.73 15.83 10.64
N LEU I 77 -68.57 16.00 9.99
CA LEU I 77 -68.25 17.21 9.23
C LEU I 77 -68.97 17.15 7.87
N LEU I 78 -69.57 15.98 7.56
CA LEU I 78 -70.29 15.75 6.32
C LEU I 78 -71.25 14.57 6.60
N LEU I 79 -72.57 14.76 6.58
CA LEU I 79 -73.48 13.68 7.03
C LEU I 79 -73.82 12.72 5.90
N ARG I 80 -74.49 11.59 6.16
CA ARG I 80 -74.73 10.64 5.07
C ARG I 80 -75.20 11.25 3.77
N SER I 81 -76.22 12.11 3.82
CA SER I 81 -76.75 12.70 2.59
C SER I 81 -75.84 13.78 1.99
N ASP I 82 -74.92 14.32 2.79
CA ASP I 82 -74.05 15.34 2.26
C ASP I 82 -72.90 14.61 1.60
N ALA I 83 -72.50 13.52 2.26
CA ALA I 83 -71.40 12.66 1.86
C ALA I 83 -71.73 12.02 0.54
N LEU I 84 -73.00 11.66 0.39
CA LEU I 84 -73.50 11.06 -0.82
C LEU I 84 -73.43 12.04 -1.98
N ARG I 85 -73.89 13.27 -1.75
CA ARG I 85 -73.87 14.31 -2.78
C ARG I 85 -72.43 14.69 -3.12
N TYR I 86 -71.61 14.80 -2.07
CA TYR I 86 -70.22 15.19 -2.17
C TYR I 86 -69.36 14.16 -2.83
N GLY I 87 -69.60 12.91 -2.52
CA GLY I 87 -68.70 11.91 -3.00
C GLY I 87 -67.50 11.90 -2.07
N ALA I 88 -67.76 11.99 -0.75
CA ALA I 88 -66.66 11.98 0.23
C ALA I 88 -67.06 11.69 1.67
N VAL I 89 -66.11 11.20 2.47
CA VAL I 89 -66.28 11.14 3.94
C VAL I 89 -64.98 11.60 4.67
N PRO I 90 -65.05 12.55 5.62
CA PRO I 90 -63.95 13.03 6.47
C PRO I 90 -63.54 12.04 7.54
N ILE I 91 -62.25 11.70 7.59
CA ILE I 91 -61.74 10.78 8.61
C ILE I 91 -60.37 11.23 9.20
N GLY I 92 -60.20 11.26 10.53
CA GLY I 92 -58.87 11.52 11.09
C GLY I 92 -58.45 12.97 11.16
N PHE I 93 -57.25 13.17 11.72
CA PHE I 93 -56.65 14.47 11.88
C PHE I 93 -55.15 14.35 12.14
N GLN I 94 -54.32 14.80 11.19
CA GLN I 94 -52.87 14.72 11.35
C GLN I 94 -52.18 15.88 10.67
N ASN I 95 -51.36 16.59 11.43
CA ASN I 95 -50.65 17.78 10.96
C ASN I 95 -51.67 18.78 10.40
N GLY I 96 -52.84 18.84 11.03
CA GLY I 96 -53.93 19.73 10.66
C GLY I 96 -54.89 19.18 9.60
N GLU I 97 -54.53 18.08 8.93
CA GLU I 97 -55.34 17.58 7.83
C GLU I 97 -56.29 16.42 8.15
N VAL I 98 -57.48 16.42 7.51
CA VAL I 98 -58.48 15.34 7.64
C VAL I 98 -58.39 14.53 6.37
N GLU I 99 -58.57 13.23 6.45
CA GLU I 99 -58.52 12.45 5.24
C GLU I 99 -59.88 12.50 4.56
N VAL I 100 -59.89 12.54 3.23
CA VAL I 100 -61.14 12.56 2.48
C VAL I 100 -61.34 11.37 1.58
N VAL I 101 -62.29 10.54 1.89
CA VAL I 101 -62.41 9.36 1.06
C VAL I 101 -63.34 9.63 -0.09
N LEU I 102 -62.78 10.15 -1.16
CA LEU I 102 -63.52 10.63 -2.30
C LEU I 102 -64.13 9.58 -3.22
N SER I 103 -65.17 10.01 -3.94
CA SER I 103 -65.65 9.29 -5.09
C SER I 103 -65.49 10.32 -6.18
N ASP I 104 -65.43 11.60 -5.76
CA ASP I 104 -65.28 12.71 -6.70
C ASP I 104 -64.88 14.11 -6.10
N PRO I 105 -63.64 14.57 -6.34
CA PRO I 105 -63.01 15.76 -5.77
C PRO I 105 -63.60 17.13 -6.11
N ARG I 106 -64.47 17.22 -7.12
CA ARG I 106 -64.96 18.55 -7.49
C ARG I 106 -66.22 19.07 -6.87
N HIS I 107 -66.93 18.30 -6.03
CA HIS I 107 -68.24 18.73 -5.48
C HIS I 107 -68.57 20.22 -5.66
N LYS I 108 -69.10 20.58 -6.83
CA LYS I 108 -69.36 22.00 -7.08
C LYS I 108 -70.31 22.65 -6.08
N GLU I 109 -71.42 21.99 -5.76
CA GLU I 109 -72.37 22.60 -4.84
C GLU I 109 -71.77 22.99 -3.50
N ALA I 110 -70.97 22.11 -2.88
CA ALA I 110 -70.43 22.43 -1.58
C ALA I 110 -69.23 21.58 -1.16
N VAL I 111 -68.16 21.53 -1.96
CA VAL I 111 -66.92 20.79 -1.64
C VAL I 111 -66.34 21.20 -0.29
N ALA I 112 -66.71 22.42 0.15
CA ALA I 112 -66.36 23.04 1.41
C ALA I 112 -66.85 22.23 2.62
N GLN I 113 -67.94 21.47 2.47
CA GLN I 113 -68.43 20.65 3.57
C GLN I 113 -67.31 19.67 3.71
N LEU I 114 -67.11 19.01 4.85
CA LEU I 114 -65.95 18.12 5.04
C LEU I 114 -64.65 18.92 5.23
N LEU I 115 -64.35 19.81 4.28
CA LEU I 115 -63.15 20.62 4.29
C LEU I 115 -63.31 21.83 5.19
N ASN I 116 -63.59 21.48 6.44
CA ASN I 116 -63.70 22.32 7.60
C ASN I 116 -62.35 22.13 8.28
N ARG I 117 -61.58 21.26 7.64
CA ARG I 117 -60.20 20.94 7.97
C ARG I 117 -59.41 20.95 6.67
N PRO I 118 -58.11 21.23 6.73
CA PRO I 118 -57.17 21.03 5.65
C PRO I 118 -57.30 19.57 5.33
N ALA I 119 -56.95 19.11 4.15
CA ALA I 119 -57.18 17.70 3.93
C ALA I 119 -56.27 16.98 2.98
N ARG I 120 -56.20 15.68 3.22
CA ARG I 120 -55.51 14.71 2.40
C ARG I 120 -56.59 13.97 1.65
N PHE I 121 -56.38 13.67 0.38
CA PHE I 121 -57.49 13.04 -0.33
C PHE I 121 -57.20 11.61 -0.79
N TYR I 122 -58.22 10.80 -0.62
CA TYR I 122 -58.23 9.36 -0.88
C TYR I 122 -59.36 9.02 -1.83
N LEU I 123 -59.40 7.77 -2.32
CA LEU I 123 -60.42 7.45 -3.33
C LEU I 123 -60.89 5.99 -3.42
N ALA I 124 -62.17 5.70 -3.60
CA ALA I 124 -62.50 4.27 -3.86
C ALA I 124 -63.88 4.04 -4.44
N LEU I 125 -64.12 2.77 -4.77
CA LEU I 125 -65.38 2.35 -5.35
C LEU I 125 -66.55 2.68 -4.44
N PRO I 126 -67.69 3.08 -5.03
CA PRO I 126 -68.89 3.52 -4.35
C PRO I 126 -69.43 2.50 -3.40
N GLN I 127 -69.13 1.21 -3.59
CA GLN I 127 -69.64 0.25 -2.62
C GLN I 127 -69.10 0.58 -1.25
N ALA I 128 -67.83 0.96 -1.22
CA ALA I 128 -67.17 1.24 0.02
C ALA I 128 -67.75 2.50 0.58
N TRP I 129 -67.84 3.51 -0.25
CA TRP I 129 -68.27 4.78 0.30
C TRP I 129 -69.74 4.77 0.66
N GLU I 130 -70.56 4.03 -0.09
CA GLU I 130 -71.97 3.92 0.19
C GLU I 130 -72.19 3.44 1.60
N GLU I 131 -71.48 2.38 1.97
CA GLU I 131 -71.64 1.88 3.31
C GLU I 131 -71.09 2.93 4.27
N LEU I 132 -69.98 3.57 3.90
CA LEU I 132 -69.36 4.56 4.76
C LEU I 132 -70.28 5.75 4.99
N PHE I 133 -71.08 6.13 4.00
CA PHE I 133 -71.96 7.27 4.15
C PHE I 133 -72.96 6.92 5.23
N ARG I 134 -73.48 5.68 5.16
CA ARG I 134 -74.41 5.21 6.16
C ARG I 134 -73.78 5.10 7.53
N ARG I 135 -72.53 4.67 7.58
CA ARG I 135 -71.83 4.55 8.85
C ARG I 135 -71.57 5.95 9.43
N ALA I 136 -71.26 6.93 8.56
CA ALA I 136 -70.93 8.28 8.97
C ALA I 136 -72.10 8.98 9.68
N TYR I 137 -73.32 8.83 9.15
CA TYR I 137 -74.49 9.45 9.80
C TYR I 137 -75.79 9.18 9.10
N GLN J 1 -63.44 12.27 22.56
CA GLN J 1 -64.44 11.34 22.06
C GLN J 1 -63.83 10.11 21.41
N LYS J 2 -62.84 10.32 20.54
CA LYS J 2 -62.23 9.19 19.84
C LYS J 2 -60.82 8.86 20.29
N ASP J 3 -60.50 7.58 20.17
CA ASP J 3 -59.20 6.97 20.44
C ASP J 3 -59.20 5.55 20.06
N LEU J 4 -58.20 4.78 20.47
CA LEU J 4 -58.33 3.37 20.19
C LEU J 4 -59.15 2.66 21.29
N LYS J 5 -60.32 3.26 21.62
CA LYS J 5 -61.33 2.79 22.57
C LYS J 5 -60.78 2.67 23.96
N LEU J 6 -60.35 3.81 24.50
CA LEU J 6 -59.70 3.79 25.79
C LEU J 6 -60.48 3.07 26.85
N GLY J 7 -59.83 2.06 27.41
CA GLY J 7 -60.35 1.23 28.47
C GLY J 7 -60.91 -0.12 28.00
N GLU J 8 -61.19 -0.30 26.71
CA GLU J 8 -61.72 -1.59 26.27
C GLU J 8 -60.58 -2.56 26.03
N LEU J 9 -59.43 -2.00 25.64
CA LEU J 9 -58.21 -2.75 25.40
C LEU J 9 -57.83 -3.56 26.58
N LEU J 10 -58.13 -3.02 27.72
CA LEU J 10 -57.78 -3.63 28.95
C LEU J 10 -58.42 -5.01 29.07
N LEU J 11 -59.63 -5.17 28.55
CA LEU J 11 -60.24 -6.48 28.66
C LEU J 11 -59.49 -7.44 27.78
N GLN J 12 -59.17 -6.96 26.58
CA GLN J 12 -58.50 -7.78 25.57
C GLN J 12 -57.14 -8.27 26.08
N LYS J 13 -56.48 -7.40 26.82
CA LYS J 13 -55.16 -7.65 27.38
C LYS J 13 -55.17 -8.38 28.71
N GLY J 14 -56.35 -8.73 29.23
CA GLY J 14 -56.49 -9.41 30.51
C GLY J 14 -56.26 -8.45 31.66
N TRP J 15 -56.17 -7.18 31.33
CA TRP J 15 -55.89 -6.12 32.27
C TRP J 15 -57.10 -5.92 33.17
N ILE J 16 -58.31 -6.08 32.61
CA ILE J 16 -59.53 -5.99 33.41
C ILE J 16 -60.42 -7.18 33.30
N SER J 17 -61.24 -7.35 34.34
CA SER J 17 -62.27 -8.37 34.27
C SER J 17 -63.35 -7.94 33.29
N ARG J 18 -64.09 -8.90 32.75
CA ARG J 18 -65.23 -8.60 31.88
C ARG J 18 -66.20 -7.67 32.57
N GLU J 19 -66.46 -7.95 33.85
CA GLU J 19 -67.40 -7.17 34.64
C GLU J 19 -66.95 -5.72 34.73
N ALA J 20 -65.65 -5.47 34.87
CA ALA J 20 -65.17 -4.10 34.95
C ALA J 20 -65.55 -3.36 33.70
N LEU J 21 -65.42 -4.02 32.55
CA LEU J 21 -65.74 -3.35 31.31
C LEU J 21 -67.21 -3.08 31.20
N GLU J 22 -68.04 -4.07 31.51
CA GLU J 22 -69.46 -3.87 31.34
C GLU J 22 -69.98 -2.77 32.28
N GLU J 23 -69.54 -2.75 33.52
CA GLU J 23 -70.03 -1.71 34.43
C GLU J 23 -69.53 -0.35 34.02
N ALA J 24 -68.23 -0.24 33.82
CA ALA J 24 -67.63 1.04 33.52
C ALA J 24 -68.17 1.61 32.23
N LEU J 25 -68.44 0.76 31.26
CA LEU J 25 -68.94 1.19 29.98
C LEU J 25 -70.38 1.70 30.12
N VAL J 26 -71.20 1.03 30.93
CA VAL J 26 -72.54 1.56 31.15
C VAL J 26 -72.43 2.91 31.83
N GLU J 27 -71.55 3.01 32.82
CA GLU J 27 -71.35 4.25 33.52
C GLU J 27 -70.81 5.29 32.55
N GLN J 28 -69.98 4.88 31.59
CA GLN J 28 -69.48 5.83 30.61
C GLN J 28 -70.57 6.59 29.89
N GLU J 29 -71.49 5.87 29.30
CA GLU J 29 -72.48 6.59 28.55
C GLU J 29 -73.50 7.25 29.47
N LYS J 30 -73.76 6.62 30.61
CA LYS J 30 -74.70 7.16 31.57
C LYS J 30 -74.25 8.45 32.25
N THR J 31 -72.96 8.54 32.62
CA THR J 31 -72.50 9.67 33.40
C THR J 31 -71.63 10.72 32.68
N GLY J 32 -70.99 10.37 31.56
CA GLY J 32 -70.09 11.32 30.90
C GLY J 32 -68.63 11.11 31.32
N ASP J 33 -68.42 10.37 32.41
CA ASP J 33 -67.05 10.06 32.77
C ASP J 33 -66.72 9.00 31.75
N LEU J 34 -65.47 8.80 31.38
CA LEU J 34 -65.21 7.82 30.33
C LEU J 34 -64.69 6.54 30.84
N LEU J 35 -64.90 5.50 30.05
CA LEU J 35 -64.50 4.15 30.38
C LEU J 35 -63.09 4.05 30.90
N GLY J 36 -62.15 4.74 30.27
CA GLY J 36 -60.78 4.64 30.70
C GLY J 36 -60.67 4.90 32.18
N ARG J 37 -61.01 6.12 32.60
CA ARG J 37 -60.92 6.44 34.00
C ARG J 37 -61.89 5.63 34.83
N ILE J 38 -63.13 5.47 34.37
CA ILE J 38 -64.17 4.82 35.15
C ILE J 38 -63.80 3.41 35.55
N LEU J 39 -63.16 2.69 34.65
CA LEU J 39 -62.72 1.35 34.95
C LEU J 39 -61.78 1.20 36.11
N VAL J 40 -61.04 2.23 36.50
CA VAL J 40 -60.06 1.91 37.53
C VAL J 40 -60.81 1.43 38.75
N ARG J 41 -60.23 0.42 39.40
CA ARG J 41 -60.79 -0.17 40.62
C ARG J 41 -62.13 -0.91 40.41
N LYS J 42 -62.57 -1.07 39.14
CA LYS J 42 -63.78 -1.83 38.81
C LYS J 42 -63.42 -3.27 38.49
N GLY J 43 -62.13 -3.57 38.57
CA GLY J 43 -61.57 -4.86 38.22
C GLY J 43 -60.34 -4.56 37.40
N LEU J 44 -59.99 -3.27 37.42
CA LEU J 44 -58.82 -2.72 36.74
C LEU J 44 -57.71 -2.23 37.66
N PRO J 45 -56.53 -2.89 37.69
CA PRO J 45 -55.39 -2.42 38.41
C PRO J 45 -55.14 -1.06 37.80
N GLU J 46 -54.86 -0.05 38.60
CA GLU J 46 -54.71 1.23 37.94
C GLU J 46 -53.60 1.18 36.93
N GLU J 47 -52.46 0.58 37.28
CA GLU J 47 -51.37 0.52 36.33
C GLU J 47 -51.77 0.01 34.96
N ALA J 48 -52.66 -0.96 34.92
CA ALA J 48 -53.07 -1.56 33.69
C ALA J 48 -53.74 -0.51 32.81
N LEU J 49 -54.46 0.43 33.45
CA LEU J 49 -55.05 1.50 32.67
C LEU J 49 -53.96 2.30 32.00
N TYR J 50 -52.84 2.49 32.71
CA TYR J 50 -51.76 3.31 32.17
C TYR J 50 -51.06 2.54 31.09
N ARG J 51 -51.09 1.22 31.19
CA ARG J 51 -50.54 0.46 30.11
C ARG J 51 -51.44 0.70 28.90
N ALA J 52 -52.76 0.68 29.13
CA ALA J 52 -53.71 0.93 28.06
C ALA J 52 -53.62 2.35 27.52
N LEU J 53 -53.43 3.35 28.36
CA LEU J 53 -53.32 4.75 27.92
C LEU J 53 -52.06 5.00 27.14
N ALA J 54 -50.99 4.38 27.61
CA ALA J 54 -49.70 4.44 26.97
C ALA J 54 -49.84 3.88 25.57
N GLU J 55 -50.71 2.87 25.43
CA GLU J 55 -50.99 2.23 24.15
C GLU J 55 -52.13 2.85 23.31
N GLN J 56 -53.28 3.15 23.92
CA GLN J 56 -54.50 3.60 23.23
C GLN J 56 -54.59 5.10 22.99
N LYS J 57 -53.83 5.86 23.78
CA LYS J 57 -53.83 7.31 23.71
C LYS J 57 -52.43 7.82 23.35
N GLY J 58 -51.39 7.13 23.84
CA GLY J 58 -50.01 7.51 23.55
C GLY J 58 -49.42 8.53 24.51
N LEU J 59 -49.93 8.58 25.72
CA LEU J 59 -49.42 9.55 26.69
C LEU J 59 -48.08 9.07 27.24
N GLU J 60 -47.14 10.00 27.53
CA GLU J 60 -45.82 9.54 28.01
C GLU J 60 -45.92 8.65 29.24
N PHE J 61 -45.36 7.45 29.18
CA PHE J 61 -45.65 6.57 30.30
C PHE J 61 -44.79 6.87 31.55
N LEU J 62 -45.42 7.55 32.54
CA LEU J 62 -44.83 7.95 33.83
C LEU J 62 -45.25 7.02 35.02
N GLU J 63 -45.15 7.50 36.28
CA GLU J 63 -45.28 6.64 37.49
C GLU J 63 -46.25 7.03 38.65
N SER J 64 -46.29 6.14 39.67
CA SER J 64 -47.10 6.22 40.91
C SER J 64 -46.63 7.34 41.84
N THR J 65 -47.30 7.51 42.99
CA THR J 65 -46.92 8.54 43.97
C THR J 65 -45.49 8.39 44.51
N GLU J 66 -44.87 7.20 44.32
CA GLU J 66 -43.52 6.98 44.82
C GLU J 66 -42.50 7.37 43.75
N GLY J 67 -43.03 7.77 42.59
CA GLY J 67 -42.31 8.18 41.40
C GLY J 67 -42.52 9.67 41.08
N ILE J 68 -43.77 10.04 40.82
CA ILE J 68 -44.12 11.39 40.40
C ILE J 68 -44.30 12.37 41.55
N VAL J 69 -43.51 13.44 41.50
CA VAL J 69 -43.42 14.49 42.51
C VAL J 69 -44.57 15.52 42.45
N PRO J 70 -45.27 15.81 43.57
CA PRO J 70 -46.34 16.78 43.62
C PRO J 70 -45.79 18.18 43.51
N ASP J 71 -46.57 19.09 42.95
CA ASP J 71 -46.15 20.49 42.93
C ASP J 71 -47.35 21.43 42.79
N PRO J 72 -47.78 22.08 43.90
CA PRO J 72 -48.96 22.92 44.04
C PRO J 72 -48.97 24.08 43.08
N SER J 73 -47.78 24.44 42.54
CA SER J 73 -47.69 25.55 41.60
C SER J 73 -48.66 25.31 40.46
N ALA J 74 -48.82 24.03 40.12
CA ALA J 74 -49.74 23.64 39.07
C ALA J 74 -50.91 22.86 39.64
N ALA J 75 -50.70 22.04 40.70
CA ALA J 75 -51.81 21.19 41.19
C ALA J 75 -53.06 22.02 41.54
N LEU J 76 -52.85 23.25 42.01
CA LEU J 76 -53.94 24.14 42.40
C LEU J 76 -54.84 24.58 41.22
N LEU J 77 -54.43 24.28 39.99
CA LEU J 77 -55.18 24.58 38.79
C LEU J 77 -56.48 23.76 38.66
N LEU J 78 -56.58 22.60 39.33
CA LEU J 78 -57.79 21.79 39.17
C LEU J 78 -58.19 21.09 40.48
N LEU J 79 -59.48 21.19 40.81
CA LEU J 79 -60.01 20.60 42.04
C LEU J 79 -59.74 19.13 42.17
N ARG J 80 -59.16 18.74 43.30
CA ARG J 80 -58.81 17.37 43.63
C ARG J 80 -59.91 16.33 43.33
N SER J 81 -61.15 16.57 43.74
CA SER J 81 -62.19 15.58 43.50
C SER J 81 -62.52 15.41 42.00
N ASP J 82 -62.67 16.52 41.29
CA ASP J 82 -63.01 16.45 39.89
C ASP J 82 -61.80 15.97 39.11
N ALA J 83 -60.64 16.41 39.56
CA ALA J 83 -59.37 16.07 39.00
C ALA J 83 -59.12 14.61 39.11
N LEU J 84 -59.54 14.02 40.22
CA LEU J 84 -59.36 12.62 40.44
C LEU J 84 -60.27 11.85 39.47
N ARG J 85 -61.52 12.34 39.27
CA ARG J 85 -62.48 11.76 38.31
C ARG J 85 -62.00 11.94 36.85
N TYR J 86 -61.43 13.10 36.58
CA TYR J 86 -60.82 13.47 35.29
C TYR J 86 -59.68 12.53 35.06
N GLY J 87 -58.84 12.43 36.08
CA GLY J 87 -57.70 11.60 36.07
C GLY J 87 -56.38 12.35 35.99
N ALA J 88 -56.28 13.57 36.53
CA ALA J 88 -54.98 14.23 36.39
C ALA J 88 -54.57 15.20 37.45
N VAL J 89 -53.26 15.33 37.55
CA VAL J 89 -52.65 16.36 38.36
C VAL J 89 -51.75 17.18 37.45
N PRO J 90 -51.98 18.49 37.33
CA PRO J 90 -51.11 19.39 36.64
C PRO J 90 -49.94 19.56 37.59
N ILE J 91 -48.72 19.45 37.09
CA ILE J 91 -47.54 19.49 37.95
C ILE J 91 -46.43 20.43 37.48
N GLY J 92 -45.95 21.28 38.40
CA GLY J 92 -44.78 22.12 38.11
C GLY J 92 -45.08 23.41 37.37
N PHE J 93 -44.17 24.38 37.47
CA PHE J 93 -44.39 25.61 36.75
C PHE J 93 -43.17 26.46 36.41
N GLN J 94 -43.09 26.81 35.14
CA GLN J 94 -42.17 27.80 34.64
C GLN J 94 -43.07 28.75 33.91
N ASN J 95 -42.63 29.96 33.64
CA ASN J 95 -43.52 30.85 32.90
C ASN J 95 -43.95 30.24 31.57
N GLY J 96 -43.05 29.46 30.96
CA GLY J 96 -43.30 28.78 29.70
C GLY J 96 -43.58 27.27 29.83
N GLU J 97 -43.85 26.73 31.03
CA GLU J 97 -44.05 25.27 31.14
C GLU J 97 -44.84 24.70 32.34
N VAL J 98 -45.84 23.85 32.04
CA VAL J 98 -46.62 23.04 33.02
C VAL J 98 -46.76 21.60 32.50
N GLU J 99 -46.60 20.57 33.34
CA GLU J 99 -46.85 19.22 32.84
C GLU J 99 -48.25 18.79 33.25
N VAL J 100 -48.97 18.06 32.41
CA VAL J 100 -50.26 17.54 32.88
C VAL J 100 -50.25 16.06 32.74
N VAL J 101 -50.47 15.34 33.83
CA VAL J 101 -50.35 13.92 33.67
C VAL J 101 -51.77 13.34 33.82
N LEU J 102 -52.29 12.62 32.79
CA LEU J 102 -53.72 12.19 32.74
C LEU J 102 -54.12 10.74 32.39
N SER J 103 -54.97 10.15 33.26
CA SER J 103 -55.51 8.79 33.11
C SER J 103 -56.65 8.64 32.12
N ASP J 104 -57.19 9.70 31.63
CA ASP J 104 -58.26 9.54 30.68
C ASP J 104 -58.49 10.64 29.71
N PRO J 105 -57.63 10.81 28.74
CA PRO J 105 -57.74 11.82 27.72
C PRO J 105 -58.76 11.44 26.61
N ARG J 106 -59.94 10.93 27.03
CA ARG J 106 -61.07 10.53 26.21
C ARG J 106 -62.25 11.25 26.80
N HIS J 107 -62.17 11.42 28.12
CA HIS J 107 -63.18 11.99 29.02
C HIS J 107 -64.12 13.00 28.32
N LYS J 108 -65.20 12.54 27.70
CA LYS J 108 -66.10 13.44 27.00
C LYS J 108 -66.62 14.55 27.89
N GLU J 109 -66.88 14.25 29.17
CA GLU J 109 -67.35 15.30 30.07
C GLU J 109 -66.32 16.41 30.35
N ALA J 110 -65.01 16.12 30.43
CA ALA J 110 -64.07 17.20 30.77
C ALA J 110 -62.63 17.06 30.24
N VAL J 111 -62.41 16.29 29.18
CA VAL J 111 -61.06 16.01 28.65
C VAL J 111 -60.16 17.22 28.39
N ALA J 112 -60.75 18.36 28.05
CA ALA J 112 -60.05 19.59 27.70
C ALA J 112 -59.46 20.37 28.89
N GLN J 113 -59.63 19.87 30.10
CA GLN J 113 -59.07 20.58 31.23
C GLN J 113 -57.54 20.58 31.23
N LEU J 114 -56.98 21.56 31.93
CA LEU J 114 -55.55 21.73 32.19
C LEU J 114 -54.65 22.10 31.00
N LEU J 115 -54.72 21.38 29.90
CA LEU J 115 -53.83 21.74 28.78
C LEU J 115 -54.31 22.91 27.94
N ASN J 116 -54.28 24.08 28.55
CA ASN J 116 -54.71 25.32 27.94
C ASN J 116 -53.61 26.37 28.05
N ARG J 117 -52.37 25.88 28.05
CA ARG J 117 -51.16 26.70 28.17
C ARG J 117 -49.97 25.83 27.73
N PRO J 118 -48.74 26.36 27.50
CA PRO J 118 -47.53 25.58 27.24
C PRO J 118 -47.41 24.34 28.16
N ALA J 119 -48.11 23.28 27.78
CA ALA J 119 -48.18 22.02 28.51
C ALA J 119 -48.53 20.87 27.55
N ARG J 120 -48.27 19.63 27.97
CA ARG J 120 -48.68 18.45 27.18
C ARG J 120 -49.03 17.29 28.09
N PHE J 121 -49.66 16.24 27.53
CA PHE J 121 -49.97 15.12 28.41
C PHE J 121 -48.91 14.03 28.57
N TYR J 122 -48.85 13.63 29.82
CA TYR J 122 -48.04 12.56 30.31
C TYR J 122 -48.99 11.58 30.96
N LEU J 123 -48.52 10.39 31.29
CA LEU J 123 -49.41 9.37 31.83
C LEU J 123 -49.07 8.78 33.21
N ALA J 124 -49.98 8.84 34.18
CA ALA J 124 -49.75 8.23 35.50
C ALA J 124 -51.05 8.01 36.26
N LEU J 125 -50.95 7.22 37.33
CA LEU J 125 -52.07 6.71 38.13
C LEU J 125 -52.85 7.64 39.10
N PRO J 126 -54.20 7.47 39.26
CA PRO J 126 -55.07 8.07 40.27
C PRO J 126 -54.51 7.90 41.66
N GLN J 127 -53.83 6.78 41.90
CA GLN J 127 -53.18 6.58 43.18
C GLN J 127 -52.30 7.79 43.44
N ALA J 128 -51.53 8.17 42.41
CA ALA J 128 -50.67 9.30 42.50
C ALA J 128 -51.49 10.54 42.55
N TRP J 129 -52.54 10.62 41.75
CA TRP J 129 -53.25 11.89 41.74
C TRP J 129 -53.82 12.26 43.08
N GLU J 130 -54.45 11.32 43.75
CA GLU J 130 -55.03 11.66 45.03
C GLU J 130 -53.95 12.00 46.04
N GLU J 131 -52.90 11.18 46.12
CA GLU J 131 -51.87 11.46 47.10
C GLU J 131 -51.14 12.75 46.78
N LEU J 132 -50.89 13.00 45.50
CA LEU J 132 -50.15 14.16 45.09
C LEU J 132 -51.00 15.39 45.28
N PHE J 133 -52.32 15.26 45.16
CA PHE J 133 -53.13 16.39 45.50
C PHE J 133 -53.11 16.58 47.00
N ARG J 134 -53.29 15.54 47.79
CA ARG J 134 -53.32 15.76 49.23
C ARG J 134 -52.01 16.36 49.76
N ARG J 135 -50.90 16.01 49.11
CA ARG J 135 -49.57 16.50 49.44
C ARG J 135 -49.33 17.92 48.90
N ALA J 136 -50.21 18.42 48.01
CA ALA J 136 -50.08 19.73 47.38
C ALA J 136 -51.44 20.32 46.95
N TYR J 137 -52.49 20.06 47.74
CA TYR J 137 -53.85 20.54 47.48
C TYR J 137 -54.77 20.04 48.61
N LEU K 1 -47.35 -9.23 -7.28
CA LEU K 1 -46.69 -8.43 -6.29
C LEU K 1 -47.47 -8.07 -5.01
N PRO K 2 -48.31 -8.94 -4.39
CA PRO K 2 -48.79 -10.31 -4.58
C PRO K 2 -49.54 -10.56 -5.86
N ARG K 3 -49.75 -11.82 -6.19
CA ARG K 3 -50.50 -12.16 -7.38
C ARG K 3 -52.00 -11.99 -7.17
N ALA K 4 -52.69 -11.39 -8.14
CA ALA K 4 -54.13 -11.22 -8.03
C ALA K 4 -54.79 -11.16 -9.42
N LYS K 5 -55.39 -10.02 -9.80
CA LYS K 5 -56.09 -10.00 -11.08
C LYS K 5 -55.10 -10.29 -12.21
N PRO K 6 -55.37 -11.25 -13.11
CA PRO K 6 -54.47 -11.74 -14.15
C PRO K 6 -54.19 -10.84 -15.34
N LEU K 7 -53.78 -9.60 -15.07
CA LEU K 7 -53.37 -8.60 -16.05
C LEU K 7 -54.33 -8.28 -17.17
N GLY K 8 -54.71 -9.24 -17.99
CA GLY K 8 -55.64 -8.93 -19.06
C GLY K 8 -56.91 -8.31 -18.50
N GLU K 9 -57.34 -8.76 -17.34
CA GLU K 9 -58.53 -8.22 -16.71
C GLU K 9 -58.46 -6.71 -16.51
N ILE K 10 -57.29 -6.25 -16.09
CA ILE K 10 -57.11 -4.87 -15.71
C ILE K 10 -56.53 -4.03 -16.81
N LEU K 11 -55.83 -4.63 -17.73
CA LEU K 11 -55.33 -3.84 -18.83
C LEU K 11 -56.51 -3.42 -19.67
N VAL K 12 -57.52 -4.27 -19.69
CA VAL K 12 -58.74 -3.97 -20.38
C VAL K 12 -59.52 -2.90 -19.62
N GLU K 13 -59.74 -3.08 -18.29
CA GLU K 13 -60.39 -2.05 -17.47
C GLU K 13 -59.72 -0.70 -17.63
N LEU K 14 -58.40 -0.75 -17.65
CA LEU K 14 -57.58 0.42 -17.71
C LEU K 14 -57.39 1.04 -19.09
N GLY K 15 -57.89 0.40 -20.14
CA GLY K 15 -57.72 0.97 -21.48
C GLY K 15 -56.28 0.90 -21.95
N LEU K 16 -55.51 -0.04 -21.41
CA LEU K 16 -54.10 -0.15 -21.73
C LEU K 16 -53.84 -1.22 -22.78
N ALA K 17 -54.60 -2.29 -22.72
CA ALA K 17 -54.48 -3.38 -23.68
C ALA K 17 -55.83 -4.09 -23.70
N ARG K 18 -56.38 -4.29 -24.88
CA ARG K 18 -57.69 -4.90 -25.00
C ARG K 18 -57.52 -6.39 -24.89
N PRO K 19 -58.57 -7.20 -24.60
CA PRO K 19 -58.48 -8.65 -24.53
C PRO K 19 -57.70 -9.23 -25.72
N GLU K 20 -57.84 -8.57 -26.86
CA GLU K 20 -57.18 -8.97 -28.08
C GLU K 20 -55.67 -8.74 -28.04
N ASP K 21 -55.25 -7.69 -27.33
CA ASP K 21 -53.86 -7.29 -27.30
C ASP K 21 -53.14 -8.13 -26.28
N VAL K 22 -53.85 -8.48 -25.23
CA VAL K 22 -53.22 -9.28 -24.22
C VAL K 22 -53.05 -10.71 -24.72
N GLU K 23 -53.97 -11.18 -25.57
CA GLU K 23 -53.79 -12.49 -26.15
C GLU K 23 -52.66 -12.49 -27.19
N GLU K 24 -52.65 -11.52 -28.09
CA GLU K 24 -51.61 -11.53 -29.11
C GLU K 24 -50.25 -11.45 -28.49
N ALA K 25 -50.07 -10.52 -27.55
CA ALA K 25 -48.79 -10.37 -26.96
C ALA K 25 -48.41 -11.64 -26.22
N LEU K 26 -49.35 -12.27 -25.53
CA LEU K 26 -49.02 -13.50 -24.83
C LEU K 26 -48.53 -14.57 -25.79
N GLN K 27 -49.08 -14.61 -27.00
CA GLN K 27 -48.64 -15.60 -27.97
C GLN K 27 -47.17 -15.43 -28.32
N LYS K 28 -46.66 -14.19 -28.25
CA LYS K 28 -45.25 -13.92 -28.49
C LYS K 28 -44.36 -14.73 -27.54
N GLN K 29 -44.85 -15.00 -26.34
CA GLN K 29 -44.03 -15.65 -25.35
C GLN K 29 -43.95 -17.14 -25.53
N ARG K 30 -44.58 -17.66 -26.60
CA ARG K 30 -44.45 -19.08 -26.89
C ARG K 30 -42.99 -19.39 -27.24
N ARG K 31 -42.21 -18.34 -27.55
CA ARG K 31 -40.79 -18.47 -27.80
C ARG K 31 -40.07 -17.49 -26.88
N GLY K 32 -40.72 -16.35 -26.58
CA GLY K 32 -40.13 -15.33 -25.72
C GLY K 32 -39.86 -15.82 -24.27
N GLY K 33 -40.74 -16.67 -23.71
CA GLY K 33 -40.58 -17.21 -22.37
C GLY K 33 -41.03 -16.34 -21.18
N GLY K 34 -41.58 -15.17 -21.43
CA GLY K 34 -41.99 -14.25 -20.36
C GLY K 34 -43.45 -14.36 -19.97
N ARG K 35 -43.93 -13.33 -19.26
CA ARG K 35 -45.29 -13.27 -18.74
C ARG K 35 -46.12 -12.30 -19.56
N LEU K 36 -47.43 -12.25 -19.30
CA LEU K 36 -48.30 -11.30 -20.02
C LEU K 36 -47.83 -9.86 -19.86
N GLU K 37 -47.54 -9.46 -18.66
CA GLU K 37 -47.06 -8.11 -18.48
C GLU K 37 -45.75 -7.82 -19.22
N ASP K 38 -44.91 -8.84 -19.39
CA ASP K 38 -43.63 -8.60 -20.03
C ASP K 38 -43.84 -8.53 -21.51
N THR K 39 -44.66 -9.42 -22.00
CA THR K 39 -44.86 -9.52 -23.41
C THR K 39 -45.59 -8.34 -23.93
N LEU K 40 -46.43 -7.75 -23.12
CA LEU K 40 -47.14 -6.58 -23.54
C LEU K 40 -46.21 -5.42 -23.77
N VAL K 41 -45.21 -5.25 -22.91
CA VAL K 41 -44.31 -4.16 -23.25
C VAL K 41 -43.35 -4.59 -24.38
N GLN K 42 -42.98 -5.88 -24.44
CA GLN K 42 -42.10 -6.37 -25.52
C GLN K 42 -42.75 -6.26 -26.88
N SER K 43 -44.06 -6.46 -26.91
CA SER K 43 -44.85 -6.47 -28.12
C SER K 43 -45.32 -5.07 -28.51
N GLY K 44 -45.03 -4.07 -27.68
CA GLY K 44 -45.47 -2.71 -27.94
C GLY K 44 -46.93 -2.45 -27.60
N LYS K 45 -47.57 -3.33 -26.82
CA LYS K 45 -48.98 -3.12 -26.50
C LYS K 45 -49.07 -2.15 -25.35
N LEU K 46 -48.13 -2.28 -24.44
CA LEU K 46 -48.09 -1.43 -23.27
C LEU K 46 -46.85 -0.61 -23.14
N ARG K 47 -47.02 0.56 -22.56
CA ARG K 47 -45.90 1.34 -22.09
C ARG K 47 -45.60 0.78 -20.71
N PRO K 48 -44.40 0.88 -20.17
CA PRO K 48 -44.13 0.43 -18.83
C PRO K 48 -44.99 1.18 -17.80
N GLU K 49 -45.42 2.39 -18.12
CA GLU K 49 -46.29 3.13 -17.23
C GLU K 49 -47.68 2.48 -17.20
N ALA K 50 -48.01 1.78 -18.29
CA ALA K 50 -49.28 1.11 -18.41
C ALA K 50 -49.20 -0.12 -17.54
N LEU K 51 -48.01 -0.71 -17.49
CA LEU K 51 -47.85 -1.82 -16.60
C LEU K 51 -47.99 -1.33 -15.16
N ALA K 52 -47.49 -0.13 -14.89
CA ALA K 52 -47.61 0.44 -13.56
C ALA K 52 -49.07 0.62 -13.19
N GLN K 53 -49.88 1.02 -14.16
CA GLN K 53 -51.29 1.19 -13.86
C GLN K 53 -51.84 -0.19 -13.50
N ALA K 54 -51.41 -1.20 -14.23
CA ALA K 54 -51.84 -2.56 -13.99
C ALA K 54 -51.35 -3.14 -12.63
N VAL K 55 -50.11 -2.89 -12.21
CA VAL K 55 -49.67 -3.54 -10.96
C VAL K 55 -50.48 -3.10 -9.75
N ALA K 56 -50.94 -1.85 -9.75
CA ALA K 56 -51.75 -1.45 -8.63
C ALA K 56 -53.20 -1.86 -8.81
N THR K 57 -53.72 -1.78 -10.04
CA THR K 57 -55.12 -2.08 -10.34
C THR K 57 -55.39 -3.52 -9.96
N GLN K 58 -54.41 -4.34 -10.24
CA GLN K 58 -54.36 -5.74 -9.91
C GLN K 58 -54.68 -6.07 -8.47
N LEU K 59 -54.21 -5.20 -7.57
CA LEU K 59 -54.27 -5.36 -6.13
C LEU K 59 -55.22 -4.39 -5.42
N GLY K 60 -55.61 -3.31 -6.09
CA GLY K 60 -56.45 -2.28 -5.49
C GLY K 60 -55.66 -1.20 -4.77
N TYR K 61 -54.47 -0.91 -5.28
CA TYR K 61 -53.58 0.10 -4.72
C TYR K 61 -53.64 1.50 -5.38
N PRO K 62 -53.15 2.57 -4.70
CA PRO K 62 -53.12 4.00 -5.08
C PRO K 62 -52.22 4.48 -6.20
N TYR K 63 -52.47 5.70 -6.71
CA TYR K 63 -51.53 6.28 -7.67
C TYR K 63 -50.41 7.04 -6.97
N VAL K 64 -49.59 6.28 -6.29
CA VAL K 64 -48.41 6.79 -5.63
C VAL K 64 -47.55 7.56 -6.61
N ASP K 65 -47.78 8.83 -6.82
CA ASP K 65 -46.92 9.46 -7.79
C ASP K 65 -45.50 9.54 -7.25
N PRO K 66 -44.47 9.16 -8.01
CA PRO K 66 -43.07 9.29 -7.67
C PRO K 66 -42.65 10.70 -7.25
N GLU K 67 -43.36 11.73 -7.71
CA GLU K 67 -43.01 13.08 -7.36
C GLU K 67 -43.90 13.67 -6.25
N GLU K 68 -44.80 12.85 -5.71
CA GLU K 68 -45.71 13.33 -4.66
C GLU K 68 -45.63 12.50 -3.37
N ASP K 69 -45.55 11.18 -3.50
CA ASP K 69 -45.55 10.28 -2.35
C ASP K 69 -44.16 10.27 -1.66
N PRO K 70 -44.04 10.61 -0.35
CA PRO K 70 -42.78 10.69 0.38
C PRO K 70 -41.89 9.41 0.35
N PRO K 71 -40.64 9.52 -0.11
CA PRO K 71 -39.67 8.45 -0.20
C PRO K 71 -38.99 8.16 1.13
N ASP K 72 -39.76 7.66 2.09
CA ASP K 72 -39.26 7.34 3.44
C ASP K 72 -37.75 7.11 3.48
N PRO K 73 -36.95 7.98 4.10
CA PRO K 73 -35.49 7.99 3.98
C PRO K 73 -34.77 6.67 4.23
N GLY K 74 -35.36 5.70 4.93
CA GLY K 74 -34.64 4.45 5.17
C GLY K 74 -34.99 3.44 4.07
N ALA K 75 -36.11 3.70 3.43
CA ALA K 75 -36.69 2.84 2.43
C ALA K 75 -35.77 2.51 1.27
N PRO K 76 -35.01 3.46 0.66
CA PRO K 76 -34.13 3.16 -0.45
C PRO K 76 -33.03 2.18 -0.08
N LEU K 77 -32.70 2.04 1.21
CA LEU K 77 -31.64 1.11 1.57
C LEU K 77 -32.25 -0.28 1.62
N LEU K 78 -33.51 -0.32 2.04
CA LEU K 78 -34.30 -1.55 2.10
C LEU K 78 -34.47 -2.20 0.74
N LEU K 79 -34.82 -1.40 -0.26
CA LEU K 79 -35.11 -1.88 -1.60
C LEU K 79 -34.12 -1.10 -2.49
N PRO K 80 -32.85 -1.56 -2.63
CA PRO K 80 -31.74 -0.87 -3.29
C PRO K 80 -32.03 -0.50 -4.71
N GLU K 81 -31.32 0.49 -5.23
CA GLU K 81 -31.46 0.89 -6.62
C GLU K 81 -31.38 -0.29 -7.58
N ASP K 82 -30.49 -1.24 -7.30
CA ASP K 82 -30.34 -2.39 -8.18
C ASP K 82 -31.67 -3.15 -8.30
N LEU K 83 -32.34 -3.30 -7.16
CA LEU K 83 -33.59 -4.02 -7.06
C LEU K 83 -34.63 -3.23 -7.80
N CYS K 84 -34.59 -1.94 -7.51
CA CYS K 84 -35.53 -0.99 -8.01
C CYS K 84 -35.55 -0.96 -9.51
N ARG K 85 -34.38 -0.99 -10.13
CA ARG K 85 -34.31 -1.02 -11.57
C ARG K 85 -34.82 -2.34 -12.13
N ARG K 86 -34.53 -3.45 -11.44
CA ARG K 86 -34.97 -4.75 -11.93
C ARG K 86 -36.49 -4.89 -11.96
N TYR K 87 -37.19 -4.35 -10.96
CA TYR K 87 -38.65 -4.53 -10.92
C TYR K 87 -39.45 -3.23 -11.14
N GLY K 88 -38.75 -2.11 -11.34
CA GLY K 88 -39.44 -0.86 -11.59
C GLY K 88 -40.11 -0.39 -10.33
N VAL K 89 -39.35 -0.43 -9.24
CA VAL K 89 -39.91 -0.06 -7.95
C VAL K 89 -39.15 0.96 -7.18
N PHE K 90 -39.81 1.54 -6.21
CA PHE K 90 -39.13 2.39 -5.25
C PHE K 90 -39.80 2.21 -3.92
N PRO K 91 -39.10 1.92 -2.85
CA PRO K 91 -39.73 1.69 -1.60
C PRO K 91 -40.17 3.01 -1.01
N HIS K 92 -41.32 3.03 -0.38
CA HIS K 92 -41.76 4.22 0.33
C HIS K 92 -41.96 3.92 1.78
N ARG K 93 -43.16 4.20 2.27
CA ARG K 93 -43.41 4.03 3.69
C ARG K 93 -43.05 2.65 4.18
N LEU K 94 -42.24 2.64 5.23
CA LEU K 94 -41.89 1.38 5.84
C LEU K 94 -42.84 1.12 6.97
N GLU K 95 -43.26 -0.13 7.11
CA GLU K 95 -44.13 -0.50 8.20
C GLU K 95 -43.69 -1.80 8.90
N GLY K 96 -42.48 -1.81 9.47
CA GLY K 96 -42.08 -2.92 10.32
C GLY K 96 -41.57 -4.15 9.59
N ASN K 97 -42.44 -4.76 8.80
CA ASN K 97 -42.10 -5.93 8.01
C ASN K 97 -42.54 -5.64 6.59
N ARG K 98 -43.45 -4.66 6.54
CA ARG K 98 -44.20 -4.19 5.35
C ARG K 98 -43.52 -3.07 4.55
N LEU K 99 -43.83 -3.04 3.24
CA LEU K 99 -43.32 -1.98 2.34
C LEU K 99 -44.20 -1.50 1.17
N VAL K 100 -44.43 -0.19 1.10
CA VAL K 100 -45.15 0.38 -0.03
C VAL K 100 -44.23 0.51 -1.25
N LEU K 101 -44.67 0.06 -2.42
CA LEU K 101 -43.79 0.15 -3.59
C LEU K 101 -44.28 1.04 -4.70
N LEU K 102 -43.47 2.00 -5.07
CA LEU K 102 -43.77 2.80 -6.22
C LEU K 102 -43.67 1.72 -7.23
N MET K 103 -44.61 1.48 -8.15
CA MET K 103 -44.29 0.32 -8.97
C MET K 103 -44.80 0.17 -10.40
N LYS K 104 -43.94 -0.51 -11.19
CA LYS K 104 -44.23 -0.95 -12.55
C LYS K 104 -44.63 -2.42 -12.72
N ASP K 105 -43.77 -3.40 -12.34
CA ASP K 105 -43.95 -4.81 -12.75
C ASP K 105 -45.19 -5.55 -12.12
N PRO K 106 -46.29 -5.79 -12.89
CA PRO K 106 -47.53 -6.45 -12.51
C PRO K 106 -47.41 -7.89 -12.14
N ARG K 107 -48.29 -8.33 -11.27
CA ARG K 107 -48.48 -9.75 -10.92
C ARG K 107 -47.17 -10.52 -11.04
N ASN K 108 -47.05 -11.35 -12.08
CA ASN K 108 -45.84 -12.12 -12.34
C ASN K 108 -45.67 -13.10 -11.19
N ILE K 109 -44.56 -13.84 -11.17
CA ILE K 109 -44.27 -14.73 -10.08
C ILE K 109 -42.89 -14.35 -9.65
N LEU K 110 -42.13 -13.89 -10.64
CA LEU K 110 -40.73 -13.60 -10.44
C LEU K 110 -40.62 -12.30 -9.69
N ALA K 111 -41.48 -11.38 -10.03
CA ALA K 111 -41.44 -10.10 -9.38
C ALA K 111 -41.69 -10.26 -7.90
N LEU K 112 -42.51 -11.23 -7.53
CA LEU K 112 -42.81 -11.41 -6.13
C LEU K 112 -41.60 -11.99 -5.48
N ASP K 113 -41.18 -13.14 -6.00
CA ASP K 113 -40.07 -13.86 -5.39
C ASP K 113 -38.80 -13.04 -5.36
N ASP K 114 -38.50 -12.33 -6.43
CA ASP K 114 -37.29 -11.58 -6.51
C ASP K 114 -37.34 -10.27 -5.76
N VAL K 115 -38.45 -9.53 -5.80
CA VAL K 115 -38.46 -8.31 -5.03
C VAL K 115 -38.34 -8.74 -3.59
N ARG K 116 -39.09 -9.77 -3.23
CA ARG K 116 -39.06 -10.28 -1.88
C ARG K 116 -37.70 -10.75 -1.42
N LEU K 117 -37.01 -11.54 -2.22
CA LEU K 117 -35.72 -12.01 -1.79
C LEU K 117 -34.68 -10.91 -1.80
N ALA K 118 -34.75 -10.03 -2.79
CA ALA K 118 -33.83 -8.92 -2.91
C ALA K 118 -34.02 -7.99 -1.69
N LEU K 119 -35.27 -7.91 -1.17
CA LEU K 119 -35.56 -7.17 0.06
C LEU K 119 -35.07 -7.87 1.32
N LYS K 120 -35.33 -9.18 1.45
CA LYS K 120 -34.92 -9.91 2.66
C LYS K 120 -33.41 -9.90 2.82
N ARG K 121 -32.72 -9.90 1.69
CA ARG K 121 -31.28 -9.77 1.60
C ARG K 121 -30.75 -8.57 2.39
N LYS K 122 -31.50 -7.47 2.39
CA LYS K 122 -31.10 -6.23 3.02
C LYS K 122 -31.92 -5.86 4.27
N GLY K 123 -33.16 -6.32 4.39
CA GLY K 123 -34.01 -5.86 5.50
C GLY K 123 -35.29 -6.65 5.78
N LEU K 124 -36.40 -6.16 5.20
CA LEU K 124 -37.76 -6.58 5.55
C LEU K 124 -38.30 -7.76 4.76
N ASN K 125 -39.54 -8.15 5.10
CA ASN K 125 -40.17 -9.36 4.60
C ASN K 125 -41.10 -9.14 3.44
N TYR K 126 -40.85 -8.09 2.69
CA TYR K 126 -41.62 -7.74 1.51
C TYR K 126 -42.99 -7.26 1.88
N GLU K 127 -43.91 -8.17 2.16
CA GLU K 127 -45.27 -7.79 2.51
C GLU K 127 -45.65 -6.45 1.85
N VAL K 128 -45.71 -6.42 0.51
CA VAL K 128 -45.68 -5.14 -0.18
C VAL K 128 -46.99 -4.64 -0.74
N ALA K 129 -46.99 -3.34 -1.06
CA ALA K 129 -48.14 -2.67 -1.66
C ALA K 129 -47.77 -1.83 -2.88
N PRO K 130 -47.64 -2.43 -4.07
CA PRO K 130 -47.33 -1.79 -5.33
C PRO K 130 -48.33 -0.74 -5.57
N ALA K 131 -47.90 0.36 -6.09
CA ALA K 131 -48.81 1.43 -6.33
C ALA K 131 -48.47 2.04 -7.68
N VAL K 132 -49.43 2.67 -8.33
CA VAL K 132 -49.16 3.02 -9.72
C VAL K 132 -48.18 4.12 -9.85
N ALA K 133 -47.16 3.88 -10.61
CA ALA K 133 -46.25 4.94 -10.82
C ALA K 133 -45.72 4.97 -12.24
N THR K 134 -45.89 6.10 -12.91
CA THR K 134 -45.34 6.23 -14.26
C THR K 134 -43.85 5.88 -14.23
N GLU K 135 -43.39 4.98 -15.11
CA GLU K 135 -41.98 4.57 -15.07
C GLU K 135 -40.95 5.67 -15.23
N ALA K 136 -41.20 6.67 -16.07
CA ALA K 136 -40.19 7.73 -16.20
C ALA K 136 -40.01 8.40 -14.85
N ALA K 137 -41.12 8.60 -14.17
CA ALA K 137 -41.15 9.23 -12.87
C ALA K 137 -40.60 8.25 -11.80
N ILE K 138 -40.82 6.93 -11.98
CA ILE K 138 -40.29 5.96 -11.02
C ILE K 138 -38.79 6.04 -11.01
N THR K 139 -38.23 6.10 -12.20
CA THR K 139 -36.79 6.18 -12.34
C THR K 139 -36.28 7.40 -11.61
N LYS K 140 -36.93 8.56 -11.76
CA LYS K 140 -36.44 9.70 -11.00
C LYS K 140 -36.53 9.50 -9.50
N LEU K 141 -37.57 8.83 -8.99
CA LEU K 141 -37.61 8.67 -7.55
C LEU K 141 -36.46 7.77 -7.12
N ILE K 142 -36.16 6.75 -7.91
CA ILE K 142 -35.08 5.85 -7.55
C ILE K 142 -33.75 6.59 -7.53
N GLU K 143 -33.45 7.31 -8.60
CA GLU K 143 -32.18 8.02 -8.75
C GLU K 143 -31.99 9.10 -7.71
N ARG K 144 -33.05 9.79 -7.33
CA ARG K 144 -32.95 10.84 -6.35
C ARG K 144 -32.74 10.37 -4.91
N PHE K 145 -33.00 9.10 -4.61
CA PHE K 145 -32.95 8.66 -3.21
C PHE K 145 -32.05 7.50 -2.81
N TYR K 146 -31.55 6.67 -3.74
CA TYR K 146 -30.67 5.59 -3.28
C TYR K 146 -29.23 6.08 -3.26
N LEU L 1 -30.48 -14.84 36.28
CA LEU L 1 -31.51 -13.83 36.42
C LEU L 1 -31.88 -13.22 35.08
N PRO L 2 -32.99 -12.48 34.99
CA PRO L 2 -34.08 -12.19 35.94
C PRO L 2 -34.81 -13.47 36.35
N ARG L 3 -35.54 -13.43 37.47
CA ARG L 3 -36.29 -14.61 37.94
C ARG L 3 -37.81 -14.36 38.05
N ALA L 4 -38.31 -14.28 39.30
CA ALA L 4 -39.73 -14.06 39.62
C ALA L 4 -40.72 -15.13 39.08
N LYS L 5 -41.77 -14.74 38.32
CA LYS L 5 -42.82 -15.70 37.89
C LYS L 5 -42.82 -16.08 36.41
N PRO L 6 -42.30 -17.26 36.00
CA PRO L 6 -42.08 -17.67 34.61
C PRO L 6 -43.21 -17.33 33.66
N LEU L 7 -42.81 -16.66 32.58
CA LEU L 7 -43.65 -16.17 31.52
C LEU L 7 -44.57 -17.22 30.90
N GLY L 8 -44.07 -18.41 30.62
CA GLY L 8 -44.91 -19.40 29.94
C GLY L 8 -46.22 -19.66 30.63
N GLU L 9 -46.15 -20.12 31.85
CA GLU L 9 -47.36 -20.44 32.51
C GLU L 9 -48.18 -19.20 32.80
N ILE L 10 -47.57 -18.06 33.10
CA ILE L 10 -48.43 -16.93 33.40
C ILE L 10 -49.16 -16.42 32.13
N LEU L 11 -48.59 -16.62 30.95
CA LEU L 11 -49.27 -16.23 29.72
C LEU L 11 -50.60 -16.94 29.67
N VAL L 12 -50.58 -18.17 30.12
CA VAL L 12 -51.75 -19.00 30.18
C VAL L 12 -52.69 -18.66 31.35
N GLU L 13 -52.13 -18.46 32.54
CA GLU L 13 -52.91 -18.18 33.75
C GLU L 13 -53.77 -16.94 33.63
N LEU L 14 -53.29 -15.96 32.87
CA LEU L 14 -53.98 -14.71 32.66
C LEU L 14 -55.27 -14.88 31.85
N GLY L 15 -55.47 -16.07 31.25
CA GLY L 15 -56.66 -16.34 30.44
C GLY L 15 -56.45 -15.86 29.03
N LEU L 16 -55.21 -15.51 28.75
CA LEU L 16 -54.83 -14.98 27.47
C LEU L 16 -54.15 -16.00 26.55
N ALA L 17 -53.97 -17.23 27.03
CA ALA L 17 -53.30 -18.25 26.24
C ALA L 17 -53.59 -19.65 26.75
N ARG L 18 -53.32 -20.69 25.95
CA ARG L 18 -53.49 -22.07 26.41
C ARG L 18 -52.15 -22.66 26.90
N PRO L 19 -52.15 -23.67 27.79
CA PRO L 19 -50.95 -24.40 28.20
C PRO L 19 -50.35 -25.10 26.98
N GLU L 20 -51.19 -25.32 25.97
CA GLU L 20 -50.83 -25.95 24.71
C GLU L 20 -49.91 -25.03 23.90
N ASP L 21 -50.02 -23.72 24.11
CA ASP L 21 -49.25 -22.75 23.37
C ASP L 21 -47.90 -22.62 24.07
N VAL L 22 -47.93 -22.80 25.39
CA VAL L 22 -46.67 -22.81 26.15
C VAL L 22 -45.92 -24.02 25.69
N GLU L 23 -46.64 -25.13 25.53
CA GLU L 23 -46.00 -26.34 25.06
C GLU L 23 -45.52 -26.19 23.63
N GLU L 24 -46.29 -25.60 22.72
CA GLU L 24 -45.73 -25.48 21.38
C GLU L 24 -44.50 -24.59 21.42
N ALA L 25 -44.51 -23.59 22.28
CA ALA L 25 -43.33 -22.78 22.43
C ALA L 25 -42.21 -23.67 22.93
N LEU L 26 -42.53 -24.50 23.90
CA LEU L 26 -41.58 -25.46 24.43
C LEU L 26 -41.14 -26.41 23.31
N GLN L 27 -41.99 -26.67 22.32
CA GLN L 27 -41.56 -27.52 21.22
C GLN L 27 -40.42 -26.82 20.51
N LYS L 28 -40.40 -25.49 20.49
CA LYS L 28 -39.26 -24.80 19.89
C LYS L 28 -38.06 -25.08 20.79
N GLN L 29 -38.26 -25.09 22.10
CA GLN L 29 -37.13 -25.50 22.95
C GLN L 29 -36.63 -26.87 22.49
N ARG L 30 -37.54 -27.80 22.31
CA ARG L 30 -37.15 -29.14 21.87
C ARG L 30 -36.51 -29.14 20.48
N ARG L 31 -36.87 -28.15 19.65
CA ARG L 31 -36.40 -28.00 18.28
C ARG L 31 -35.42 -26.82 18.12
N GLY L 32 -34.76 -26.41 19.20
CA GLY L 32 -33.83 -25.28 19.13
C GLY L 32 -32.95 -25.16 20.38
N GLY L 33 -33.53 -25.45 21.54
CA GLY L 33 -32.79 -25.51 22.81
C GLY L 33 -32.83 -24.25 23.69
N GLY L 34 -33.75 -23.35 23.39
CA GLY L 34 -33.90 -22.13 24.18
C GLY L 34 -34.77 -22.37 25.40
N ARG L 35 -35.26 -21.30 26.00
CA ARG L 35 -36.09 -21.39 27.19
C ARG L 35 -37.56 -21.20 26.88
N LEU L 36 -38.43 -21.33 27.89
CA LEU L 36 -39.83 -21.04 27.64
C LEU L 36 -39.84 -19.59 27.28
N GLU L 37 -39.86 -18.69 28.27
CA GLU L 37 -39.67 -17.25 28.02
C GLU L 37 -39.48 -16.92 26.53
N ASP L 38 -38.24 -17.09 26.08
CA ASP L 38 -37.83 -16.91 24.70
C ASP L 38 -38.87 -17.36 23.67
N THR L 39 -39.22 -18.65 23.71
CA THR L 39 -40.04 -19.29 22.71
C THR L 39 -41.50 -18.92 22.76
N LEU L 40 -41.95 -18.39 23.89
CA LEU L 40 -43.36 -18.10 24.09
C LEU L 40 -43.79 -17.07 23.09
N VAL L 41 -42.83 -16.23 22.74
CA VAL L 41 -43.06 -15.13 21.84
C VAL L 41 -42.26 -15.35 20.57
N GLN L 42 -41.03 -15.86 20.66
CA GLN L 42 -40.21 -15.98 19.47
C GLN L 42 -40.77 -17.01 18.50
N SER L 43 -41.40 -18.06 19.02
CA SER L 43 -41.98 -19.04 18.12
C SER L 43 -43.43 -18.66 17.79
N GLY L 44 -43.91 -17.54 18.35
CA GLY L 44 -45.26 -17.07 18.07
C GLY L 44 -46.38 -17.92 18.66
N LYS L 45 -46.29 -18.34 19.92
CA LYS L 45 -47.33 -19.24 20.39
C LYS L 45 -48.28 -18.60 21.36
N LEU L 46 -47.77 -17.85 22.28
CA LEU L 46 -48.63 -17.24 23.25
C LEU L 46 -49.06 -15.90 22.74
N ARG L 47 -50.29 -15.54 23.03
CA ARG L 47 -50.81 -14.32 22.45
C ARG L 47 -50.05 -13.08 22.88
N PRO L 48 -49.85 -12.09 21.99
CA PRO L 48 -49.26 -10.80 22.29
C PRO L 48 -49.93 -10.16 23.48
N GLU L 49 -51.23 -10.41 23.66
CA GLU L 49 -51.94 -9.89 24.82
C GLU L 49 -51.43 -10.60 26.04
N ALA L 50 -51.22 -11.89 25.88
CA ALA L 50 -50.74 -12.68 26.97
C ALA L 50 -49.39 -12.14 27.32
N LEU L 51 -48.58 -11.80 26.32
CA LEU L 51 -47.22 -11.32 26.58
C LEU L 51 -47.25 -9.90 27.14
N ALA L 52 -48.19 -9.08 26.68
CA ALA L 52 -48.29 -7.70 27.14
C ALA L 52 -48.51 -7.64 28.63
N GLN L 53 -49.36 -8.53 29.11
CA GLN L 53 -49.62 -8.58 30.52
C GLN L 53 -48.61 -9.47 31.23
N ALA L 54 -48.30 -10.62 30.65
CA ALA L 54 -47.44 -11.62 31.29
C ALA L 54 -46.00 -11.22 31.41
N VAL L 55 -45.43 -10.59 30.41
CA VAL L 55 -44.03 -10.22 30.54
C VAL L 55 -43.98 -9.21 31.63
N ALA L 56 -44.94 -8.30 31.53
CA ALA L 56 -45.09 -7.25 32.50
C ALA L 56 -45.29 -7.82 33.88
N THR L 57 -46.07 -8.90 33.99
CA THR L 57 -46.32 -9.62 35.23
C THR L 57 -45.12 -10.39 35.78
N GLN L 58 -44.37 -11.08 34.91
CA GLN L 58 -43.25 -11.88 35.41
C GLN L 58 -42.23 -11.09 36.13
N LEU L 59 -41.76 -10.00 35.54
CA LEU L 59 -40.67 -9.26 36.17
C LEU L 59 -41.08 -7.90 36.70
N GLY L 60 -42.13 -7.29 36.15
CA GLY L 60 -42.53 -5.94 36.52
C GLY L 60 -42.21 -4.91 35.44
N TYR L 61 -43.02 -4.88 34.39
CA TYR L 61 -42.80 -3.89 33.31
C TYR L 61 -44.07 -3.11 32.91
N PRO L 62 -43.95 -1.85 32.46
CA PRO L 62 -44.97 -1.05 31.83
C PRO L 62 -45.17 -1.52 30.40
N TYR L 63 -46.22 -1.06 29.74
CA TYR L 63 -46.50 -1.39 28.35
C TYR L 63 -46.84 -0.07 27.65
N VAL L 64 -46.22 0.23 26.51
CA VAL L 64 -46.43 1.52 25.82
C VAL L 64 -46.38 1.50 24.30
N ASP L 65 -47.20 2.32 23.61
CA ASP L 65 -47.13 2.37 22.15
C ASP L 65 -45.99 3.26 21.64
N PRO L 66 -44.95 2.68 21.02
CA PRO L 66 -43.75 3.32 20.52
C PRO L 66 -44.01 4.36 19.46
N GLU L 67 -45.15 4.30 18.79
CA GLU L 67 -45.34 5.28 17.74
C GLU L 67 -45.55 6.66 18.31
N GLU L 68 -46.02 6.73 19.56
CA GLU L 68 -46.35 7.98 20.20
C GLU L 68 -45.40 8.34 21.36
N ASP L 69 -45.04 7.35 22.18
CA ASP L 69 -44.22 7.65 23.34
C ASP L 69 -42.87 8.24 22.93
N PRO L 70 -42.47 9.43 23.44
CA PRO L 70 -41.25 10.16 23.09
C PRO L 70 -40.03 9.26 22.83
N PRO L 71 -39.81 8.88 21.57
CA PRO L 71 -38.78 7.97 21.13
C PRO L 71 -37.44 8.66 21.00
N ASP L 72 -36.95 9.19 22.11
CA ASP L 72 -35.71 9.96 22.18
C ASP L 72 -34.76 9.71 21.03
N PRO L 73 -34.71 10.59 20.00
CA PRO L 73 -33.92 10.47 18.77
C PRO L 73 -32.44 10.10 18.95
N GLY L 74 -31.84 10.33 20.12
CA GLY L 74 -30.44 9.95 20.26
C GLY L 74 -30.34 8.49 20.67
N ALA L 75 -31.38 8.03 21.36
CA ALA L 75 -31.47 6.67 21.88
C ALA L 75 -31.38 5.62 20.75
N PRO L 76 -31.92 5.83 19.53
CA PRO L 76 -31.78 4.91 18.41
C PRO L 76 -30.35 4.61 18.01
N LEU L 77 -29.41 5.47 18.38
CA LEU L 77 -28.03 5.28 18.01
C LEU L 77 -27.33 4.45 19.07
N LEU L 78 -28.03 4.27 20.19
CA LEU L 78 -27.58 3.55 21.37
C LEU L 78 -27.62 2.05 21.11
N LEU L 79 -28.42 1.69 20.10
CA LEU L 79 -28.63 0.31 19.74
C LEU L 79 -28.79 0.23 18.21
N PRO L 80 -27.70 0.01 17.45
CA PRO L 80 -27.66 0.03 16.00
C PRO L 80 -28.80 -0.81 15.46
N GLU L 81 -29.44 -0.36 14.38
CA GLU L 81 -30.65 -0.99 13.87
C GLU L 81 -30.69 -2.51 13.80
N ASP L 82 -29.68 -3.20 13.29
CA ASP L 82 -29.86 -4.66 13.29
C ASP L 82 -29.80 -5.29 14.67
N LEU L 83 -29.19 -4.62 15.63
CA LEU L 83 -29.07 -5.12 16.99
C LEU L 83 -30.29 -4.66 17.78
N CYS L 84 -31.19 -4.01 17.07
CA CYS L 84 -32.38 -3.44 17.63
C CYS L 84 -33.56 -4.23 17.02
N ARG L 85 -33.67 -4.26 15.68
CA ARG L 85 -34.78 -4.94 15.02
C ARG L 85 -34.80 -6.45 15.24
N ARG L 86 -33.63 -7.10 15.31
CA ARG L 86 -33.60 -8.55 15.48
C ARG L 86 -34.21 -9.04 16.76
N TYR L 87 -34.31 -8.16 17.75
CA TYR L 87 -34.77 -8.55 19.05
C TYR L 87 -36.07 -7.89 19.43
N GLY L 88 -36.63 -7.09 18.50
CA GLY L 88 -37.88 -6.41 18.77
C GLY L 88 -37.74 -5.33 19.82
N VAL L 89 -36.65 -4.57 19.80
CA VAL L 89 -36.47 -3.56 20.86
C VAL L 89 -36.24 -2.16 20.35
N PHE L 90 -36.60 -1.14 21.11
CA PHE L 90 -36.27 0.23 20.74
C PHE L 90 -35.97 1.12 21.94
N PRO L 91 -34.83 1.80 21.94
CA PRO L 91 -34.46 2.77 22.93
C PRO L 91 -35.30 4.06 22.97
N HIS L 92 -35.98 4.33 24.08
CA HIS L 92 -36.75 5.56 24.30
C HIS L 92 -35.94 6.44 25.22
N ARG L 93 -36.60 7.35 25.94
CA ARG L 93 -35.87 8.32 26.74
C ARG L 93 -34.75 7.74 27.54
N LEU L 94 -33.65 8.46 27.53
CA LEU L 94 -32.51 8.05 28.32
C LEU L 94 -32.63 8.69 29.70
N GLU L 95 -32.21 7.96 30.73
CA GLU L 95 -32.25 8.42 32.10
C GLU L 95 -30.84 8.24 32.72
N GLY L 96 -29.90 9.07 32.29
CA GLY L 96 -28.51 8.90 32.70
C GLY L 96 -27.98 7.58 32.15
N ASN L 97 -27.50 6.70 33.02
CA ASN L 97 -26.97 5.40 32.63
C ASN L 97 -28.05 4.46 32.08
N ARG L 98 -29.29 4.76 32.46
CA ARG L 98 -30.48 3.96 32.18
C ARG L 98 -31.11 4.19 30.81
N LEU L 99 -31.64 3.11 30.23
CA LEU L 99 -32.41 3.22 28.99
C LEU L 99 -33.85 2.74 29.04
N VAL L 100 -34.80 3.57 28.64
CA VAL L 100 -36.14 3.02 28.53
C VAL L 100 -36.25 2.18 27.28
N LEU L 101 -35.95 0.91 27.44
CA LEU L 101 -35.94 0.04 26.28
C LEU L 101 -37.30 -0.55 26.12
N LEU L 102 -37.91 -0.30 24.99
CA LEU L 102 -39.21 -0.82 24.72
C LEU L 102 -39.03 -2.11 23.97
N MET L 103 -39.62 -3.19 24.44
CA MET L 103 -39.37 -4.47 23.79
C MET L 103 -40.59 -5.37 23.67
N LYS L 104 -40.64 -6.18 22.61
CA LYS L 104 -41.74 -7.14 22.43
C LYS L 104 -41.92 -8.10 23.59
N ASP L 105 -40.83 -8.37 24.27
CA ASP L 105 -40.78 -9.23 25.43
C ASP L 105 -39.51 -9.02 26.24
N PRO L 106 -39.51 -8.10 27.22
CA PRO L 106 -38.43 -7.83 28.15
C PRO L 106 -38.03 -9.03 29.05
N ARG L 107 -38.73 -10.16 28.92
CA ARG L 107 -38.39 -11.39 29.59
C ARG L 107 -37.73 -12.39 28.62
N ASN L 108 -37.71 -12.08 27.33
CA ASN L 108 -37.08 -12.97 26.36
C ASN L 108 -35.60 -12.85 26.55
N ILE L 109 -35.06 -13.68 27.44
CA ILE L 109 -33.68 -13.51 27.81
C ILE L 109 -32.68 -13.79 26.70
N LEU L 110 -32.96 -14.61 25.70
CA LEU L 110 -31.95 -14.70 24.65
C LEU L 110 -31.86 -13.42 23.86
N ALA L 111 -33.01 -12.95 23.39
CA ALA L 111 -33.03 -11.73 22.60
C ALA L 111 -32.53 -10.57 23.43
N LEU L 112 -32.94 -10.58 24.68
CA LEU L 112 -32.61 -9.54 25.64
C LEU L 112 -31.13 -9.55 25.88
N ASP L 113 -30.50 -10.72 26.04
CA ASP L 113 -29.07 -10.79 26.25
C ASP L 113 -28.31 -10.21 25.07
N ASP L 114 -28.74 -10.50 23.84
CA ASP L 114 -28.01 -9.93 22.71
C ASP L 114 -28.12 -8.41 22.75
N VAL L 115 -29.31 -7.92 23.11
CA VAL L 115 -29.55 -6.49 23.21
C VAL L 115 -28.81 -5.86 24.35
N ARG L 116 -28.80 -6.50 25.51
CA ARG L 116 -28.13 -5.98 26.69
C ARG L 116 -26.68 -5.78 26.40
N LEU L 117 -26.07 -6.76 25.75
CA LEU L 117 -24.69 -6.59 25.44
C LEU L 117 -24.53 -5.44 24.47
N ALA L 118 -25.41 -5.33 23.47
CA ALA L 118 -25.33 -4.22 22.55
C ALA L 118 -25.54 -2.89 23.29
N LEU L 119 -26.41 -2.87 24.29
CA LEU L 119 -26.66 -1.67 25.04
C LEU L 119 -25.57 -1.30 26.04
N LYS L 120 -24.52 -2.10 26.10
CA LYS L 120 -23.34 -1.81 26.90
C LYS L 120 -22.12 -1.63 25.97
N ARG L 121 -22.09 -2.39 24.86
CA ARG L 121 -20.99 -2.33 23.89
C ARG L 121 -21.18 -1.18 22.92
N LYS L 122 -22.44 -0.88 22.61
CA LYS L 122 -22.84 0.17 21.69
C LYS L 122 -23.59 1.28 22.45
N GLY L 123 -24.30 0.89 23.51
CA GLY L 123 -25.20 1.77 24.29
C GLY L 123 -24.66 2.45 25.57
N LEU L 124 -25.38 2.29 26.70
CA LEU L 124 -25.10 2.97 27.99
C LEU L 124 -24.53 1.98 29.00
N ASN L 125 -25.11 1.91 30.21
CA ASN L 125 -24.71 0.91 31.19
C ASN L 125 -25.92 0.01 31.32
N TYR L 126 -26.74 0.08 30.28
CA TYR L 126 -28.01 -0.60 30.16
C TYR L 126 -29.00 -0.10 31.20
N GLU L 127 -28.76 -0.46 32.48
CA GLU L 127 -29.60 -0.08 33.63
C GLU L 127 -31.01 0.18 33.15
N VAL L 128 -31.61 -0.82 32.57
CA VAL L 128 -32.78 -0.56 31.77
C VAL L 128 -33.90 0.01 32.61
N ALA L 129 -34.67 0.90 32.00
CA ALA L 129 -35.86 1.50 32.58
C ALA L 129 -36.99 1.14 31.62
N PRO L 130 -37.22 -0.16 31.49
CA PRO L 130 -37.89 -0.87 30.40
C PRO L 130 -39.37 -0.71 30.25
N ALA L 131 -39.86 -1.12 29.09
CA ALA L 131 -41.30 -1.21 28.81
C ALA L 131 -41.58 -2.30 27.76
N VAL L 132 -42.83 -2.75 27.68
CA VAL L 132 -43.25 -3.80 26.75
C VAL L 132 -44.05 -3.23 25.55
N ALA L 133 -43.78 -3.71 24.33
CA ALA L 133 -44.64 -3.31 23.20
C ALA L 133 -44.51 -4.24 22.03
N THR L 134 -45.57 -4.41 21.28
CA THR L 134 -45.43 -5.24 20.08
C THR L 134 -44.26 -4.85 19.20
N GLU L 135 -43.62 -5.90 18.70
CA GLU L 135 -42.50 -5.84 17.79
C GLU L 135 -42.80 -5.05 16.54
N ALA L 136 -44.03 -5.11 16.06
CA ALA L 136 -44.31 -4.43 14.79
C ALA L 136 -44.18 -2.93 14.94
N ALA L 137 -44.82 -2.39 15.97
CA ALA L 137 -44.81 -0.96 16.22
C ALA L 137 -43.42 -0.54 16.62
N ILE L 138 -42.74 -1.40 17.38
CA ILE L 138 -41.38 -1.08 17.78
C ILE L 138 -40.51 -1.02 16.55
N THR L 139 -40.65 -1.98 15.65
CA THR L 139 -39.84 -1.98 14.46
C THR L 139 -40.11 -0.73 13.64
N LYS L 140 -41.37 -0.34 13.50
CA LYS L 140 -41.64 0.88 12.74
C LYS L 140 -40.91 2.05 13.36
N LEU L 141 -40.90 2.10 14.69
CA LEU L 141 -40.22 3.16 15.41
C LEU L 141 -38.71 3.10 15.18
N ILE L 142 -38.14 1.90 15.14
CA ILE L 142 -36.70 1.76 14.95
C ILE L 142 -36.32 2.33 13.59
N GLU L 143 -37.10 1.96 12.57
CA GLU L 143 -36.86 2.37 11.19
C GLU L 143 -36.91 3.89 11.02
N ARG L 144 -37.80 4.54 11.76
CA ARG L 144 -37.93 6.00 11.69
C ARG L 144 -36.64 6.73 12.06
N PHE L 145 -35.80 6.13 12.88
CA PHE L 145 -34.60 6.80 13.35
C PHE L 145 -33.26 6.21 12.95
N TYR L 146 -33.19 5.41 11.89
CA TYR L 146 -31.87 4.88 11.63
C TYR L 146 -31.70 4.58 10.14
N SER M 1 26.30 31.61 -1.60
CA SER M 1 26.01 30.66 -2.67
C SER M 1 26.63 31.10 -4.00
N ALA M 2 27.85 31.65 -3.93
CA ALA M 2 28.54 32.21 -5.10
C ALA M 2 28.70 31.26 -6.28
N ALA M 3 28.81 29.98 -6.01
CA ALA M 3 29.09 29.05 -7.06
C ALA M 3 27.92 28.69 -7.92
N GLN M 4 26.77 29.32 -7.70
CA GLN M 4 25.66 29.11 -8.59
C GLN M 4 26.11 29.52 -10.01
N LYS M 5 27.06 30.48 -10.09
CA LYS M 5 27.65 30.94 -11.33
C LYS M 5 29.10 30.42 -11.49
N PHE M 6 29.87 30.41 -10.40
CA PHE M 6 31.27 29.97 -10.48
C PHE M 6 31.39 28.60 -11.15
N VAL M 7 30.55 27.65 -10.78
CA VAL M 7 30.71 26.35 -11.40
C VAL M 7 30.60 26.40 -12.86
N LYS M 8 29.66 27.19 -13.34
CA LYS M 8 29.45 27.25 -14.75
C LYS M 8 30.73 27.73 -15.41
N GLN M 9 31.47 28.60 -14.71
CA GLN M 9 32.75 29.07 -15.22
C GLN M 9 33.75 27.90 -15.27
N VAL M 10 33.67 26.99 -14.29
CA VAL M 10 34.61 25.85 -14.25
C VAL M 10 34.32 24.94 -15.40
N ILE M 11 33.03 24.70 -15.61
CA ILE M 11 32.58 23.81 -16.63
C ILE M 11 32.97 24.36 -18.00
N ARG M 12 32.69 25.64 -18.19
CA ARG M 12 33.02 26.35 -19.41
C ARG M 12 34.50 26.31 -19.68
N GLU M 13 35.29 26.65 -18.67
CA GLU M 13 36.71 26.69 -18.83
C GLU M 13 37.28 25.30 -19.02
N ALA M 14 36.68 24.28 -18.44
CA ALA M 14 37.22 22.94 -18.70
C ALA M 14 37.24 22.72 -20.20
N PHE M 15 36.20 23.16 -20.90
CA PHE M 15 36.27 22.98 -22.35
C PHE M 15 37.32 23.90 -22.97
N LEU M 16 37.33 25.16 -22.57
CA LEU M 16 38.18 26.16 -23.18
C LEU M 16 39.68 25.93 -22.96
N GLN M 17 40.02 25.34 -21.83
CA GLN M 17 41.40 25.07 -21.46
C GLN M 17 41.87 23.68 -21.90
N ASP M 18 41.04 22.98 -22.67
CA ASP M 18 41.31 21.64 -23.18
C ASP M 18 41.46 20.59 -22.09
N ALA M 19 40.49 20.59 -21.18
CA ALA M 19 40.39 19.60 -20.16
C ALA M 19 39.51 18.47 -20.63
N SER M 20 39.65 17.29 -20.03
CA SER M 20 38.68 16.23 -20.30
C SER M 20 37.62 16.16 -19.21
N ASP M 21 37.86 16.82 -18.06
CA ASP M 21 36.96 16.77 -16.87
C ASP M 21 36.88 18.07 -16.04
N ILE M 22 35.69 18.26 -15.44
CA ILE M 22 35.30 19.35 -14.51
C ILE M 22 35.19 18.98 -13.06
N HIS M 23 35.98 19.62 -12.19
CA HIS M 23 35.92 19.30 -10.77
C HIS M 23 35.84 20.44 -9.80
N ILE M 24 34.81 20.42 -8.97
CA ILE M 24 34.70 21.42 -7.94
C ILE M 24 34.64 20.66 -6.57
N GLU M 25 35.68 20.83 -5.75
CA GLU M 25 35.93 20.00 -4.56
C GLU M 25 36.37 20.78 -3.31
N PRO M 26 35.76 20.60 -2.14
CA PRO M 26 35.96 21.44 -0.97
C PRO M 26 37.26 21.43 -0.15
N ARG M 27 37.45 22.54 0.57
CA ARG M 27 38.51 22.74 1.55
C ARG M 27 37.86 23.14 2.89
N GLN M 28 38.67 23.35 3.92
CA GLN M 28 38.15 23.76 5.23
C GLN M 28 37.41 25.10 5.24
N ASN M 29 37.87 26.04 4.43
CA ASN M 29 37.30 27.39 4.35
C ASN M 29 36.70 27.72 2.97
N ASP M 30 37.40 27.29 1.93
CA ASP M 30 37.02 27.50 0.55
C ASP M 30 36.88 26.13 -0.12
N VAL M 31 36.84 26.10 -1.43
CA VAL M 31 36.68 24.90 -2.24
C VAL M 31 37.66 24.80 -3.37
N GLN M 32 38.40 23.72 -3.47
CA GLN M 32 39.39 23.57 -4.53
C GLN M 32 38.77 23.26 -5.88
N VAL M 33 39.12 24.02 -6.91
CA VAL M 33 38.52 23.78 -8.20
C VAL M 33 39.55 23.46 -9.27
N ARG M 34 39.31 22.41 -10.05
CA ARG M 34 40.27 22.00 -11.06
C ARG M 34 39.71 21.63 -12.45
N LEU M 35 40.53 21.88 -13.47
CA LEU M 35 40.18 21.47 -14.84
C LEU M 35 41.17 20.39 -15.27
N ARG M 36 40.70 19.28 -15.87
CA ARG M 36 41.63 18.18 -16.24
C ARG M 36 42.35 18.41 -17.55
N ILE M 37 43.19 19.42 -17.53
CA ILE M 37 43.90 19.92 -18.70
C ILE M 37 44.93 18.94 -19.14
N ASP M 38 44.81 18.56 -20.41
CA ASP M 38 45.71 17.58 -20.98
C ASP M 38 45.82 16.31 -20.15
N GLY M 39 44.68 15.90 -19.59
CA GLY M 39 44.58 14.66 -18.84
C GLY M 39 44.91 14.76 -17.34
N ALA M 40 45.25 15.95 -16.83
CA ALA M 40 45.58 16.06 -15.40
C ALA M 40 44.87 17.23 -14.76
N LEU M 41 44.33 17.04 -13.55
CA LEU M 41 43.63 18.16 -12.90
C LEU M 41 44.56 19.25 -12.46
N ARG M 42 44.20 20.48 -12.85
CA ARG M 42 45.00 21.65 -12.56
C ARG M 42 44.21 22.62 -11.70
N PRO M 43 44.83 23.33 -10.76
CA PRO M 43 44.22 24.26 -9.81
C PRO M 43 43.64 25.51 -10.44
N TYR M 44 42.45 25.34 -10.99
CA TYR M 44 41.72 26.39 -11.67
C TYR M 44 41.49 27.60 -10.81
N SER M 45 40.94 27.35 -9.63
CA SER M 45 40.58 28.38 -8.66
C SER M 45 40.13 27.73 -7.38
N THR M 46 39.57 28.55 -6.52
CA THR M 46 38.85 28.04 -5.41
C THR M 46 37.52 28.80 -5.40
N LEU M 47 36.56 28.36 -4.58
CA LEU M 47 35.28 29.06 -4.37
C LEU M 47 34.89 28.89 -2.87
N PRO M 48 34.00 29.68 -2.25
CA PRO M 48 33.68 29.56 -0.81
C PRO M 48 33.17 28.17 -0.38
N LYS M 49 33.50 27.73 0.83
CA LYS M 49 33.05 26.41 1.27
C LYS M 49 31.56 26.24 1.09
N GLY M 50 30.76 27.18 1.58
CA GLY M 50 29.31 27.10 1.41
C GLY M 50 28.92 27.11 -0.07
N ALA M 51 29.71 27.81 -0.86
CA ALA M 51 29.44 27.88 -2.27
C ALA M 51 29.56 26.49 -2.86
N LEU M 52 30.35 25.56 -2.29
CA LEU M 52 30.36 24.20 -2.84
C LEU M 52 28.96 23.63 -2.91
N ASN M 53 28.08 23.93 -1.98
CA ASN M 53 26.77 23.34 -2.16
C ASN M 53 26.04 24.06 -3.32
N ALA M 54 26.39 25.34 -3.55
CA ALA M 54 25.84 26.07 -4.70
C ALA M 54 26.38 25.44 -5.99
N VAL M 55 27.62 24.97 -5.92
CA VAL M 55 28.27 24.28 -7.02
C VAL M 55 27.51 23.07 -7.40
N ILE M 56 27.19 22.33 -6.37
CA ILE M 56 26.43 21.16 -6.50
C ILE M 56 25.12 21.43 -7.07
N SER M 57 24.48 22.49 -6.61
CA SER M 57 23.21 22.83 -7.16
C SER M 57 23.42 23.09 -8.65
N VAL M 58 24.48 23.78 -9.06
CA VAL M 58 24.67 23.96 -10.49
C VAL M 58 24.83 22.67 -11.23
N VAL M 59 25.68 21.80 -10.74
CA VAL M 59 25.88 20.66 -11.57
C VAL M 59 24.65 19.73 -11.52
N LYS M 60 23.94 19.68 -10.39
CA LYS M 60 22.76 18.85 -10.28
C LYS M 60 21.62 19.39 -11.11
N ILE M 61 21.43 20.71 -11.08
CA ILE M 61 20.35 21.32 -11.82
C ILE M 61 20.49 21.13 -13.29
N MET M 62 21.68 21.40 -13.80
CA MET M 62 21.88 21.33 -15.22
C MET M 62 21.63 19.90 -15.74
N GLY M 63 21.94 18.86 -14.93
CA GLY M 63 21.68 17.47 -15.35
C GLY M 63 20.46 16.79 -14.80
N GLY M 64 19.57 17.53 -14.15
CA GLY M 64 18.33 16.98 -13.65
C GLY M 64 18.43 16.09 -12.41
N LEU M 65 19.45 16.28 -11.57
CA LEU M 65 19.58 15.43 -10.39
C LEU M 65 18.74 15.97 -9.28
N ASN M 66 18.30 15.09 -8.38
CA ASN M 66 17.55 15.60 -7.26
C ASN M 66 18.47 16.51 -6.49
N ILE M 67 18.13 17.78 -6.49
CA ILE M 67 18.93 18.83 -5.89
C ILE M 67 19.14 18.60 -4.40
N ALA M 68 18.22 17.87 -3.77
CA ALA M 68 18.26 17.57 -2.35
C ALA M 68 19.16 16.38 -2.01
N GLU M 69 19.53 15.56 -2.98
CA GLU M 69 20.28 14.38 -2.64
C GLU M 69 21.75 14.69 -2.53
N LYS M 70 22.06 15.35 -1.42
CA LYS M 70 23.37 15.80 -1.02
C LYS M 70 23.80 14.91 0.14
N ARG M 71 23.13 13.77 0.23
CA ARG M 71 23.34 12.79 1.28
C ARG M 71 24.01 11.54 0.69
N LEU M 72 23.78 11.30 -0.59
CA LEU M 72 24.37 10.18 -1.29
C LEU M 72 24.59 10.66 -2.72
N PRO M 73 25.57 10.14 -3.46
CA PRO M 73 25.89 10.51 -4.81
C PRO M 73 24.89 10.08 -5.82
N GLN M 74 24.82 10.88 -6.87
CA GLN M 74 23.93 10.69 -8.00
C GLN M 74 24.66 11.04 -9.31
N ASP M 75 24.07 10.69 -10.45
CA ASP M 75 24.68 11.08 -11.73
C ASP M 75 23.65 11.36 -12.80
N GLY M 76 24.07 11.99 -13.90
CA GLY M 76 23.09 12.34 -14.93
C GLY M 76 23.63 12.85 -16.26
N ARG M 77 22.78 13.65 -16.94
CA ARG M 77 23.05 14.15 -18.29
C ARG M 77 22.86 15.63 -18.32
N VAL M 78 23.94 16.35 -18.32
CA VAL M 78 23.82 17.75 -18.11
C VAL M 78 23.48 18.49 -19.32
N ARG M 79 22.32 19.08 -19.37
CA ARG M 79 21.98 19.82 -20.57
C ARG M 79 22.70 21.12 -20.36
N TYR M 80 24.01 21.09 -20.64
CA TYR M 80 24.81 22.16 -20.18
C TYR M 80 24.85 23.28 -21.14
N ARG M 81 24.52 24.45 -20.60
CA ARG M 81 24.44 25.69 -21.35
C ARG M 81 25.28 26.83 -20.75
N GLU M 82 26.48 27.06 -21.31
CA GLU M 82 27.39 28.15 -20.90
C GLU M 82 28.58 28.27 -21.87
N GLY M 83 28.73 29.43 -22.48
CA GLY M 83 29.86 29.66 -23.38
C GLY M 83 29.89 28.68 -24.55
N ALA M 84 30.99 27.93 -24.63
CA ALA M 84 31.24 26.96 -25.70
C ALA M 84 30.45 25.66 -25.55
N ILE M 85 29.69 25.53 -24.47
CA ILE M 85 29.05 24.28 -24.21
C ILE M 85 27.52 24.28 -24.41
N ASP M 86 27.08 23.29 -25.21
CA ASP M 86 25.71 22.90 -25.56
C ASP M 86 25.83 21.40 -25.68
N VAL M 87 26.11 20.82 -24.52
CA VAL M 87 26.58 19.43 -24.40
C VAL M 87 25.92 18.62 -23.31
N ASP M 88 25.52 17.35 -23.57
CA ASP M 88 25.03 16.60 -22.41
C ASP M 88 26.22 16.14 -21.56
N LEU M 89 26.66 17.00 -20.63
CA LEU M 89 27.90 16.74 -19.87
C LEU M 89 27.70 15.61 -18.92
N ARG M 90 28.80 14.95 -18.57
CA ARG M 90 28.64 13.74 -17.82
C ARG M 90 28.75 13.92 -16.32
N LEU M 91 27.61 14.31 -15.77
CA LEU M 91 27.38 14.70 -14.39
C LEU M 91 27.40 13.67 -13.30
N SER M 92 28.06 14.03 -12.21
CA SER M 92 28.00 13.27 -10.99
C SER M 92 28.25 14.15 -9.79
N THR M 93 27.55 13.84 -8.70
CA THR M 93 27.84 14.55 -7.47
C THR M 93 28.04 13.55 -6.35
N LEU M 94 28.85 13.92 -5.34
CA LEU M 94 29.12 13.05 -4.18
C LEU M 94 29.33 13.75 -2.85
N PRO M 95 28.57 13.44 -1.78
CA PRO M 95 28.74 14.14 -0.53
C PRO M 95 30.06 13.91 0.18
N THR M 96 30.62 15.02 0.57
CA THR M 96 31.93 15.18 1.16
C THR M 96 31.83 16.04 2.43
N VAL M 97 32.71 15.79 3.39
CA VAL M 97 32.66 16.46 4.70
C VAL M 97 32.55 17.98 4.72
N TYR M 98 33.00 18.65 3.67
CA TYR M 98 32.98 20.09 3.62
C TYR M 98 31.95 20.60 2.58
N GLY M 99 31.08 19.71 2.10
CA GLY M 99 30.09 20.03 1.07
C GLY M 99 30.21 19.01 -0.05
N GLU M 100 29.17 18.83 -0.84
CA GLU M 100 29.17 17.79 -1.90
C GLU M 100 30.09 18.09 -3.11
N LYS M 101 30.88 17.09 -3.53
CA LYS M 101 31.79 17.23 -4.68
C LYS M 101 31.01 17.28 -5.98
N ALA M 102 31.37 18.20 -6.86
CA ALA M 102 30.66 18.40 -8.11
C ALA M 102 31.48 18.10 -9.34
N VAL M 103 31.03 17.14 -10.14
CA VAL M 103 31.78 16.71 -11.32
C VAL M 103 31.02 16.59 -12.61
N MET M 104 31.67 17.01 -13.66
CA MET M 104 31.13 16.75 -14.98
C MET M 104 32.21 16.26 -15.95
N ARG M 105 32.22 14.98 -16.34
CA ARG M 105 33.27 14.65 -17.31
C ARG M 105 32.88 15.41 -18.54
N LEU M 106 33.83 15.98 -19.21
CA LEU M 106 33.40 16.73 -20.33
C LEU M 106 32.94 15.83 -21.39
N LEU M 107 31.91 16.27 -22.01
CA LEU M 107 31.52 15.67 -23.22
C LEU M 107 32.06 16.60 -24.27
N LYS M 108 33.21 16.19 -24.77
CA LYS M 108 34.09 16.90 -25.67
C LYS M 108 33.51 16.80 -27.04
N LYS M 109 34.09 17.46 -28.02
CA LYS M 109 33.53 17.38 -29.36
C LYS M 109 34.45 16.61 -30.31
N ALA M 110 33.97 16.28 -31.50
CA ALA M 110 34.83 15.60 -32.47
C ALA M 110 36.14 16.36 -32.70
N SER M 111 36.08 17.68 -32.64
CA SER M 111 37.24 18.53 -32.85
C SER M 111 38.35 18.37 -31.79
N ASP M 112 38.03 17.69 -30.69
CA ASP M 112 38.96 17.45 -29.60
C ASP M 112 39.66 16.10 -29.70
N ILE M 113 39.41 15.37 -30.78
CA ILE M 113 40.00 14.06 -30.98
C ILE M 113 41.09 14.04 -32.06
N PRO M 114 42.37 13.78 -31.71
CA PRO M 114 43.49 13.67 -32.62
C PRO M 114 43.21 12.56 -33.61
N GLU M 115 43.69 12.67 -34.84
CA GLU M 115 43.42 11.64 -35.83
C GLU M 115 44.10 10.30 -35.61
N ILE M 116 43.58 9.33 -36.34
CA ILE M 116 44.09 7.97 -36.42
C ILE M 116 45.51 7.90 -36.97
N GLU M 117 46.08 9.05 -37.38
CA GLU M 117 47.44 9.16 -37.85
C GLU M 117 48.23 10.06 -36.87
N ASP M 118 47.59 11.18 -36.46
CA ASP M 118 48.14 12.26 -35.62
C ASP M 118 48.65 11.79 -34.29
N LEU M 119 48.01 10.78 -33.76
CA LEU M 119 48.41 10.25 -32.48
C LEU M 119 49.85 9.77 -32.50
N GLY M 120 50.40 9.48 -33.70
CA GLY M 120 51.79 9.05 -33.79
C GLY M 120 51.97 7.66 -34.39
N PHE M 121 51.15 7.29 -35.35
CA PHE M 121 51.27 5.95 -35.90
C PHE M 121 52.36 5.88 -36.96
N ALA M 122 53.46 5.21 -36.64
CA ALA M 122 54.62 5.14 -37.53
C ALA M 122 54.19 4.56 -38.87
N PRO M 123 54.71 5.02 -40.03
CA PRO M 123 54.30 4.55 -41.36
C PRO M 123 53.76 3.11 -41.41
N GLY M 124 54.62 2.11 -41.11
CA GLY M 124 54.20 0.70 -41.13
C GLY M 124 53.09 0.41 -40.14
N VAL M 125 53.14 1.11 -39.02
CA VAL M 125 52.15 0.95 -37.99
C VAL M 125 50.85 1.52 -38.53
N PHE M 126 50.88 2.74 -39.04
CA PHE M 126 49.64 3.29 -39.59
C PHE M 126 49.05 2.46 -40.72
N GLU M 127 49.88 2.00 -41.66
CA GLU M 127 49.33 1.21 -42.77
C GLU M 127 48.43 0.11 -42.24
N ARG M 128 48.88 -0.55 -41.18
CA ARG M 128 48.12 -1.63 -40.57
C ARG M 128 46.82 -1.12 -39.95
N PHE M 129 46.87 0.08 -39.40
CA PHE M 129 45.70 0.70 -38.79
C PHE M 129 44.60 0.82 -39.83
N LYS M 130 45.02 1.35 -41.00
CA LYS M 130 44.14 1.58 -42.12
C LYS M 130 43.58 0.29 -42.65
N GLU M 131 44.43 -0.73 -42.77
CA GLU M 131 43.97 -2.05 -43.21
C GLU M 131 42.76 -2.45 -42.39
N VAL M 132 42.78 -2.18 -41.10
CA VAL M 132 41.66 -2.54 -40.29
C VAL M 132 40.44 -1.63 -40.40
N ILE M 133 40.60 -0.31 -40.24
CA ILE M 133 39.39 0.50 -40.23
C ILE M 133 38.74 0.65 -41.60
N SER M 134 39.49 0.34 -42.67
CA SER M 134 38.94 0.39 -44.01
C SER M 134 38.06 -0.82 -44.35
N LYS M 135 37.95 -1.83 -43.47
CA LYS M 135 37.12 -2.98 -43.78
C LYS M 135 35.64 -2.61 -43.56
N PRO M 136 34.69 -3.22 -44.28
CA PRO M 136 33.26 -3.02 -44.07
C PRO M 136 32.78 -3.66 -42.77
N TYR M 137 33.52 -4.62 -42.25
CA TYR M 137 33.12 -5.21 -40.98
C TYR M 137 34.34 -5.86 -40.32
N GLY M 138 34.21 -6.19 -39.05
CA GLY M 138 35.29 -6.90 -38.34
C GLY M 138 35.66 -6.16 -37.09
N ILE M 139 36.64 -6.63 -36.31
CA ILE M 139 37.02 -5.93 -35.09
C ILE M 139 38.48 -5.43 -35.13
N PHE M 140 38.66 -4.29 -34.48
CA PHE M 140 39.93 -3.62 -34.26
C PHE M 140 40.14 -3.54 -32.77
N LEU M 141 41.19 -4.15 -32.24
CA LEU M 141 41.33 -4.06 -30.79
C LEU M 141 42.30 -2.93 -30.50
N ILE M 142 42.00 -2.12 -29.51
CA ILE M 142 42.85 -1.04 -29.07
C ILE M 142 43.13 -1.25 -27.57
N THR M 143 44.35 -1.09 -27.07
CA THR M 143 44.47 -1.35 -25.64
C THR M 143 45.36 -0.44 -24.75
N GLY M 144 44.86 -0.22 -23.51
CA GLY M 144 45.49 0.58 -22.45
C GLY M 144 44.45 1.22 -21.46
N PRO M 145 44.91 1.99 -20.45
CA PRO M 145 44.16 2.72 -19.40
C PRO M 145 43.47 4.01 -19.85
N THR M 146 42.67 4.64 -18.99
CA THR M 146 42.25 6.00 -19.28
C THR M 146 43.53 6.79 -19.39
N GLY M 147 43.61 7.61 -20.43
CA GLY M 147 44.82 8.33 -20.66
C GLY M 147 45.77 7.50 -21.53
N SER M 148 45.29 6.39 -22.05
CA SER M 148 46.12 5.61 -22.94
C SER M 148 46.09 6.18 -24.33
N GLY M 149 45.08 6.99 -24.60
CA GLY M 149 44.91 7.55 -25.92
C GLY M 149 43.97 6.68 -26.70
N LYS M 150 43.57 5.55 -26.12
CA LYS M 150 42.65 4.65 -26.79
C LYS M 150 41.37 5.36 -27.15
N SER M 151 41.00 6.38 -26.37
CA SER M 151 39.81 7.16 -26.64
C SER M 151 40.07 7.98 -27.88
N PHE M 152 41.29 8.47 -28.01
CA PHE M 152 41.53 9.33 -29.14
C PHE M 152 41.48 8.47 -30.38
N THR M 153 42.12 7.30 -30.33
CA THR M 153 42.10 6.45 -31.51
C THR M 153 40.70 6.00 -31.81
N THR M 154 40.02 5.50 -30.81
CA THR M 154 38.69 4.97 -30.99
C THR M 154 37.79 6.00 -31.60
N PHE M 155 37.82 7.22 -31.09
CA PHE M 155 36.87 8.15 -31.60
C PHE M 155 37.42 8.88 -32.80
N SER M 156 38.72 8.75 -33.05
CA SER M 156 39.27 9.32 -34.26
C SER M 156 38.88 8.41 -35.39
N ILE M 157 38.72 7.14 -35.06
CA ILE M 157 38.27 6.24 -36.05
C ILE M 157 36.87 6.66 -36.37
N LEU M 158 36.06 6.97 -35.35
CA LEU M 158 34.73 7.47 -35.68
C LEU M 158 34.80 8.63 -36.58
N LYS M 159 35.69 9.55 -36.32
CA LYS M 159 35.77 10.66 -37.23
C LYS M 159 36.09 10.19 -38.66
N ARG M 160 36.84 9.10 -38.78
CA ARG M 160 37.17 8.54 -40.08
C ARG M 160 36.17 7.50 -40.63
N ILE M 161 35.22 6.99 -39.80
CA ILE M 161 34.28 5.98 -40.31
C ILE M 161 32.78 6.32 -40.06
N ALA M 162 32.47 7.22 -39.12
CA ALA M 162 31.08 7.55 -38.74
C ALA M 162 30.46 8.55 -39.68
N THR M 163 30.17 8.07 -40.86
CA THR M 163 29.66 8.87 -41.96
C THR M 163 28.13 8.90 -42.08
N PRO M 164 27.56 9.81 -42.91
CA PRO M 164 26.13 9.90 -43.23
C PRO M 164 25.52 8.61 -43.75
N ASP M 165 26.33 7.71 -44.31
CA ASP M 165 25.79 6.44 -44.79
C ASP M 165 26.08 5.30 -43.81
N LYS M 166 26.47 5.59 -42.57
CA LYS M 166 26.72 4.50 -41.63
C LYS M 166 26.14 4.78 -40.25
N ASN M 167 25.31 3.86 -39.79
CA ASN M 167 24.63 4.01 -38.52
C ASN M 167 25.58 3.79 -37.41
N THR M 168 26.32 4.83 -37.10
CA THR M 168 27.28 4.68 -36.08
C THR M 168 26.64 4.92 -34.75
N GLN M 169 26.88 4.02 -33.84
CA GLN M 169 26.32 4.08 -32.52
C GLN M 169 27.43 3.73 -31.53
N THR M 170 27.64 4.57 -30.53
CA THR M 170 28.75 4.20 -29.64
C THR M 170 28.26 3.80 -28.30
N ILE M 171 29.13 3.12 -27.60
CA ILE M 171 28.93 2.66 -26.25
C ILE M 171 30.08 3.20 -25.38
N GLU M 172 29.81 4.21 -24.54
CA GLU M 172 30.91 4.85 -23.80
C GLU M 172 30.60 5.11 -22.31
N ASP M 173 31.61 4.95 -21.45
CA ASP M 173 31.43 5.20 -20.00
C ASP M 173 32.28 6.36 -19.46
N PRO M 174 31.74 7.59 -19.45
CA PRO M 174 30.54 8.15 -20.07
C PRO M 174 30.91 8.57 -21.48
N VAL M 175 29.99 9.13 -22.25
CA VAL M 175 30.44 9.55 -23.59
C VAL M 175 31.41 10.68 -23.42
N GLU M 176 32.56 10.52 -24.04
CA GLU M 176 33.61 11.51 -23.96
C GLU M 176 33.56 12.54 -25.05
N TYR M 177 33.01 12.20 -26.23
CA TYR M 177 33.00 13.11 -27.37
C TYR M 177 31.64 13.29 -28.05
N GLU M 178 31.43 14.43 -28.72
CA GLU M 178 30.24 14.70 -29.53
C GLU M 178 30.60 14.80 -31.00
N ILE M 179 30.31 13.73 -31.68
CA ILE M 179 30.67 13.48 -33.05
C ILE M 179 29.41 13.38 -33.95
N PRO M 180 29.41 13.97 -35.16
CA PRO M 180 28.37 13.85 -36.18
C PRO M 180 28.42 12.48 -36.87
N GLY M 181 27.31 12.05 -37.51
CA GLY M 181 27.26 10.79 -38.27
C GLY M 181 27.08 9.60 -37.32
N ILE M 182 26.91 9.96 -36.05
CA ILE M 182 26.85 9.04 -34.95
C ILE M 182 25.96 9.39 -33.81
N ASN M 183 25.44 8.33 -33.20
CA ASN M 183 24.58 8.37 -32.05
C ASN M 183 25.37 7.83 -30.86
N GLN M 184 25.96 8.72 -30.08
CA GLN M 184 26.87 8.29 -29.03
C GLN M 184 26.27 8.13 -27.65
N THR M 185 26.07 6.89 -27.20
CA THR M 185 25.37 6.55 -25.95
C THR M 185 26.18 6.42 -24.65
N GLN M 186 25.61 6.99 -23.58
CA GLN M 186 26.20 6.93 -22.23
C GLN M 186 25.91 5.58 -21.52
N VAL M 187 26.97 4.95 -20.98
CA VAL M 187 27.02 3.63 -20.32
C VAL M 187 27.45 3.72 -18.85
N ASN M 188 26.83 2.93 -17.96
CA ASN M 188 27.22 2.92 -16.54
C ASN M 188 27.16 1.52 -15.92
N PRO M 189 28.24 0.72 -15.99
CA PRO M 189 28.29 -0.63 -15.49
C PRO M 189 27.93 -0.76 -14.03
N GLN M 190 28.06 0.31 -13.28
CA GLN M 190 27.77 0.23 -11.87
C GLN M 190 26.29 0.14 -11.61
N ALA M 191 25.51 0.64 -12.57
CA ALA M 191 24.07 0.67 -12.52
C ALA M 191 23.46 -0.57 -13.15
N GLY M 192 24.31 -1.47 -13.65
CA GLY M 192 23.86 -2.65 -14.37
C GLY M 192 23.95 -2.41 -15.88
N LEU M 193 24.09 -1.15 -16.27
CA LEU M 193 24.23 -0.80 -17.68
C LEU M 193 25.65 -0.93 -18.10
N THR M 194 26.10 -2.17 -18.15
CA THR M 194 27.47 -2.49 -18.47
C THR M 194 27.61 -2.35 -19.91
N PHE M 195 28.82 -2.53 -20.38
CA PHE M 195 29.02 -2.45 -21.79
C PHE M 195 28.32 -3.63 -22.46
N ALA M 196 28.10 -4.74 -21.75
CA ALA M 196 27.45 -5.86 -22.38
C ALA M 196 25.99 -5.50 -22.58
N ARG M 197 25.41 -4.81 -21.59
CA ARG M 197 24.01 -4.42 -21.73
C ARG M 197 23.89 -3.35 -22.80
N ALA M 198 24.81 -2.40 -22.77
CA ALA M 198 24.82 -1.34 -23.74
C ALA M 198 25.05 -1.90 -25.14
N LEU M 199 25.85 -2.96 -25.28
CA LEU M 199 26.05 -3.65 -26.55
C LEU M 199 24.78 -4.28 -27.06
N ARG M 200 23.97 -4.83 -26.16
CA ARG M 200 22.71 -5.35 -26.65
C ARG M 200 21.84 -4.16 -27.09
N ALA M 201 21.86 -3.08 -26.31
CA ALA M 201 21.08 -1.90 -26.65
C ALA M 201 21.52 -1.37 -28.00
N PHE M 202 22.82 -1.37 -28.22
CA PHE M 202 23.45 -0.97 -29.47
C PHE M 202 22.93 -1.79 -30.63
N LEU M 203 22.93 -3.11 -30.50
CA LEU M 203 22.48 -3.94 -31.61
C LEU M 203 21.02 -3.66 -31.93
N ARG M 204 20.22 -3.35 -30.91
CA ARG M 204 18.81 -3.04 -31.13
C ARG M 204 18.60 -1.69 -31.84
N GLN M 205 19.67 -0.88 -32.00
CA GLN M 205 19.59 0.40 -32.68
C GLN M 205 19.96 0.22 -34.15
N ASP M 206 20.19 -1.07 -34.52
CA ASP M 206 20.61 -1.61 -35.81
C ASP M 206 21.71 -0.85 -36.53
N PRO M 207 22.89 -0.73 -35.90
CA PRO M 207 24.09 -0.07 -36.34
C PRO M 207 24.88 -0.71 -37.44
N ASP M 208 25.69 0.12 -38.06
CA ASP M 208 26.71 -0.30 -39.01
C ASP M 208 28.08 -0.23 -38.35
N ILE M 209 28.25 0.73 -37.45
CA ILE M 209 29.52 0.99 -36.79
C ILE M 209 29.40 1.09 -35.27
N ILE M 210 30.37 0.51 -34.57
CA ILE M 210 30.38 0.57 -33.11
C ILE M 210 31.69 1.01 -32.51
N MET M 211 31.59 1.81 -31.45
CA MET M 211 32.77 2.12 -30.64
C MET M 211 32.55 1.61 -29.22
N VAL M 212 33.52 0.89 -28.64
CA VAL M 212 33.35 0.41 -27.25
C VAL M 212 34.41 0.95 -26.28
N GLY M 213 33.93 1.75 -25.32
CA GLY M 213 34.76 2.42 -24.30
C GLY M 213 35.60 1.47 -23.43
N GLU M 214 35.05 0.29 -23.11
CA GLU M 214 35.83 -0.69 -22.35
C GLU M 214 35.34 -2.12 -22.51
N ILE M 215 36.29 -2.99 -22.78
CA ILE M 215 36.07 -4.40 -22.75
C ILE M 215 36.53 -4.91 -21.40
N ARG M 216 35.62 -5.48 -20.67
CA ARG M 216 35.87 -5.94 -19.31
C ARG M 216 35.25 -7.28 -19.12
N ASP M 217 33.94 -7.33 -19.22
CA ASP M 217 33.27 -8.59 -19.05
C ASP M 217 33.51 -9.33 -20.36
N SER M 218 33.49 -10.65 -20.32
CA SER M 218 33.71 -11.47 -21.51
C SER M 218 32.75 -11.06 -22.63
N GLU M 219 31.53 -10.74 -22.21
CA GLU M 219 30.44 -10.31 -23.06
C GLU M 219 30.69 -8.98 -23.72
N THR M 220 31.48 -8.11 -23.10
CA THR M 220 31.65 -6.84 -23.75
C THR M 220 32.47 -7.07 -24.99
N ALA M 221 33.40 -8.01 -24.87
CA ALA M 221 34.19 -8.33 -26.03
C ALA M 221 33.37 -9.11 -27.03
N LYS M 222 32.68 -10.12 -26.52
CA LYS M 222 31.92 -11.03 -27.36
C LYS M 222 30.80 -10.33 -28.11
N ILE M 223 30.11 -9.40 -27.48
CA ILE M 223 29.01 -8.75 -28.17
C ILE M 223 29.54 -7.65 -29.05
N ALA M 224 30.62 -6.96 -28.64
CA ALA M 224 31.19 -6.00 -29.56
C ALA M 224 31.59 -6.76 -30.81
N THR M 225 32.12 -7.95 -30.61
CA THR M 225 32.50 -8.81 -31.69
C THR M 225 31.23 -9.24 -32.45
N GLU M 226 30.15 -9.61 -31.74
CA GLU M 226 28.89 -9.94 -32.42
C GLU M 226 28.53 -8.82 -33.38
N ALA M 227 28.67 -7.58 -32.95
CA ALA M 227 28.33 -6.51 -33.84
C ALA M 227 29.11 -6.65 -35.12
N ALA M 228 30.41 -6.97 -35.02
CA ALA M 228 31.21 -7.14 -36.22
C ALA M 228 30.68 -8.22 -37.07
N LEU M 229 30.24 -9.22 -36.39
CA LEU M 229 29.76 -10.41 -36.99
C LEU M 229 28.31 -10.30 -37.49
N THR M 230 27.66 -9.16 -37.24
CA THR M 230 26.34 -8.89 -37.77
C THR M 230 26.51 -7.91 -38.94
N GLY M 231 27.77 -7.76 -39.38
CA GLY M 231 28.16 -6.94 -40.51
C GLY M 231 28.57 -5.53 -40.14
N HIS M 232 28.89 -5.29 -38.86
CA HIS M 232 29.27 -3.95 -38.44
C HIS M 232 30.80 -3.79 -38.42
N LEU M 233 31.27 -2.57 -38.45
CA LEU M 233 32.71 -2.35 -38.25
C LEU M 233 32.91 -1.98 -36.81
N VAL M 234 33.70 -2.80 -36.12
CA VAL M 234 33.87 -2.64 -34.70
C VAL M 234 35.20 -2.23 -34.20
N ILE M 235 35.17 -1.13 -33.51
CA ILE M 235 36.34 -0.59 -32.93
C ILE M 235 36.17 -0.67 -31.41
N ALA M 236 37.08 -1.34 -30.71
CA ALA M 236 36.85 -1.51 -29.27
C ALA M 236 38.13 -1.49 -28.46
N THR M 237 38.00 -1.10 -27.19
CA THR M 237 39.15 -1.02 -26.31
C THR M 237 39.23 -2.01 -25.12
N LEU M 238 40.47 -2.36 -24.74
CA LEU M 238 40.87 -3.22 -23.61
C LEU M 238 41.95 -2.53 -22.77
N HIS M 239 42.32 -3.10 -21.61
CA HIS M 239 43.47 -2.60 -20.85
C HIS M 239 44.54 -3.69 -20.70
N THR M 240 45.48 -3.73 -21.64
CA THR M 240 46.53 -4.75 -21.65
C THR M 240 47.87 -4.05 -21.74
N ASN M 241 48.94 -4.83 -21.76
CA ASN M 241 50.28 -4.28 -21.86
C ASN M 241 50.86 -4.28 -23.30
N ASP M 242 50.11 -4.77 -24.29
CA ASP M 242 50.57 -4.73 -25.70
C ASP M 242 49.47 -5.15 -26.71
N ALA M 243 49.78 -5.05 -28.02
CA ALA M 243 48.81 -5.41 -29.06
C ALA M 243 48.60 -6.89 -29.02
N ALA M 244 49.69 -7.55 -28.84
CA ALA M 244 49.69 -8.97 -28.78
C ALA M 244 48.82 -9.44 -27.65
N GLN M 245 48.96 -8.77 -26.51
CA GLN M 245 48.16 -9.11 -25.40
C GLN M 245 46.70 -8.84 -25.67
N ALA M 246 46.33 -7.84 -26.47
CA ALA M 246 44.88 -7.67 -26.69
C ALA M 246 44.30 -8.96 -27.24
N ILE M 247 45.01 -9.64 -28.13
CA ILE M 247 44.48 -10.92 -28.56
C ILE M 247 44.55 -11.97 -27.47
N THR M 248 45.72 -12.04 -26.82
CA THR M 248 45.93 -13.02 -25.78
C THR M 248 44.89 -12.77 -24.71
N ARG M 249 44.68 -11.51 -24.40
CA ARG M 249 43.76 -11.04 -23.40
C ARG M 249 42.35 -11.42 -23.70
N LEU M 250 41.92 -11.29 -24.94
CA LEU M 250 40.57 -11.72 -25.16
C LEU M 250 40.49 -13.23 -24.88
N ASP M 251 41.55 -14.00 -25.21
CA ASP M 251 41.51 -15.42 -24.86
C ASP M 251 41.55 -15.60 -23.33
N GLU M 252 42.38 -14.80 -22.63
CA GLU M 252 42.52 -14.86 -21.16
C GLU M 252 41.17 -14.56 -20.53
N MET M 253 40.42 -13.65 -21.15
CA MET M 253 39.09 -13.23 -20.73
C MET M 253 37.98 -14.22 -21.05
N GLY M 254 38.29 -15.29 -21.76
CA GLY M 254 37.25 -16.25 -22.08
C GLY M 254 36.39 -15.81 -23.27
N VAL M 255 36.88 -14.86 -24.05
CA VAL M 255 36.12 -14.40 -25.20
C VAL M 255 36.45 -15.39 -26.23
N GLU M 256 35.47 -16.18 -26.65
CA GLU M 256 35.82 -17.30 -27.47
C GLU M 256 36.69 -16.85 -28.60
N PRO M 257 37.88 -17.44 -28.75
CA PRO M 257 38.82 -17.16 -29.77
C PRO M 257 38.30 -17.33 -31.16
N PHE M 258 37.25 -18.12 -31.30
CA PHE M 258 36.70 -18.27 -32.61
C PHE M 258 35.85 -17.06 -33.02
N ASN M 259 35.46 -16.25 -32.06
CA ASN M 259 34.73 -15.05 -32.38
C ASN M 259 35.75 -13.96 -32.55
N ILE M 260 36.84 -14.08 -31.79
CA ILE M 260 37.85 -13.05 -31.89
C ILE M 260 38.35 -13.18 -33.31
N SER M 261 38.66 -14.41 -33.72
CA SER M 261 39.15 -14.70 -35.06
C SER M 261 38.16 -14.40 -36.14
N ALA M 262 36.89 -14.67 -35.89
CA ALA M 262 35.89 -14.42 -36.91
C ALA M 262 35.85 -12.97 -37.32
N ALA M 263 36.04 -12.09 -36.37
CA ALA M 263 35.97 -10.69 -36.68
C ALA M 263 37.32 -9.99 -36.76
N LEU M 264 38.30 -10.43 -36.01
CA LEU M 264 39.51 -9.63 -35.87
C LEU M 264 40.28 -9.47 -37.13
N ILE M 265 40.52 -8.20 -37.42
CA ILE M 265 41.28 -7.80 -38.55
C ILE M 265 42.65 -7.39 -38.03
N GLY M 266 42.68 -6.68 -36.89
CA GLY M 266 43.98 -6.23 -36.35
C GLY M 266 43.90 -5.56 -34.96
N VAL M 267 45.09 -5.32 -34.37
CA VAL M 267 45.21 -4.76 -33.03
C VAL M 267 46.23 -3.65 -32.79
N LEU M 268 45.80 -2.59 -32.09
CA LEU M 268 46.62 -1.47 -31.67
C LEU M 268 46.96 -1.39 -30.18
N SER M 269 48.23 -1.44 -29.82
CA SER M 269 48.52 -1.22 -28.40
C SER M 269 48.58 0.26 -28.27
N GLN M 270 48.12 0.83 -27.16
CA GLN M 270 48.24 2.26 -27.09
C GLN M 270 48.48 2.84 -25.68
N ARG M 271 49.34 3.87 -25.62
CA ARG M 271 49.55 4.61 -24.35
C ARG M 271 49.78 6.12 -24.54
N LEU M 272 49.17 7.01 -23.72
CA LEU M 272 49.59 8.40 -23.89
C LEU M 272 50.75 8.67 -23.03
N VAL M 273 51.61 9.42 -23.60
CA VAL M 273 52.79 9.92 -23.00
C VAL M 273 52.69 11.41 -23.12
N ARG M 274 52.95 12.17 -22.08
CA ARG M 274 52.74 13.57 -22.27
C ARG M 274 53.70 14.14 -23.35
N ARG M 275 53.16 15.05 -24.18
CA ARG M 275 53.88 15.73 -25.29
C ARG M 275 54.47 17.08 -24.91
N VAL M 276 55.78 17.21 -25.05
CA VAL M 276 56.45 18.41 -24.60
C VAL M 276 56.06 19.64 -25.34
N CYS M 277 55.70 20.65 -24.58
CA CYS M 277 55.33 21.90 -25.19
C CYS M 277 56.58 22.58 -25.72
N GLU M 278 56.48 23.10 -26.94
CA GLU M 278 57.57 23.75 -27.64
C GLU M 278 58.07 24.99 -26.90
N HIS M 279 57.24 25.54 -26.02
CA HIS M 279 57.59 26.70 -25.23
C HIS M 279 58.29 26.33 -23.93
N CYS M 280 58.55 25.03 -23.72
CA CYS M 280 59.26 24.59 -22.53
C CYS M 280 60.23 23.44 -22.79
N LYS M 281 60.31 23.00 -24.03
CA LYS M 281 61.13 21.85 -24.39
C LYS M 281 62.62 21.96 -24.06
N VAL M 282 63.13 21.02 -23.26
CA VAL M 282 64.55 20.98 -22.86
C VAL M 282 65.30 19.71 -23.24
N GLU M 283 66.40 19.88 -23.97
CA GLU M 283 67.18 18.73 -24.42
C GLU M 283 68.11 18.15 -23.35
N VAL M 284 68.00 16.83 -23.11
CA VAL M 284 68.84 16.12 -22.14
C VAL M 284 69.38 14.83 -22.82
N LYS M 285 70.51 14.25 -22.37
CA LYS M 285 70.98 13.01 -23.04
C LYS M 285 70.63 11.70 -22.26
N PRO M 286 69.94 10.70 -22.88
CA PRO M 286 69.58 9.39 -22.32
C PRO M 286 70.74 8.37 -22.17
N ASP M 287 70.58 7.43 -21.22
CA ASP M 287 71.49 6.30 -20.95
C ASP M 287 71.56 5.17 -22.00
N PRO M 288 72.75 4.79 -22.51
CA PRO M 288 72.98 3.71 -23.46
C PRO M 288 72.36 2.33 -23.17
N GLU M 289 72.26 1.90 -21.91
CA GLU M 289 71.66 0.57 -21.65
C GLU M 289 70.17 0.66 -21.78
N THR M 290 69.60 1.73 -21.25
CA THR M 290 68.16 1.90 -21.37
C THR M 290 67.84 1.96 -22.85
N LEU M 291 68.61 2.76 -23.56
CA LEU M 291 68.46 2.96 -24.97
C LEU M 291 68.67 1.68 -25.78
N ARG M 292 69.62 0.85 -25.38
CA ARG M 292 69.80 -0.40 -26.10
C ARG M 292 68.50 -1.20 -26.01
N ARG M 293 67.99 -1.37 -24.78
CA ARG M 293 66.77 -2.12 -24.52
C ARG M 293 65.54 -1.51 -25.17
N LEU M 294 65.55 -0.18 -25.33
CA LEU M 294 64.44 0.49 -25.97
C LEU M 294 64.51 0.46 -27.50
N GLY M 295 65.60 -0.07 -28.08
CA GLY M 295 65.70 -0.15 -29.54
C GLY M 295 66.47 0.95 -30.31
N LEU M 296 67.63 1.42 -29.80
CA LEU M 296 68.41 2.42 -30.57
C LEU M 296 69.60 1.92 -31.41
N SER M 297 70.51 1.16 -30.78
CA SER M 297 71.84 0.70 -31.28
C SER M 297 72.86 1.85 -31.14
N GLU M 298 74.16 1.52 -31.26
CA GLU M 298 75.24 2.46 -30.97
C GLU M 298 75.22 3.86 -31.61
N ALA M 299 75.05 3.96 -32.92
CA ALA M 299 75.13 5.29 -33.53
C ALA M 299 74.03 6.23 -33.05
N GLU M 300 72.82 5.69 -32.89
CA GLU M 300 71.71 6.53 -32.47
C GLU M 300 71.95 6.91 -31.02
N ILE M 301 72.51 5.99 -30.23
CA ILE M 301 72.82 6.28 -28.83
C ILE M 301 73.82 7.41 -28.71
N GLN M 302 74.84 7.38 -29.55
CA GLN M 302 75.86 8.43 -29.51
C GLN M 302 75.22 9.80 -29.72
N GLY M 303 74.25 9.87 -30.62
CA GLY M 303 73.52 11.11 -30.91
C GLY M 303 72.14 11.21 -30.24
N ALA M 304 71.81 10.30 -29.32
CA ALA M 304 70.48 10.29 -28.71
C ALA M 304 70.25 11.48 -27.82
N ARG M 305 69.04 12.03 -27.85
CA ARG M 305 68.64 13.12 -26.95
C ARG M 305 67.18 12.96 -26.54
N LEU M 306 66.80 13.31 -25.33
CA LEU M 306 65.40 13.29 -24.89
C LEU M 306 64.96 14.71 -24.73
N TYR M 307 63.67 14.99 -24.83
CA TYR M 307 63.24 16.36 -24.62
C TYR M 307 62.25 16.46 -23.49
N LYS M 308 62.65 17.16 -22.44
CA LYS M 308 61.91 17.30 -21.19
C LYS M 308 60.83 18.39 -21.18
N GLY M 309 59.67 18.05 -20.63
CA GLY M 309 58.57 19.01 -20.49
C GLY M 309 58.79 19.86 -19.27
N MET M 310 59.65 20.84 -19.42
CA MET M 310 60.07 21.67 -18.30
C MET M 310 58.98 22.57 -17.66
N GLY M 311 57.97 23.01 -18.42
CA GLY M 311 56.92 23.89 -17.89
C GLY M 311 56.82 25.28 -18.53
N CYS M 312 55.59 25.69 -18.86
CA CYS M 312 55.26 26.98 -19.47
C CYS M 312 53.74 27.24 -19.43
N GLU M 313 53.36 28.47 -19.73
CA GLU M 313 51.95 28.82 -19.79
C GLU M 313 51.18 28.02 -20.85
N ARG M 314 51.89 27.67 -21.92
CA ARG M 314 51.29 27.02 -23.07
C ARG M 314 51.16 25.52 -22.93
N CYS M 315 51.41 25.01 -21.73
CA CYS M 315 51.25 23.58 -21.48
C CYS M 315 50.30 23.34 -20.32
N GLY M 316 49.63 24.40 -19.85
CA GLY M 316 48.68 24.24 -18.75
C GLY M 316 49.38 24.08 -17.42
N GLY M 317 50.69 24.28 -17.45
CA GLY M 317 51.56 24.11 -16.32
C GLY M 317 51.98 22.65 -16.11
N THR M 318 51.68 21.76 -17.06
CA THR M 318 52.00 20.34 -16.88
C THR M 318 53.39 19.95 -17.40
N GLY M 319 53.97 20.82 -18.21
CA GLY M 319 55.23 20.61 -18.92
C GLY M 319 55.01 20.10 -20.32
N TYR M 320 53.81 19.64 -20.57
CA TYR M 320 53.53 19.05 -21.83
C TYR M 320 52.24 19.61 -22.40
N LYS M 321 52.19 19.88 -23.71
CA LYS M 321 50.94 20.35 -24.28
C LYS M 321 50.28 19.24 -25.04
N GLY M 322 49.25 18.72 -24.41
CA GLY M 322 48.52 17.58 -24.90
C GLY M 322 49.38 16.36 -24.71
N ARG M 323 48.93 15.25 -25.26
CA ARG M 323 49.68 14.03 -25.14
C ARG M 323 49.69 13.38 -26.51
N TYR M 324 50.64 12.50 -26.74
CA TYR M 324 50.65 11.79 -28.02
C TYR M 324 50.53 10.35 -27.63
N ALA M 325 50.12 9.47 -28.53
CA ALA M 325 50.03 8.10 -28.10
C ALA M 325 51.12 7.24 -28.70
N ILE M 326 51.55 6.28 -27.92
CA ILE M 326 52.50 5.31 -28.35
C ILE M 326 51.69 4.25 -29.11
N HIS M 327 52.14 3.81 -30.30
CA HIS M 327 51.36 2.86 -31.10
C HIS M 327 52.06 1.61 -31.62
N GLU M 328 51.43 0.47 -31.37
CA GLU M 328 51.91 -0.84 -31.83
C GLU M 328 50.86 -1.55 -32.69
N LEU M 329 51.14 -1.78 -33.99
CA LEU M 329 50.11 -2.42 -34.85
C LEU M 329 50.38 -3.77 -35.50
N LEU M 330 49.47 -4.65 -35.13
CA LEU M 330 49.35 -6.05 -35.49
C LEU M 330 48.20 -6.28 -36.48
N VAL M 331 48.46 -6.96 -37.59
CA VAL M 331 47.37 -7.30 -38.52
C VAL M 331 47.16 -8.77 -38.44
N VAL M 332 45.92 -9.18 -38.32
CA VAL M 332 45.71 -10.58 -38.18
C VAL M 332 45.72 -11.33 -39.50
N ASP M 333 46.91 -11.76 -39.85
CA ASP M 333 47.08 -12.61 -41.01
C ASP M 333 46.81 -14.00 -40.46
N ASP M 334 46.99 -15.05 -41.24
CA ASP M 334 46.66 -16.35 -40.67
C ASP M 334 47.61 -16.88 -39.58
N GLU M 335 48.86 -16.39 -39.49
CA GLU M 335 49.77 -16.88 -38.44
C GLU M 335 49.23 -16.37 -37.13
N ILE M 336 48.71 -15.15 -37.20
CA ILE M 336 48.18 -14.48 -36.05
C ILE M 336 46.80 -15.00 -35.75
N ARG M 337 45.99 -15.23 -36.79
CA ARG M 337 44.64 -15.71 -36.58
C ARG M 337 44.74 -17.04 -35.84
N HIS M 338 45.71 -17.87 -36.22
CA HIS M 338 46.01 -19.09 -35.50
C HIS M 338 46.38 -18.79 -34.07
N ALA M 339 47.29 -17.85 -33.87
CA ALA M 339 47.69 -17.48 -32.53
C ALA M 339 46.50 -17.09 -31.66
N ILE M 340 45.47 -16.48 -32.25
CA ILE M 340 44.30 -16.07 -31.46
C ILE M 340 43.67 -17.31 -30.85
N VAL M 341 43.34 -18.26 -31.71
CA VAL M 341 42.66 -19.47 -31.30
C VAL M 341 43.49 -20.47 -30.56
N ALA M 342 44.78 -20.43 -30.81
CA ALA M 342 45.73 -21.29 -30.14
C ALA M 342 45.95 -20.84 -28.69
N GLY M 343 45.52 -19.61 -28.34
CA GLY M 343 45.73 -19.10 -27.00
C GLY M 343 47.18 -18.67 -26.76
N LYS M 344 47.89 -18.24 -27.81
CA LYS M 344 49.29 -17.85 -27.64
C LYS M 344 49.47 -16.61 -26.78
N SER M 345 50.61 -16.57 -26.09
CA SER M 345 50.95 -15.47 -25.21
C SER M 345 51.23 -14.20 -25.94
N ALA M 346 51.22 -13.11 -25.18
CA ALA M 346 51.51 -11.80 -25.72
C ALA M 346 52.91 -11.74 -26.33
N THR M 347 53.85 -12.43 -25.70
CA THR M 347 55.20 -12.42 -26.25
C THR M 347 55.20 -13.10 -27.60
N GLU M 348 54.53 -14.25 -27.70
CA GLU M 348 54.55 -14.98 -28.98
C GLU M 348 53.94 -14.16 -30.12
N ILE M 349 52.80 -13.53 -29.87
CA ILE M 349 52.13 -12.77 -30.90
C ILE M 349 52.92 -11.51 -31.29
N LYS M 350 53.45 -10.80 -30.29
CA LYS M 350 54.20 -9.59 -30.52
C LYS M 350 55.43 -9.85 -31.34
N GLU M 351 56.16 -10.92 -31.03
CA GLU M 351 57.37 -11.20 -31.76
C GLU M 351 57.09 -11.56 -33.22
N ILE M 352 55.98 -12.25 -33.51
CA ILE M 352 55.68 -12.52 -34.92
C ILE M 352 55.48 -11.21 -35.65
N ALA M 353 54.69 -10.34 -35.04
CA ALA M 353 54.41 -9.06 -35.64
C ALA M 353 55.66 -8.21 -35.81
N ARG M 354 56.59 -8.29 -34.86
CA ARG M 354 57.83 -7.52 -34.98
C ARG M 354 58.63 -8.05 -36.17
N ARG M 355 58.61 -9.38 -36.37
CA ARG M 355 59.28 -10.00 -37.52
C ARG M 355 58.74 -9.43 -38.83
N LYS M 356 57.43 -9.16 -38.84
CA LYS M 356 56.73 -8.61 -39.99
C LYS M 356 56.92 -7.07 -40.14
N GLY M 357 57.67 -6.43 -39.23
CA GLY M 357 57.90 -4.97 -39.31
C GLY M 357 57.14 -4.10 -38.28
N MET M 358 56.48 -4.71 -37.29
CA MET M 358 55.77 -3.93 -36.27
C MET M 358 56.69 -3.31 -35.22
N LYS M 359 56.47 -2.03 -34.92
CA LYS M 359 57.17 -1.42 -33.80
C LYS M 359 56.32 -1.57 -32.55
N THR M 360 56.97 -1.83 -31.42
CA THR M 360 56.32 -2.01 -30.13
C THR M 360 56.06 -0.72 -29.37
N LEU M 361 55.27 -0.81 -28.28
CA LEU M 361 55.08 0.40 -27.46
C LEU M 361 56.41 0.92 -26.92
N ARG M 362 57.27 0.01 -26.52
CA ARG M 362 58.58 0.35 -25.99
C ARG M 362 59.46 1.08 -26.99
N GLU M 363 59.53 0.56 -28.21
CA GLU M 363 60.32 1.18 -29.27
C GLU M 363 59.75 2.53 -29.69
N ASP M 364 58.42 2.62 -29.77
CA ASP M 364 57.77 3.85 -30.20
C ASP M 364 57.87 4.93 -29.14
N GLY M 365 57.59 4.59 -27.88
CA GLY M 365 57.66 5.56 -26.81
C GLY M 365 59.04 6.20 -26.86
N LEU M 366 60.05 5.36 -26.91
CA LEU M 366 61.39 5.86 -27.08
C LEU M 366 61.61 6.75 -28.26
N TYR M 367 61.16 6.33 -29.44
CA TYR M 367 61.45 7.10 -30.63
C TYR M 367 60.87 8.48 -30.50
N LYS M 368 59.69 8.56 -29.92
CA LYS M 368 59.01 9.82 -29.70
C LYS M 368 59.80 10.65 -28.71
N ALA M 369 60.42 10.01 -27.72
CA ALA M 369 61.21 10.80 -26.82
C ALA M 369 62.39 11.37 -27.57
N LEU M 370 63.04 10.52 -28.37
CA LEU M 370 64.23 10.91 -29.10
C LEU M 370 63.93 11.99 -30.13
N GLN M 371 62.74 11.89 -30.72
CA GLN M 371 62.22 12.78 -31.73
C GLN M 371 62.05 14.23 -31.30
N GLY M 372 61.82 14.44 -30.02
CA GLY M 372 61.48 15.78 -29.58
C GLY M 372 60.01 15.90 -29.27
N ILE M 373 59.34 14.76 -29.08
CA ILE M 373 57.94 14.78 -28.73
C ILE M 373 57.82 14.66 -27.23
N THR M 374 58.57 13.73 -26.67
CA THR M 374 58.48 13.50 -25.24
C THR M 374 59.83 13.24 -24.59
N THR M 375 59.81 12.63 -23.42
CA THR M 375 60.99 12.41 -22.62
C THR M 375 60.94 10.99 -22.13
N LEU M 376 62.08 10.33 -21.92
CA LEU M 376 62.04 9.03 -21.25
C LEU M 376 61.91 9.17 -19.74
N GLU M 377 60.83 9.82 -19.36
CA GLU M 377 60.33 10.08 -18.04
C GLU M 377 58.90 9.68 -18.19
N GLU M 378 58.18 10.46 -19.01
CA GLU M 378 56.81 10.20 -19.37
C GLU M 378 56.67 8.94 -20.17
N VAL M 379 57.61 8.68 -21.07
CA VAL M 379 57.45 7.48 -21.84
C VAL M 379 57.50 6.29 -20.95
N LEU M 380 58.52 6.25 -20.11
CA LEU M 380 58.72 5.10 -19.29
C LEU M 380 57.59 4.98 -18.28
N ALA M 381 57.15 6.12 -17.74
CA ALA M 381 56.04 6.16 -16.79
C ALA M 381 54.77 5.62 -17.40
N ARG M 382 54.60 5.85 -18.69
CA ARG M 382 53.42 5.45 -19.40
C ARG M 382 53.64 4.34 -20.45
N THR M 383 54.68 3.50 -20.32
CA THR M 383 54.81 2.43 -21.31
C THR M 383 55.13 1.10 -20.65
N ILE M 384 55.38 0.11 -21.50
CA ILE M 384 55.65 -1.26 -21.11
C ILE M 384 57.09 -1.68 -21.35
N SER N 1 -32.60 -24.40 6.66
CA SER N 1 -31.46 -25.21 6.26
C SER N 1 -31.06 -26.20 7.34
N ALA N 2 -31.65 -27.41 7.28
CA ALA N 2 -31.41 -28.54 8.20
C ALA N 2 -29.96 -29.02 8.16
N ALA N 3 -29.25 -28.51 7.19
CA ALA N 3 -27.87 -28.76 6.93
C ALA N 3 -26.96 -28.52 8.12
N GLN N 4 -27.28 -27.55 8.97
CA GLN N 4 -26.35 -27.33 10.07
C GLN N 4 -26.31 -28.52 11.00
N LYS N 5 -27.49 -29.04 11.33
CA LYS N 5 -27.54 -30.20 12.20
C LYS N 5 -27.00 -31.38 11.43
N PHE N 6 -27.30 -31.45 10.14
CA PHE N 6 -26.87 -32.56 9.31
C PHE N 6 -25.35 -32.74 9.39
N VAL N 7 -24.60 -31.66 9.24
CA VAL N 7 -23.16 -31.80 9.33
C VAL N 7 -22.76 -32.30 10.68
N LYS N 8 -23.30 -31.66 11.70
CA LYS N 8 -22.91 -32.02 13.03
C LYS N 8 -23.26 -33.48 13.32
N GLN N 9 -24.37 -33.96 12.77
CA GLN N 9 -24.81 -35.32 12.97
C GLN N 9 -24.05 -36.37 12.16
N VAL N 10 -23.67 -36.08 10.91
CA VAL N 10 -22.89 -37.12 10.25
C VAL N 10 -21.60 -37.31 11.02
N ILE N 11 -21.12 -36.22 11.60
CA ILE N 11 -19.93 -36.26 12.36
C ILE N 11 -20.16 -37.04 13.62
N ARG N 12 -21.24 -36.70 14.31
CA ARG N 12 -21.66 -37.32 15.54
C ARG N 12 -21.70 -38.83 15.39
N GLU N 13 -22.38 -39.28 14.34
CA GLU N 13 -22.56 -40.70 14.09
C GLU N 13 -21.29 -41.39 13.70
N ALA N 14 -20.42 -40.72 12.95
CA ALA N 14 -19.18 -41.37 12.57
C ALA N 14 -18.40 -41.67 13.81
N PHE N 15 -18.38 -40.73 14.73
CA PHE N 15 -17.64 -40.96 15.92
C PHE N 15 -18.33 -42.01 16.78
N LEU N 16 -19.62 -41.84 16.97
CA LEU N 16 -20.42 -42.73 17.80
C LEU N 16 -20.30 -44.19 17.41
N GLN N 17 -20.36 -44.46 16.11
CA GLN N 17 -20.37 -45.83 15.59
C GLN N 17 -18.99 -46.40 15.27
N ASP N 18 -17.92 -45.72 15.68
CA ASP N 18 -16.52 -46.13 15.45
C ASP N 18 -16.03 -46.08 14.01
N ALA N 19 -16.26 -44.96 13.38
CA ALA N 19 -15.69 -44.69 12.09
C ALA N 19 -14.31 -44.11 12.28
N SER N 20 -13.46 -44.17 11.26
CA SER N 20 -12.22 -43.40 11.37
C SER N 20 -12.44 -41.97 10.86
N ASP N 21 -13.45 -41.81 10.02
CA ASP N 21 -13.79 -40.54 9.38
C ASP N 21 -15.26 -40.43 8.91
N ILE N 22 -15.57 -39.23 8.44
CA ILE N 22 -16.86 -38.73 7.93
C ILE N 22 -16.85 -38.27 6.50
N HIS N 23 -17.79 -38.70 5.67
CA HIS N 23 -17.74 -38.23 4.29
C HIS N 23 -19.00 -37.65 3.70
N ILE N 24 -19.11 -36.34 3.59
CA ILE N 24 -20.30 -35.77 3.00
C ILE N 24 -20.10 -35.77 1.49
N GLU N 25 -20.32 -36.97 0.91
CA GLU N 25 -19.96 -37.32 -0.46
C GLU N 25 -21.06 -37.11 -1.49
N PRO N 26 -20.90 -36.25 -2.48
CA PRO N 26 -21.88 -35.92 -3.47
C PRO N 26 -22.15 -37.02 -4.48
N ARG N 27 -23.31 -36.94 -5.08
CA ARG N 27 -23.77 -37.81 -6.14
C ARG N 27 -24.34 -36.90 -7.22
N GLN N 28 -24.61 -37.46 -8.37
CA GLN N 28 -25.19 -36.70 -9.47
C GLN N 28 -26.51 -36.03 -9.09
N ASN N 29 -27.29 -36.65 -8.20
CA ASN N 29 -28.59 -36.10 -7.81
C ASN N 29 -28.77 -35.84 -6.30
N ASP N 30 -28.00 -36.53 -5.48
CA ASP N 30 -28.14 -36.46 -4.03
C ASP N 30 -26.74 -36.46 -3.46
N VAL N 31 -26.61 -36.66 -2.16
CA VAL N 31 -25.29 -36.76 -1.55
C VAL N 31 -25.19 -37.99 -0.69
N GLN N 32 -24.22 -38.84 -0.92
CA GLN N 32 -24.08 -40.04 -0.13
C GLN N 32 -23.32 -39.75 1.14
N VAL N 33 -23.97 -39.21 2.15
CA VAL N 33 -23.19 -38.85 3.32
C VAL N 33 -22.89 -40.09 4.13
N ARG N 34 -21.60 -40.36 4.39
CA ARG N 34 -21.21 -41.61 5.00
C ARG N 34 -20.32 -41.58 6.24
N LEU N 35 -20.32 -42.71 6.96
CA LEU N 35 -19.52 -42.95 8.16
C LEU N 35 -18.56 -44.13 7.93
N ARG N 36 -17.24 -43.98 8.11
CA ARG N 36 -16.35 -45.13 7.85
C ARG N 36 -16.24 -46.16 8.95
N ILE N 37 -17.34 -46.80 9.23
CA ILE N 37 -17.47 -47.74 10.33
C ILE N 37 -16.84 -49.05 10.04
N ASP N 38 -15.87 -49.42 10.87
CA ASP N 38 -15.10 -50.64 10.61
C ASP N 38 -14.43 -50.60 9.24
N GLY N 39 -14.26 -49.39 8.68
CA GLY N 39 -13.68 -49.22 7.37
C GLY N 39 -14.71 -49.02 6.24
N ALA N 40 -15.98 -49.40 6.45
CA ALA N 40 -17.01 -49.26 5.41
C ALA N 40 -17.64 -47.89 5.44
N LEU N 41 -17.85 -47.25 4.29
CA LEU N 41 -18.45 -45.93 4.40
C LEU N 41 -19.95 -46.06 4.42
N ARG N 42 -20.47 -46.30 5.60
CA ARG N 42 -21.87 -46.56 5.81
C ARG N 42 -22.68 -45.30 5.52
N PRO N 43 -23.82 -45.38 4.84
CA PRO N 43 -24.66 -44.26 4.46
C PRO N 43 -25.41 -43.60 5.61
N TYR N 44 -24.79 -42.62 6.24
CA TYR N 44 -25.43 -41.88 7.33
C TYR N 44 -26.76 -41.34 6.90
N SER N 45 -26.76 -40.65 5.78
CA SER N 45 -27.97 -40.06 5.24
C SER N 45 -27.70 -39.54 3.87
N THR N 46 -28.70 -39.49 3.05
CA THR N 46 -28.44 -38.76 1.85
C THR N 46 -28.86 -37.32 2.06
N LEU N 47 -28.42 -36.48 1.15
CA LEU N 47 -28.86 -35.08 1.06
C LEU N 47 -29.29 -34.84 -0.36
N PRO N 48 -30.23 -33.95 -0.63
CA PRO N 48 -30.48 -33.52 -1.98
C PRO N 48 -29.20 -32.90 -2.46
N LYS N 49 -28.86 -33.00 -3.73
CA LYS N 49 -27.64 -32.34 -4.17
C LYS N 49 -27.64 -30.86 -3.75
N GLY N 50 -28.79 -30.19 -3.79
CA GLY N 50 -28.84 -28.80 -3.35
C GLY N 50 -28.45 -28.66 -1.85
N ALA N 51 -28.84 -29.66 -1.05
CA ALA N 51 -28.58 -29.65 0.37
C ALA N 51 -27.12 -29.97 0.61
N LEU N 52 -26.46 -30.57 -0.38
CA LEU N 52 -25.03 -30.81 -0.28
C LEU N 52 -24.34 -29.54 0.07
N ASN N 53 -24.62 -28.52 -0.71
CA ASN N 53 -23.94 -27.28 -0.54
C ASN N 53 -24.32 -26.61 0.75
N ALA N 54 -25.56 -26.78 1.17
CA ALA N 54 -25.92 -26.19 2.45
C ALA N 54 -25.06 -26.84 3.55
N VAL N 55 -24.89 -28.15 3.45
CA VAL N 55 -24.11 -28.95 4.37
C VAL N 55 -22.64 -28.65 4.32
N ILE N 56 -22.10 -28.47 3.14
CA ILE N 56 -20.70 -28.17 3.07
C ILE N 56 -20.44 -26.74 3.52
N SER N 57 -21.36 -25.84 3.21
CA SER N 57 -21.20 -24.49 3.67
C SER N 57 -21.12 -24.54 5.20
N VAL N 58 -21.95 -25.37 5.82
CA VAL N 58 -21.89 -25.53 7.26
C VAL N 58 -20.60 -26.12 7.76
N VAL N 59 -20.03 -27.11 7.09
CA VAL N 59 -18.77 -27.56 7.65
C VAL N 59 -17.75 -26.41 7.60
N LYS N 60 -17.84 -25.54 6.58
CA LYS N 60 -16.91 -24.43 6.51
C LYS N 60 -17.22 -23.44 7.65
N ILE N 61 -18.50 -23.28 8.00
CA ILE N 61 -18.86 -22.40 9.13
C ILE N 61 -18.23 -22.89 10.41
N MET N 62 -18.49 -24.15 10.71
CA MET N 62 -18.05 -24.73 11.95
C MET N 62 -16.54 -24.74 12.07
N GLY N 63 -15.85 -24.89 10.94
CA GLY N 63 -14.41 -24.91 10.97
C GLY N 63 -13.72 -23.57 10.86
N GLY N 64 -14.46 -22.48 10.69
CA GLY N 64 -13.81 -21.20 10.54
C GLY N 64 -13.03 -21.15 9.22
N LEU N 65 -13.50 -21.89 8.21
CA LEU N 65 -12.83 -22.00 6.94
C LEU N 65 -13.30 -20.89 6.01
N ASN N 66 -12.58 -20.60 4.93
CA ASN N 66 -13.10 -19.53 4.10
C ASN N 66 -14.30 -20.02 3.34
N ILE N 67 -15.44 -19.82 3.95
CA ILE N 67 -16.73 -20.23 3.44
C ILE N 67 -17.08 -19.60 2.11
N ALA N 68 -16.49 -18.45 1.82
CA ALA N 68 -16.77 -17.76 0.58
C ALA N 68 -15.96 -18.35 -0.56
N GLU N 69 -14.85 -19.01 -0.25
CA GLU N 69 -13.99 -19.45 -1.31
C GLU N 69 -14.37 -20.81 -1.82
N LYS N 70 -15.45 -20.82 -2.59
CA LYS N 70 -16.01 -22.02 -3.17
C LYS N 70 -15.04 -22.71 -4.12
N ARG N 71 -14.03 -21.97 -4.59
CA ARG N 71 -13.12 -22.55 -5.54
C ARG N 71 -12.01 -23.34 -4.86
N LEU N 72 -11.87 -23.19 -3.55
CA LEU N 72 -10.83 -23.90 -2.85
C LEU N 72 -11.33 -24.86 -1.78
N PRO N 73 -10.62 -25.94 -1.51
CA PRO N 73 -10.78 -26.76 -0.38
C PRO N 73 -10.20 -25.99 0.75
N GLN N 74 -10.74 -26.19 1.92
CA GLN N 74 -10.20 -25.58 3.11
C GLN N 74 -10.11 -26.64 4.18
N ASP N 75 -9.14 -26.56 5.08
CA ASP N 75 -9.09 -27.62 6.08
C ASP N 75 -8.52 -27.22 7.44
N GLY N 76 -8.84 -28.04 8.46
CA GLY N 76 -8.30 -27.85 9.81
C GLY N 76 -9.06 -28.64 10.88
N ARG N 77 -8.62 -28.53 12.14
CA ARG N 77 -9.29 -29.25 13.24
C ARG N 77 -10.49 -28.48 13.72
N VAL N 78 -11.65 -29.05 13.48
CA VAL N 78 -12.85 -28.35 13.79
C VAL N 78 -13.52 -28.82 15.01
N ARG N 79 -13.83 -27.86 15.84
CA ARG N 79 -14.45 -28.15 17.09
C ARG N 79 -15.95 -28.30 16.90
N TYR N 80 -16.36 -29.36 16.25
CA TYR N 80 -17.77 -29.58 16.06
C TYR N 80 -18.23 -30.18 17.35
N ARG N 81 -19.38 -29.74 17.85
CA ARG N 81 -19.85 -30.28 19.12
C ARG N 81 -21.32 -30.63 19.11
N GLU N 82 -21.62 -31.92 19.36
CA GLU N 82 -22.98 -32.47 19.45
C GLU N 82 -23.00 -33.91 19.96
N GLY N 83 -23.71 -34.20 21.04
CA GLY N 83 -23.81 -35.59 21.45
C GLY N 83 -22.46 -36.26 21.66
N ALA N 84 -22.23 -37.30 20.86
CA ALA N 84 -21.04 -38.14 20.85
C ALA N 84 -19.74 -37.38 20.62
N ILE N 85 -19.80 -36.26 19.91
CA ILE N 85 -18.55 -35.61 19.57
C ILE N 85 -18.12 -34.40 20.37
N ASP N 86 -16.84 -34.50 20.64
CA ASP N 86 -15.91 -33.58 21.26
C ASP N 86 -14.60 -34.17 20.78
N VAL N 87 -14.77 -34.95 19.69
CA VAL N 87 -13.74 -35.51 18.86
C VAL N 87 -13.42 -34.30 18.06
N ASP N 88 -12.19 -34.03 17.71
CA ASP N 88 -12.07 -32.87 16.84
C ASP N 88 -12.11 -33.40 15.46
N LEU N 89 -12.55 -32.61 14.51
CA LEU N 89 -12.60 -33.15 13.19
C LEU N 89 -11.60 -32.60 12.21
N ARG N 90 -10.92 -33.46 11.47
CA ARG N 90 -10.05 -32.91 10.43
C ARG N 90 -10.90 -32.57 9.27
N LEU N 91 -11.47 -31.40 9.31
CA LEU N 91 -12.35 -30.98 8.27
C LEU N 91 -11.57 -30.63 7.06
N SER N 92 -12.01 -31.14 5.95
CA SER N 92 -11.48 -30.82 4.66
C SER N 92 -12.61 -30.63 3.71
N THR N 93 -12.78 -29.42 3.25
CA THR N 93 -13.86 -29.16 2.35
C THR N 93 -13.24 -29.21 0.98
N LEU N 94 -14.03 -29.36 -0.06
CA LEU N 94 -13.47 -29.39 -1.41
C LEU N 94 -14.51 -29.14 -2.50
N PRO N 95 -14.24 -28.33 -3.53
CA PRO N 95 -15.18 -28.17 -4.63
C PRO N 95 -15.31 -29.42 -5.46
N THR N 96 -16.51 -29.61 -6.00
CA THR N 96 -16.84 -30.71 -6.89
C THR N 96 -17.70 -30.19 -8.04
N VAL N 97 -17.99 -31.06 -9.00
CA VAL N 97 -18.90 -30.63 -10.06
C VAL N 97 -20.37 -30.85 -9.69
N TYR N 98 -20.59 -31.26 -8.44
CA TYR N 98 -21.90 -31.51 -7.92
C TYR N 98 -22.21 -30.44 -6.87
N GLY N 99 -21.25 -29.52 -6.68
CA GLY N 99 -21.32 -28.55 -5.59
C GLY N 99 -20.04 -28.73 -4.80
N GLU N 100 -20.12 -28.82 -3.48
CA GLU N 100 -18.89 -29.06 -2.71
C GLU N 100 -18.97 -30.36 -1.89
N LYS N 101 -17.85 -30.81 -1.36
CA LYS N 101 -17.73 -32.00 -0.51
C LYS N 101 -16.99 -31.74 0.78
N ALA N 102 -17.32 -32.48 1.83
CA ALA N 102 -16.43 -32.37 2.97
C ALA N 102 -16.28 -33.62 3.75
N VAL N 103 -15.07 -33.76 4.22
CA VAL N 103 -14.65 -34.86 5.01
C VAL N 103 -14.08 -34.46 6.32
N MET N 104 -14.45 -35.18 7.33
CA MET N 104 -14.02 -34.92 8.67
C MET N 104 -13.37 -36.14 9.34
N ARG N 105 -12.05 -36.14 9.49
CA ARG N 105 -11.43 -37.33 10.14
C ARG N 105 -11.71 -37.26 11.62
N LEU N 106 -12.03 -38.38 12.25
CA LEU N 106 -12.31 -38.33 13.67
C LEU N 106 -11.08 -38.33 14.51
N LEU N 107 -10.84 -37.23 15.18
CA LEU N 107 -9.65 -37.12 15.98
C LEU N 107 -9.98 -37.61 17.33
N LYS N 108 -9.88 -38.92 17.42
CA LYS N 108 -10.24 -39.73 18.55
C LYS N 108 -9.41 -39.16 19.67
N LYS N 109 -9.78 -39.40 20.90
CA LYS N 109 -9.02 -38.80 21.98
C LYS N 109 -8.15 -39.79 22.73
N ALA N 110 -7.51 -39.31 23.78
CA ALA N 110 -6.62 -40.14 24.59
C ALA N 110 -7.29 -41.38 25.06
N SER N 111 -8.53 -41.18 25.50
CA SER N 111 -9.34 -42.26 26.01
C SER N 111 -9.74 -43.34 24.98
N ASP N 112 -9.48 -43.09 23.69
CA ASP N 112 -9.85 -44.02 22.63
C ASP N 112 -8.69 -44.90 22.12
N ILE N 113 -7.51 -44.77 22.71
CA ILE N 113 -6.33 -45.49 22.23
C ILE N 113 -6.13 -46.96 22.71
N PRO N 114 -5.79 -47.92 21.82
CA PRO N 114 -5.53 -49.35 22.11
C PRO N 114 -4.22 -49.61 22.86
N GLU N 115 -4.08 -50.80 23.47
CA GLU N 115 -2.82 -51.17 24.12
C GLU N 115 -1.79 -51.77 23.17
N ILE N 116 -0.57 -51.75 23.63
CA ILE N 116 0.57 -52.28 22.90
C ILE N 116 0.58 -53.79 22.68
N GLU N 117 -0.24 -54.52 23.42
CA GLU N 117 -0.30 -55.96 23.22
C GLU N 117 -1.48 -56.27 22.30
N ASP N 118 -2.52 -55.40 22.38
CA ASP N 118 -3.82 -55.46 21.64
C ASP N 118 -3.58 -55.40 20.16
N LEU N 119 -2.39 -54.99 19.82
CA LEU N 119 -1.91 -54.89 18.48
C LEU N 119 -1.98 -56.29 17.84
N GLY N 120 -1.92 -57.32 18.69
CA GLY N 120 -2.06 -58.70 18.24
C GLY N 120 -0.81 -59.54 18.22
N PHE N 121 0.14 -59.24 19.09
CA PHE N 121 1.42 -59.93 19.12
C PHE N 121 1.50 -61.34 19.67
N ALA N 122 2.38 -62.14 19.07
CA ALA N 122 2.72 -63.43 19.66
C ALA N 122 3.49 -63.11 20.93
N PRO N 123 3.37 -63.84 22.03
CA PRO N 123 4.06 -63.59 23.29
C PRO N 123 5.56 -63.27 23.20
N GLY N 124 6.30 -63.96 22.32
CA GLY N 124 7.75 -63.72 22.22
C GLY N 124 8.05 -62.48 21.38
N VAL N 125 7.12 -62.15 20.52
CA VAL N 125 7.29 -61.03 19.64
C VAL N 125 6.96 -59.86 20.56
N PHE N 126 5.88 -60.00 21.32
CA PHE N 126 5.53 -58.96 22.28
C PHE N 126 6.63 -58.74 23.30
N GLU N 127 7.23 -59.80 23.85
CA GLU N 127 8.31 -59.60 24.81
C GLU N 127 9.31 -58.59 24.27
N ARG N 128 9.67 -58.74 22.98
CA ARG N 128 10.60 -57.80 22.39
C ARG N 128 9.98 -56.38 22.35
N PHE N 129 8.68 -56.28 22.07
CA PHE N 129 8.00 -54.98 21.99
C PHE N 129 8.19 -54.22 23.29
N LYS N 130 7.87 -54.93 24.36
CA LYS N 130 7.87 -54.43 25.71
C LYS N 130 9.26 -54.00 26.13
N GLU N 131 10.26 -54.86 25.87
CA GLU N 131 11.62 -54.49 26.24
C GLU N 131 12.01 -53.17 25.61
N VAL N 132 11.64 -52.98 24.36
CA VAL N 132 12.06 -51.80 23.66
C VAL N 132 11.37 -50.53 24.23
N ILE N 133 10.04 -50.54 24.43
CA ILE N 133 9.39 -49.32 24.93
C ILE N 133 9.70 -49.03 26.40
N SER N 134 10.16 -50.04 27.13
CA SER N 134 10.44 -49.92 28.55
C SER N 134 11.72 -49.17 28.90
N LYS N 135 12.52 -48.77 27.92
CA LYS N 135 13.77 -48.09 28.27
C LYS N 135 13.43 -46.64 28.71
N PRO N 136 14.20 -46.00 29.62
CA PRO N 136 14.02 -44.63 30.08
C PRO N 136 14.36 -43.56 29.02
N TYR N 137 15.10 -43.99 27.99
CA TYR N 137 15.57 -43.17 26.88
C TYR N 137 15.69 -44.08 25.64
N GLY N 138 15.89 -43.50 24.46
CA GLY N 138 16.17 -44.29 23.23
C GLY N 138 14.96 -44.39 22.30
N ILE N 139 15.10 -45.07 21.14
CA ILE N 139 13.96 -45.06 20.21
C ILE N 139 13.40 -46.44 19.76
N PHE N 140 12.06 -46.47 19.70
CA PHE N 140 11.23 -47.61 19.26
C PHE N 140 10.67 -47.31 17.87
N LEU N 141 11.11 -48.02 16.84
CA LEU N 141 10.55 -47.75 15.51
C LEU N 141 9.36 -48.63 15.23
N ILE N 142 8.38 -48.10 14.54
CA ILE N 142 7.16 -48.76 14.10
C ILE N 142 7.10 -48.68 12.60
N THR N 143 6.71 -49.72 11.90
CA THR N 143 6.58 -49.54 10.47
C THR N 143 5.44 -50.26 9.77
N GLY N 144 4.94 -49.58 8.73
CA GLY N 144 3.93 -50.11 7.84
C GLY N 144 2.96 -49.01 7.34
N PRO N 145 2.08 -49.33 6.39
CA PRO N 145 1.06 -48.48 5.77
C PRO N 145 0.09 -47.87 6.76
N THR N 146 -0.55 -46.78 6.40
CA THR N 146 -1.61 -46.38 7.34
C THR N 146 -2.60 -47.52 7.18
N GLY N 147 -3.09 -48.06 8.26
CA GLY N 147 -3.92 -49.25 8.13
C GLY N 147 -3.05 -50.47 8.41
N SER N 148 -1.79 -50.23 8.76
CA SER N 148 -0.89 -51.29 9.16
C SER N 148 -1.12 -51.64 10.60
N GLY N 149 -1.81 -50.73 11.26
CA GLY N 149 -2.02 -50.77 12.68
C GLY N 149 -0.91 -49.97 13.26
N LYS N 150 -0.13 -49.32 12.38
CA LYS N 150 0.99 -48.54 12.85
C LYS N 150 0.43 -47.49 13.78
N SER N 151 -0.81 -47.05 13.50
CA SER N 151 -1.46 -46.05 14.31
C SER N 151 -1.78 -46.65 15.65
N PHE N 152 -2.23 -47.90 15.64
CA PHE N 152 -2.60 -48.47 16.91
C PHE N 152 -1.37 -48.50 17.78
N THR N 153 -0.24 -48.89 17.20
CA THR N 153 1.01 -48.99 17.96
C THR N 153 1.54 -47.65 18.37
N THR N 154 1.50 -46.73 17.44
CA THR N 154 2.00 -45.40 17.61
C THR N 154 1.28 -44.75 18.77
N PHE N 155 -0.03 -44.79 18.73
CA PHE N 155 -0.79 -44.17 19.77
C PHE N 155 -0.71 -44.98 21.03
N SER N 156 -0.71 -46.30 20.88
CA SER N 156 -0.68 -47.18 22.01
C SER N 156 0.56 -47.06 22.83
N ILE N 157 1.71 -47.01 22.18
CA ILE N 157 2.89 -46.97 22.97
C ILE N 157 2.87 -45.73 23.75
N LEU N 158 2.54 -44.61 23.14
CA LEU N 158 2.51 -43.47 24.00
C LEU N 158 1.42 -43.59 25.01
N LYS N 159 0.30 -44.20 24.70
CA LYS N 159 -0.66 -44.36 25.78
C LYS N 159 0.04 -45.05 26.96
N ARG N 160 0.85 -46.07 26.66
CA ARG N 160 1.57 -46.86 27.64
C ARG N 160 2.70 -46.10 28.36
N ILE N 161 3.43 -45.22 27.66
CA ILE N 161 4.56 -44.54 28.31
C ILE N 161 4.35 -43.03 28.57
N ALA N 162 3.31 -42.44 28.00
CA ALA N 162 3.00 -41.01 28.18
C ALA N 162 2.27 -40.77 29.49
N THR N 163 2.98 -41.01 30.55
CA THR N 163 2.40 -40.90 31.87
C THR N 163 2.50 -39.46 32.33
N PRO N 164 1.85 -39.11 33.44
CA PRO N 164 2.00 -37.86 34.13
C PRO N 164 3.43 -37.54 34.54
N ASP N 165 4.37 -38.50 34.50
CA ASP N 165 5.75 -38.20 34.87
C ASP N 165 6.65 -37.90 33.65
N LYS N 166 6.08 -37.98 32.44
CA LYS N 166 6.81 -37.72 31.21
C LYS N 166 6.02 -36.90 30.19
N ASN N 167 6.29 -35.59 30.11
CA ASN N 167 5.53 -34.80 29.16
C ASN N 167 5.73 -35.38 27.82
N THR N 168 4.66 -35.73 27.19
CA THR N 168 4.74 -36.34 25.93
C THR N 168 4.24 -35.41 24.87
N GLN N 169 4.89 -35.41 23.73
CA GLN N 169 4.36 -34.67 22.60
C GLN N 169 4.39 -35.59 21.37
N THR N 170 3.36 -35.47 20.52
CA THR N 170 3.19 -36.28 19.30
C THR N 170 2.97 -35.52 18.01
N ILE N 171 3.64 -35.96 16.95
CA ILE N 171 3.56 -35.35 15.63
C ILE N 171 2.71 -36.12 14.64
N GLU N 172 1.44 -35.75 14.45
CA GLU N 172 0.56 -36.51 13.57
C GLU N 172 -0.24 -35.63 12.61
N ASP N 173 0.14 -35.63 11.34
CA ASP N 173 -0.54 -34.80 10.36
C ASP N 173 -2.10 -34.98 10.41
N PRO N 174 -2.67 -36.22 10.50
CA PRO N 174 -4.09 -36.46 10.63
C PRO N 174 -4.60 -36.50 12.07
N VAL N 175 -3.70 -36.36 13.05
CA VAL N 175 -3.94 -36.50 14.49
C VAL N 175 -4.44 -37.88 14.96
N GLU N 176 -5.60 -38.30 14.49
CA GLU N 176 -6.26 -39.58 14.76
C GLU N 176 -6.63 -39.87 16.21
N TYR N 177 -5.65 -39.95 17.11
CA TYR N 177 -5.90 -40.22 18.54
C TYR N 177 -5.14 -39.28 19.46
N GLU N 178 -5.84 -38.48 20.23
CA GLU N 178 -5.18 -37.49 21.06
C GLU N 178 -4.77 -37.95 22.47
N ILE N 179 -3.74 -38.81 22.49
CA ILE N 179 -3.02 -39.54 23.60
C ILE N 179 -3.08 -38.92 25.01
N PRO N 180 -2.99 -39.71 26.11
CA PRO N 180 -2.95 -39.20 27.48
C PRO N 180 -1.61 -38.61 27.86
N GLY N 181 -1.51 -37.65 28.81
CA GLY N 181 -0.18 -37.25 29.23
C GLY N 181 0.57 -36.59 28.10
N ILE N 182 -0.16 -36.08 27.13
CA ILE N 182 0.47 -35.62 25.93
C ILE N 182 -0.10 -34.35 25.41
N ASN N 183 0.76 -33.60 24.76
CA ASN N 183 0.42 -32.35 24.18
C ASN N 183 0.66 -32.45 22.68
N GLN N 184 -0.09 -33.38 22.10
CA GLN N 184 -0.10 -33.84 20.71
C GLN N 184 -0.48 -32.77 19.73
N THR N 185 0.17 -32.73 18.57
CA THR N 185 -0.16 -31.68 17.60
C THR N 185 -0.34 -32.14 16.13
N GLN N 186 -0.54 -31.14 15.28
CA GLN N 186 -0.79 -31.19 13.84
C GLN N 186 0.55 -31.00 13.11
N VAL N 187 0.63 -31.34 11.82
CA VAL N 187 1.90 -31.12 11.12
C VAL N 187 1.76 -30.21 9.89
N ASN N 188 1.06 -30.67 8.84
CA ASN N 188 0.98 -29.90 7.60
C ASN N 188 2.31 -29.46 6.99
N PRO N 189 3.18 -30.40 6.56
CA PRO N 189 4.51 -30.17 6.00
C PRO N 189 4.56 -29.07 4.93
N GLN N 190 3.42 -28.77 4.28
CA GLN N 190 3.36 -27.76 3.24
C GLN N 190 3.71 -26.40 3.81
N ALA N 191 3.45 -26.23 5.10
CA ALA N 191 3.66 -25.00 5.82
C ALA N 191 5.09 -24.83 6.29
N GLY N 192 5.90 -25.86 6.08
CA GLY N 192 7.27 -25.87 6.58
C GLY N 192 7.32 -26.65 7.88
N LEU N 193 6.15 -26.85 8.48
CA LEU N 193 6.09 -27.61 9.71
C LEU N 193 6.06 -29.07 9.37
N THR N 194 7.22 -29.60 9.02
CA THR N 194 7.27 -30.99 8.64
C THR N 194 7.26 -31.73 9.91
N PHE N 195 7.30 -33.02 9.80
CA PHE N 195 7.29 -33.84 10.97
C PHE N 195 8.60 -33.61 11.75
N ALA N 196 9.66 -33.18 11.08
CA ALA N 196 10.92 -32.95 11.78
C ALA N 196 10.86 -31.61 12.48
N ARG N 197 10.21 -30.64 11.84
CA ARG N 197 10.11 -29.34 12.47
C ARG N 197 9.30 -29.50 13.73
N ALA N 198 8.25 -30.31 13.66
CA ALA N 198 7.46 -30.58 14.85
C ALA N 198 8.33 -31.22 15.94
N LEU N 199 9.27 -32.12 15.58
CA LEU N 199 10.15 -32.68 16.62
C LEU N 199 10.95 -31.60 17.29
N ARG N 200 11.42 -30.64 16.50
CA ARG N 200 12.17 -29.55 17.07
C ARG N 200 11.27 -28.75 18.01
N ALA N 201 10.01 -28.56 17.62
CA ALA N 201 9.07 -27.84 18.47
C ALA N 201 8.93 -28.56 19.78
N PHE N 202 8.89 -29.88 19.72
CA PHE N 202 8.69 -30.63 20.94
C PHE N 202 9.82 -30.38 21.88
N LEU N 203 11.04 -30.37 21.34
CA LEU N 203 12.21 -30.15 22.16
C LEU N 203 12.18 -28.74 22.77
N ARG N 204 11.72 -27.73 22.01
CA ARG N 204 11.58 -26.36 22.55
C ARG N 204 10.54 -26.33 23.68
N GLN N 205 9.63 -27.28 23.61
CA GLN N 205 8.54 -27.50 24.55
C GLN N 205 8.86 -28.50 25.67
N ASP N 206 10.13 -28.92 25.80
CA ASP N 206 10.65 -29.79 26.86
C ASP N 206 9.95 -31.13 27.12
N PRO N 207 9.68 -31.90 26.09
CA PRO N 207 9.01 -33.17 26.23
C PRO N 207 9.94 -34.10 26.91
N ASP N 208 9.44 -35.05 27.66
CA ASP N 208 10.34 -36.11 28.06
C ASP N 208 10.22 -37.18 26.99
N ILE N 209 9.03 -37.26 26.38
CA ILE N 209 8.73 -38.23 25.35
C ILE N 209 8.27 -37.57 24.05
N ILE N 210 8.89 -37.98 22.98
CA ILE N 210 8.58 -37.50 21.64
C ILE N 210 8.16 -38.57 20.66
N MET N 211 7.12 -38.30 19.87
CA MET N 211 6.76 -39.28 18.84
C MET N 211 6.51 -38.73 17.44
N VAL N 212 7.06 -39.45 16.45
CA VAL N 212 6.93 -39.10 15.03
C VAL N 212 5.91 -39.97 14.26
N GLY N 213 4.80 -39.37 13.82
CA GLY N 213 3.75 -40.10 13.09
C GLY N 213 4.22 -40.67 11.75
N GLU N 214 5.17 -39.98 11.12
CA GLU N 214 5.77 -40.36 9.86
C GLU N 214 7.19 -39.88 9.68
N ILE N 215 8.06 -40.84 9.40
CA ILE N 215 9.41 -40.47 9.05
C ILE N 215 9.41 -40.26 7.58
N ARG N 216 9.74 -39.06 7.19
CA ARG N 216 9.70 -38.67 5.79
C ARG N 216 11.04 -38.13 5.43
N ASP N 217 11.35 -37.00 6.02
CA ASP N 217 12.66 -36.43 5.82
C ASP N 217 13.57 -37.19 6.77
N SER N 218 14.87 -37.09 6.60
CA SER N 218 15.77 -37.78 7.51
C SER N 218 15.78 -37.21 8.92
N GLU N 219 15.36 -35.96 9.05
CA GLU N 219 15.35 -35.27 10.33
C GLU N 219 14.31 -35.90 11.24
N THR N 220 13.28 -36.51 10.67
CA THR N 220 12.31 -37.21 11.47
C THR N 220 12.87 -38.49 12.12
N ALA N 221 14.06 -38.91 11.73
CA ALA N 221 14.75 -40.04 12.33
C ALA N 221 15.96 -39.54 13.11
N LYS N 222 16.64 -38.54 12.55
CA LYS N 222 17.83 -37.96 13.14
C LYS N 222 17.51 -37.13 14.38
N ILE N 223 16.47 -36.28 14.32
CA ILE N 223 16.08 -35.51 15.50
C ILE N 223 15.48 -36.48 16.47
N ALA N 224 14.74 -37.44 15.92
CA ALA N 224 14.16 -38.46 16.77
C ALA N 224 15.29 -39.17 17.53
N THR N 225 16.43 -39.44 16.86
CA THR N 225 17.63 -40.01 17.51
C THR N 225 18.12 -39.02 18.56
N GLU N 226 18.18 -37.73 18.22
CA GLU N 226 18.64 -36.74 19.18
C GLU N 226 17.82 -36.82 20.42
N ALA N 227 16.53 -36.70 20.28
CA ALA N 227 15.71 -36.67 21.45
C ALA N 227 15.87 -37.96 22.21
N ALA N 228 15.85 -39.07 21.47
CA ALA N 228 15.95 -40.41 22.03
C ALA N 228 17.16 -40.55 22.89
N LEU N 229 18.22 -39.89 22.48
CA LEU N 229 19.44 -39.97 23.19
C LEU N 229 20.00 -38.67 23.72
N THR N 230 19.16 -37.64 23.88
CA THR N 230 19.60 -36.39 24.50
C THR N 230 18.88 -36.24 25.81
N GLY N 231 18.46 -37.41 26.31
CA GLY N 231 17.81 -37.58 27.58
C GLY N 231 16.33 -37.86 27.49
N HIS N 232 15.77 -37.82 26.28
CA HIS N 232 14.34 -38.04 26.07
C HIS N 232 14.14 -39.48 25.53
N LEU N 233 12.90 -39.92 25.54
CA LEU N 233 12.47 -41.23 25.04
C LEU N 233 11.63 -41.03 23.78
N VAL N 234 11.93 -41.78 22.71
CA VAL N 234 11.23 -41.54 21.44
C VAL N 234 10.57 -42.72 20.75
N ILE N 235 9.38 -42.47 20.25
CA ILE N 235 8.64 -43.45 19.47
C ILE N 235 8.59 -42.91 18.02
N ALA N 236 8.84 -43.71 16.99
CA ALA N 236 8.72 -43.11 15.64
C ALA N 236 8.25 -44.12 14.60
N THR N 237 7.55 -43.62 13.56
CA THR N 237 6.94 -44.52 12.57
C THR N 237 7.32 -44.32 11.05
N LEU N 238 7.57 -45.45 10.36
CA LEU N 238 7.89 -45.58 8.91
C LEU N 238 6.82 -46.38 8.17
N HIS N 239 6.98 -46.53 6.86
CA HIS N 239 6.10 -47.33 6.02
C HIS N 239 6.89 -48.35 5.18
N THR N 240 7.23 -49.51 5.78
CA THR N 240 8.09 -50.51 5.11
C THR N 240 7.41 -51.86 5.00
N ASN N 241 8.14 -52.84 4.44
CA ASN N 241 7.64 -54.20 4.30
C ASN N 241 8.05 -55.16 5.42
N ASP N 242 8.86 -54.69 6.37
CA ASP N 242 9.27 -55.51 7.51
C ASP N 242 10.01 -54.66 8.57
N ALA N 243 10.35 -55.25 9.72
CA ALA N 243 11.02 -54.50 10.80
C ALA N 243 12.41 -54.21 10.37
N ALA N 244 12.96 -55.22 9.76
CA ALA N 244 14.31 -55.15 9.28
C ALA N 244 14.50 -53.99 8.32
N GLN N 245 13.53 -53.84 7.44
CA GLN N 245 13.53 -52.80 6.46
C GLN N 245 13.49 -51.42 7.06
N ALA N 246 12.98 -51.25 8.28
CA ALA N 246 12.94 -49.91 8.86
C ALA N 246 14.33 -49.36 8.94
N ILE N 247 15.26 -50.21 9.28
CA ILE N 247 16.64 -49.81 9.41
C ILE N 247 17.22 -49.53 8.06
N THR N 248 16.93 -50.42 7.12
CA THR N 248 17.41 -50.28 5.76
C THR N 248 16.97 -48.94 5.22
N ARG N 249 15.67 -48.67 5.36
CA ARG N 249 15.06 -47.47 4.87
C ARG N 249 15.57 -46.25 5.54
N LEU N 250 15.77 -46.27 6.85
CA LEU N 250 16.25 -45.03 7.43
C LEU N 250 17.62 -44.70 6.89
N ASP N 251 18.47 -45.70 6.68
CA ASP N 251 19.76 -45.38 6.11
C ASP N 251 19.54 -44.78 4.72
N GLU N 252 18.73 -45.44 3.91
CA GLU N 252 18.45 -45.00 2.55
C GLU N 252 17.84 -43.59 2.51
N MET N 253 17.00 -43.25 3.49
CA MET N 253 16.33 -41.95 3.61
C MET N 253 17.28 -40.81 3.91
N GLY N 254 18.53 -41.10 4.26
CA GLY N 254 19.48 -40.05 4.57
C GLY N 254 19.76 -39.93 6.05
N VAL N 255 19.34 -40.92 6.83
CA VAL N 255 19.64 -40.86 8.25
C VAL N 255 21.03 -41.40 8.33
N GLU N 256 22.04 -40.55 8.57
CA GLU N 256 23.37 -41.11 8.48
C GLU N 256 23.32 -42.19 9.52
N PRO N 257 23.49 -43.44 9.12
CA PRO N 257 23.12 -44.62 9.87
C PRO N 257 23.87 -44.83 11.17
N PHE N 258 24.76 -43.92 11.54
CA PHE N 258 25.30 -43.95 12.88
C PHE N 258 24.25 -43.39 13.86
N ASN N 259 23.24 -42.74 13.30
CA ASN N 259 22.08 -42.26 14.01
C ASN N 259 21.33 -43.54 14.01
N ILE N 260 20.22 -43.72 14.71
CA ILE N 260 19.65 -45.08 14.86
C ILE N 260 20.65 -46.25 15.23
N SER N 261 21.90 -46.36 14.71
CA SER N 261 22.86 -47.33 15.26
C SER N 261 22.97 -46.96 16.72
N ALA N 262 22.93 -45.66 16.95
CA ALA N 262 22.89 -45.02 18.25
C ALA N 262 21.57 -45.26 19.02
N ALA N 263 20.51 -44.54 18.66
CA ALA N 263 19.30 -44.63 19.49
C ALA N 263 18.46 -45.84 19.34
N LEU N 264 18.57 -46.56 18.24
CA LEU N 264 17.57 -47.57 18.04
C LEU N 264 17.68 -48.63 19.08
N ILE N 265 16.57 -48.81 19.76
CA ILE N 265 16.40 -49.78 20.81
C ILE N 265 15.82 -51.01 20.13
N GLY N 266 14.90 -50.77 19.21
CA GLY N 266 14.24 -51.86 18.47
C GLY N 266 13.22 -51.39 17.45
N VAL N 267 12.75 -52.34 16.61
CA VAL N 267 11.80 -52.05 15.53
C VAL N 267 10.61 -53.01 15.41
N LEU N 268 9.41 -52.45 15.29
CA LEU N 268 8.17 -53.17 15.04
C LEU N 268 7.65 -52.98 13.64
N SER N 269 7.35 -54.06 12.94
CA SER N 269 6.67 -53.94 11.67
C SER N 269 5.35 -54.57 11.73
N GLN N 270 4.40 -53.98 11.02
CA GLN N 270 3.08 -54.53 11.05
C GLN N 270 2.19 -54.30 9.85
N ARG N 271 1.12 -55.06 9.81
CA ARG N 271 0.06 -54.86 8.82
C ARG N 271 -1.33 -55.17 9.38
N LEU N 272 -2.36 -54.35 9.19
CA LEU N 272 -3.64 -54.84 9.70
C LEU N 272 -4.22 -55.76 8.72
N VAL N 273 -4.89 -56.70 9.28
CA VAL N 273 -5.73 -57.60 8.59
C VAL N 273 -7.06 -57.37 9.17
N ARG N 274 -8.06 -57.47 8.36
CA ARG N 274 -9.36 -57.31 8.91
C ARG N 274 -9.56 -58.46 9.91
N ARG N 275 -10.15 -58.14 11.09
CA ARG N 275 -10.39 -59.16 12.12
C ARG N 275 -11.75 -59.83 11.99
N VAL N 276 -11.78 -61.13 11.80
CA VAL N 276 -13.02 -61.82 11.52
C VAL N 276 -14.05 -61.65 12.60
N CYS N 277 -15.22 -61.19 12.19
CA CYS N 277 -16.32 -60.99 13.10
C CYS N 277 -16.85 -62.33 13.56
N GLU N 278 -17.14 -62.44 14.85
CA GLU N 278 -17.64 -63.69 15.43
C GLU N 278 -18.97 -64.12 14.78
N HIS N 279 -19.69 -63.17 14.21
CA HIS N 279 -20.97 -63.39 13.55
C HIS N 279 -20.79 -63.57 12.05
N CYS N 280 -19.54 -63.62 11.60
CA CYS N 280 -19.20 -63.78 10.20
C CYS N 280 -18.24 -64.91 9.92
N LYS N 281 -17.53 -65.39 10.93
CA LYS N 281 -16.49 -66.35 10.67
C LYS N 281 -16.97 -67.63 10.02
N VAL N 282 -16.32 -67.98 8.90
CA VAL N 282 -16.57 -69.20 8.15
C VAL N 282 -15.33 -70.04 7.95
N GLU N 283 -15.39 -71.29 8.39
CA GLU N 283 -14.24 -72.18 8.33
C GLU N 283 -13.88 -72.63 6.91
N VAL N 284 -12.65 -72.32 6.48
CA VAL N 284 -12.16 -72.70 5.16
C VAL N 284 -10.72 -73.26 5.32
N LYS N 285 -10.24 -74.11 4.39
CA LYS N 285 -8.86 -74.61 4.50
C LYS N 285 -7.87 -73.73 3.70
N PRO N 286 -6.74 -73.25 4.28
CA PRO N 286 -5.69 -72.50 3.61
C PRO N 286 -4.81 -73.31 2.65
N ASP N 287 -4.21 -72.62 1.67
CA ASP N 287 -3.30 -73.21 0.67
C ASP N 287 -1.98 -73.78 1.20
N PRO N 288 -1.63 -75.06 0.93
CA PRO N 288 -0.44 -75.73 1.41
C PRO N 288 0.90 -75.12 0.97
N GLU N 289 0.96 -74.38 -0.15
CA GLU N 289 2.25 -73.84 -0.53
C GLU N 289 2.49 -72.61 0.31
N THR N 290 1.47 -71.78 0.44
CA THR N 290 1.63 -70.59 1.24
C THR N 290 1.93 -70.96 2.67
N LEU N 291 1.17 -71.94 3.16
CA LEU N 291 1.31 -72.32 4.53
C LEU N 291 2.71 -72.84 4.80
N ARG N 292 3.24 -73.64 3.87
CA ARG N 292 4.57 -74.19 3.97
C ARG N 292 5.63 -73.07 3.91
N ARG N 293 5.45 -72.12 2.99
CA ARG N 293 6.40 -71.01 2.84
C ARG N 293 6.44 -70.16 4.09
N LEU N 294 5.33 -70.13 4.81
CA LEU N 294 5.22 -69.39 6.04
C LEU N 294 5.47 -70.29 7.28
N GLY N 295 6.04 -71.49 7.05
CA GLY N 295 6.49 -72.41 8.09
C GLY N 295 5.54 -73.49 8.64
N LEU N 296 4.36 -73.68 8.07
CA LEU N 296 3.44 -74.68 8.61
C LEU N 296 3.80 -76.12 8.16
N SER N 297 3.76 -77.11 9.09
CA SER N 297 4.06 -78.52 8.73
C SER N 297 2.94 -79.17 7.96
N GLU N 298 3.19 -80.31 7.32
CA GLU N 298 2.11 -80.94 6.56
C GLU N 298 0.96 -81.40 7.45
N ALA N 299 1.28 -81.92 8.62
CA ALA N 299 0.21 -82.37 9.50
C ALA N 299 -0.65 -81.17 9.90
N GLU N 300 0.01 -80.05 10.19
CA GLU N 300 -0.71 -78.85 10.56
C GLU N 300 -1.50 -78.29 9.39
N ILE N 301 -0.95 -78.39 8.18
CA ILE N 301 -1.62 -77.91 6.98
C ILE N 301 -2.93 -78.63 6.79
N GLN N 302 -2.95 -79.94 6.99
CA GLN N 302 -4.20 -80.62 6.82
C GLN N 302 -5.21 -80.23 7.90
N GLY N 303 -4.73 -79.95 9.12
CA GLY N 303 -5.62 -79.51 10.19
C GLY N 303 -5.83 -77.97 10.20
N ALA N 304 -5.07 -77.26 9.38
CA ALA N 304 -5.11 -75.80 9.29
C ALA N 304 -6.46 -75.29 8.85
N ARG N 305 -6.92 -74.22 9.49
CA ARG N 305 -8.18 -73.61 9.09
C ARG N 305 -8.11 -72.09 9.16
N LEU N 306 -8.77 -71.43 8.24
CA LEU N 306 -8.86 -69.98 8.22
C LEU N 306 -10.27 -69.65 8.50
N TYR N 307 -10.55 -68.46 8.98
CA TYR N 307 -11.95 -68.10 9.02
C TYR N 307 -12.15 -66.91 8.16
N LYS N 308 -13.16 -67.00 7.33
CA LYS N 308 -13.50 -65.95 6.41
C LYS N 308 -14.56 -65.04 6.98
N GLY N 309 -14.31 -63.75 6.90
CA GLY N 309 -15.25 -62.76 7.42
C GLY N 309 -16.34 -62.56 6.40
N MET N 310 -17.34 -63.42 6.45
CA MET N 310 -18.39 -63.45 5.45
C MET N 310 -19.34 -62.22 5.35
N GLY N 311 -19.59 -61.49 6.46
CA GLY N 311 -20.48 -60.30 6.43
C GLY N 311 -21.73 -60.33 7.32
N CYS N 312 -21.89 -59.28 8.14
CA CYS N 312 -23.07 -59.12 9.01
C CYS N 312 -23.19 -57.65 9.45
N GLU N 313 -24.33 -57.29 10.00
CA GLU N 313 -24.56 -55.94 10.47
C GLU N 313 -23.69 -55.52 11.66
N ARG N 314 -23.23 -56.50 12.42
CA ARG N 314 -22.48 -56.24 13.63
C ARG N 314 -21.08 -55.74 13.34
N CYS N 315 -20.65 -55.89 12.07
CA CYS N 315 -19.31 -55.48 11.67
C CYS N 315 -19.32 -54.48 10.54
N GLY N 316 -20.43 -53.76 10.39
CA GLY N 316 -20.49 -52.70 9.38
C GLY N 316 -20.60 -53.25 7.97
N GLY N 317 -20.89 -54.54 7.85
CA GLY N 317 -20.96 -55.19 6.55
C GLY N 317 -19.58 -55.53 5.99
N THR N 318 -18.51 -55.37 6.78
CA THR N 318 -17.17 -55.61 6.25
C THR N 318 -16.76 -57.08 6.32
N GLY N 319 -17.44 -57.81 7.19
CA GLY N 319 -17.18 -59.22 7.51
C GLY N 319 -16.22 -59.40 8.66
N TYR N 320 -15.62 -58.31 9.05
CA TYR N 320 -14.63 -58.34 10.05
C TYR N 320 -14.91 -57.30 11.12
N LYS N 321 -14.80 -57.68 12.38
CA LYS N 321 -15.10 -56.74 13.44
C LYS N 321 -13.82 -56.16 14.00
N GLY N 322 -13.61 -54.88 13.73
CA GLY N 322 -12.38 -54.24 14.13
C GLY N 322 -11.22 -54.73 13.28
N ARG N 323 -10.02 -54.51 13.77
CA ARG N 323 -8.80 -54.84 13.04
C ARG N 323 -7.80 -55.52 13.96
N TYR N 324 -6.86 -56.24 13.37
CA TYR N 324 -5.84 -56.97 14.11
C TYR N 324 -4.57 -56.96 13.28
N ALA N 325 -3.36 -56.82 13.87
CA ALA N 325 -2.19 -56.76 12.97
C ALA N 325 -1.30 -58.00 12.93
N ILE N 326 -0.65 -58.12 11.77
CA ILE N 326 0.42 -59.04 11.40
C ILE N 326 1.69 -58.45 12.04
N HIS N 327 2.54 -59.21 12.78
CA HIS N 327 3.71 -58.53 13.42
C HIS N 327 5.11 -59.13 13.27
N GLU N 328 6.10 -58.23 13.36
CA GLU N 328 7.52 -58.59 13.38
C GLU N 328 8.28 -57.69 14.38
N LEU N 329 9.05 -58.26 15.31
CA LEU N 329 9.84 -57.44 16.25
C LEU N 329 11.31 -57.77 16.41
N LEU N 330 12.08 -56.69 16.29
CA LEU N 330 13.52 -56.63 16.37
C LEU N 330 14.02 -55.84 17.58
N VAL N 331 14.93 -56.43 18.37
CA VAL N 331 15.54 -55.70 19.48
C VAL N 331 16.97 -55.44 19.07
N VAL N 332 17.43 -54.21 19.25
CA VAL N 332 18.78 -53.86 18.88
C VAL N 332 19.82 -54.21 19.92
N ASP N 333 20.84 -54.88 19.45
CA ASP N 333 22.00 -55.28 20.20
C ASP N 333 23.18 -55.03 19.27
N ASP N 334 24.34 -55.58 19.57
CA ASP N 334 25.50 -55.33 18.74
C ASP N 334 25.41 -55.84 17.29
N GLU N 335 24.67 -56.94 17.05
CA GLU N 335 24.59 -57.52 15.70
C GLU N 335 23.82 -56.53 14.84
N ILE N 336 22.84 -55.93 15.49
CA ILE N 336 21.98 -55.00 14.81
C ILE N 336 22.61 -53.62 14.73
N ARG N 337 23.29 -53.14 15.77
CA ARG N 337 23.90 -51.80 15.69
C ARG N 337 24.84 -51.76 14.50
N HIS N 338 25.54 -52.89 14.24
CA HIS N 338 26.38 -52.99 13.06
C HIS N 338 25.54 -52.91 11.81
N ALA N 339 24.52 -53.74 11.73
CA ALA N 339 23.67 -53.77 10.55
C ALA N 339 23.07 -52.41 10.25
N ILE N 340 22.76 -51.67 11.32
CA ILE N 340 22.17 -50.36 11.13
C ILE N 340 23.17 -49.44 10.49
N VAL N 341 24.34 -49.28 11.09
CA VAL N 341 25.30 -48.40 10.46
C VAL N 341 25.78 -48.84 9.09
N ALA N 342 25.84 -50.14 8.89
CA ALA N 342 26.32 -50.72 7.68
C ALA N 342 25.38 -50.50 6.50
N GLY N 343 24.13 -50.11 6.78
CA GLY N 343 23.17 -49.90 5.71
C GLY N 343 22.67 -51.23 5.12
N LYS N 344 22.62 -52.29 5.93
CA LYS N 344 22.19 -53.58 5.41
C LYS N 344 20.76 -53.60 4.92
N SER N 345 20.51 -54.48 3.93
CA SER N 345 19.20 -54.63 3.34
C SER N 345 18.22 -55.26 4.30
N ALA N 346 16.94 -55.14 3.95
CA ALA N 346 15.88 -55.71 4.76
C ALA N 346 16.05 -57.20 4.92
N THR N 347 16.47 -57.87 3.84
CA THR N 347 16.66 -59.30 3.93
C THR N 347 17.79 -59.63 4.88
N GLU N 348 18.91 -58.91 4.75
CA GLU N 348 20.03 -59.23 5.63
C GLU N 348 19.69 -59.04 7.11
N ILE N 349 19.00 -57.97 7.43
CA ILE N 349 18.67 -57.71 8.82
C ILE N 349 17.63 -58.69 9.33
N LYS N 350 16.60 -58.95 8.52
CA LYS N 350 15.55 -59.88 8.90
C LYS N 350 16.12 -61.23 9.23
N GLU N 351 17.09 -61.71 8.44
CA GLU N 351 17.66 -63.01 8.73
C GLU N 351 18.43 -63.01 10.05
N ILE N 352 19.11 -61.90 10.40
CA ILE N 352 19.81 -61.86 11.68
C ILE N 352 18.76 -61.98 12.76
N ALA N 353 17.73 -61.19 12.62
CA ALA N 353 16.68 -61.16 13.59
C ALA N 353 15.97 -62.51 13.75
N ARG N 354 15.81 -63.26 12.66
CA ARG N 354 15.16 -64.58 12.74
C ARG N 354 16.05 -65.51 13.59
N ARG N 355 17.38 -65.38 13.45
CA ARG N 355 18.35 -66.15 14.25
C ARG N 355 18.14 -65.91 15.74
N LYS N 356 17.77 -64.67 16.06
CA LYS N 356 17.54 -64.18 17.41
C LYS N 356 16.15 -64.55 17.96
N GLY N 357 15.35 -65.25 17.14
CA GLY N 357 14.01 -65.69 17.48
C GLY N 357 12.86 -64.80 16.99
N MET N 358 13.15 -63.85 16.11
CA MET N 358 12.10 -62.98 15.57
C MET N 358 11.22 -63.70 14.55
N LYS N 359 9.90 -63.63 14.70
CA LYS N 359 9.03 -64.19 13.67
C LYS N 359 8.94 -63.12 12.59
N THR N 360 8.91 -63.48 11.31
CA THR N 360 8.78 -62.42 10.32
C THR N 360 7.37 -61.95 10.20
N LEU N 361 7.20 -60.78 9.58
CA LEU N 361 5.89 -60.20 9.35
C LEU N 361 4.97 -61.21 8.66
N ARG N 362 5.43 -61.76 7.53
CA ARG N 362 4.59 -62.67 6.77
C ARG N 362 4.36 -64.01 7.47
N GLU N 363 5.36 -64.54 8.17
CA GLU N 363 5.12 -65.81 8.86
C GLU N 363 4.07 -65.64 9.93
N ASP N 364 4.20 -64.55 10.70
CA ASP N 364 3.31 -64.29 11.82
C ASP N 364 1.88 -64.10 11.30
N GLY N 365 1.75 -63.50 10.11
CA GLY N 365 0.46 -63.29 9.51
C GLY N 365 -0.28 -64.59 9.38
N LEU N 366 0.38 -65.58 8.78
CA LEU N 366 -0.24 -66.88 8.69
C LEU N 366 -0.82 -67.40 9.97
N TYR N 367 -0.06 -67.28 11.02
CA TYR N 367 -0.51 -67.88 12.26
C TYR N 367 -1.73 -67.17 12.84
N LYS N 368 -1.97 -65.92 12.46
CA LYS N 368 -3.17 -65.21 12.94
C LYS N 368 -4.36 -65.73 12.13
N ALA N 369 -4.10 -65.98 10.86
CA ALA N 369 -5.10 -66.49 9.96
C ALA N 369 -5.57 -67.85 10.39
N LEU N 370 -4.64 -68.67 10.85
CA LEU N 370 -4.93 -70.03 11.26
C LEU N 370 -5.74 -70.14 12.53
N GLN N 371 -5.88 -69.04 13.27
CA GLN N 371 -6.65 -69.05 14.50
C GLN N 371 -8.07 -68.60 14.25
N GLY N 372 -8.31 -68.16 13.02
CA GLY N 372 -9.58 -67.61 12.67
C GLY N 372 -9.71 -66.18 13.09
N ILE N 373 -8.58 -65.56 13.42
CA ILE N 373 -8.61 -64.18 13.82
C ILE N 373 -8.76 -63.42 12.56
N THR N 374 -8.03 -63.86 11.56
CA THR N 374 -8.15 -63.26 10.26
C THR N 374 -8.28 -64.40 9.24
N THR N 375 -8.14 -64.05 7.97
CA THR N 375 -8.28 -65.02 6.90
C THR N 375 -6.91 -65.02 6.23
N LEU N 376 -6.34 -66.16 5.87
CA LEU N 376 -5.04 -66.13 5.18
C LEU N 376 -5.12 -65.28 3.95
N GLU N 377 -6.29 -65.30 3.30
CA GLU N 377 -6.49 -64.51 2.10
C GLU N 377 -6.29 -63.04 2.45
N GLU N 378 -6.80 -62.66 3.62
CA GLU N 378 -6.71 -61.30 4.15
C GLU N 378 -5.28 -61.02 4.58
N VAL N 379 -4.61 -62.01 5.15
CA VAL N 379 -3.24 -61.79 5.53
C VAL N 379 -2.41 -61.49 4.33
N LEU N 380 -2.50 -62.34 3.33
CA LEU N 380 -1.69 -62.17 2.14
C LEU N 380 -2.05 -60.89 1.44
N ALA N 381 -3.35 -60.57 1.44
CA ALA N 381 -3.86 -59.36 0.83
C ALA N 381 -3.37 -58.12 1.56
N ARG N 382 -2.80 -58.28 2.74
CA ARG N 382 -2.32 -57.17 3.50
C ARG N 382 -0.81 -57.21 3.75
N THR N 383 -0.03 -58.00 2.97
CA THR N 383 1.43 -57.99 3.18
C THR N 383 2.25 -58.35 1.95
N SER O 1 -9.03 -16.39 35.13
CA SER O 1 -7.92 -15.88 35.92
C SER O 1 -6.84 -16.93 35.82
N ALA O 2 -6.96 -17.93 36.65
CA ALA O 2 -6.12 -19.11 36.64
C ALA O 2 -6.61 -20.04 35.53
N ALA O 3 -5.69 -20.71 34.79
CA ALA O 3 -4.55 -20.17 33.99
C ALA O 3 -3.35 -19.46 34.65
N GLN O 4 -3.43 -18.15 34.92
CA GLN O 4 -2.27 -17.43 35.44
C GLN O 4 -1.73 -17.99 36.73
N LYS O 5 -2.57 -18.50 37.63
CA LYS O 5 -2.05 -19.01 38.88
C LYS O 5 -1.26 -20.30 38.66
N PHE O 6 -1.48 -20.97 37.54
CA PHE O 6 -0.73 -22.15 37.25
C PHE O 6 0.59 -21.69 36.71
N VAL O 7 0.58 -20.68 35.85
CA VAL O 7 1.88 -20.25 35.35
C VAL O 7 2.73 -19.81 36.53
N LYS O 8 2.16 -19.01 37.41
CA LYS O 8 2.90 -18.49 38.53
C LYS O 8 3.32 -19.57 39.55
N GLN O 9 2.41 -20.47 39.93
CA GLN O 9 2.78 -21.49 40.91
C GLN O 9 3.67 -22.57 40.34
N VAL O 10 3.48 -22.90 39.05
CA VAL O 10 4.33 -23.90 38.42
C VAL O 10 5.71 -23.32 38.39
N ILE O 11 5.85 -22.04 38.04
CA ILE O 11 7.16 -21.39 38.05
C ILE O 11 7.78 -21.35 39.44
N ARG O 12 7.01 -20.93 40.45
CA ARG O 12 7.60 -20.84 41.77
C ARG O 12 8.09 -22.19 42.22
N GLU O 13 7.26 -23.20 42.00
CA GLU O 13 7.59 -24.54 42.39
C GLU O 13 8.61 -25.14 41.46
N ALA O 14 8.64 -24.76 40.20
CA ALA O 14 9.64 -25.34 39.33
C ALA O 14 11.00 -25.00 39.88
N PHE O 15 11.15 -23.79 40.36
CA PHE O 15 12.45 -23.45 40.86
C PHE O 15 12.62 -24.10 42.25
N LEU O 16 11.63 -23.90 43.13
CA LEU O 16 11.68 -24.37 44.51
C LEU O 16 11.84 -25.89 44.65
N GLN O 17 11.29 -26.65 43.70
CA GLN O 17 11.34 -28.10 43.69
C GLN O 17 12.55 -28.66 42.95
N ASP O 18 13.46 -27.80 42.48
CA ASP O 18 14.63 -28.22 41.73
C ASP O 18 14.25 -28.91 40.42
N ALA O 19 13.37 -28.27 39.65
CA ALA O 19 12.98 -28.76 38.35
C ALA O 19 13.86 -28.15 37.28
N SER O 20 13.98 -28.80 36.13
CA SER O 20 14.64 -28.18 34.99
C SER O 20 13.67 -27.49 34.01
N ASP O 21 12.35 -27.61 34.21
CA ASP O 21 11.40 -26.90 33.34
C ASP O 21 9.99 -26.73 33.95
N ILE O 22 9.19 -25.93 33.24
CA ILE O 22 7.77 -25.61 33.46
C ILE O 22 6.81 -25.97 32.32
N HIS O 23 5.76 -26.74 32.60
CA HIS O 23 4.77 -27.05 31.57
C HIS O 23 3.32 -26.86 31.95
N ILE O 24 2.58 -26.16 31.08
CA ILE O 24 1.12 -26.15 31.16
C ILE O 24 0.67 -26.72 29.83
N GLU O 25 0.08 -27.88 29.97
CA GLU O 25 -0.06 -28.84 28.92
C GLU O 25 -1.44 -29.13 28.39
N PRO O 26 -1.78 -28.68 27.22
CA PRO O 26 -3.08 -28.79 26.63
C PRO O 26 -3.49 -30.23 26.61
N ARG O 27 -4.69 -30.54 27.10
CA ARG O 27 -5.18 -31.92 27.18
C ARG O 27 -6.66 -32.11 26.83
N GLN O 28 -7.13 -33.35 26.88
CA GLN O 28 -8.45 -33.76 26.40
C GLN O 28 -9.66 -33.03 26.99
N ASN O 29 -9.64 -32.73 28.28
CA ASN O 29 -10.80 -32.07 28.91
C ASN O 29 -10.25 -30.94 29.72
N ASP O 30 -8.99 -31.07 29.92
CA ASP O 30 -8.18 -30.34 30.82
C ASP O 30 -6.86 -29.94 30.24
N VAL O 31 -6.02 -29.43 31.09
CA VAL O 31 -4.68 -29.06 30.76
C VAL O 31 -3.85 -29.67 31.87
N GLN O 32 -2.88 -30.50 31.56
CA GLN O 32 -2.09 -31.09 32.62
C GLN O 32 -0.98 -30.13 32.97
N VAL O 33 -0.50 -30.17 34.19
CA VAL O 33 0.60 -29.30 34.50
C VAL O 33 1.72 -30.12 35.09
N ARG O 34 2.95 -29.96 34.58
CA ARG O 34 4.11 -30.73 35.05
C ARG O 34 5.39 -29.93 35.33
N LEU O 35 6.19 -30.47 36.27
CA LEU O 35 7.50 -29.93 36.64
C LEU O 35 8.63 -30.94 36.46
N ARG O 36 9.73 -30.54 35.79
CA ARG O 36 10.84 -31.50 35.56
C ARG O 36 11.78 -31.67 36.74
N ILE O 37 11.23 -32.22 37.80
CA ILE O 37 11.91 -32.36 39.08
C ILE O 37 12.92 -33.46 39.06
N ASP O 38 14.16 -33.09 39.33
CA ASP O 38 15.30 -34.00 39.25
C ASP O 38 15.41 -34.60 37.85
N GLY O 39 14.93 -33.88 36.85
CA GLY O 39 14.98 -34.34 35.48
C GLY O 39 13.68 -35.02 35.01
N ALA O 40 12.74 -35.30 35.93
CA ALA O 40 11.47 -35.97 35.57
C ALA O 40 10.26 -35.04 35.59
N LEU O 41 9.42 -35.11 34.56
CA LEU O 41 8.21 -34.27 34.46
C LEU O 41 7.04 -34.70 35.24
N ARG O 42 7.17 -34.52 36.54
CA ARG O 42 6.21 -34.98 37.52
C ARG O 42 4.95 -34.13 37.47
N PRO O 43 3.76 -34.69 37.74
CA PRO O 43 2.52 -33.96 37.75
C PRO O 43 2.57 -32.94 38.83
N TYR O 44 2.03 -31.79 38.52
CA TYR O 44 1.93 -30.67 39.42
C TYR O 44 0.47 -30.29 39.67
N SER O 45 -0.27 -30.04 38.60
CA SER O 45 -1.67 -29.59 38.71
C SER O 45 -2.50 -29.78 37.43
N THR O 46 -3.72 -29.22 37.43
CA THR O 46 -4.65 -29.33 36.31
C THR O 46 -5.48 -28.06 36.04
N LEU O 47 -5.65 -27.70 34.76
CA LEU O 47 -6.50 -26.57 34.37
C LEU O 47 -7.58 -27.10 33.44
N PRO O 48 -8.73 -26.45 33.27
CA PRO O 48 -9.73 -26.84 32.28
C PRO O 48 -9.16 -26.54 30.90
N LYS O 49 -9.53 -27.33 29.89
CA LYS O 49 -8.93 -27.22 28.53
C LYS O 49 -8.66 -25.81 28.00
N GLY O 50 -9.62 -24.90 28.02
CA GLY O 50 -9.39 -23.56 27.44
C GLY O 50 -8.38 -22.67 28.21
N ALA O 51 -8.10 -23.03 29.47
CA ALA O 51 -7.17 -22.26 30.31
C ALA O 51 -5.80 -22.27 29.66
N LEU O 52 -5.60 -23.27 28.85
CA LEU O 52 -4.43 -23.45 28.07
C LEU O 52 -4.08 -22.24 27.23
N ASN O 53 -5.07 -21.71 26.52
CA ASN O 53 -4.72 -20.61 25.66
C ASN O 53 -4.44 -19.37 26.50
N ALA O 54 -5.04 -19.31 27.67
CA ALA O 54 -4.71 -18.17 28.51
C ALA O 54 -3.23 -18.21 28.94
N VAL O 55 -2.72 -19.40 29.28
CA VAL O 55 -1.33 -19.50 29.75
C VAL O 55 -0.28 -19.28 28.65
N ILE O 56 -0.60 -19.56 27.40
CA ILE O 56 0.39 -19.28 26.36
C ILE O 56 0.53 -17.78 26.14
N SER O 57 -0.55 -17.00 26.32
CA SER O 57 -0.39 -15.57 26.15
C SER O 57 0.51 -15.04 27.24
N VAL O 58 0.34 -15.56 28.45
CA VAL O 58 1.13 -15.09 29.58
C VAL O 58 2.62 -15.25 29.30
N VAL O 59 3.01 -16.42 28.84
CA VAL O 59 4.42 -16.60 28.60
C VAL O 59 4.92 -15.83 27.37
N LYS O 60 4.07 -15.62 26.37
CA LYS O 60 4.49 -14.86 25.19
C LYS O 60 4.82 -13.42 25.54
N ILE O 61 4.03 -12.85 26.46
CA ILE O 61 4.19 -11.46 26.89
C ILE O 61 5.57 -11.27 27.48
N MET O 62 5.96 -12.22 28.28
CA MET O 62 7.22 -12.20 28.99
C MET O 62 8.49 -12.13 28.11
N GLY O 63 8.44 -12.61 26.85
CA GLY O 63 9.69 -12.68 26.08
C GLY O 63 9.65 -12.19 24.64
N GLY O 64 8.73 -11.25 24.35
CA GLY O 64 8.61 -10.62 23.04
C GLY O 64 7.86 -11.37 21.92
N LEU O 65 6.93 -12.26 22.27
CA LEU O 65 6.21 -13.01 21.26
C LEU O 65 4.82 -12.44 20.92
N ASN O 66 4.19 -12.96 19.87
CA ASN O 66 2.87 -12.47 19.56
C ASN O 66 1.88 -13.03 20.54
N ILE O 67 1.59 -12.19 21.50
CA ILE O 67 0.79 -12.44 22.68
C ILE O 67 -0.63 -12.85 22.34
N ALA O 68 -1.22 -12.10 21.41
CA ALA O 68 -2.60 -12.29 20.99
C ALA O 68 -2.85 -13.62 20.30
N GLU O 69 -1.90 -14.05 19.49
CA GLU O 69 -2.07 -15.27 18.74
C GLU O 69 -2.18 -16.51 19.63
N LYS O 70 -3.23 -17.31 19.40
CA LYS O 70 -3.51 -18.54 20.17
C LYS O 70 -3.39 -19.84 19.38
N ARG O 71 -2.96 -19.75 18.12
CA ARG O 71 -2.91 -20.92 17.24
C ARG O 71 -1.53 -21.30 16.66
N LEU O 72 -0.51 -20.46 16.82
CA LEU O 72 0.78 -20.71 16.13
C LEU O 72 1.98 -20.84 17.07
N PRO O 73 2.96 -21.74 16.78
CA PRO O 73 4.14 -21.96 17.60
C PRO O 73 5.05 -20.76 17.57
N GLN O 74 5.62 -20.42 18.72
CA GLN O 74 6.54 -19.30 18.82
C GLN O 74 7.61 -19.52 19.87
N ASP O 75 8.76 -18.84 19.74
CA ASP O 75 9.72 -18.91 20.84
C ASP O 75 10.54 -17.64 21.00
N GLY O 76 11.03 -17.42 22.22
CA GLY O 76 11.81 -16.23 22.57
C GLY O 76 12.51 -16.40 23.92
N ARG O 77 12.68 -15.32 24.68
CA ARG O 77 13.43 -15.51 25.94
C ARG O 77 12.93 -14.63 27.05
N VAL O 78 12.83 -15.22 28.23
CA VAL O 78 12.30 -14.57 29.42
C VAL O 78 13.24 -14.48 30.61
N ARG O 79 13.28 -13.32 31.22
CA ARG O 79 14.06 -13.18 32.45
C ARG O 79 13.02 -13.03 33.55
N TYR O 80 12.80 -14.10 34.34
CA TYR O 80 11.68 -14.12 35.29
C TYR O 80 12.07 -14.23 36.74
N ARG O 81 11.46 -13.39 37.58
CA ARG O 81 11.69 -13.54 39.00
C ARG O 81 10.50 -13.14 39.86
N GLU O 82 10.44 -13.74 41.04
CA GLU O 82 9.43 -13.54 42.07
C GLU O 82 9.99 -13.87 43.48
N GLY O 83 10.49 -12.88 44.20
CA GLY O 83 11.08 -13.19 45.50
C GLY O 83 12.29 -14.13 45.35
N ALA O 84 12.18 -15.33 45.94
CA ALA O 84 13.24 -16.35 45.92
C ALA O 84 13.36 -17.05 44.56
N ILE O 85 12.40 -16.79 43.71
CA ILE O 85 12.28 -17.38 42.40
C ILE O 85 13.02 -16.47 41.38
N ASP O 86 14.09 -16.94 40.71
CA ASP O 86 14.82 -16.06 39.74
C ASP O 86 15.61 -16.87 38.70
N VAL O 87 15.01 -17.05 37.52
CA VAL O 87 15.56 -17.90 36.44
C VAL O 87 15.46 -17.34 35.01
N ASP O 88 16.52 -17.53 34.22
CA ASP O 88 16.50 -17.24 32.78
C ASP O 88 15.64 -18.36 32.16
N LEU O 89 14.54 -18.04 31.52
CA LEU O 89 13.65 -19.07 31.01
C LEU O 89 13.58 -19.11 29.48
N ARG O 90 13.46 -20.31 28.91
CA ARG O 90 13.29 -20.39 27.45
C ARG O 90 11.83 -20.34 27.17
N LEU O 91 11.43 -19.36 26.40
CA LEU O 91 10.03 -19.18 26.11
C LEU O 91 9.58 -19.86 24.87
N SER O 92 8.59 -20.72 24.99
CA SER O 92 8.05 -21.31 23.80
C SER O 92 6.62 -21.75 23.95
N THR O 93 5.84 -21.55 22.88
CA THR O 93 4.50 -22.08 22.88
C THR O 93 4.30 -22.91 21.63
N LEU O 94 3.39 -23.88 21.70
CA LEU O 94 3.10 -24.77 20.57
C LEU O 94 1.64 -25.15 20.40
N PRO O 95 0.97 -24.96 19.25
CA PRO O 95 -0.39 -25.39 19.06
C PRO O 95 -0.42 -26.85 19.12
N THR O 96 -1.40 -27.36 19.82
CA THR O 96 -1.62 -28.76 19.95
C THR O 96 -3.05 -28.99 19.57
N VAL O 97 -3.45 -30.22 19.63
CA VAL O 97 -4.79 -30.59 19.33
C VAL O 97 -5.80 -30.01 20.36
N TYR O 98 -5.33 -29.44 21.47
CA TYR O 98 -6.29 -28.91 22.41
C TYR O 98 -6.03 -27.41 22.65
N GLY O 99 -5.28 -26.75 21.73
CA GLY O 99 -4.88 -25.33 21.86
C GLY O 99 -3.36 -25.25 22.07
N GLU O 100 -2.75 -24.09 22.29
CA GLU O 100 -1.28 -24.16 22.37
C GLU O 100 -0.77 -24.48 23.77
N LYS O 101 0.34 -25.19 23.82
CA LYS O 101 1.12 -25.55 25.01
C LYS O 101 1.97 -24.39 25.49
N ALA O 102 2.07 -24.19 26.82
CA ALA O 102 2.89 -23.11 27.40
C ALA O 102 4.10 -23.65 28.15
N VAL O 103 5.30 -23.42 27.61
CA VAL O 103 6.52 -23.94 28.24
C VAL O 103 7.58 -22.91 28.52
N MET O 104 8.13 -23.03 29.73
CA MET O 104 9.23 -22.20 30.13
C MET O 104 10.39 -23.09 30.60
N ARG O 105 11.38 -23.32 29.75
CA ARG O 105 12.49 -24.21 30.16
C ARG O 105 13.26 -23.48 31.24
N LEU O 106 13.75 -24.15 32.29
CA LEU O 106 14.55 -23.38 33.21
C LEU O 106 15.98 -23.46 32.75
N LEU O 107 16.55 -22.32 32.41
CA LEU O 107 17.88 -22.26 31.88
C LEU O 107 18.76 -21.91 33.03
N LYS O 108 20.02 -22.24 33.00
CA LYS O 108 20.77 -21.77 34.14
C LYS O 108 20.72 -20.26 34.08
N LYS O 109 20.28 -19.67 35.20
CA LYS O 109 20.27 -18.22 35.41
C LYS O 109 21.69 -17.85 35.24
N ALA O 110 22.01 -16.81 34.47
CA ALA O 110 23.39 -16.43 34.21
C ALA O 110 24.39 -17.55 34.61
N SER O 111 24.76 -17.60 35.90
CA SER O 111 25.72 -18.56 36.49
C SER O 111 27.12 -18.40 35.95
N ASP O 112 27.39 -17.22 35.45
CA ASP O 112 28.68 -16.86 34.94
C ASP O 112 29.10 -17.82 33.83
N ILE O 113 30.41 -17.87 33.56
CA ILE O 113 30.94 -18.57 32.41
C ILE O 113 32.13 -19.54 32.74
N PRO O 114 32.20 -20.78 32.21
CA PRO O 114 33.35 -21.68 32.32
C PRO O 114 34.45 -21.27 31.34
N GLU O 115 35.71 -21.57 31.60
CA GLU O 115 36.73 -21.32 30.58
C GLU O 115 36.88 -22.46 29.60
N ILE O 116 37.57 -22.20 28.51
CA ILE O 116 37.89 -23.26 27.58
C ILE O 116 38.75 -24.35 28.22
N GLU O 117 39.87 -23.98 28.83
CA GLU O 117 40.72 -24.99 29.46
C GLU O 117 39.98 -25.78 30.54
N ASP O 118 39.04 -25.12 31.25
CA ASP O 118 38.24 -25.70 32.34
C ASP O 118 37.43 -26.91 31.89
N LEU O 119 37.17 -26.98 30.60
CA LEU O 119 36.41 -28.07 30.06
C LEU O 119 37.22 -29.37 30.10
N GLY O 120 38.54 -29.28 30.32
CA GLY O 120 39.34 -30.49 30.37
C GLY O 120 39.59 -30.98 28.97
N PHE O 121 39.81 -30.03 28.08
CA PHE O 121 40.00 -30.36 26.69
C PHE O 121 41.09 -31.36 26.42
N ALA O 122 40.74 -32.30 25.55
CA ALA O 122 41.66 -33.31 25.11
C ALA O 122 42.75 -32.56 24.40
N PRO O 123 44.03 -32.98 24.46
CA PRO O 123 45.14 -32.28 23.84
C PRO O 123 44.95 -32.10 22.34
N GLY O 124 44.15 -32.99 21.73
CA GLY O 124 43.85 -32.92 20.31
C GLY O 124 43.24 -31.56 19.98
N VAL O 125 42.48 -31.00 20.93
CA VAL O 125 41.88 -29.69 20.75
C VAL O 125 42.46 -28.67 21.68
N PHE O 126 42.99 -29.06 22.84
CA PHE O 126 43.44 -28.04 23.76
C PHE O 126 44.64 -27.32 23.25
N GLU O 127 45.58 -28.04 22.66
CA GLU O 127 46.75 -27.34 22.21
C GLU O 127 46.30 -26.41 21.08
N ARG O 128 45.30 -26.85 20.33
CA ARG O 128 44.78 -26.07 19.24
C ARG O 128 43.82 -25.00 19.78
N PHE O 129 43.29 -25.17 21.00
CA PHE O 129 42.47 -24.09 21.52
C PHE O 129 43.35 -22.95 21.79
N LYS O 130 44.53 -23.22 22.32
CA LYS O 130 45.46 -22.15 22.60
C LYS O 130 45.82 -21.46 21.28
N GLU O 131 45.99 -22.27 20.22
CA GLU O 131 46.25 -21.73 18.89
C GLU O 131 45.14 -20.75 18.48
N VAL O 132 43.90 -21.19 18.59
CA VAL O 132 42.78 -20.38 18.17
C VAL O 132 42.49 -19.16 19.04
N ILE O 133 42.53 -19.30 20.36
CA ILE O 133 42.23 -18.14 21.21
C ILE O 133 43.33 -17.06 21.09
N SER O 134 44.52 -17.42 20.57
CA SER O 134 45.60 -16.46 20.36
C SER O 134 45.34 -15.59 19.12
N LYS O 135 44.26 -15.88 18.38
CA LYS O 135 43.90 -15.20 17.16
C LYS O 135 42.57 -14.43 17.27
N PRO O 136 42.57 -13.20 17.82
CA PRO O 136 41.39 -12.44 18.19
C PRO O 136 40.66 -11.80 17.01
N TYR O 137 40.20 -12.63 16.07
CA TYR O 137 39.42 -12.15 14.94
C TYR O 137 38.56 -13.25 14.27
N GLY O 138 37.43 -12.84 13.68
CA GLY O 138 36.49 -13.69 12.94
C GLY O 138 35.39 -14.31 13.82
N ILE O 139 34.40 -14.93 13.21
CA ILE O 139 33.34 -15.55 14.01
C ILE O 139 33.81 -16.82 14.71
N PHE O 140 33.58 -16.85 16.04
CA PHE O 140 34.00 -17.95 16.90
C PHE O 140 32.77 -18.43 17.72
N LEU O 141 32.06 -19.40 17.17
CA LEU O 141 30.72 -19.76 17.69
C LEU O 141 30.74 -20.81 18.77
N ILE O 142 29.69 -20.82 19.59
CA ILE O 142 29.45 -21.81 20.66
C ILE O 142 28.09 -22.51 20.63
N THR O 143 28.17 -23.84 20.86
CA THR O 143 27.01 -24.75 20.82
C THR O 143 26.43 -25.16 22.20
N GLY O 144 25.21 -25.76 22.20
CA GLY O 144 24.55 -26.27 23.44
C GLY O 144 23.20 -25.55 23.78
N PRO O 145 22.65 -25.73 25.01
CA PRO O 145 21.41 -25.09 25.57
C PRO O 145 21.39 -23.53 25.75
N THR O 146 20.22 -22.86 25.67
CA THR O 146 20.12 -21.38 25.91
C THR O 146 20.57 -21.02 27.34
N GLY O 147 21.38 -19.95 27.53
CA GLY O 147 21.88 -19.70 28.89
C GLY O 147 22.50 -21.04 29.13
N SER O 148 22.28 -21.64 30.29
CA SER O 148 22.64 -23.06 30.53
C SER O 148 23.93 -23.67 29.96
N GLY O 149 24.00 -23.75 28.64
CA GLY O 149 25.05 -24.31 27.85
C GLY O 149 25.67 -23.20 27.03
N LYS O 150 24.99 -22.79 25.96
CA LYS O 150 25.53 -21.79 25.04
C LYS O 150 25.77 -20.44 25.61
N SER O 151 24.78 -19.74 26.16
CA SER O 151 25.15 -18.36 26.48
C SER O 151 26.02 -18.45 27.74
N PHE O 152 25.82 -19.53 28.47
CA PHE O 152 26.62 -19.90 29.62
C PHE O 152 28.08 -20.09 29.23
N THR O 153 28.33 -20.80 28.14
CA THR O 153 29.67 -21.06 27.65
C THR O 153 30.09 -20.14 26.52
N THR O 154 29.19 -19.39 25.92
CA THR O 154 29.58 -18.55 24.80
C THR O 154 30.71 -17.63 25.14
N PHE O 155 30.61 -17.06 26.31
CA PHE O 155 31.58 -16.11 26.73
C PHE O 155 32.83 -16.81 27.27
N SER O 156 32.92 -18.15 27.15
CA SER O 156 34.06 -18.94 27.60
C SER O 156 35.28 -18.50 26.87
N ILE O 157 35.07 -18.23 25.60
CA ILE O 157 36.15 -17.77 24.78
C ILE O 157 36.56 -16.45 25.33
N LEU O 158 35.58 -15.61 25.63
CA LEU O 158 35.83 -14.29 26.15
C LEU O 158 36.52 -14.37 27.49
N LYS O 159 36.18 -15.34 28.31
CA LYS O 159 36.89 -15.36 29.57
C LYS O 159 38.38 -15.57 29.29
N ARG O 160 38.71 -16.37 28.26
CA ARG O 160 40.10 -16.58 27.90
C ARG O 160 40.73 -15.36 27.17
N ILE O 161 39.93 -14.61 26.37
CA ILE O 161 40.53 -13.51 25.59
C ILE O 161 40.06 -12.07 25.91
N ALA O 162 38.97 -11.86 26.65
CA ALA O 162 38.45 -10.52 27.00
C ALA O 162 39.17 -10.01 28.24
N THR O 163 40.47 -9.96 28.07
CA THR O 163 41.49 -9.58 29.00
C THR O 163 41.55 -8.08 29.07
N PRO O 164 42.31 -7.50 30.02
CA PRO O 164 42.55 -6.08 30.11
C PRO O 164 43.00 -5.50 28.79
N ASP O 165 43.65 -6.29 27.91
CA ASP O 165 44.07 -5.76 26.63
C ASP O 165 43.08 -5.92 25.42
N LYS O 166 41.81 -6.33 25.64
CA LYS O 166 40.86 -6.43 24.49
C LYS O 166 39.43 -5.86 24.74
N ASN O 167 38.86 -5.21 23.70
CA ASN O 167 37.48 -4.63 23.66
C ASN O 167 36.42 -5.63 23.39
N THR O 168 35.64 -5.95 24.39
CA THR O 168 34.62 -6.95 24.16
C THR O 168 33.25 -6.34 24.32
N GLN O 169 32.35 -6.69 23.44
CA GLN O 169 31.00 -6.21 23.60
C GLN O 169 29.97 -7.23 23.17
N THR O 170 28.83 -7.33 23.93
CA THR O 170 27.74 -8.31 23.72
C THR O 170 26.36 -7.71 23.65
N ILE O 171 25.57 -8.21 22.72
CA ILE O 171 24.17 -7.85 22.58
C ILE O 171 23.21 -8.91 23.10
N GLU O 172 22.32 -8.53 24.03
CA GLU O 172 21.36 -9.47 24.62
C GLU O 172 19.96 -8.88 24.82
N ASP O 173 18.92 -9.71 24.75
CA ASP O 173 17.53 -9.24 24.97
C ASP O 173 16.81 -9.90 26.14
N PRO O 174 16.83 -9.31 27.34
CA PRO O 174 17.74 -8.28 27.86
C PRO O 174 19.05 -8.93 28.26
N VAL O 175 19.94 -8.17 28.87
CA VAL O 175 21.20 -8.76 29.29
C VAL O 175 21.10 -9.65 30.50
N GLU O 176 21.65 -10.84 30.35
CA GLU O 176 21.69 -11.85 31.37
C GLU O 176 23.14 -12.08 31.78
N TYR O 177 23.99 -12.27 30.80
CA TYR O 177 25.36 -12.60 31.10
C TYR O 177 26.29 -11.46 31.32
N GLU O 178 26.18 -10.82 32.48
CA GLU O 178 27.05 -9.67 32.74
C GLU O 178 28.48 -10.13 33.06
N ILE O 179 29.26 -10.32 31.99
CA ILE O 179 30.61 -10.92 31.97
C ILE O 179 31.76 -9.94 31.60
N PRO O 180 32.95 -10.03 32.25
CA PRO O 180 34.15 -9.24 31.94
C PRO O 180 34.81 -9.69 30.62
N GLY O 181 35.62 -8.79 30.02
CA GLY O 181 35.40 -7.32 29.99
C GLY O 181 34.39 -6.83 28.93
N ILE O 182 33.08 -7.07 29.15
CA ILE O 182 32.12 -6.82 28.08
C ILE O 182 31.13 -5.65 28.23
N ASN O 183 30.97 -4.93 27.13
CA ASN O 183 29.90 -3.94 26.95
C ASN O 183 28.59 -4.65 26.65
N GLN O 184 27.68 -4.77 27.59
CA GLN O 184 26.53 -5.61 27.28
C GLN O 184 25.30 -4.90 26.82
N THR O 185 25.28 -4.74 25.53
CA THR O 185 24.23 -4.06 24.86
C THR O 185 22.89 -4.67 25.14
N GLN O 186 21.95 -3.83 25.51
CA GLN O 186 20.65 -4.31 25.89
C GLN O 186 19.67 -4.05 24.78
N VAL O 187 19.29 -5.13 24.14
CA VAL O 187 18.42 -5.18 22.98
C VAL O 187 17.02 -4.83 23.38
N ASN O 188 16.42 -3.97 22.58
CA ASN O 188 15.08 -3.45 22.75
C ASN O 188 14.38 -3.26 21.42
N PRO O 189 14.08 -4.36 20.72
CA PRO O 189 13.54 -4.45 19.37
C PRO O 189 12.37 -3.53 19.11
N GLN O 190 11.59 -3.23 20.15
CA GLN O 190 10.41 -2.39 20.03
C GLN O 190 10.77 -0.97 19.60
N ALA O 191 12.03 -0.60 19.79
CA ALA O 191 12.56 0.70 19.45
C ALA O 191 13.50 0.63 18.26
N GLY O 192 13.61 -0.54 17.64
CA GLY O 192 14.53 -0.75 16.54
C GLY O 192 15.86 -1.37 16.98
N LEU O 193 16.17 -1.38 18.29
CA LEU O 193 17.43 -1.98 18.73
C LEU O 193 17.32 -3.46 18.84
N THR O 194 17.33 -4.11 17.68
CA THR O 194 17.28 -5.56 17.58
C THR O 194 18.70 -6.03 17.76
N PHE O 195 18.93 -7.34 17.90
CA PHE O 195 20.32 -7.72 18.05
C PHE O 195 21.05 -7.30 16.79
N ALA O 196 20.40 -7.52 15.67
CA ALA O 196 20.89 -7.15 14.36
C ALA O 196 21.31 -5.72 14.27
N ARG O 197 20.44 -4.82 14.67
CA ARG O 197 20.80 -3.44 14.53
C ARG O 197 21.92 -3.10 15.51
N ALA O 198 21.85 -3.68 16.69
CA ALA O 198 22.85 -3.50 17.71
C ALA O 198 24.22 -4.02 17.22
N LEU O 199 24.22 -5.10 16.45
CA LEU O 199 25.45 -5.65 15.88
C LEU O 199 26.08 -4.77 14.87
N ARG O 200 25.27 -4.12 14.06
CA ARG O 200 25.83 -3.20 13.10
C ARG O 200 26.49 -2.11 13.92
N ALA O 201 25.79 -1.69 14.98
CA ALA O 201 26.33 -0.71 15.89
C ALA O 201 27.57 -1.22 16.61
N PHE O 202 27.69 -2.53 16.86
CA PHE O 202 28.92 -3.02 17.47
C PHE O 202 30.11 -2.61 16.63
N LEU O 203 29.97 -2.66 15.31
CA LEU O 203 31.08 -2.18 14.47
C LEU O 203 31.35 -0.72 14.77
N ARG O 204 30.28 0.04 14.99
CA ARG O 204 30.40 1.46 15.30
C ARG O 204 31.12 1.62 16.64
N GLN O 205 30.96 0.63 17.52
CA GLN O 205 31.55 0.59 18.85
C GLN O 205 33.00 0.02 18.86
N ASP O 206 33.61 -0.11 17.66
CA ASP O 206 35.01 -0.54 17.47
C ASP O 206 35.49 -1.77 18.25
N PRO O 207 34.91 -2.94 18.03
CA PRO O 207 35.18 -4.18 18.74
C PRO O 207 36.59 -4.71 18.49
N ASP O 208 37.15 -5.44 19.43
CA ASP O 208 38.30 -6.26 19.11
C ASP O 208 37.60 -7.59 19.02
N ILE O 209 36.64 -7.70 19.94
CA ILE O 209 35.82 -8.87 20.16
C ILE O 209 34.32 -8.48 20.12
N ILE O 210 33.53 -9.24 19.39
CA ILE O 210 32.11 -8.99 19.21
C ILE O 210 31.27 -10.12 19.73
N MET O 211 30.20 -9.82 20.44
CA MET O 211 29.34 -10.87 20.93
C MET O 211 27.85 -10.77 20.66
N VAL O 212 27.27 -11.93 20.47
CA VAL O 212 25.83 -12.01 20.38
C VAL O 212 25.34 -12.99 21.44
N GLY O 213 24.49 -12.52 22.34
CA GLY O 213 23.93 -13.36 23.41
C GLY O 213 23.13 -14.52 22.85
N GLU O 214 22.45 -14.27 21.72
CA GLU O 214 21.65 -15.24 20.99
C GLU O 214 21.40 -14.83 19.51
N ILE O 215 21.98 -15.55 18.53
CA ILE O 215 21.70 -15.17 17.14
C ILE O 215 20.37 -15.75 16.71
N ARG O 216 19.30 -15.02 17.04
CA ARG O 216 17.92 -15.48 16.87
C ARG O 216 17.23 -15.23 15.51
N ASP O 217 17.82 -14.44 14.62
CA ASP O 217 17.12 -14.17 13.34
C ASP O 217 18.06 -13.82 12.19
N SER O 218 17.48 -13.68 10.98
CA SER O 218 18.26 -13.41 9.76
C SER O 218 18.91 -12.05 9.74
N GLU O 219 18.24 -11.02 10.26
CA GLU O 219 18.87 -9.72 10.24
C GLU O 219 20.06 -9.76 11.17
N THR O 220 19.89 -10.48 12.29
CA THR O 220 20.92 -10.62 13.29
C THR O 220 22.05 -11.47 12.80
N ALA O 221 21.76 -12.58 12.16
CA ALA O 221 22.82 -13.41 11.64
C ALA O 221 23.56 -12.66 10.56
N LYS O 222 22.80 -11.99 9.70
CA LYS O 222 23.38 -11.24 8.61
C LYS O 222 24.29 -10.19 9.15
N ILE O 223 23.78 -9.39 10.07
CA ILE O 223 24.57 -8.34 10.64
C ILE O 223 25.68 -8.84 11.53
N ALA O 224 25.47 -9.90 12.32
CA ALA O 224 26.55 -10.43 13.15
C ALA O 224 27.71 -10.80 12.27
N THR O 225 27.37 -11.35 11.11
CA THR O 225 28.38 -11.75 10.19
C THR O 225 29.06 -10.49 9.63
N GLU O 226 28.26 -9.43 9.32
CA GLU O 226 28.85 -8.17 8.84
C GLU O 226 29.78 -7.64 9.90
N ALA O 227 29.38 -7.80 11.15
CA ALA O 227 30.11 -7.33 12.29
C ALA O 227 31.48 -8.02 12.34
N ALA O 228 31.54 -9.30 11.96
CA ALA O 228 32.80 -10.03 11.88
C ALA O 228 33.67 -9.60 10.70
N LEU O 229 33.01 -9.26 9.58
CA LEU O 229 33.66 -8.96 8.29
C LEU O 229 34.83 -8.00 8.37
N THR O 230 34.72 -6.95 9.18
CA THR O 230 35.78 -5.96 9.20
C THR O 230 36.97 -6.37 10.10
N GLY O 231 36.98 -7.63 10.54
CA GLY O 231 38.09 -8.21 11.28
C GLY O 231 37.96 -8.16 12.78
N HIS O 232 36.84 -8.66 13.29
CA HIS O 232 36.64 -8.63 14.74
C HIS O 232 36.20 -10.00 15.22
N LEU O 233 36.45 -10.33 16.47
CA LEU O 233 36.15 -11.69 16.89
C LEU O 233 34.71 -11.91 17.28
N VAL O 234 33.85 -12.18 16.31
CA VAL O 234 32.43 -12.38 16.65
C VAL O 234 32.16 -13.69 17.32
N ILE O 235 32.23 -13.65 18.60
CA ILE O 235 31.92 -14.79 19.41
C ILE O 235 30.44 -14.86 19.59
N ALA O 236 29.86 -16.01 19.43
CA ALA O 236 28.41 -15.93 19.60
C ALA O 236 27.72 -17.20 19.95
N THR O 237 26.59 -16.97 20.61
CA THR O 237 25.65 -18.02 20.89
C THR O 237 25.00 -18.38 19.58
N LEU O 238 25.24 -19.60 19.11
CA LEU O 238 24.69 -20.02 17.84
C LEU O 238 23.64 -21.03 18.17
N HIS O 239 22.42 -20.86 17.67
CA HIS O 239 21.37 -21.79 18.07
C HIS O 239 21.56 -23.15 17.35
N THR O 240 22.48 -23.92 17.92
CA THR O 240 22.98 -25.23 17.49
C THR O 240 23.51 -26.12 18.57
N ASN O 241 23.69 -27.37 18.18
CA ASN O 241 24.24 -28.36 19.08
C ASN O 241 25.49 -29.04 18.57
N ASP O 242 26.06 -28.49 17.52
CA ASP O 242 27.23 -29.06 16.90
C ASP O 242 28.13 -28.01 16.32
N ALA O 243 29.42 -28.10 16.61
CA ALA O 243 30.30 -27.06 16.18
C ALA O 243 30.34 -26.84 14.68
N ALA O 244 30.36 -27.91 13.91
CA ALA O 244 30.45 -27.74 12.47
C ALA O 244 29.14 -27.20 11.97
N GLN O 245 28.06 -27.62 12.62
CA GLN O 245 26.74 -27.09 12.29
C GLN O 245 26.75 -25.57 12.49
N ALA O 246 27.39 -25.10 13.57
CA ALA O 246 27.46 -23.67 13.85
C ALA O 246 28.10 -22.91 12.72
N ILE O 247 29.10 -23.53 12.08
CA ILE O 247 29.81 -22.90 11.01
C ILE O 247 28.93 -22.73 9.75
N THR O 248 28.30 -23.82 9.30
CA THR O 248 27.46 -23.80 8.09
C THR O 248 26.23 -22.90 8.24
N ARG O 249 25.69 -22.87 9.46
CA ARG O 249 24.50 -22.12 9.79
C ARG O 249 24.37 -20.74 9.21
N LEU O 250 25.44 -20.01 9.03
CA LEU O 250 25.19 -18.65 8.57
C LEU O 250 24.54 -18.67 7.19
N ASP O 251 24.90 -19.66 6.38
CA ASP O 251 24.34 -19.73 5.04
C ASP O 251 22.87 -20.04 5.20
N GLU O 252 22.58 -20.94 6.13
CA GLU O 252 21.22 -21.38 6.37
C GLU O 252 20.34 -20.21 6.84
N MET O 253 20.94 -19.29 7.59
CA MET O 253 20.26 -18.10 8.11
C MET O 253 19.97 -17.05 7.05
N GLY O 254 20.51 -17.22 5.85
CA GLY O 254 20.32 -16.24 4.81
C GLY O 254 21.33 -15.12 4.92
N VAL O 255 22.42 -15.37 5.61
CA VAL O 255 23.44 -14.38 5.78
C VAL O 255 24.04 -14.09 4.45
N GLU O 256 24.20 -12.84 4.13
CA GLU O 256 24.76 -12.59 2.83
C GLU O 256 26.14 -13.24 2.83
N PRO O 257 26.42 -14.13 1.88
CA PRO O 257 27.61 -14.94 1.82
C PRO O 257 28.91 -14.19 1.78
N PHE O 258 28.92 -12.95 1.29
CA PHE O 258 30.17 -12.21 1.27
C PHE O 258 30.63 -11.94 2.71
N ASN O 259 29.66 -11.90 3.63
CA ASN O 259 29.95 -11.66 5.01
C ASN O 259 30.43 -12.97 5.59
N ILE O 260 29.82 -14.08 5.15
CA ILE O 260 30.18 -15.38 5.72
C ILE O 260 31.62 -15.70 5.41
N SER O 261 32.00 -15.48 4.16
CA SER O 261 33.35 -15.73 3.67
C SER O 261 34.38 -14.92 4.45
N ALA O 262 34.10 -13.64 4.69
CA ALA O 262 35.00 -12.78 5.44
C ALA O 262 34.98 -13.00 6.95
N ALA O 263 33.92 -13.64 7.46
CA ALA O 263 33.70 -13.78 8.89
C ALA O 263 34.28 -15.00 9.65
N LEU O 264 33.91 -16.24 9.31
CA LEU O 264 34.25 -17.41 10.19
C LEU O 264 35.72 -17.83 10.42
N ILE O 265 36.09 -18.01 11.73
CA ILE O 265 37.44 -18.44 12.17
C ILE O 265 37.44 -19.80 12.93
N GLY O 266 36.35 -20.16 13.64
CA GLY O 266 36.36 -21.43 14.39
C GLY O 266 35.14 -21.64 15.30
N VAL O 267 35.00 -22.84 15.86
CA VAL O 267 33.87 -23.13 16.76
C VAL O 267 34.21 -23.99 18.01
N LEU O 268 33.68 -23.58 19.18
CA LEU O 268 33.82 -24.29 20.48
C LEU O 268 32.60 -25.07 20.97
N SER O 269 32.83 -26.33 21.34
CA SER O 269 31.76 -27.13 21.93
C SER O 269 32.20 -27.87 23.19
N GLN O 270 31.17 -28.16 23.98
CA GLN O 270 31.23 -28.88 25.24
C GLN O 270 29.90 -29.61 25.43
N ARG O 271 29.21 -29.97 24.36
CA ARG O 271 27.85 -30.47 24.54
C ARG O 271 27.86 -31.75 25.38
N LEU O 272 26.99 -31.76 26.38
CA LEU O 272 26.86 -32.86 27.33
C LEU O 272 26.17 -34.10 26.79
N VAL O 273 26.67 -35.26 27.22
CA VAL O 273 26.06 -36.59 27.04
C VAL O 273 25.82 -37.26 28.33
N ARG O 274 24.92 -38.23 28.35
CA ARG O 274 24.79 -38.97 29.58
C ARG O 274 26.12 -39.73 29.71
N ARG O 275 26.74 -39.69 30.87
CA ARG O 275 28.02 -40.36 31.10
C ARG O 275 27.78 -41.79 31.52
N VAL O 276 28.37 -42.74 30.87
CA VAL O 276 28.17 -44.15 31.20
C VAL O 276 28.54 -44.52 32.56
N CYS O 277 27.71 -45.34 33.17
CA CYS O 277 28.14 -45.71 34.47
C CYS O 277 29.29 -46.67 34.37
N GLU O 278 30.43 -46.03 34.52
CA GLU O 278 31.77 -46.54 34.44
C GLU O 278 32.02 -47.72 35.35
N HIS O 279 31.30 -47.75 36.46
CA HIS O 279 31.51 -48.74 37.49
C HIS O 279 30.67 -50.01 37.32
N CYS O 280 29.82 -50.04 36.29
CA CYS O 280 29.02 -51.23 36.03
C CYS O 280 28.89 -51.23 34.54
N LYS O 281 29.86 -50.63 33.90
CA LYS O 281 29.79 -50.45 32.49
C LYS O 281 29.69 -51.81 31.81
N VAL O 282 28.72 -51.93 30.91
CA VAL O 282 28.41 -53.13 30.15
C VAL O 282 29.18 -53.09 28.89
N GLU O 283 29.92 -54.13 28.58
CA GLU O 283 30.62 -54.06 27.32
C GLU O 283 29.63 -54.11 26.19
N VAL O 284 29.73 -53.14 25.32
CA VAL O 284 28.94 -53.01 24.12
C VAL O 284 29.93 -52.88 22.98
N LYS O 285 29.82 -53.65 21.94
CA LYS O 285 30.80 -53.40 20.91
C LYS O 285 30.42 -52.13 20.16
N PRO O 286 31.33 -51.16 19.98
CA PRO O 286 30.98 -50.04 19.17
C PRO O 286 30.97 -50.65 17.85
N ASP O 287 30.18 -50.17 16.96
CA ASP O 287 30.44 -50.66 15.66
C ASP O 287 31.52 -49.78 15.03
N PRO O 288 32.64 -50.31 14.53
CA PRO O 288 33.69 -49.54 13.93
C PRO O 288 33.21 -48.85 12.65
N GLU O 289 32.14 -49.38 12.03
CA GLU O 289 31.52 -48.74 10.87
C GLU O 289 30.78 -47.53 11.38
N THR O 290 30.17 -47.66 12.56
CA THR O 290 29.50 -46.51 13.16
C THR O 290 30.58 -45.47 13.30
N LEU O 291 31.68 -45.84 13.90
CA LEU O 291 32.75 -44.89 14.12
C LEU O 291 33.39 -44.37 12.83
N ARG O 292 33.55 -45.23 11.83
CA ARG O 292 34.14 -44.80 10.58
C ARG O 292 33.24 -43.81 9.90
N ARG O 293 31.96 -44.18 9.79
CA ARG O 293 30.92 -43.42 9.13
C ARG O 293 30.86 -42.04 9.80
N LEU O 294 31.11 -42.02 11.11
CA LEU O 294 31.21 -40.83 11.92
C LEU O 294 32.41 -39.98 11.51
N GLY O 295 33.48 -40.65 11.05
CA GLY O 295 34.71 -40.05 10.52
C GLY O 295 35.87 -39.94 11.51
N LEU O 296 35.90 -40.81 12.52
CA LEU O 296 36.97 -40.74 13.51
C LEU O 296 38.35 -41.17 13.09
N SER O 297 39.34 -40.69 13.85
CA SER O 297 40.75 -40.93 13.58
C SER O 297 41.28 -42.34 13.85
N GLU O 298 40.83 -43.28 13.02
CA GLU O 298 41.26 -44.69 12.94
C GLU O 298 41.45 -45.44 14.27
N ALA O 299 42.40 -45.03 15.09
CA ALA O 299 42.61 -45.73 16.35
C ALA O 299 41.33 -45.66 17.17
N GLU O 300 40.64 -44.53 17.00
CA GLU O 300 39.43 -44.21 17.73
C GLU O 300 38.18 -44.80 17.02
N ILE O 301 38.44 -45.62 16.01
CA ILE O 301 37.47 -46.39 15.25
C ILE O 301 37.58 -47.86 15.64
N GLN O 302 38.82 -48.37 15.48
CA GLN O 302 39.16 -49.78 15.59
C GLN O 302 39.50 -50.31 16.99
N GLY O 303 40.27 -49.55 17.80
CA GLY O 303 40.68 -50.06 19.12
C GLY O 303 39.65 -49.65 20.16
N ALA O 304 38.68 -48.93 19.67
CA ALA O 304 37.57 -48.36 20.37
C ALA O 304 36.62 -49.40 20.96
N ARG O 305 36.07 -49.19 22.18
CA ARG O 305 35.04 -50.12 22.70
C ARG O 305 33.94 -49.44 23.53
N LEU O 306 32.67 -49.68 23.21
CA LEU O 306 31.59 -49.07 23.99
C LEU O 306 31.21 -49.67 25.26
N TYR O 307 30.65 -48.81 26.08
CA TYR O 307 29.99 -49.28 27.23
C TYR O 307 28.66 -48.57 27.44
N LYS O 308 27.85 -49.19 28.26
CA LYS O 308 26.55 -48.68 28.67
C LYS O 308 26.35 -49.06 30.14
N GLY O 309 25.77 -48.25 31.00
CA GLY O 309 25.60 -48.81 32.34
C GLY O 309 24.43 -49.77 32.32
N MET O 310 24.43 -50.75 33.23
CA MET O 310 23.32 -51.69 33.38
C MET O 310 22.32 -51.24 34.43
N GLY O 311 22.61 -50.10 35.02
CA GLY O 311 21.87 -49.55 36.15
C GLY O 311 22.84 -49.64 37.30
N CYS O 312 22.79 -48.69 38.23
CA CYS O 312 23.82 -48.70 39.29
C CYS O 312 23.61 -47.76 40.45
N GLU O 313 24.32 -48.05 41.53
CA GLU O 313 24.45 -47.15 42.68
C GLU O 313 25.15 -45.80 42.31
N ARG O 314 25.63 -45.69 41.07
CA ARG O 314 26.24 -44.49 40.55
C ARG O 314 25.51 -43.93 39.31
N CYS O 315 24.28 -44.40 39.03
CA CYS O 315 23.52 -43.86 37.88
C CYS O 315 22.01 -44.03 37.96
N GLY O 316 21.55 -44.92 38.82
CA GLY O 316 20.15 -45.19 38.95
C GLY O 316 19.65 -45.85 37.68
N GLY O 317 18.33 -45.79 37.47
CA GLY O 317 17.68 -46.43 36.32
C GLY O 317 17.80 -45.62 35.03
N THR O 318 19.03 -45.25 34.69
CA THR O 318 19.30 -44.50 33.49
C THR O 318 20.40 -45.19 32.73
N GLY O 319 21.28 -45.87 33.49
CA GLY O 319 22.50 -46.48 32.93
C GLY O 319 23.69 -45.50 32.80
N TYR O 320 23.48 -44.25 33.24
CA TYR O 320 24.51 -43.23 33.09
C TYR O 320 24.85 -42.40 34.34
N LYS O 321 26.15 -42.28 34.60
CA LYS O 321 26.75 -41.58 35.72
C LYS O 321 26.75 -40.08 35.53
N GLY O 322 25.56 -39.50 35.53
CA GLY O 322 25.39 -38.08 35.31
C GLY O 322 25.76 -37.71 33.88
N ARG O 323 26.53 -36.64 33.70
CA ARG O 323 26.85 -36.18 32.36
C ARG O 323 28.34 -35.92 32.10
N TYR O 324 28.66 -35.93 30.81
CA TYR O 324 29.99 -35.71 30.23
C TYR O 324 29.99 -34.69 29.10
N ALA O 325 30.80 -33.64 29.26
CA ALA O 325 30.90 -32.58 28.25
C ALA O 325 31.83 -33.00 27.15
N ILE O 326 31.31 -33.16 25.95
CA ILE O 326 32.12 -33.63 24.86
C ILE O 326 32.90 -32.49 24.22
N HIS O 327 34.21 -32.66 24.04
CA HIS O 327 35.00 -31.57 23.52
C HIS O 327 35.12 -31.34 22.02
N GLU O 328 35.18 -30.07 21.62
CA GLU O 328 35.48 -29.76 20.22
C GLU O 328 36.06 -28.40 19.93
N LEU O 329 36.99 -28.41 18.98
CA LEU O 329 37.50 -27.18 18.39
C LEU O 329 37.57 -27.15 16.88
N LEU O 330 36.67 -26.46 16.21
CA LEU O 330 36.84 -26.44 14.76
C LEU O 330 37.65 -25.25 14.39
N VAL O 331 38.51 -25.40 13.39
CA VAL O 331 39.37 -24.31 12.95
C VAL O 331 39.13 -23.98 11.46
N VAL O 332 38.72 -22.75 11.16
CA VAL O 332 38.40 -22.45 9.76
C VAL O 332 39.55 -21.88 8.96
N ASP O 333 40.28 -22.75 8.29
CA ASP O 333 41.38 -22.33 7.42
C ASP O 333 40.79 -21.99 6.04
N ASP O 334 41.63 -21.70 5.06
CA ASP O 334 41.14 -21.33 3.73
C ASP O 334 40.32 -22.43 3.03
N GLU O 335 40.63 -23.70 3.28
CA GLU O 335 39.88 -24.75 2.58
C GLU O 335 38.53 -24.91 3.25
N ILE O 336 38.50 -24.73 4.58
CA ILE O 336 37.24 -24.82 5.30
C ILE O 336 36.39 -23.64 4.88
N ARG O 337 37.00 -22.46 4.75
CA ARG O 337 36.28 -21.28 4.29
C ARG O 337 35.48 -21.61 3.02
N HIS O 338 36.14 -22.29 2.07
CA HIS O 338 35.46 -22.66 0.83
C HIS O 338 34.30 -23.64 1.13
N ALA O 339 34.55 -24.60 2.03
CA ALA O 339 33.55 -25.60 2.42
C ALA O 339 32.31 -24.96 3.05
N ILE O 340 32.51 -23.90 3.80
CA ILE O 340 31.40 -23.26 4.48
C ILE O 340 30.50 -22.59 3.46
N VAL O 341 31.14 -21.82 2.59
CA VAL O 341 30.44 -21.07 1.56
C VAL O 341 29.72 -22.02 0.62
N ALA O 342 30.37 -23.14 0.29
CA ALA O 342 29.82 -24.18 -0.56
C ALA O 342 28.62 -24.90 0.07
N GLY O 343 28.39 -24.70 1.38
CA GLY O 343 27.28 -25.35 2.05
C GLY O 343 27.61 -26.77 2.49
N LYS O 344 28.87 -27.05 2.82
CA LYS O 344 29.24 -28.40 3.23
C LYS O 344 28.66 -28.73 4.59
N SER O 345 28.42 -30.03 4.81
CA SER O 345 27.80 -30.53 6.02
C SER O 345 28.64 -30.47 7.25
N ALA O 346 27.97 -30.62 8.40
CA ALA O 346 28.65 -30.66 9.67
C ALA O 346 29.62 -31.83 9.72
N THR O 347 29.21 -32.97 9.15
CA THR O 347 30.09 -34.12 9.14
C THR O 347 31.34 -33.80 8.36
N GLU O 348 31.18 -33.18 7.20
CA GLU O 348 32.35 -32.87 6.39
C GLU O 348 33.27 -31.83 7.05
N ILE O 349 32.72 -30.78 7.61
CA ILE O 349 33.57 -29.78 8.22
C ILE O 349 34.26 -30.33 9.46
N LYS O 350 33.51 -31.05 10.29
CA LYS O 350 34.01 -31.65 11.50
C LYS O 350 35.03 -32.72 11.19
N GLU O 351 34.73 -33.57 10.21
CA GLU O 351 35.64 -34.63 9.84
C GLU O 351 36.96 -34.10 9.41
N ILE O 352 36.97 -32.99 8.68
CA ILE O 352 38.24 -32.43 8.28
C ILE O 352 39.03 -31.90 9.47
N ALA O 353 38.38 -31.06 10.31
CA ALA O 353 39.05 -30.44 11.45
C ALA O 353 39.61 -31.49 12.42
N ARG O 354 38.85 -32.58 12.54
CA ARG O 354 39.09 -33.77 13.34
C ARG O 354 40.38 -34.53 13.08
N ARG O 355 40.92 -34.41 11.88
CA ARG O 355 42.10 -35.20 11.60
C ARG O 355 43.27 -34.78 12.48
N LYS O 356 44.34 -35.57 12.45
CA LYS O 356 45.52 -35.35 13.28
C LYS O 356 45.19 -35.56 14.76
N GLY O 357 44.12 -36.31 15.02
CA GLY O 357 43.70 -36.65 16.36
C GLY O 357 42.92 -35.55 17.05
N MET O 358 42.48 -34.52 16.30
CA MET O 358 41.75 -33.44 16.95
C MET O 358 40.37 -33.89 17.42
N LYS O 359 40.07 -33.60 18.66
CA LYS O 359 38.80 -33.99 19.21
C LYS O 359 37.63 -33.13 18.75
N THR O 360 36.51 -33.79 18.48
CA THR O 360 35.32 -33.06 18.12
C THR O 360 34.16 -33.55 18.96
N LEU O 361 32.98 -32.96 18.81
CA LEU O 361 31.88 -33.51 19.56
C LEU O 361 31.67 -34.95 19.18
N ARG O 362 32.10 -35.29 17.99
CA ARG O 362 31.95 -36.60 17.55
C ARG O 362 33.22 -37.33 17.94
N GLU O 363 34.39 -36.85 17.58
CA GLU O 363 35.54 -37.64 17.97
C GLU O 363 35.80 -37.74 19.43
N ASP O 364 35.74 -36.64 20.18
CA ASP O 364 35.99 -36.74 21.60
C ASP O 364 34.86 -37.49 22.22
N GLY O 365 33.69 -37.21 21.72
CA GLY O 365 32.52 -37.85 22.28
C GLY O 365 32.63 -39.31 22.15
N LEU O 366 32.78 -39.74 20.93
CA LEU O 366 32.81 -41.14 20.63
C LEU O 366 34.04 -41.67 21.31
N TYR O 367 35.16 -40.96 21.25
CA TYR O 367 36.38 -41.43 21.90
C TYR O 367 36.13 -41.79 23.33
N LYS O 368 35.49 -40.90 24.08
CA LYS O 368 35.21 -41.18 25.48
C LYS O 368 34.13 -42.28 25.56
N ALA O 369 33.25 -42.34 24.59
CA ALA O 369 32.26 -43.39 24.61
C ALA O 369 32.92 -44.73 24.58
N LEU O 370 33.97 -44.74 23.81
CA LEU O 370 34.75 -45.88 23.48
C LEU O 370 35.78 -46.23 24.57
N GLN O 371 35.74 -45.52 25.72
CA GLN O 371 36.60 -45.83 26.87
C GLN O 371 35.68 -46.38 27.96
N GLY O 372 34.42 -45.98 27.85
CA GLY O 372 33.40 -46.32 28.83
C GLY O 372 32.97 -45.15 29.69
N ILE O 373 33.25 -43.95 29.21
CA ILE O 373 32.85 -42.71 29.84
C ILE O 373 31.45 -42.36 29.39
N THR O 374 31.17 -42.58 28.14
CA THR O 374 29.81 -42.36 27.60
C THR O 374 29.45 -43.51 26.67
N THR O 375 28.36 -43.39 25.96
CA THR O 375 27.93 -44.45 25.06
C THR O 375 27.94 -43.81 23.72
N LEU O 376 28.34 -44.53 22.69
CA LEU O 376 28.46 -43.93 21.38
C LEU O 376 27.12 -43.42 21.00
N GLU O 377 26.11 -44.10 21.51
CA GLU O 377 24.76 -43.75 21.26
C GLU O 377 24.55 -42.30 21.60
N GLU O 378 24.91 -41.94 22.83
CA GLU O 378 24.67 -40.60 23.33
C GLU O 378 25.45 -39.61 22.52
N VAL O 379 26.66 -39.98 22.17
CA VAL O 379 27.50 -39.07 21.44
C VAL O 379 26.94 -38.77 20.10
N LEU O 380 26.41 -39.79 19.48
CA LEU O 380 25.82 -39.68 18.19
C LEU O 380 24.62 -38.81 18.25
N ALA O 381 23.90 -38.88 19.35
CA ALA O 381 22.78 -37.97 19.55
C ALA O 381 23.27 -36.54 19.67
N ARG O 382 24.45 -36.38 20.27
CA ARG O 382 25.02 -35.06 20.36
C ARG O 382 25.49 -34.58 19.01
N THR O 383 26.04 -35.52 18.20
CA THR O 383 26.56 -35.21 16.89
C THR O 383 25.95 -36.08 15.82
N ILE O 384 24.75 -35.71 15.45
CA ILE O 384 23.91 -36.40 14.50
C ILE O 384 24.27 -36.01 13.08
N SER P 1 4.72 18.29 -33.29
CA SER P 1 5.83 17.35 -33.32
C SER P 1 6.02 16.76 -34.69
N ALA P 2 6.58 17.53 -35.62
CA ALA P 2 6.74 17.00 -36.96
C ALA P 2 8.13 17.22 -37.58
N ALA P 3 9.24 16.85 -36.90
CA ALA P 3 9.57 15.52 -36.30
C ALA P 3 9.03 14.34 -37.10
N GLN P 4 7.80 13.95 -36.83
CA GLN P 4 7.18 12.83 -37.49
C GLN P 4 7.15 12.96 -38.99
N LYS P 5 7.15 14.17 -39.55
CA LYS P 5 7.14 14.28 -41.00
C LYS P 5 8.33 13.57 -41.61
N PHE P 6 9.49 13.72 -40.99
CA PHE P 6 10.72 13.20 -41.54
C PHE P 6 10.77 11.71 -41.30
N VAL P 7 10.24 11.33 -40.15
CA VAL P 7 10.22 9.93 -39.79
C VAL P 7 9.31 9.19 -40.76
N LYS P 8 8.14 9.77 -41.03
CA LYS P 8 7.15 9.20 -41.92
C LYS P 8 7.60 9.12 -43.38
N GLN P 9 8.39 10.10 -43.85
CA GLN P 9 8.94 10.02 -45.21
C GLN P 9 9.77 8.76 -45.26
N VAL P 10 10.46 8.50 -44.16
CA VAL P 10 11.23 7.31 -43.95
C VAL P 10 10.45 6.06 -43.66
N ILE P 11 9.35 6.08 -42.92
CA ILE P 11 8.74 4.75 -42.76
C ILE P 11 8.24 4.38 -44.14
N ARG P 12 7.85 5.37 -44.94
CA ARG P 12 7.45 5.05 -46.27
C ARG P 12 8.64 4.42 -47.01
N GLU P 13 9.76 5.12 -47.10
CA GLU P 13 10.85 4.56 -47.90
C GLU P 13 11.47 3.31 -47.28
N ALA P 14 11.64 3.29 -45.96
CA ALA P 14 12.27 2.18 -45.25
C ALA P 14 11.47 0.92 -45.40
N PHE P 15 10.16 1.02 -45.31
CA PHE P 15 9.39 -0.18 -45.47
C PHE P 15 9.46 -0.59 -46.96
N LEU P 16 9.39 0.39 -47.88
CA LEU P 16 9.41 0.10 -49.32
C LEU P 16 10.74 -0.53 -49.77
N GLN P 17 11.84 -0.16 -49.13
CA GLN P 17 13.17 -0.68 -49.42
C GLN P 17 13.53 -1.96 -48.68
N ASP P 18 12.61 -2.53 -47.90
CA ASP P 18 12.89 -3.71 -47.09
C ASP P 18 14.06 -3.41 -46.17
N ALA P 19 14.04 -2.22 -45.56
CA ALA P 19 15.09 -1.81 -44.64
C ALA P 19 15.00 -2.64 -43.36
N SER P 20 16.14 -2.79 -42.70
CA SER P 20 16.28 -3.44 -41.42
C SER P 20 15.92 -2.48 -40.29
N ASP P 21 16.07 -1.17 -40.53
CA ASP P 21 15.75 -0.20 -39.47
C ASP P 21 15.59 1.26 -39.89
N ILE P 22 14.84 2.00 -39.05
CA ILE P 22 14.59 3.44 -39.13
C ILE P 22 15.28 4.18 -37.97
N HIS P 23 16.21 5.05 -38.34
CA HIS P 23 17.08 5.65 -37.35
C HIS P 23 16.90 7.11 -37.10
N ILE P 24 16.37 7.50 -35.93
CA ILE P 24 16.21 8.91 -35.63
C ILE P 24 17.36 9.34 -34.76
N GLU P 25 18.34 9.90 -35.43
CA GLU P 25 19.64 10.08 -34.86
C GLU P 25 19.92 11.38 -34.14
N PRO P 26 20.26 11.35 -32.85
CA PRO P 26 20.51 12.47 -31.98
C PRO P 26 21.81 13.16 -32.28
N ARG P 27 21.81 13.99 -33.32
CA ARG P 27 23.04 14.60 -33.75
C ARG P 27 23.17 16.01 -33.22
N GLN P 28 24.22 16.67 -33.68
CA GLN P 28 24.63 17.96 -33.17
C GLN P 28 23.68 19.12 -33.31
N ASN P 29 22.94 19.20 -34.40
CA ASN P 29 22.06 20.33 -34.59
C ASN P 29 20.75 19.80 -35.03
N ASP P 30 20.85 18.60 -35.53
CA ASP P 30 19.76 17.97 -36.22
C ASP P 30 19.62 16.51 -35.88
N VAL P 31 18.70 15.89 -36.59
CA VAL P 31 18.46 14.50 -36.41
C VAL P 31 18.44 13.82 -37.72
N GLN P 32 19.24 12.82 -37.89
CA GLN P 32 19.14 12.23 -39.19
C GLN P 32 18.11 11.17 -39.14
N VAL P 33 17.43 10.97 -40.25
CA VAL P 33 16.52 9.87 -40.30
C VAL P 33 17.10 8.99 -41.37
N ARG P 34 17.58 7.84 -40.96
CA ARG P 34 18.29 7.04 -41.95
C ARG P 34 17.64 5.67 -42.14
N LEU P 35 17.96 5.05 -43.28
CA LEU P 35 17.44 3.75 -43.70
C LEU P 35 18.49 2.62 -43.71
N ARG P 36 18.41 1.58 -42.85
CA ARG P 36 19.45 0.52 -42.98
C ARG P 36 18.94 -0.47 -43.98
N ILE P 37 19.54 -0.52 -45.17
CA ILE P 37 19.08 -1.31 -46.30
C ILE P 37 20.13 -2.28 -46.86
N ASP P 38 19.75 -3.53 -47.07
CA ASP P 38 20.65 -4.55 -47.59
C ASP P 38 21.94 -4.63 -46.77
N GLY P 39 21.78 -4.50 -45.46
CA GLY P 39 22.90 -4.57 -44.53
C GLY P 39 23.56 -3.22 -44.18
N ALA P 40 23.23 -2.10 -44.85
CA ALA P 40 23.91 -0.83 -44.48
C ALA P 40 23.05 0.42 -44.71
N LEU P 41 23.37 1.52 -44.00
CA LEU P 41 22.58 2.73 -44.22
C LEU P 41 22.73 3.52 -45.48
N ARG P 42 21.65 4.23 -45.75
CA ARG P 42 21.65 5.35 -46.64
C ARG P 42 20.69 6.35 -45.94
N PRO P 43 20.98 7.66 -45.93
CA PRO P 43 20.16 8.68 -45.32
C PRO P 43 18.92 8.97 -46.15
N TYR P 44 17.88 9.52 -45.53
CA TYR P 44 16.72 9.92 -46.31
C TYR P 44 16.15 11.29 -45.86
N SER P 45 15.90 11.46 -44.56
CA SER P 45 15.25 12.71 -44.07
C SER P 45 15.96 13.31 -42.86
N THR P 46 15.70 14.58 -42.54
CA THR P 46 16.35 15.21 -41.39
C THR P 46 15.41 16.03 -40.48
N LEU P 47 15.49 15.85 -39.17
CA LEU P 47 14.66 16.60 -38.21
C LEU P 47 15.65 17.54 -37.49
N PRO P 48 15.23 18.62 -36.83
CA PRO P 48 16.08 19.42 -35.93
C PRO P 48 16.35 18.64 -34.63
N LYS P 49 17.42 18.91 -33.90
CA LYS P 49 17.60 18.15 -32.66
C LYS P 49 16.42 18.31 -31.68
N GLY P 50 15.69 19.41 -31.76
CA GLY P 50 14.53 19.56 -30.89
C GLY P 50 13.50 18.45 -31.20
N ALA P 51 13.44 18.09 -32.47
CA ALA P 51 12.53 17.09 -32.99
C ALA P 51 13.05 15.69 -32.65
N LEU P 52 14.34 15.57 -32.39
CA LEU P 52 14.85 14.29 -31.93
C LEU P 52 14.07 13.89 -30.74
N ASN P 53 14.02 14.83 -29.80
CA ASN P 53 13.41 14.56 -28.54
C ASN P 53 11.93 14.29 -28.70
N ALA P 54 11.30 14.99 -29.65
CA ALA P 54 9.90 14.71 -29.91
C ALA P 54 9.70 13.26 -30.33
N VAL P 55 10.59 12.76 -31.18
CA VAL P 55 10.46 11.39 -31.65
C VAL P 55 10.74 10.37 -30.55
N ILE P 56 11.67 10.67 -29.65
CA ILE P 56 11.98 9.73 -28.58
C ILE P 56 10.69 9.43 -27.86
N SER P 57 9.92 10.48 -27.56
CA SER P 57 8.63 10.29 -26.92
C SER P 57 7.67 9.52 -27.83
N VAL P 58 7.66 9.80 -29.13
CA VAL P 58 6.74 9.12 -30.06
C VAL P 58 6.95 7.62 -30.08
N VAL P 59 8.20 7.19 -30.13
CA VAL P 59 8.35 5.77 -30.17
C VAL P 59 8.03 5.24 -28.76
N LYS P 60 8.30 5.99 -27.71
CA LYS P 60 7.89 5.44 -26.43
C LYS P 60 6.37 5.31 -26.37
N ILE P 61 5.66 6.25 -27.01
CA ILE P 61 4.21 6.19 -27.04
C ILE P 61 3.74 4.96 -27.73
N MET P 62 4.35 4.63 -28.88
CA MET P 62 3.84 3.50 -29.63
C MET P 62 3.90 2.21 -28.80
N GLY P 63 4.87 2.09 -27.91
CA GLY P 63 4.94 0.87 -27.08
C GLY P 63 4.26 0.99 -25.72
N GLY P 64 3.63 2.12 -25.42
CA GLY P 64 3.01 2.30 -24.11
C GLY P 64 4.06 2.50 -23.01
N LEU P 65 5.18 3.12 -23.34
CA LEU P 65 6.29 3.30 -22.40
C LEU P 65 6.25 4.68 -21.73
N ASN P 66 7.20 5.00 -20.85
CA ASN P 66 7.11 6.33 -20.25
C ASN P 66 7.66 7.39 -21.18
N ILE P 67 6.76 7.96 -21.93
CA ILE P 67 7.07 8.92 -22.97
C ILE P 67 7.62 10.25 -22.46
N ALA P 68 7.44 10.53 -21.17
CA ALA P 68 7.93 11.78 -20.62
C ALA P 68 9.41 11.68 -20.34
N GLU P 69 9.88 10.47 -20.18
CA GLU P 69 11.24 10.28 -19.80
C GLU P 69 12.17 10.23 -20.97
N LYS P 70 12.47 11.41 -21.48
CA LYS P 70 13.31 11.66 -22.65
C LYS P 70 14.82 11.42 -22.43
N ARG P 71 15.23 11.10 -21.19
CA ARG P 71 16.65 10.91 -20.91
C ARG P 71 17.02 9.42 -20.77
N LEU P 72 16.08 8.60 -20.31
CA LEU P 72 16.40 7.18 -20.10
C LEU P 72 15.86 6.24 -21.20
N PRO P 73 16.63 5.18 -21.58
CA PRO P 73 16.29 4.21 -22.61
C PRO P 73 15.14 3.31 -22.25
N GLN P 74 14.25 3.07 -23.21
CA GLN P 74 13.14 2.15 -22.98
C GLN P 74 12.84 1.33 -24.23
N ASP P 75 12.15 0.18 -24.10
CA ASP P 75 11.76 -0.56 -25.29
C ASP P 75 10.42 -1.31 -25.26
N GLY P 76 10.09 -1.95 -26.40
CA GLY P 76 8.87 -2.76 -26.62
C GLY P 76 8.65 -2.92 -28.13
N ARG P 77 7.42 -3.16 -28.59
CA ARG P 77 7.22 -3.21 -30.04
C ARG P 77 5.77 -2.99 -30.44
N VAL P 78 5.57 -2.55 -31.69
CA VAL P 78 4.26 -2.22 -32.26
C VAL P 78 3.91 -2.78 -33.63
N ARG P 79 2.65 -3.18 -33.74
CA ARG P 79 2.08 -3.78 -34.94
C ARG P 79 1.87 -2.82 -36.13
N TYR P 80 2.95 -2.34 -36.73
CA TYR P 80 2.85 -1.41 -37.86
C TYR P 80 2.55 -2.08 -39.19
N ARG P 81 1.29 -2.51 -39.30
CA ARG P 81 0.79 -3.27 -40.45
C ARG P 81 -0.18 -2.48 -41.33
N GLU P 82 0.06 -1.19 -41.41
CA GLU P 82 -0.80 -0.28 -42.14
C GLU P 82 -0.57 -0.28 -43.67
N GLY P 83 -1.06 -1.33 -44.32
CA GLY P 83 -0.94 -1.44 -45.78
C GLY P 83 0.50 -1.56 -46.25
N ALA P 84 0.98 -0.50 -46.92
CA ALA P 84 2.35 -0.45 -47.44
C ALA P 84 3.33 -0.67 -46.29
N ILE P 85 2.89 -0.27 -45.12
CA ILE P 85 3.66 -0.41 -43.92
C ILE P 85 3.26 -1.79 -43.36
N ASP P 86 4.15 -2.78 -43.43
CA ASP P 86 3.81 -4.16 -43.07
C ASP P 86 4.92 -4.90 -42.32
N VAL P 87 5.55 -4.19 -41.40
CA VAL P 87 6.68 -4.72 -40.62
C VAL P 87 6.51 -4.29 -39.16
N ASP P 88 6.71 -5.15 -38.17
CA ASP P 88 6.52 -4.62 -36.82
C ASP P 88 7.63 -3.64 -36.50
N LEU P 89 7.37 -2.64 -35.66
CA LEU P 89 8.48 -1.80 -35.27
C LEU P 89 8.96 -2.13 -33.87
N ARG P 90 10.27 -2.32 -33.77
CA ARG P 90 10.87 -2.60 -32.49
C ARG P 90 11.15 -1.27 -31.91
N LEU P 91 10.61 -1.06 -30.77
CA LEU P 91 10.75 0.17 -30.08
C LEU P 91 11.93 0.18 -29.21
N SER P 92 12.79 1.14 -29.43
CA SER P 92 13.91 1.31 -28.55
C SER P 92 14.40 2.72 -28.55
N THR P 93 14.76 3.22 -27.39
CA THR P 93 15.41 4.50 -27.38
C THR P 93 16.71 4.37 -26.62
N LEU P 94 17.69 5.22 -26.93
CA LEU P 94 18.95 5.08 -26.21
C LEU P 94 19.71 6.44 -26.09
N PRO P 95 19.91 7.03 -24.87
CA PRO P 95 20.47 8.36 -24.61
C PRO P 95 21.86 8.60 -25.03
N THR P 96 22.02 9.66 -25.80
CA THR P 96 23.29 10.06 -26.32
C THR P 96 23.62 11.46 -25.92
N VAL P 97 24.69 11.92 -26.50
CA VAL P 97 25.22 13.27 -26.37
C VAL P 97 24.23 14.41 -26.66
N TYR P 98 23.17 14.10 -27.42
CA TYR P 98 22.17 15.10 -27.75
C TYR P 98 20.75 14.60 -27.53
N GLY P 99 20.56 13.65 -26.62
CA GLY P 99 19.24 13.07 -26.37
C GLY P 99 19.22 11.64 -26.85
N GLU P 100 18.13 10.91 -26.63
CA GLU P 100 18.14 9.52 -27.02
C GLU P 100 17.96 9.32 -28.49
N LYS P 101 18.60 8.31 -29.00
CA LYS P 101 18.32 7.88 -30.34
C LYS P 101 16.95 7.30 -30.30
N ALA P 102 16.11 7.60 -31.28
CA ALA P 102 14.80 6.96 -31.30
C ALA P 102 14.77 5.91 -32.40
N VAL P 103 14.47 4.68 -32.01
CA VAL P 103 14.50 3.57 -32.94
C VAL P 103 13.20 2.86 -33.18
N MET P 104 12.99 2.64 -34.47
CA MET P 104 11.90 1.90 -35.05
C MET P 104 12.49 0.79 -35.91
N ARG P 105 12.89 -0.32 -35.27
CA ARG P 105 13.60 -1.38 -35.99
C ARG P 105 12.60 -2.14 -36.79
N LEU P 106 12.95 -2.49 -38.00
CA LEU P 106 12.04 -3.22 -38.85
C LEU P 106 12.10 -4.72 -38.63
N LEU P 107 11.10 -5.21 -37.90
CA LEU P 107 10.99 -6.60 -37.52
C LEU P 107 10.41 -7.29 -38.73
N LYS P 108 11.34 -7.56 -39.64
CA LYS P 108 11.17 -7.97 -41.02
C LYS P 108 10.00 -8.87 -41.24
N LYS P 109 9.28 -8.56 -42.31
CA LYS P 109 8.14 -9.33 -42.72
C LYS P 109 8.47 -10.78 -42.63
N ALA P 110 7.56 -11.52 -42.02
CA ALA P 110 7.73 -12.93 -41.77
C ALA P 110 8.45 -13.71 -42.85
N SER P 111 8.15 -13.41 -44.11
CA SER P 111 8.67 -14.15 -45.26
C SER P 111 8.18 -15.60 -45.18
N ASP P 112 7.10 -15.73 -44.43
CA ASP P 112 6.32 -16.88 -44.14
C ASP P 112 7.11 -18.11 -43.66
N ILE P 113 6.77 -19.29 -44.18
CA ILE P 113 7.32 -20.52 -43.65
C ILE P 113 8.00 -21.50 -44.66
N PRO P 114 9.27 -21.94 -44.49
CA PRO P 114 9.97 -22.91 -45.33
C PRO P 114 9.48 -24.32 -45.03
N GLU P 115 9.58 -25.27 -45.97
CA GLU P 115 9.26 -26.64 -45.56
C GLU P 115 10.54 -27.29 -45.11
N ILE P 116 10.83 -27.13 -43.84
CA ILE P 116 12.06 -27.43 -43.08
C ILE P 116 13.24 -28.16 -43.82
N GLU P 117 12.99 -29.11 -44.71
CA GLU P 117 14.03 -29.81 -45.46
C GLU P 117 14.73 -28.79 -46.33
N ASP P 118 13.90 -27.80 -46.75
CA ASP P 118 14.22 -26.63 -47.57
C ASP P 118 15.36 -25.84 -46.98
N LEU P 119 15.60 -26.01 -45.70
CA LEU P 119 16.64 -25.29 -45.05
C LEU P 119 18.00 -25.70 -45.64
N GLY P 120 18.11 -26.92 -46.17
CA GLY P 120 19.38 -27.36 -46.71
C GLY P 120 20.30 -27.85 -45.61
N PHE P 121 19.69 -28.38 -44.56
CA PHE P 121 20.41 -28.87 -43.40
C PHE P 121 21.34 -29.99 -43.89
N ALA P 122 22.52 -30.16 -43.31
CA ALA P 122 23.32 -31.31 -43.70
C ALA P 122 22.49 -32.57 -43.46
N PRO P 123 22.63 -33.64 -44.25
CA PRO P 123 21.90 -34.90 -44.12
C PRO P 123 21.83 -35.47 -42.69
N GLY P 124 22.89 -35.29 -41.90
CA GLY P 124 22.92 -35.82 -40.54
C GLY P 124 22.06 -35.00 -39.57
N VAL P 125 21.50 -33.92 -40.09
CA VAL P 125 20.67 -33.03 -39.34
C VAL P 125 19.25 -33.21 -39.84
N PHE P 126 19.07 -33.09 -41.16
CA PHE P 126 17.73 -33.23 -41.72
C PHE P 126 17.10 -34.54 -41.43
N GLU P 127 17.82 -35.64 -41.65
CA GLU P 127 17.17 -36.90 -41.43
C GLU P 127 16.81 -36.98 -39.95
N ARG P 128 17.63 -36.39 -39.09
CA ARG P 128 17.31 -36.42 -37.70
C ARG P 128 16.14 -35.48 -37.41
N PHE P 129 15.95 -34.44 -38.23
CA PHE P 129 14.81 -33.55 -38.05
C PHE P 129 13.58 -34.39 -38.17
N LYS P 130 13.57 -35.18 -39.23
CA LYS P 130 12.50 -36.10 -39.53
C LYS P 130 12.29 -37.02 -38.32
N GLU P 131 13.40 -37.55 -37.76
CA GLU P 131 13.29 -38.42 -36.59
C GLU P 131 12.63 -37.69 -35.42
N VAL P 132 12.96 -36.42 -35.22
CA VAL P 132 12.35 -35.71 -34.10
C VAL P 132 10.84 -35.53 -34.29
N ILE P 133 10.42 -35.12 -35.48
CA ILE P 133 8.98 -34.97 -35.69
C ILE P 133 8.20 -36.30 -35.70
N SER P 134 8.91 -37.45 -35.82
CA SER P 134 8.24 -38.75 -35.77
C SER P 134 7.69 -39.07 -34.36
N LYS P 135 8.07 -38.24 -33.37
CA LYS P 135 7.61 -38.37 -31.99
C LYS P 135 6.95 -37.03 -31.57
N PRO P 136 5.73 -36.75 -32.07
CA PRO P 136 5.05 -35.45 -32.01
C PRO P 136 4.50 -35.03 -30.65
N TYR P 137 5.37 -34.83 -29.68
CA TYR P 137 4.93 -34.36 -28.35
C TYR P 137 6.01 -33.53 -27.65
N GLY P 138 5.65 -32.75 -26.63
CA GLY P 138 6.66 -32.01 -25.85
C GLY P 138 7.11 -30.76 -26.59
N ILE P 139 8.29 -30.24 -26.30
CA ILE P 139 8.72 -29.00 -26.95
C ILE P 139 9.68 -29.17 -28.09
N PHE P 140 9.34 -28.49 -29.19
CA PHE P 140 10.19 -28.45 -30.38
C PHE P 140 10.46 -26.95 -30.61
N LEU P 141 11.54 -26.48 -30.00
CA LEU P 141 11.84 -25.06 -29.82
C LEU P 141 12.74 -24.53 -30.96
N ILE P 142 12.45 -23.36 -31.54
CA ILE P 142 13.35 -22.83 -32.59
C ILE P 142 13.72 -21.36 -32.48
N THR P 143 15.00 -21.12 -32.73
CA THR P 143 15.61 -19.82 -32.74
C THR P 143 15.94 -19.30 -34.15
N GLY P 144 16.37 -18.04 -34.25
CA GLY P 144 16.75 -17.44 -35.53
C GLY P 144 16.06 -16.07 -35.71
N PRO P 145 16.48 -15.26 -36.73
CA PRO P 145 15.99 -13.91 -37.06
C PRO P 145 14.51 -13.76 -37.43
N THR P 146 13.94 -12.61 -37.11
CA THR P 146 12.58 -12.30 -37.52
C THR P 146 12.56 -12.21 -39.02
N GLY P 147 11.59 -12.85 -39.67
CA GLY P 147 11.54 -12.76 -41.11
C GLY P 147 12.44 -13.76 -41.84
N SER P 148 13.29 -14.47 -41.09
CA SER P 148 14.18 -15.44 -41.72
C SER P 148 14.73 -16.41 -40.69
N GLY P 149 13.93 -16.72 -39.67
CA GLY P 149 14.35 -17.66 -38.65
C GLY P 149 13.36 -17.91 -37.50
N LYS P 150 12.99 -16.89 -36.73
CA LYS P 150 12.15 -17.09 -35.52
C LYS P 150 10.98 -18.04 -35.73
N SER P 151 9.86 -17.45 -36.11
CA SER P 151 8.64 -18.19 -36.33
C SER P 151 8.64 -18.72 -37.72
N PHE P 152 9.60 -18.27 -38.50
CA PHE P 152 9.77 -18.72 -39.84
C PHE P 152 9.93 -20.23 -39.75
N THR P 153 10.91 -20.64 -38.96
CA THR P 153 11.18 -22.05 -38.85
C THR P 153 10.31 -22.78 -37.80
N THR P 154 9.90 -22.15 -36.68
CA THR P 154 9.05 -22.97 -35.79
C THR P 154 7.76 -23.31 -36.51
N PHE P 155 7.30 -22.43 -37.37
CA PHE P 155 6.12 -22.76 -38.10
C PHE P 155 6.47 -23.80 -39.16
N SER P 156 7.72 -23.86 -39.62
CA SER P 156 8.15 -24.91 -40.55
C SER P 156 7.94 -26.26 -39.88
N ILE P 157 8.25 -26.32 -38.58
CA ILE P 157 8.02 -27.56 -37.86
C ILE P 157 6.54 -27.87 -37.91
N LEU P 158 5.69 -26.87 -37.65
CA LEU P 158 4.26 -27.10 -37.70
C LEU P 158 3.83 -27.57 -39.08
N LYS P 159 4.38 -26.96 -40.10
CA LYS P 159 4.05 -27.29 -41.48
C LYS P 159 4.30 -28.79 -41.74
N ARG P 160 5.35 -29.35 -41.11
CA ARG P 160 5.69 -30.76 -41.23
C ARG P 160 5.02 -31.75 -40.26
N ILE P 161 4.18 -31.28 -39.34
CA ILE P 161 3.59 -32.20 -38.37
C ILE P 161 2.15 -31.85 -38.01
N ALA P 162 1.85 -30.58 -38.02
CA ALA P 162 0.55 -30.07 -37.66
C ALA P 162 -0.42 -30.10 -38.81
N THR P 163 -0.84 -31.29 -39.12
CA THR P 163 -1.76 -31.54 -40.21
C THR P 163 -3.15 -31.05 -39.78
N PRO P 164 -4.12 -30.93 -40.70
CA PRO P 164 -5.49 -30.57 -40.40
C PRO P 164 -6.15 -31.46 -39.34
N ASP P 165 -5.62 -32.67 -39.13
CA ASP P 165 -6.22 -33.54 -38.13
C ASP P 165 -5.63 -33.35 -36.71
N LYS P 166 -4.81 -32.29 -36.53
CA LYS P 166 -4.26 -31.99 -35.22
C LYS P 166 -4.80 -30.66 -34.68
N ASN P 167 -5.11 -30.62 -33.39
CA ASN P 167 -5.58 -29.36 -32.85
C ASN P 167 -4.39 -28.52 -32.65
N THR P 168 -4.16 -27.65 -33.60
CA THR P 168 -2.97 -26.86 -33.60
C THR P 168 -3.27 -25.39 -33.63
N GLN P 169 -2.57 -24.69 -32.76
CA GLN P 169 -2.69 -23.25 -32.66
C GLN P 169 -1.40 -22.52 -32.37
N THR P 170 -1.29 -21.26 -32.85
CA THR P 170 -0.09 -20.46 -32.59
C THR P 170 -0.39 -19.19 -31.85
N ILE P 171 0.62 -18.56 -31.26
CA ILE P 171 0.47 -17.24 -30.62
C ILE P 171 1.38 -16.22 -31.26
N GLU P 172 0.84 -15.22 -31.89
CA GLU P 172 1.64 -14.22 -32.56
C GLU P 172 1.11 -12.82 -32.26
N ASP P 173 1.82 -11.78 -32.64
CA ASP P 173 1.27 -10.46 -32.41
C ASP P 173 1.85 -9.44 -33.37
N PRO P 174 1.26 -9.24 -34.54
CA PRO P 174 0.10 -9.87 -35.16
C PRO P 174 0.50 -11.21 -35.70
N VAL P 175 -0.47 -11.97 -36.17
CA VAL P 175 -0.18 -13.20 -36.91
C VAL P 175 0.40 -12.94 -38.28
N GLU P 176 1.51 -13.62 -38.60
CA GLU P 176 2.13 -13.48 -39.90
C GLU P 176 2.53 -14.77 -40.57
N TYR P 177 2.98 -15.72 -39.77
CA TYR P 177 3.58 -16.94 -40.33
C TYR P 177 2.43 -17.89 -40.48
N GLU P 178 1.79 -17.96 -41.64
CA GLU P 178 0.52 -18.68 -41.67
C GLU P 178 0.55 -20.07 -42.26
N ILE P 179 -0.16 -20.96 -41.58
CA ILE P 179 -0.26 -22.35 -42.02
C ILE P 179 -1.72 -22.83 -42.10
N PRO P 180 -2.19 -23.35 -43.23
CA PRO P 180 -3.54 -23.84 -43.35
C PRO P 180 -3.63 -25.05 -42.46
N GLY P 181 -4.78 -25.25 -41.85
CA GLY P 181 -4.93 -26.36 -40.92
C GLY P 181 -4.67 -25.91 -39.49
N ILE P 182 -4.16 -24.66 -39.32
CA ILE P 182 -3.81 -24.13 -38.00
C ILE P 182 -4.42 -22.77 -37.55
N ASN P 183 -4.88 -22.74 -36.28
CA ASN P 183 -5.34 -21.50 -35.63
C ASN P 183 -4.20 -20.59 -35.31
N GLN P 184 -4.36 -19.30 -35.48
CA GLN P 184 -3.27 -18.41 -35.16
C GLN P 184 -3.75 -17.20 -34.41
N THR P 185 -3.25 -17.06 -33.20
CA THR P 185 -3.64 -16.02 -32.30
C THR P 185 -2.95 -14.72 -32.27
N GLN P 186 -3.75 -13.67 -32.18
CA GLN P 186 -3.20 -12.37 -31.92
C GLN P 186 -3.28 -12.08 -30.44
N VAL P 187 -2.13 -11.80 -29.91
CA VAL P 187 -1.97 -11.47 -28.52
C VAL P 187 -2.45 -10.04 -28.32
N ASN P 188 -3.14 -9.79 -27.23
CA ASN P 188 -3.68 -8.47 -26.97
C ASN P 188 -3.28 -8.02 -25.56
N PRO P 189 -1.98 -7.76 -25.32
CA PRO P 189 -1.44 -7.41 -24.00
C PRO P 189 -2.11 -6.15 -23.48
N GLN P 190 -2.65 -5.37 -24.42
CA GLN P 190 -3.38 -4.14 -24.20
C GLN P 190 -4.68 -4.45 -23.45
N ALA P 191 -5.27 -5.61 -23.76
CA ALA P 191 -6.48 -6.12 -23.12
C ALA P 191 -6.09 -6.83 -21.84
N GLY P 192 -4.82 -7.20 -21.77
CA GLY P 192 -4.22 -7.96 -20.68
C GLY P 192 -3.85 -9.34 -21.19
N LEU P 193 -4.15 -9.58 -22.46
CA LEU P 193 -3.86 -10.86 -23.06
C LEU P 193 -2.43 -10.93 -23.55
N THR P 194 -1.49 -11.17 -22.64
CA THR P 194 -0.08 -11.27 -23.02
C THR P 194 0.12 -12.63 -23.64
N PHE P 195 1.32 -12.95 -24.11
CA PHE P 195 1.50 -14.28 -24.69
C PHE P 195 1.24 -15.35 -23.63
N ALA P 196 1.38 -15.00 -22.34
CA ALA P 196 1.09 -15.95 -21.30
C ALA P 196 -0.35 -16.22 -21.29
N ARG P 197 -1.10 -15.16 -21.44
CA ARG P 197 -2.51 -15.37 -21.39
C ARG P 197 -2.91 -16.13 -22.62
N ALA P 198 -2.34 -15.79 -23.78
CA ALA P 198 -2.71 -16.52 -24.97
C ALA P 198 -2.43 -17.98 -24.71
N LEU P 199 -1.26 -18.28 -24.15
CA LEU P 199 -0.96 -19.64 -23.79
C LEU P 199 -1.83 -20.26 -22.77
N ARG P 200 -2.38 -19.48 -21.86
CA ARG P 200 -3.22 -20.12 -20.88
C ARG P 200 -4.32 -20.85 -21.63
N ALA P 201 -4.88 -20.22 -22.67
CA ALA P 201 -5.89 -20.95 -23.45
C ALA P 201 -5.26 -22.12 -24.19
N PHE P 202 -4.04 -21.97 -24.70
CA PHE P 202 -3.48 -23.10 -25.44
C PHE P 202 -3.37 -24.30 -24.55
N LEU P 203 -2.96 -24.08 -23.32
CA LEU P 203 -2.86 -25.17 -22.38
C LEU P 203 -4.26 -25.72 -22.07
N ARG P 204 -5.18 -24.81 -21.72
CA ARG P 204 -6.53 -25.16 -21.29
C ARG P 204 -7.39 -25.85 -22.36
N GLN P 205 -7.10 -25.57 -23.62
CA GLN P 205 -7.82 -26.16 -24.75
C GLN P 205 -7.36 -27.58 -25.11
N ASP P 206 -6.34 -28.09 -24.41
CA ASP P 206 -5.81 -29.44 -24.65
C ASP P 206 -5.50 -29.78 -26.12
N PRO P 207 -4.66 -29.02 -26.83
CA PRO P 207 -4.30 -29.17 -28.21
C PRO P 207 -3.37 -30.31 -28.45
N ASP P 208 -3.24 -30.67 -29.70
CA ASP P 208 -2.26 -31.66 -30.02
C ASP P 208 -0.96 -30.93 -30.14
N ILE P 209 -1.04 -29.71 -30.69
CA ILE P 209 0.12 -28.90 -30.96
C ILE P 209 -0.06 -27.42 -30.51
N ILE P 210 0.93 -26.89 -29.81
CA ILE P 210 0.95 -25.50 -29.33
C ILE P 210 2.10 -24.73 -29.90
N MET P 211 1.82 -23.56 -30.42
CA MET P 211 2.88 -22.72 -30.90
C MET P 211 2.97 -21.36 -30.25
N VAL P 212 4.15 -21.04 -29.77
CA VAL P 212 4.32 -19.71 -29.19
C VAL P 212 5.18 -18.86 -30.14
N GLY P 213 4.63 -17.82 -30.74
CA GLY P 213 5.38 -16.98 -31.69
C GLY P 213 6.54 -16.25 -31.04
N GLU P 214 6.37 -15.84 -29.78
CA GLU P 214 7.43 -15.21 -28.99
C GLU P 214 7.30 -15.51 -27.50
N ILE P 215 8.21 -16.31 -26.92
CA ILE P 215 8.09 -16.55 -25.47
C ILE P 215 8.48 -15.28 -24.69
N ARG P 216 7.46 -14.44 -24.48
CA ARG P 216 7.54 -13.06 -23.99
C ARG P 216 6.86 -12.72 -22.66
N ASP P 217 6.90 -13.65 -21.72
CA ASP P 217 6.38 -13.45 -20.36
C ASP P 217 6.91 -14.57 -19.49
N SER P 218 6.98 -14.33 -18.20
CA SER P 218 7.40 -15.37 -17.26
C SER P 218 6.37 -16.44 -17.37
N GLU P 219 5.13 -15.98 -17.38
CA GLU P 219 4.03 -16.89 -17.43
C GLU P 219 3.94 -17.54 -18.81
N THR P 220 4.42 -16.88 -19.87
CA THR P 220 4.37 -17.48 -21.20
C THR P 220 5.28 -18.65 -21.26
N ALA P 221 6.48 -18.41 -20.77
CA ALA P 221 7.49 -19.43 -20.78
C ALA P 221 7.01 -20.59 -19.96
N LYS P 222 6.40 -20.26 -18.83
CA LYS P 222 5.93 -21.24 -17.90
C LYS P 222 4.78 -22.03 -18.44
N ILE P 223 3.77 -21.37 -18.96
CA ILE P 223 2.59 -22.03 -19.45
C ILE P 223 2.87 -22.92 -20.64
N ALA P 224 3.68 -22.43 -21.58
CA ALA P 224 3.98 -23.24 -22.75
C ALA P 224 4.60 -24.53 -22.29
N THR P 225 5.51 -24.41 -21.33
CA THR P 225 6.22 -25.53 -20.81
C THR P 225 5.30 -26.46 -20.00
N GLU P 226 4.38 -25.88 -19.19
CA GLU P 226 3.44 -26.67 -18.41
C GLU P 226 2.59 -27.53 -19.34
N ALA P 227 2.19 -26.97 -20.47
CA ALA P 227 1.39 -27.71 -21.44
C ALA P 227 2.20 -28.88 -22.02
N ALA P 228 3.47 -28.59 -22.31
CA ALA P 228 4.39 -29.57 -22.85
C ALA P 228 4.59 -30.73 -21.90
N LEU P 229 4.56 -30.46 -20.59
CA LEU P 229 4.70 -31.49 -19.56
C LEU P 229 3.77 -32.65 -19.79
N THR P 230 2.57 -32.38 -20.31
CA THR P 230 1.56 -33.41 -20.47
C THR P 230 1.65 -34.10 -21.82
N GLY P 231 2.61 -33.67 -22.64
CA GLY P 231 2.80 -34.20 -23.97
C GLY P 231 2.21 -33.34 -25.07
N HIS P 232 1.75 -32.12 -24.80
CA HIS P 232 1.23 -31.37 -25.94
C HIS P 232 2.45 -31.06 -26.80
N LEU P 233 2.32 -31.00 -28.12
CA LEU P 233 3.50 -30.66 -28.91
C LEU P 233 3.70 -29.18 -28.96
N VAL P 234 4.39 -28.71 -27.96
CA VAL P 234 4.61 -27.30 -27.82
C VAL P 234 5.76 -26.83 -28.63
N ILE P 235 5.46 -26.47 -29.82
CA ILE P 235 6.45 -25.97 -30.72
C ILE P 235 6.64 -24.54 -30.28
N ALA P 236 7.84 -24.05 -30.16
CA ALA P 236 7.83 -22.68 -29.69
C ALA P 236 8.98 -21.89 -30.21
N THR P 237 8.73 -20.62 -30.37
CA THR P 237 9.75 -19.71 -30.82
C THR P 237 10.39 -19.04 -29.66
N LEU P 238 11.70 -19.13 -29.64
CA LEU P 238 12.43 -18.50 -28.59
C LEU P 238 13.28 -17.48 -29.28
N HIS P 239 12.99 -16.21 -29.00
CA HIS P 239 13.62 -15.14 -29.77
C HIS P 239 15.06 -14.90 -29.35
N THR P 240 15.88 -15.80 -29.82
CA THR P 240 17.31 -15.84 -29.65
C THR P 240 17.83 -16.40 -30.95
N ASN P 241 19.12 -16.73 -31.01
CA ASN P 241 19.65 -17.21 -32.28
C ASN P 241 20.31 -18.59 -32.20
N ASP P 242 20.13 -19.32 -31.14
CA ASP P 242 20.82 -20.59 -31.08
C ASP P 242 20.09 -21.64 -30.28
N ALA P 243 19.95 -22.80 -30.88
CA ALA P 243 19.24 -23.90 -30.26
C ALA P 243 19.81 -24.25 -28.91
N ALA P 244 21.11 -24.17 -28.80
CA ALA P 244 21.78 -24.55 -27.59
C ALA P 244 21.40 -23.60 -26.47
N GLN P 245 21.23 -22.33 -26.84
CA GLN P 245 20.82 -21.30 -25.86
C GLN P 245 19.38 -21.55 -25.40
N ALA P 246 18.55 -21.85 -26.39
CA ALA P 246 17.13 -22.06 -26.25
C ALA P 246 16.85 -23.24 -25.33
N ILE P 247 17.72 -24.22 -25.35
CA ILE P 247 17.56 -25.37 -24.47
C ILE P 247 17.46 -25.00 -22.98
N THR P 248 18.20 -23.99 -22.48
CA THR P 248 18.13 -23.70 -21.05
C THR P 248 17.40 -22.40 -20.63
N ARG P 249 17.22 -21.45 -21.56
CA ARG P 249 16.62 -20.12 -21.24
C ARG P 249 15.34 -20.07 -20.45
N LEU P 250 14.43 -20.99 -20.60
CA LEU P 250 13.20 -20.78 -19.89
C LEU P 250 13.41 -20.78 -18.37
N ASP P 251 14.51 -21.36 -17.91
CA ASP P 251 14.77 -21.33 -16.48
C ASP P 251 14.98 -19.87 -16.06
N GLU P 252 15.54 -19.05 -16.96
CA GLU P 252 15.83 -17.64 -16.71
C GLU P 252 14.51 -16.89 -16.61
N MET P 253 13.51 -17.43 -17.31
CA MET P 253 12.17 -16.88 -17.35
C MET P 253 11.38 -17.22 -16.09
N GLY P 254 11.98 -17.98 -15.17
CA GLY P 254 11.34 -18.36 -13.94
C GLY P 254 10.54 -19.64 -14.11
N VAL P 255 10.80 -20.36 -15.19
CA VAL P 255 10.06 -21.56 -15.45
C VAL P 255 10.68 -22.73 -14.76
N GLU P 256 9.86 -23.47 -14.04
CA GLU P 256 10.36 -24.61 -13.32
C GLU P 256 11.07 -25.57 -14.29
N PRO P 257 12.32 -25.99 -14.02
CA PRO P 257 13.12 -26.86 -14.85
C PRO P 257 12.52 -28.25 -14.97
N PHE P 258 11.63 -28.61 -14.03
CA PHE P 258 10.91 -29.88 -14.12
C PHE P 258 10.13 -29.91 -15.40
N ASN P 259 9.39 -28.84 -15.65
CA ASN P 259 8.56 -28.83 -16.81
C ASN P 259 9.44 -28.61 -18.05
N ILE P 260 10.53 -27.83 -17.92
CA ILE P 260 11.35 -27.55 -19.12
C ILE P 260 12.04 -28.82 -19.59
N SER P 261 12.68 -29.52 -18.66
CA SER P 261 13.39 -30.74 -18.95
C SER P 261 12.45 -31.81 -19.43
N ALA P 262 11.33 -32.02 -18.73
CA ALA P 262 10.39 -33.05 -19.13
C ALA P 262 9.84 -32.79 -20.54
N ALA P 263 9.64 -31.51 -20.87
CA ALA P 263 9.08 -31.09 -22.14
C ALA P 263 9.92 -31.28 -23.42
N LEU P 264 11.18 -30.86 -23.46
CA LEU P 264 11.90 -30.90 -24.76
C LEU P 264 12.17 -32.25 -25.45
N ILE P 265 11.93 -32.23 -26.80
CA ILE P 265 12.26 -33.33 -27.72
C ILE P 265 13.28 -32.87 -28.78
N GLY P 266 13.42 -31.55 -28.97
CA GLY P 266 14.39 -31.05 -29.94
C GLY P 266 14.40 -29.54 -30.08
N VAL P 267 15.56 -28.98 -30.44
CA VAL P 267 15.62 -27.53 -30.63
C VAL P 267 16.35 -27.14 -31.96
N LEU P 268 15.79 -26.27 -32.80
CA LEU P 268 16.54 -25.89 -34.03
C LEU P 268 17.05 -24.46 -34.02
N SER P 269 17.98 -24.24 -34.92
CA SER P 269 18.43 -22.90 -35.23
C SER P 269 18.71 -22.73 -36.70
N GLN P 270 18.72 -21.49 -37.13
CA GLN P 270 19.19 -21.21 -38.46
C GLN P 270 19.87 -19.85 -38.58
N ARG P 271 20.79 -19.75 -39.54
CA ARG P 271 21.51 -18.52 -39.82
C ARG P 271 21.68 -18.16 -41.25
N LEU P 272 21.94 -16.89 -41.47
CA LEU P 272 22.41 -16.42 -42.75
C LEU P 272 23.85 -15.92 -42.62
N VAL P 273 24.79 -16.72 -43.09
CA VAL P 273 26.22 -16.38 -42.97
C VAL P 273 26.49 -15.95 -44.37
N ARG P 274 27.49 -15.16 -44.66
CA ARG P 274 27.59 -14.86 -46.08
C ARG P 274 28.47 -15.88 -46.83
N ARG P 275 28.04 -16.27 -48.04
CA ARG P 275 28.71 -17.26 -48.91
C ARG P 275 29.91 -16.67 -49.55
N VAL P 276 30.77 -17.44 -50.19
CA VAL P 276 31.78 -16.78 -51.03
C VAL P 276 31.63 -17.21 -52.45
N CYS P 277 32.35 -16.52 -53.29
CA CYS P 277 32.37 -16.73 -54.71
C CYS P 277 32.76 -18.11 -55.19
N GLU P 278 33.60 -18.82 -54.43
CA GLU P 278 34.11 -20.16 -54.76
C GLU P 278 35.04 -20.12 -55.99
N HIS P 279 34.52 -19.67 -57.11
CA HIS P 279 35.25 -19.49 -58.35
C HIS P 279 36.50 -18.62 -58.14
N CYS P 280 36.35 -17.56 -57.36
CA CYS P 280 37.41 -16.59 -57.11
C CYS P 280 37.85 -16.63 -55.65
N LYS P 281 37.78 -17.81 -55.06
CA LYS P 281 38.07 -18.03 -53.66
C LYS P 281 39.49 -17.71 -53.19
N VAL P 282 39.60 -17.20 -51.95
CA VAL P 282 40.85 -16.90 -51.25
C VAL P 282 41.08 -17.89 -50.14
N GLU P 283 42.19 -18.59 -50.17
CA GLU P 283 42.41 -19.59 -49.14
C GLU P 283 42.64 -18.90 -47.80
N VAL P 284 41.84 -19.29 -46.82
CA VAL P 284 41.96 -18.78 -45.45
C VAL P 284 42.12 -19.98 -44.53
N LYS P 285 43.05 -19.89 -43.61
CA LYS P 285 43.29 -21.04 -42.74
C LYS P 285 42.09 -21.46 -41.86
N PRO P 286 41.59 -22.71 -41.96
CA PRO P 286 40.50 -23.32 -41.20
C PRO P 286 41.14 -23.69 -39.92
N ASP P 287 41.53 -22.71 -39.18
CA ASP P 287 42.37 -23.03 -38.08
C ASP P 287 41.78 -24.03 -37.12
N PRO P 288 42.45 -25.18 -36.88
CA PRO P 288 41.99 -26.27 -36.05
C PRO P 288 41.83 -25.90 -34.59
N GLU P 289 42.47 -24.83 -34.13
CA GLU P 289 42.33 -24.44 -32.74
C GLU P 289 41.04 -23.69 -32.60
N THR P 290 40.64 -23.05 -33.70
CA THR P 290 39.42 -22.30 -33.73
C THR P 290 38.35 -23.34 -33.61
N LEU P 291 38.50 -24.32 -34.48
CA LEU P 291 37.57 -25.40 -34.70
C LEU P 291 37.47 -26.29 -33.46
N ARG P 292 38.59 -26.52 -32.80
CA ARG P 292 38.60 -27.27 -31.57
C ARG P 292 37.85 -26.49 -30.49
N ARG P 293 38.15 -25.20 -30.36
CA ARG P 293 37.49 -24.33 -29.37
C ARG P 293 36.00 -24.32 -29.62
N LEU P 294 35.64 -24.34 -30.90
CA LEU P 294 34.27 -24.42 -31.34
C LEU P 294 33.61 -25.70 -30.90
N GLY P 295 34.38 -26.81 -30.87
CA GLY P 295 33.88 -28.13 -30.48
C GLY P 295 33.37 -28.91 -31.69
N LEU P 296 33.93 -28.62 -32.84
CA LEU P 296 33.51 -29.27 -34.07
C LEU P 296 34.03 -30.68 -34.20
N SER P 297 33.35 -31.50 -34.98
CA SER P 297 33.88 -32.80 -35.31
C SER P 297 35.26 -32.67 -35.90
N GLU P 298 36.10 -33.68 -35.70
CA GLU P 298 37.43 -33.63 -36.29
C GLU P 298 37.34 -33.57 -37.81
N ALA P 299 36.22 -34.06 -38.34
CA ALA P 299 35.94 -34.04 -39.77
C ALA P 299 36.00 -32.61 -40.30
N GLU P 300 35.74 -31.65 -39.42
CA GLU P 300 35.73 -30.25 -39.74
C GLU P 300 36.95 -29.54 -39.16
N ILE P 301 37.44 -30.02 -38.01
CA ILE P 301 38.59 -29.38 -37.38
C ILE P 301 39.82 -29.54 -38.24
N GLN P 302 40.01 -30.76 -38.74
CA GLN P 302 41.15 -31.11 -39.57
C GLN P 302 40.78 -31.18 -41.04
N GLY P 303 39.59 -31.72 -41.34
CA GLY P 303 39.17 -31.94 -42.73
C GLY P 303 38.68 -30.65 -43.38
N ALA P 304 39.57 -29.68 -43.58
CA ALA P 304 39.08 -28.39 -44.01
C ALA P 304 40.00 -27.40 -44.68
N ARG P 305 39.35 -26.44 -45.37
CA ARG P 305 39.87 -25.16 -45.87
C ARG P 305 38.76 -24.12 -45.88
N LEU P 306 39.07 -22.87 -45.55
CA LEU P 306 38.05 -21.85 -45.62
C LEU P 306 38.27 -21.07 -46.86
N TYR P 307 37.22 -20.50 -47.42
CA TYR P 307 37.48 -19.60 -48.50
C TYR P 307 36.73 -18.32 -48.39
N LYS P 308 37.45 -17.24 -48.64
CA LYS P 308 36.98 -15.88 -48.53
C LYS P 308 36.95 -15.27 -49.91
N GLY P 309 36.03 -14.38 -50.23
CA GLY P 309 36.19 -13.79 -51.54
C GLY P 309 37.20 -12.67 -51.41
N MET P 310 37.58 -12.07 -52.52
CA MET P 310 38.51 -10.94 -52.53
C MET P 310 37.76 -9.61 -52.46
N GLY P 311 36.45 -9.72 -52.55
CA GLY P 311 35.50 -8.61 -52.62
C GLY P 311 35.55 -7.83 -53.96
N CYS P 312 35.98 -8.47 -55.09
CA CYS P 312 35.49 -9.73 -55.77
C CYS P 312 34.15 -9.53 -56.45
N GLU P 313 34.20 -9.59 -57.78
CA GLU P 313 33.06 -9.40 -58.67
C GLU P 313 32.11 -10.61 -58.70
N ARG P 314 32.38 -11.57 -57.84
CA ARG P 314 31.55 -12.74 -57.68
C ARG P 314 31.05 -12.85 -56.24
N CYS P 315 31.19 -11.76 -55.46
CA CYS P 315 30.70 -11.76 -54.08
C CYS P 315 29.49 -10.81 -53.84
N GLY P 316 29.52 -9.90 -52.82
CA GLY P 316 30.49 -8.82 -52.54
C GLY P 316 29.97 -8.08 -51.29
N GLY P 317 30.31 -6.78 -51.20
CA GLY P 317 31.68 -6.27 -51.45
C GLY P 317 32.57 -6.45 -50.20
N THR P 318 32.04 -7.22 -49.26
CA THR P 318 32.61 -7.58 -47.99
C THR P 318 33.45 -8.84 -48.16
N GLY P 319 33.44 -9.38 -49.37
CA GLY P 319 34.12 -10.62 -49.72
C GLY P 319 33.18 -11.80 -49.68
N TYR P 320 31.87 -11.53 -49.60
CA TYR P 320 30.95 -12.65 -49.53
C TYR P 320 29.71 -12.59 -50.45
N LYS P 321 29.42 -13.72 -51.06
CA LYS P 321 28.38 -13.91 -52.06
C LYS P 321 26.97 -14.11 -51.54
N GLY P 322 26.47 -13.11 -50.83
CA GLY P 322 25.10 -13.12 -50.35
C GLY P 322 24.87 -14.03 -49.15
N ARG P 323 23.61 -14.10 -48.72
CA ARG P 323 23.20 -14.83 -47.53
C ARG P 323 23.19 -16.35 -47.75
N TYR P 324 23.72 -17.07 -46.78
CA TYR P 324 23.88 -18.51 -46.81
C TYR P 324 23.20 -19.21 -45.66
N ALA P 325 22.11 -19.93 -45.95
CA ALA P 325 21.36 -20.58 -44.89
C ALA P 325 22.13 -21.75 -44.23
N ILE P 326 22.38 -21.62 -42.93
CA ILE P 326 23.08 -22.58 -42.05
C ILE P 326 22.14 -23.16 -41.00
N HIS P 327 22.14 -24.49 -40.74
CA HIS P 327 21.13 -25.00 -39.80
C HIS P 327 21.58 -25.93 -38.66
N GLU P 328 20.71 -26.09 -37.67
CA GLU P 328 20.95 -26.93 -36.49
C GLU P 328 19.75 -27.66 -35.97
N LEU P 329 19.97 -28.91 -35.51
CA LEU P 329 18.96 -29.70 -34.79
C LEU P 329 19.43 -30.38 -33.52
N LEU P 330 19.17 -29.79 -32.39
CA LEU P 330 19.66 -30.41 -31.18
C LEU P 330 18.62 -31.38 -30.68
N VAL P 331 18.78 -32.63 -31.07
CA VAL P 331 17.85 -33.69 -30.71
C VAL P 331 17.94 -33.90 -29.19
N VAL P 332 16.81 -33.92 -28.47
CA VAL P 332 16.87 -34.07 -27.01
C VAL P 332 16.54 -35.47 -26.47
N ASP P 333 17.55 -36.12 -25.89
CA ASP P 333 17.45 -37.45 -25.29
C ASP P 333 17.43 -37.35 -23.76
N ASP P 334 17.42 -38.49 -23.04
CA ASP P 334 17.38 -38.42 -21.57
C ASP P 334 18.59 -37.69 -20.97
N GLU P 335 19.78 -37.88 -21.56
CA GLU P 335 20.95 -37.23 -20.97
C GLU P 335 20.85 -35.73 -21.19
N ILE P 336 20.29 -35.31 -22.32
CA ILE P 336 20.10 -33.88 -22.55
C ILE P 336 19.12 -33.34 -21.52
N ARG P 337 18.07 -34.10 -21.22
CA ARG P 337 17.12 -33.66 -20.22
C ARG P 337 17.80 -33.45 -18.85
N HIS P 338 18.82 -34.26 -18.54
CA HIS P 338 19.57 -34.06 -17.31
C HIS P 338 20.38 -32.73 -17.44
N ALA P 339 20.95 -32.50 -18.63
CA ALA P 339 21.75 -31.31 -18.97
C ALA P 339 20.94 -30.01 -18.88
N ILE P 340 19.66 -30.09 -19.24
CA ILE P 340 18.78 -28.91 -19.17
C ILE P 340 18.69 -28.42 -17.75
N VAL P 341 18.49 -29.35 -16.83
CA VAL P 341 18.39 -29.01 -15.42
C VAL P 341 19.72 -28.48 -14.92
N ALA P 342 20.81 -29.15 -15.31
CA ALA P 342 22.16 -28.74 -14.95
C ALA P 342 22.47 -27.34 -15.43
N GLY P 343 21.92 -26.96 -16.59
CA GLY P 343 22.19 -25.66 -17.16
C GLY P 343 23.48 -25.67 -17.96
N LYS P 344 23.71 -26.75 -18.72
CA LYS P 344 24.95 -26.86 -19.51
C LYS P 344 25.04 -25.73 -20.53
N SER P 345 26.28 -25.35 -20.88
CA SER P 345 26.52 -24.23 -21.77
C SER P 345 26.10 -24.47 -23.18
N ALA P 346 25.97 -23.39 -23.94
CA ALA P 346 25.59 -23.54 -25.32
C ALA P 346 26.62 -24.36 -26.10
N THR P 347 27.91 -24.14 -25.84
CA THR P 347 28.91 -24.90 -26.57
C THR P 347 28.77 -26.37 -26.23
N GLU P 348 28.60 -26.68 -24.95
CA GLU P 348 28.51 -28.08 -24.55
C GLU P 348 27.26 -28.78 -25.05
N ILE P 349 26.12 -28.12 -24.92
CA ILE P 349 24.88 -28.75 -25.28
C ILE P 349 24.84 -28.91 -26.81
N LYS P 350 25.49 -27.99 -27.51
CA LYS P 350 25.64 -28.02 -28.96
C LYS P 350 26.63 -29.11 -29.38
N GLU P 351 27.74 -29.20 -28.65
CA GLU P 351 28.81 -30.16 -28.93
C GLU P 351 28.28 -31.58 -28.90
N ILE P 352 27.36 -31.85 -27.99
CA ILE P 352 26.84 -33.20 -27.93
C ILE P 352 26.21 -33.61 -29.25
N ALA P 353 25.39 -32.75 -29.84
CA ALA P 353 24.74 -33.10 -31.10
C ALA P 353 25.76 -33.19 -32.24
N ARG P 354 26.73 -32.28 -32.24
CA ARG P 354 27.76 -32.23 -33.27
C ARG P 354 28.54 -33.52 -33.36
N ARG P 355 28.83 -34.12 -32.21
CA ARG P 355 29.65 -35.32 -32.21
C ARG P 355 28.86 -36.56 -32.69
N LYS P 356 27.53 -36.43 -32.91
CA LYS P 356 26.69 -37.52 -33.42
C LYS P 356 26.54 -37.40 -34.94
N GLY P 357 27.18 -36.38 -35.53
CA GLY P 357 27.06 -36.12 -36.96
C GLY P 357 25.91 -35.15 -37.22
N MET P 358 25.28 -34.69 -36.15
CA MET P 358 24.16 -33.81 -36.33
C MET P 358 24.74 -32.43 -36.45
N LYS P 359 24.95 -32.00 -37.66
CA LYS P 359 25.62 -30.74 -37.81
C LYS P 359 24.78 -29.59 -37.20
N THR P 360 25.37 -28.86 -36.25
CA THR P 360 24.75 -27.72 -35.56
C THR P 360 25.00 -26.47 -36.31
N LEU P 361 24.52 -25.32 -35.90
CA LEU P 361 24.85 -24.20 -36.72
C LEU P 361 26.33 -24.12 -36.74
N ARG P 362 26.91 -24.39 -35.60
CA ARG P 362 28.33 -24.36 -35.52
C ARG P 362 28.87 -25.46 -36.42
N GLU P 363 28.40 -26.69 -36.36
CA GLU P 363 28.96 -27.55 -37.41
C GLU P 363 28.41 -27.36 -38.79
N ASP P 364 27.12 -27.30 -39.00
CA ASP P 364 26.56 -27.20 -40.34
C ASP P 364 27.12 -25.96 -40.96
N GLY P 365 27.32 -24.96 -40.13
CA GLY P 365 27.91 -23.74 -40.58
C GLY P 365 29.33 -23.91 -40.89
N LEU P 366 30.09 -24.29 -39.88
CA LEU P 366 31.51 -24.29 -40.04
C LEU P 366 31.81 -25.32 -41.08
N TYR P 367 31.06 -26.42 -41.12
CA TYR P 367 31.20 -27.47 -42.12
C TYR P 367 31.13 -26.81 -43.47
N LYS P 368 30.07 -26.04 -43.71
CA LYS P 368 29.95 -25.33 -44.97
C LYS P 368 31.14 -24.36 -45.21
N ALA P 369 31.70 -23.80 -44.15
CA ALA P 369 32.89 -22.96 -44.30
C ALA P 369 34.11 -23.78 -44.66
N LEU P 370 34.26 -24.89 -43.97
CA LEU P 370 35.37 -25.81 -44.01
C LEU P 370 35.36 -26.61 -45.31
N GLN P 371 34.18 -26.64 -45.95
CA GLN P 371 33.98 -27.22 -47.28
C GLN P 371 34.34 -26.21 -48.39
N GLY P 372 34.68 -24.99 -48.00
CA GLY P 372 35.07 -23.93 -48.92
C GLY P 372 33.92 -23.17 -49.60
N ILE P 373 32.73 -23.21 -49.00
CA ILE P 373 31.58 -22.54 -49.57
C ILE P 373 31.52 -21.11 -49.06
N THR P 374 31.90 -20.97 -47.80
CA THR P 374 31.99 -19.74 -47.04
C THR P 374 33.28 -19.73 -46.21
N THR P 375 33.38 -18.80 -45.25
CA THR P 375 34.54 -18.77 -44.37
C THR P 375 34.13 -19.06 -42.99
N LEU P 376 35.07 -19.59 -42.23
CA LEU P 376 34.80 -19.87 -40.86
C LEU P 376 34.44 -18.59 -40.21
N GLU P 377 35.00 -17.49 -40.71
CA GLU P 377 34.77 -16.19 -40.13
C GLU P 377 33.30 -15.80 -40.23
N GLU P 378 32.69 -15.98 -41.40
CA GLU P 378 31.25 -15.72 -41.56
C GLU P 378 30.40 -16.70 -40.84
N VAL P 379 30.85 -17.90 -40.76
CA VAL P 379 30.05 -18.78 -40.03
C VAL P 379 30.14 -18.50 -38.56
N LEU P 380 31.34 -18.26 -38.08
CA LEU P 380 31.60 -17.91 -36.70
C LEU P 380 30.93 -16.63 -36.41
N ALA P 381 30.76 -15.82 -37.44
CA ALA P 381 30.03 -14.59 -37.32
C ALA P 381 28.63 -14.82 -36.80
N ARG P 382 28.11 -15.97 -37.12
CA ARG P 382 26.79 -16.31 -36.77
C ARG P 382 26.67 -17.45 -35.76
N THR P 383 27.72 -18.26 -35.64
CA THR P 383 27.72 -19.45 -34.79
C THR P 383 28.48 -19.19 -33.50
N ILE P 384 28.59 -17.89 -33.22
CA ILE P 384 29.17 -17.25 -32.06
C ILE P 384 28.98 -18.04 -30.78
N SER Q 1 -30.81 -20.76 -33.95
CA SER Q 1 -29.83 -20.05 -34.77
C SER Q 1 -28.79 -20.96 -35.40
N ALA Q 2 -28.12 -20.45 -36.44
CA ALA Q 2 -27.07 -21.21 -37.09
C ALA Q 2 -25.97 -21.55 -36.10
N ALA Q 3 -25.65 -20.61 -35.22
CA ALA Q 3 -24.59 -20.85 -34.25
C ALA Q 3 -24.97 -21.99 -33.33
N GLN Q 4 -26.22 -21.99 -32.89
CA GLN Q 4 -26.66 -23.07 -32.01
C GLN Q 4 -26.63 -24.39 -32.74
N LYS Q 5 -27.02 -24.39 -34.02
CA LYS Q 5 -26.99 -25.60 -34.82
C LYS Q 5 -25.56 -26.04 -35.15
N PHE Q 6 -24.64 -25.10 -35.36
CA PHE Q 6 -23.25 -25.49 -35.65
C PHE Q 6 -22.69 -26.25 -34.45
N VAL Q 7 -23.00 -25.75 -33.25
CA VAL Q 7 -22.56 -26.39 -32.04
C VAL Q 7 -23.32 -27.70 -31.83
N LYS Q 8 -24.65 -27.68 -31.95
CA LYS Q 8 -25.44 -28.88 -31.75
C LYS Q 8 -25.03 -29.99 -32.69
N GLN Q 9 -24.94 -29.71 -33.99
CA GLN Q 9 -24.62 -30.75 -34.96
C GLN Q 9 -23.21 -31.30 -34.84
N VAL Q 10 -22.22 -30.46 -34.52
CA VAL Q 10 -20.90 -31.04 -34.36
C VAL Q 10 -20.84 -31.88 -33.13
N ILE Q 11 -21.57 -31.48 -32.09
CA ILE Q 11 -21.58 -32.27 -30.89
C ILE Q 11 -22.36 -33.51 -31.15
N ARG Q 12 -23.47 -33.35 -31.88
CA ARG Q 12 -24.33 -34.44 -32.17
C ARG Q 12 -23.52 -35.56 -32.78
N GLU Q 13 -22.78 -35.23 -33.82
CA GLU Q 13 -21.95 -36.20 -34.49
C GLU Q 13 -20.71 -36.55 -33.69
N ALA Q 14 -20.20 -35.64 -32.88
CA ALA Q 14 -19.03 -35.97 -32.08
C ALA Q 14 -19.34 -37.15 -31.21
N PHE Q 15 -20.52 -37.13 -30.63
CA PHE Q 15 -20.87 -38.24 -29.79
C PHE Q 15 -21.11 -39.48 -30.63
N LEU Q 16 -21.98 -39.35 -31.64
CA LEU Q 16 -22.45 -40.49 -32.41
C LEU Q 16 -21.36 -41.20 -33.22
N GLN Q 17 -20.35 -40.45 -33.68
CA GLN Q 17 -19.28 -41.03 -34.46
C GLN Q 17 -18.08 -41.45 -33.61
N ASP Q 18 -18.18 -41.29 -32.29
CA ASP Q 18 -17.11 -41.57 -31.32
C ASP Q 18 -15.89 -40.66 -31.36
N ALA Q 19 -16.14 -39.36 -31.29
CA ALA Q 19 -15.07 -38.40 -31.16
C ALA Q 19 -14.66 -38.33 -29.72
N SER Q 20 -13.40 -38.09 -29.45
CA SER Q 20 -13.07 -37.81 -28.06
C SER Q 20 -13.24 -36.30 -27.83
N ASP Q 21 -13.40 -35.55 -28.91
CA ASP Q 21 -13.57 -34.11 -28.78
C ASP Q 21 -14.05 -33.38 -30.01
N ILE Q 22 -14.35 -32.09 -29.81
CA ILE Q 22 -14.73 -31.14 -30.85
C ILE Q 22 -13.83 -29.92 -30.91
N HIS Q 23 -13.32 -29.62 -32.09
CA HIS Q 23 -12.46 -28.47 -32.25
C HIS Q 23 -12.97 -27.49 -33.28
N ILE Q 24 -13.32 -26.28 -32.84
CA ILE Q 24 -13.86 -25.25 -33.74
C ILE Q 24 -12.87 -24.08 -33.78
N GLU Q 25 -12.23 -23.86 -34.90
CA GLU Q 25 -11.20 -22.83 -34.84
C GLU Q 25 -11.02 -22.07 -36.12
N PRO Q 26 -10.67 -20.79 -36.04
CA PRO Q 26 -10.43 -20.02 -37.19
C PRO Q 26 -9.20 -20.44 -37.89
N ARG Q 27 -9.32 -20.30 -39.16
CA ARG Q 27 -8.29 -20.46 -40.13
C ARG Q 27 -8.22 -19.14 -40.83
N GLN Q 28 -7.44 -19.08 -41.88
CA GLN Q 28 -7.26 -17.85 -42.59
C GLN Q 28 -8.50 -17.37 -43.35
N ASN Q 29 -9.32 -18.31 -43.85
CA ASN Q 29 -10.52 -17.94 -44.61
C ASN Q 29 -11.84 -18.36 -43.95
N ASP Q 30 -11.80 -19.37 -43.11
CA ASP Q 30 -13.00 -19.89 -42.45
C ASP Q 30 -12.64 -20.46 -41.10
N VAL Q 31 -13.57 -21.18 -40.50
CA VAL Q 31 -13.40 -21.83 -39.23
C VAL Q 31 -13.56 -23.30 -39.38
N GLN Q 32 -12.55 -24.07 -39.07
CA GLN Q 32 -12.75 -25.48 -39.30
C GLN Q 32 -13.28 -26.15 -38.09
N VAL Q 33 -14.23 -27.03 -38.31
CA VAL Q 33 -14.81 -27.80 -37.27
C VAL Q 33 -14.36 -29.24 -37.45
N ARG Q 34 -13.76 -29.80 -36.42
CA ARG Q 34 -13.25 -31.16 -36.50
C ARG Q 34 -13.68 -32.02 -35.34
N LEU Q 35 -13.74 -33.33 -35.60
CA LEU Q 35 -14.06 -34.33 -34.60
C LEU Q 35 -12.94 -35.32 -34.37
N ARG Q 36 -12.56 -35.61 -33.11
CA ARG Q 36 -11.47 -36.57 -32.94
C ARG Q 36 -11.92 -37.98 -33.03
N ILE Q 37 -12.31 -38.36 -34.21
CA ILE Q 37 -12.88 -39.64 -34.40
C ILE Q 37 -11.78 -40.62 -34.40
N ASP Q 38 -11.86 -41.54 -33.45
CA ASP Q 38 -10.85 -42.57 -33.35
C ASP Q 38 -9.42 -42.08 -33.27
N GLY Q 39 -9.19 -40.97 -32.57
CA GLY Q 39 -7.83 -40.48 -32.33
C GLY Q 39 -7.33 -39.30 -33.16
N ALA Q 40 -8.06 -38.90 -34.20
CA ALA Q 40 -7.57 -37.74 -34.95
C ALA Q 40 -8.71 -36.87 -35.39
N LEU Q 41 -8.42 -35.60 -35.57
CA LEU Q 41 -9.47 -34.62 -35.84
C LEU Q 41 -9.97 -34.59 -37.25
N ARG Q 42 -10.86 -35.51 -37.57
CA ARG Q 42 -11.29 -35.56 -38.94
C ARG Q 42 -12.10 -34.28 -39.17
N PRO Q 43 -12.07 -33.72 -40.38
CA PRO Q 43 -12.92 -32.61 -40.72
C PRO Q 43 -14.36 -33.01 -40.58
N TYR Q 44 -15.16 -32.09 -40.06
CA TYR Q 44 -16.59 -32.26 -39.92
C TYR Q 44 -17.30 -31.32 -40.88
N SER Q 45 -16.99 -30.03 -40.73
CA SER Q 45 -17.60 -28.96 -41.51
C SER Q 45 -16.78 -27.71 -41.28
N THR Q 46 -17.07 -26.62 -41.98
CA THR Q 46 -16.41 -25.39 -41.61
C THR Q 46 -17.47 -24.33 -41.43
N LEU Q 47 -17.10 -23.18 -40.90
CA LEU Q 47 -18.05 -22.09 -40.76
C LEU Q 47 -17.37 -20.73 -41.03
N PRO Q 48 -18.11 -19.70 -41.47
CA PRO Q 48 -17.54 -18.46 -42.00
C PRO Q 48 -17.02 -17.36 -41.08
N LYS Q 49 -15.91 -17.62 -40.40
CA LYS Q 49 -15.11 -16.67 -39.55
C LYS Q 49 -15.94 -15.79 -38.60
N GLY Q 50 -16.80 -14.90 -39.12
CA GLY Q 50 -17.69 -14.13 -38.24
C GLY Q 50 -18.51 -15.16 -37.47
N ALA Q 51 -18.80 -16.26 -38.17
CA ALA Q 51 -19.49 -17.41 -37.61
C ALA Q 51 -18.67 -17.99 -36.47
N LEU Q 52 -17.34 -17.85 -36.51
CA LEU Q 52 -16.52 -18.36 -35.43
C LEU Q 52 -17.01 -17.71 -34.20
N ASN Q 53 -17.11 -16.41 -34.24
CA ASN Q 53 -17.48 -15.73 -33.04
C ASN Q 53 -18.91 -16.10 -32.64
N ALA Q 54 -19.79 -16.29 -33.61
CA ALA Q 54 -21.17 -16.66 -33.24
C ALA Q 54 -21.24 -18.05 -32.59
N VAL Q 55 -20.52 -19.00 -33.18
CA VAL Q 55 -20.45 -20.39 -32.76
C VAL Q 55 -19.72 -20.54 -31.47
N ILE Q 56 -18.63 -19.83 -31.38
CA ILE Q 56 -17.82 -19.84 -30.21
C ILE Q 56 -18.58 -19.14 -29.10
N SER Q 57 -19.32 -18.09 -29.43
CA SER Q 57 -20.13 -17.48 -28.39
C SER Q 57 -21.07 -18.54 -27.84
N VAL Q 58 -21.65 -19.36 -28.71
CA VAL Q 58 -22.50 -20.43 -28.21
C VAL Q 58 -21.73 -21.41 -27.35
N VAL Q 59 -20.51 -21.81 -27.73
CA VAL Q 59 -19.87 -22.79 -26.86
C VAL Q 59 -19.49 -22.10 -25.53
N LYS Q 60 -19.20 -20.80 -25.54
CA LYS Q 60 -18.92 -20.09 -24.29
C LYS Q 60 -20.16 -20.07 -23.43
N ILE Q 61 -21.31 -19.91 -24.05
CA ILE Q 61 -22.55 -19.93 -23.31
C ILE Q 61 -22.71 -21.30 -22.68
N MET Q 62 -22.40 -22.35 -23.44
CA MET Q 62 -22.50 -23.70 -22.88
C MET Q 62 -21.58 -23.90 -21.67
N GLY Q 63 -20.33 -23.40 -21.74
CA GLY Q 63 -19.39 -23.62 -20.64
C GLY Q 63 -19.35 -22.56 -19.54
N GLY Q 64 -20.12 -21.46 -19.71
CA GLY Q 64 -20.17 -20.39 -18.73
C GLY Q 64 -19.06 -19.33 -18.88
N LEU Q 65 -18.58 -19.12 -20.11
CA LEU Q 65 -17.51 -18.15 -20.37
C LEU Q 65 -18.07 -16.83 -20.92
N ASN Q 66 -17.25 -15.77 -21.02
CA ASN Q 66 -17.78 -14.44 -21.38
C ASN Q 66 -18.10 -14.18 -22.86
N ILE Q 67 -19.03 -14.97 -23.39
CA ILE Q 67 -19.65 -14.89 -24.72
C ILE Q 67 -18.80 -14.47 -25.91
N ALA Q 68 -18.25 -13.26 -25.92
CA ALA Q 68 -17.52 -12.81 -27.10
C ALA Q 68 -16.30 -11.99 -26.76
N GLU Q 69 -15.72 -12.22 -25.59
CA GLU Q 69 -14.52 -11.50 -25.21
C GLU Q 69 -13.32 -12.06 -25.97
N LYS Q 70 -13.23 -11.62 -27.23
CA LYS Q 70 -12.27 -12.10 -28.21
C LYS Q 70 -10.93 -11.42 -28.07
N ARG Q 71 -10.71 -10.79 -26.93
CA ARG Q 71 -9.44 -10.18 -26.64
C ARG Q 71 -8.81 -10.84 -25.42
N LEU Q 72 -9.46 -11.84 -24.76
CA LEU Q 72 -8.78 -12.48 -23.62
C LEU Q 72 -9.27 -13.98 -23.30
N PRO Q 73 -8.33 -14.98 -23.17
CA PRO Q 73 -8.43 -16.44 -22.88
C PRO Q 73 -9.25 -16.91 -21.67
N GLN Q 74 -10.06 -17.98 -21.87
CA GLN Q 74 -10.98 -18.51 -20.83
C GLN Q 74 -11.19 -20.06 -20.77
N ASP Q 75 -11.71 -20.57 -19.63
CA ASP Q 75 -12.09 -22.00 -19.53
C ASP Q 75 -13.28 -22.31 -18.59
N GLY Q 76 -13.99 -23.44 -18.84
CA GLY Q 76 -15.19 -23.85 -18.07
C GLY Q 76 -15.75 -25.25 -18.45
N ARG Q 77 -17.07 -25.45 -18.22
CA ARG Q 77 -17.68 -26.79 -18.44
C ARG Q 77 -19.20 -26.77 -18.66
N VAL Q 78 -19.69 -27.76 -19.44
CA VAL Q 78 -21.14 -27.90 -19.71
C VAL Q 78 -21.63 -29.32 -19.61
N ARG Q 79 -22.87 -29.49 -19.15
CA ARG Q 79 -23.52 -30.80 -19.15
C ARG Q 79 -24.37 -30.90 -20.45
N TYR Q 80 -23.78 -31.45 -21.53
CA TYR Q 80 -24.43 -31.42 -22.83
C TYR Q 80 -25.32 -32.63 -23.12
N ARG Q 81 -26.49 -32.36 -23.66
CA ARG Q 81 -27.32 -33.47 -24.06
C ARG Q 81 -28.27 -33.08 -25.18
N GLU Q 82 -28.63 -34.07 -26.00
CA GLU Q 82 -29.58 -33.92 -27.09
C GLU Q 82 -30.53 -35.10 -27.18
N GLY Q 83 -29.99 -36.30 -26.97
CA GLY Q 83 -30.74 -37.54 -27.18
C GLY Q 83 -30.59 -38.02 -28.64
N ALA Q 84 -29.58 -38.88 -28.87
CA ALA Q 84 -29.25 -40.06 -28.05
C ALA Q 84 -28.00 -39.74 -27.26
N ILE Q 85 -27.63 -38.49 -27.38
CA ILE Q 85 -26.41 -37.93 -26.86
C ILE Q 85 -26.48 -37.37 -25.47
N ASP Q 86 -25.51 -37.78 -24.63
CA ASP Q 86 -25.33 -37.34 -23.26
C ASP Q 86 -23.84 -37.36 -22.90
N VAL Q 87 -23.20 -36.20 -22.89
CA VAL Q 87 -21.77 -36.11 -22.63
C VAL Q 87 -21.48 -34.75 -22.02
N ASP Q 88 -20.54 -34.64 -21.11
CA ASP Q 88 -20.29 -33.28 -20.65
C ASP Q 88 -19.27 -32.71 -21.64
N LEU Q 89 -19.11 -31.39 -21.75
CA LEU Q 89 -18.04 -30.92 -22.64
C LEU Q 89 -17.02 -30.04 -21.89
N ARG Q 90 -15.75 -30.23 -22.26
CA ARG Q 90 -14.58 -29.53 -21.70
C ARG Q 90 -14.35 -28.26 -22.44
N LEU Q 91 -14.60 -27.10 -21.84
CA LEU Q 91 -14.48 -25.91 -22.65
C LEU Q 91 -13.34 -24.98 -22.35
N SER Q 92 -12.67 -24.57 -23.42
CA SER Q 92 -11.71 -23.51 -23.28
C SER Q 92 -11.62 -22.76 -24.56
N THR Q 93 -11.38 -21.46 -24.44
CA THR Q 93 -11.34 -20.66 -25.63
C THR Q 93 -10.11 -19.76 -25.67
N LEU Q 94 -9.75 -19.41 -26.90
CA LEU Q 94 -8.61 -18.58 -27.23
C LEU Q 94 -8.82 -17.52 -28.27
N PRO Q 95 -8.70 -16.25 -27.94
CA PRO Q 95 -8.79 -15.16 -28.87
C PRO Q 95 -7.80 -15.37 -29.94
N THR Q 96 -8.18 -15.08 -31.16
CA THR Q 96 -7.21 -15.23 -32.18
C THR Q 96 -7.22 -13.99 -33.06
N VAL Q 97 -6.34 -13.93 -34.03
CA VAL Q 97 -6.32 -12.78 -34.92
C VAL Q 97 -7.58 -12.74 -35.79
N TYR Q 98 -8.27 -13.87 -35.88
CA TYR Q 98 -9.42 -14.05 -36.73
C TYR Q 98 -10.73 -14.10 -35.93
N GLY Q 99 -10.68 -13.75 -34.65
CA GLY Q 99 -11.84 -13.91 -33.77
C GLY Q 99 -11.48 -14.96 -32.74
N GLU Q 100 -12.41 -15.51 -31.99
CA GLU Q 100 -11.99 -16.42 -30.91
C GLU Q 100 -12.26 -17.91 -31.13
N LYS Q 101 -11.24 -18.74 -30.92
CA LYS Q 101 -11.21 -20.21 -31.02
C LYS Q 101 -11.77 -20.97 -29.83
N ALA Q 102 -12.36 -22.16 -30.04
CA ALA Q 102 -12.65 -22.97 -28.86
C ALA Q 102 -12.61 -24.46 -29.08
N VAL Q 103 -12.40 -25.13 -27.97
CA VAL Q 103 -12.43 -26.58 -27.94
C VAL Q 103 -13.44 -27.06 -26.94
N MET Q 104 -14.26 -28.03 -27.37
CA MET Q 104 -15.26 -28.68 -26.53
C MET Q 104 -14.93 -30.18 -26.48
N ARG Q 105 -14.13 -30.60 -25.51
CA ARG Q 105 -13.75 -31.99 -25.59
C ARG Q 105 -14.85 -32.83 -25.01
N LEU Q 106 -15.00 -34.07 -25.45
CA LEU Q 106 -16.07 -34.86 -24.90
C LEU Q 106 -15.67 -35.50 -23.61
N LEU Q 107 -16.42 -35.16 -22.59
CA LEU Q 107 -16.17 -35.63 -21.24
C LEU Q 107 -17.00 -36.89 -21.05
N LYS Q 108 -16.30 -38.03 -21.20
CA LYS Q 108 -16.89 -39.38 -21.22
C LYS Q 108 -17.46 -39.71 -19.86
N LYS Q 109 -18.63 -40.35 -19.79
CA LYS Q 109 -19.26 -40.60 -18.48
C LYS Q 109 -18.91 -41.97 -17.90
N ALA Q 110 -19.40 -42.31 -16.70
CA ALA Q 110 -19.06 -43.62 -16.13
C ALA Q 110 -19.38 -44.77 -17.07
N SER Q 111 -20.43 -44.63 -17.85
CA SER Q 111 -20.88 -45.65 -18.79
C SER Q 111 -19.85 -45.91 -19.90
N ASP Q 112 -18.84 -45.05 -20.01
CA ASP Q 112 -17.78 -45.13 -21.00
C ASP Q 112 -16.46 -45.69 -20.41
N ILE Q 113 -16.48 -46.25 -19.20
CA ILE Q 113 -15.26 -46.78 -18.55
C ILE Q 113 -15.03 -48.32 -18.69
N PRO Q 114 -13.91 -48.79 -19.27
CA PRO Q 114 -13.47 -50.19 -19.43
C PRO Q 114 -13.24 -50.90 -18.09
N GLU Q 115 -13.15 -52.22 -18.10
CA GLU Q 115 -12.78 -52.98 -16.90
C GLU Q 115 -11.28 -53.07 -16.76
N ILE Q 116 -10.79 -53.49 -15.61
CA ILE Q 116 -9.35 -53.61 -15.52
C ILE Q 116 -8.75 -54.60 -16.50
N GLU Q 117 -9.38 -55.73 -16.68
CA GLU Q 117 -8.88 -56.73 -17.60
C GLU Q 117 -8.85 -56.25 -19.07
N ASP Q 118 -9.46 -55.10 -19.36
CA ASP Q 118 -9.52 -54.53 -20.70
C ASP Q 118 -8.39 -53.54 -20.98
N LEU Q 119 -7.54 -53.26 -19.98
CA LEU Q 119 -6.56 -52.19 -20.14
C LEU Q 119 -5.31 -52.54 -20.92
N GLY Q 120 -5.54 -52.95 -22.18
CA GLY Q 120 -4.52 -53.32 -23.16
C GLY Q 120 -3.92 -54.70 -22.96
N PHE Q 121 -4.48 -55.47 -22.05
CA PHE Q 121 -3.92 -56.75 -21.65
C PHE Q 121 -3.94 -57.88 -22.68
N ALA Q 122 -2.86 -58.65 -22.65
CA ALA Q 122 -2.72 -59.92 -23.35
C ALA Q 122 -3.04 -60.96 -22.27
N PRO Q 123 -3.38 -62.22 -22.56
CA PRO Q 123 -3.67 -63.24 -21.55
C PRO Q 123 -2.67 -63.27 -20.39
N GLY Q 124 -1.38 -63.12 -20.71
CA GLY Q 124 -0.35 -63.14 -19.68
C GLY Q 124 -0.31 -61.84 -18.89
N VAL Q 125 -0.86 -60.77 -19.47
CA VAL Q 125 -0.85 -59.49 -18.81
C VAL Q 125 -1.91 -59.54 -17.76
N PHE Q 126 -3.10 -60.05 -18.08
CA PHE Q 126 -4.08 -60.11 -17.01
C PHE Q 126 -3.62 -61.01 -15.90
N GLU Q 127 -3.12 -62.22 -16.21
CA GLU Q 127 -2.69 -63.08 -15.12
C GLU Q 127 -1.78 -62.30 -14.18
N ARG Q 128 -0.85 -61.56 -14.75
CA ARG Q 128 0.03 -60.76 -13.93
C ARG Q 128 -0.70 -59.55 -13.36
N PHE Q 129 -1.69 -59.01 -14.07
CA PHE Q 129 -2.40 -57.87 -13.56
C PHE Q 129 -3.26 -58.28 -12.38
N LYS Q 130 -3.60 -59.56 -12.32
CA LYS Q 130 -4.34 -60.12 -11.21
C LYS Q 130 -3.48 -59.85 -9.99
N GLU Q 131 -2.20 -60.20 -10.14
CA GLU Q 131 -1.22 -60.00 -9.07
C GLU Q 131 -1.09 -58.51 -8.74
N VAL Q 132 -1.23 -57.64 -9.75
CA VAL Q 132 -1.15 -56.19 -9.53
C VAL Q 132 -2.36 -55.68 -8.72
N ILE Q 133 -3.58 -56.00 -9.14
CA ILE Q 133 -4.77 -55.54 -8.41
C ILE Q 133 -4.90 -56.18 -7.03
N SER Q 134 -4.17 -57.28 -6.84
CA SER Q 134 -4.14 -57.97 -5.57
C SER Q 134 -3.11 -57.38 -4.59
N LYS Q 135 -2.36 -56.34 -4.99
CA LYS Q 135 -1.38 -55.80 -4.06
C LYS Q 135 -2.13 -55.04 -2.96
N PRO Q 136 -1.73 -55.17 -1.67
CA PRO Q 136 -2.35 -54.58 -0.47
C PRO Q 136 -2.76 -53.09 -0.42
N TYR Q 137 -2.02 -52.23 -1.07
CA TYR Q 137 -2.28 -50.78 -1.06
C TYR Q 137 -1.40 -50.18 -2.12
N GLY Q 138 -1.63 -48.93 -2.49
CA GLY Q 138 -0.66 -48.32 -3.36
C GLY Q 138 -1.19 -47.65 -4.63
N ILE Q 139 -0.25 -47.28 -5.50
CA ILE Q 139 -0.50 -46.54 -6.72
C ILE Q 139 -0.33 -47.35 -8.01
N PHE Q 140 -1.20 -47.07 -8.98
CA PHE Q 140 -1.15 -47.64 -10.32
C PHE Q 140 -0.58 -46.57 -11.29
N LEU Q 141 0.62 -46.82 -11.81
CA LEU Q 141 1.28 -45.81 -12.65
C LEU Q 141 0.93 -45.92 -14.10
N ILE Q 142 -0.11 -45.25 -14.44
CA ILE Q 142 -0.64 -45.25 -15.78
C ILE Q 142 0.19 -44.22 -16.54
N THR Q 143 0.79 -44.61 -17.67
CA THR Q 143 1.67 -43.62 -18.31
C THR Q 143 1.73 -43.58 -19.84
N GLY Q 144 2.03 -42.37 -20.35
CA GLY Q 144 2.22 -42.06 -21.77
C GLY Q 144 1.84 -40.60 -22.10
N PRO Q 145 2.28 -40.04 -23.25
CA PRO Q 145 1.93 -38.71 -23.76
C PRO Q 145 0.43 -38.50 -24.00
N THR Q 146 -0.01 -37.23 -23.95
CA THR Q 146 -1.39 -36.89 -24.24
C THR Q 146 -1.80 -37.50 -25.57
N GLY Q 147 -3.04 -37.92 -25.63
CA GLY Q 147 -3.59 -38.57 -26.79
C GLY Q 147 -3.79 -40.04 -26.49
N SER Q 148 -3.16 -40.54 -25.41
CA SER Q 148 -3.35 -41.93 -25.03
C SER Q 148 -4.66 -42.08 -24.22
N GLY Q 149 -4.90 -43.29 -23.71
CA GLY Q 149 -6.15 -43.73 -23.05
C GLY Q 149 -6.05 -43.75 -21.55
N LYS Q 150 -5.18 -42.93 -21.04
CA LYS Q 150 -4.87 -42.89 -19.62
C LYS Q 150 -6.10 -42.60 -18.79
N SER Q 151 -7.01 -41.75 -19.27
CA SER Q 151 -8.18 -41.42 -18.48
C SER Q 151 -9.17 -42.58 -18.38
N PHE Q 152 -9.10 -43.51 -19.33
CA PHE Q 152 -10.00 -44.65 -19.28
C PHE Q 152 -9.41 -45.59 -18.29
N THR Q 153 -8.10 -45.74 -18.36
CA THR Q 153 -7.36 -46.61 -17.50
C THR Q 153 -7.49 -46.19 -16.07
N THR Q 154 -7.35 -44.88 -15.80
CA THR Q 154 -7.48 -44.45 -14.44
C THR Q 154 -8.88 -44.70 -13.95
N PHE Q 155 -9.87 -44.52 -14.82
CA PHE Q 155 -11.21 -44.83 -14.43
C PHE Q 155 -11.56 -46.30 -14.38
N SER Q 156 -10.89 -47.13 -15.15
CA SER Q 156 -11.17 -48.56 -15.12
C SER Q 156 -10.74 -49.17 -13.82
N ILE Q 157 -9.56 -48.76 -13.37
CA ILE Q 157 -9.05 -49.26 -12.12
C ILE Q 157 -9.90 -48.70 -11.02
N LEU Q 158 -10.18 -47.40 -11.12
CA LEU Q 158 -11.10 -46.76 -10.20
C LEU Q 158 -12.48 -47.33 -10.20
N LYS Q 159 -13.08 -47.51 -11.36
CA LYS Q 159 -14.43 -48.00 -11.43
C LYS Q 159 -14.58 -49.23 -10.55
N ARG Q 160 -13.61 -50.15 -10.63
CA ARG Q 160 -13.63 -51.36 -9.79
C ARG Q 160 -13.89 -51.07 -8.30
N ILE Q 161 -13.38 -49.93 -7.82
CA ILE Q 161 -13.46 -49.50 -6.45
C ILE Q 161 -14.23 -48.16 -6.28
N ALA Q 162 -14.84 -47.67 -7.37
CA ALA Q 162 -15.59 -46.40 -7.40
C ALA Q 162 -17.01 -46.53 -6.95
N THR Q 163 -17.22 -46.74 -5.69
CA THR Q 163 -18.59 -47.00 -5.28
C THR Q 163 -19.07 -46.04 -4.21
N PRO Q 164 -20.39 -46.02 -3.94
CA PRO Q 164 -21.04 -45.34 -2.83
C PRO Q 164 -20.53 -45.76 -1.45
N ASP Q 165 -19.76 -46.85 -1.32
CA ASP Q 165 -19.30 -47.24 0.02
C ASP Q 165 -17.81 -46.98 0.17
N LYS Q 166 -17.21 -46.37 -0.86
CA LYS Q 166 -15.80 -46.03 -0.82
C LYS Q 166 -15.60 -44.54 -1.04
N ASN Q 167 -14.62 -43.98 -0.40
CA ASN Q 167 -14.36 -42.57 -0.56
C ASN Q 167 -13.59 -42.34 -1.80
N THR Q 168 -14.29 -42.41 -2.88
CA THR Q 168 -13.68 -42.26 -4.13
C THR Q 168 -13.59 -40.79 -4.42
N GLN Q 169 -12.38 -40.32 -4.67
CA GLN Q 169 -12.16 -38.91 -4.90
C GLN Q 169 -11.26 -38.72 -6.14
N THR Q 170 -11.79 -38.04 -7.16
CA THR Q 170 -11.01 -37.91 -8.41
C THR Q 170 -10.60 -36.47 -8.77
N ILE Q 171 -9.45 -36.33 -9.49
CA ILE Q 171 -9.07 -35.05 -10.14
C ILE Q 171 -9.22 -35.10 -11.62
N GLU Q 172 -10.10 -34.25 -12.07
CA GLU Q 172 -10.43 -34.12 -13.46
C GLU Q 172 -10.51 -32.63 -13.73
N ASP Q 173 -10.47 -32.18 -14.97
CA ASP Q 173 -10.60 -30.75 -15.14
C ASP Q 173 -11.24 -30.34 -16.46
N PRO Q 174 -12.57 -30.30 -16.52
CA PRO Q 174 -13.60 -30.66 -15.59
C PRO Q 174 -13.79 -32.14 -15.57
N VAL Q 175 -14.70 -32.59 -14.73
CA VAL Q 175 -15.06 -33.99 -14.58
C VAL Q 175 -15.65 -34.65 -15.78
N GLU Q 176 -15.15 -35.83 -16.07
CA GLU Q 176 -15.69 -36.57 -17.17
C GLU Q 176 -16.49 -37.72 -16.71
N TYR Q 177 -15.85 -38.63 -16.02
CA TYR Q 177 -16.50 -39.91 -15.83
C TYR Q 177 -17.39 -39.91 -14.64
N GLU Q 178 -18.49 -39.18 -14.74
CA GLU Q 178 -19.29 -39.13 -13.54
C GLU Q 178 -19.88 -40.45 -13.19
N ILE Q 179 -19.54 -40.87 -11.98
CA ILE Q 179 -20.00 -42.08 -11.36
C ILE Q 179 -20.80 -41.62 -10.15
N PRO Q 180 -22.11 -41.81 -10.11
CA PRO Q 180 -22.87 -41.36 -8.99
C PRO Q 180 -22.37 -42.18 -7.84
N GLY Q 181 -22.20 -41.54 -6.69
CA GLY Q 181 -21.73 -42.23 -5.53
C GLY Q 181 -20.29 -41.88 -5.23
N ILE Q 182 -19.62 -41.22 -6.19
CA ILE Q 182 -18.25 -40.83 -5.88
C ILE Q 182 -18.10 -39.34 -6.11
N ASN Q 183 -17.08 -38.76 -5.49
CA ASN Q 183 -16.80 -37.35 -5.60
C ASN Q 183 -15.83 -37.01 -6.69
N GLN Q 184 -16.29 -36.18 -7.59
CA GLN Q 184 -15.46 -35.81 -8.69
C GLN Q 184 -15.23 -34.30 -8.71
N THR Q 185 -13.94 -33.94 -8.58
CA THR Q 185 -13.47 -32.56 -8.46
C THR Q 185 -12.77 -31.92 -9.63
N GLN Q 186 -13.20 -30.69 -9.91
CA GLN Q 186 -12.58 -29.82 -10.88
C GLN Q 186 -11.60 -28.93 -10.14
N VAL Q 187 -10.36 -28.90 -10.59
CA VAL Q 187 -9.35 -28.05 -9.97
C VAL Q 187 -9.55 -26.62 -10.41
N ASN Q 188 -8.96 -25.70 -9.70
CA ASN Q 188 -9.07 -24.29 -10.01
C ASN Q 188 -7.82 -23.53 -9.55
N PRO Q 189 -6.68 -23.69 -10.24
CA PRO Q 189 -5.38 -23.13 -9.89
C PRO Q 189 -5.40 -21.62 -9.85
N GLN Q 190 -6.38 -21.00 -10.53
CA GLN Q 190 -6.53 -19.56 -10.52
C GLN Q 190 -6.91 -19.10 -9.11
N ALA Q 191 -7.70 -19.93 -8.44
CA ALA Q 191 -8.14 -19.68 -7.07
C ALA Q 191 -7.05 -20.08 -6.11
N GLY Q 192 -6.24 -21.02 -6.56
CA GLY Q 192 -5.18 -21.62 -5.79
C GLY Q 192 -5.40 -23.12 -5.70
N LEU Q 193 -6.48 -23.59 -6.32
CA LEU Q 193 -6.74 -25.01 -6.32
C LEU Q 193 -6.02 -25.71 -7.41
N THR Q 194 -4.76 -25.87 -7.17
CA THR Q 194 -3.91 -26.54 -8.11
C THR Q 194 -4.22 -27.99 -7.99
N PHE Q 195 -3.66 -28.80 -8.86
CA PHE Q 195 -3.92 -30.22 -8.77
C PHE Q 195 -3.40 -30.70 -7.44
N ALA Q 196 -2.25 -30.16 -7.04
CA ALA Q 196 -1.63 -30.48 -5.78
C ALA Q 196 -2.50 -30.03 -4.62
N ARG Q 197 -3.08 -28.85 -4.72
CA ARG Q 197 -3.92 -28.38 -3.63
C ARG Q 197 -5.13 -29.26 -3.55
N ALA Q 198 -5.68 -29.64 -4.71
CA ALA Q 198 -6.80 -30.53 -4.70
C ALA Q 198 -6.37 -31.80 -4.06
N LEU Q 199 -5.20 -32.31 -4.40
CA LEU Q 199 -4.83 -33.55 -3.79
C LEU Q 199 -4.56 -33.41 -2.33
N ARG Q 200 -4.08 -32.26 -1.91
CA ARG Q 200 -3.84 -32.12 -0.51
C ARG Q 200 -5.16 -32.30 0.17
N ALA Q 201 -6.19 -31.71 -0.42
CA ALA Q 201 -7.50 -31.91 0.12
C ALA Q 201 -7.88 -33.38 0.03
N PHE Q 202 -7.59 -34.05 -1.09
CA PHE Q 202 -7.98 -35.45 -1.25
C PHE Q 202 -7.40 -36.32 -0.18
N LEU Q 203 -6.15 -36.04 0.17
CA LEU Q 203 -5.51 -36.80 1.21
C LEU Q 203 -6.28 -36.47 2.49
N ARG Q 204 -6.61 -35.18 2.66
CA ARG Q 204 -7.39 -34.69 3.78
C ARG Q 204 -8.87 -35.12 3.67
N GLN Q 205 -9.25 -35.66 2.51
CA GLN Q 205 -10.59 -36.17 2.28
C GLN Q 205 -10.66 -37.61 2.72
N ASP Q 206 -9.60 -38.13 3.33
CA ASP Q 206 -9.56 -39.49 3.84
C ASP Q 206 -10.07 -40.43 2.77
N PRO Q 207 -9.41 -40.39 1.60
CA PRO Q 207 -9.82 -41.06 0.39
C PRO Q 207 -9.64 -42.53 0.52
N ASP Q 208 -10.45 -43.29 -0.18
CA ASP Q 208 -10.13 -44.69 -0.37
C ASP Q 208 -9.37 -44.72 -1.66
N ILE Q 209 -9.81 -43.85 -2.58
CA ILE Q 209 -9.14 -43.76 -3.85
C ILE Q 209 -8.72 -42.34 -4.22
N ILE Q 210 -7.46 -42.16 -4.57
CA ILE Q 210 -7.07 -40.90 -5.19
C ILE Q 210 -6.78 -41.16 -6.63
N MET Q 211 -7.71 -40.77 -7.47
CA MET Q 211 -7.59 -40.96 -8.89
C MET Q 211 -7.23 -39.63 -9.53
N VAL Q 212 -6.08 -39.53 -10.19
CA VAL Q 212 -5.68 -38.25 -10.75
C VAL Q 212 -5.46 -38.30 -12.26
N GLY Q 213 -6.28 -37.52 -12.97
CA GLY Q 213 -6.23 -37.45 -14.43
C GLY Q 213 -4.90 -36.91 -14.97
N GLU Q 214 -4.24 -36.06 -14.18
CA GLU Q 214 -2.96 -35.45 -14.55
C GLU Q 214 -1.98 -35.21 -13.40
N ILE Q 215 -0.80 -35.84 -13.43
CA ILE Q 215 0.18 -35.46 -12.43
C ILE Q 215 0.91 -34.24 -12.91
N ARG Q 216 0.29 -33.13 -12.56
CA ARG Q 216 0.65 -31.79 -12.97
C ARG Q 216 2.04 -31.38 -12.53
N ASP Q 217 2.39 -31.79 -11.33
CA ASP Q 217 3.65 -31.40 -10.74
C ASP Q 217 4.08 -32.33 -9.60
N SER Q 218 5.18 -31.98 -8.93
CA SER Q 218 5.72 -32.78 -7.84
C SER Q 218 4.77 -32.97 -6.66
N GLU Q 219 4.15 -31.90 -6.17
CA GLU Q 219 3.21 -32.09 -5.07
C GLU Q 219 2.04 -32.93 -5.51
N THR Q 220 1.61 -32.77 -6.76
CA THR Q 220 0.50 -33.56 -7.21
C THR Q 220 0.91 -35.05 -7.15
N ALA Q 221 2.12 -35.33 -7.64
CA ALA Q 221 2.66 -36.69 -7.66
C ALA Q 221 2.76 -37.27 -6.27
N LYS Q 222 3.28 -36.46 -5.35
CA LYS Q 222 3.51 -36.93 -4.01
C LYS Q 222 2.26 -37.12 -3.27
N ILE Q 223 1.35 -36.17 -3.34
CA ILE Q 223 0.18 -36.26 -2.51
C ILE Q 223 -0.65 -37.43 -2.94
N ALA Q 224 -0.79 -37.60 -4.26
CA ALA Q 224 -1.53 -38.74 -4.68
C ALA Q 224 -0.85 -39.97 -4.12
N THR Q 225 0.47 -40.03 -4.24
CA THR Q 225 1.21 -41.16 -3.72
C THR Q 225 1.14 -41.23 -2.17
N GLU Q 226 1.03 -40.10 -1.48
CA GLU Q 226 0.99 -40.15 -0.02
C GLU Q 226 -0.22 -40.97 0.36
N ALA Q 227 -1.34 -40.81 -0.36
CA ALA Q 227 -2.48 -41.68 -0.07
C ALA Q 227 -2.12 -43.13 -0.35
N ALA Q 228 -1.36 -43.35 -1.42
CA ALA Q 228 -0.95 -44.70 -1.80
C ALA Q 228 -0.15 -45.36 -0.69
N LEU Q 229 0.72 -44.58 -0.09
CA LEU Q 229 1.55 -45.08 0.99
C LEU Q 229 0.68 -45.28 2.24
N THR Q 230 -0.20 -44.33 2.48
CA THR Q 230 -1.01 -44.35 3.69
C THR Q 230 -2.28 -45.20 3.56
N GLY Q 231 -2.13 -46.41 3.03
CA GLY Q 231 -3.18 -47.42 2.99
C GLY Q 231 -4.28 -47.27 1.93
N HIS Q 232 -4.18 -46.30 1.04
CA HIS Q 232 -5.25 -46.07 0.10
C HIS Q 232 -4.83 -46.55 -1.30
N LEU Q 233 -5.78 -46.57 -2.23
CA LEU Q 233 -5.45 -46.91 -3.61
C LEU Q 233 -5.33 -45.63 -4.40
N VAL Q 234 -4.33 -45.55 -5.24
CA VAL Q 234 -4.12 -44.35 -6.03
C VAL Q 234 -3.97 -44.69 -7.48
N ILE Q 235 -4.66 -43.97 -8.31
CA ILE Q 235 -4.62 -44.29 -9.71
C ILE Q 235 -4.22 -43.05 -10.46
N ALA Q 236 -3.10 -43.03 -11.17
CA ALA Q 236 -2.76 -41.72 -11.75
C ALA Q 236 -1.91 -41.72 -13.00
N THR Q 237 -2.04 -40.59 -13.72
CA THR Q 237 -1.34 -40.24 -14.98
C THR Q 237 0.08 -39.64 -14.98
N LEU Q 238 1.00 -40.41 -15.59
CA LEU Q 238 2.43 -40.12 -15.80
C LEU Q 238 2.77 -40.01 -17.30
N HIS Q 239 3.85 -39.30 -17.63
CA HIS Q 239 4.28 -39.14 -19.04
C HIS Q 239 5.58 -39.87 -19.47
N THR Q 240 5.50 -41.19 -19.69
CA THR Q 240 6.69 -41.98 -20.09
C THR Q 240 6.39 -43.01 -21.18
N ASN Q 241 7.43 -43.59 -21.79
CA ASN Q 241 7.17 -44.67 -22.76
C ASN Q 241 7.65 -46.06 -22.34
N ASP Q 242 8.02 -46.20 -21.09
CA ASP Q 242 8.38 -47.50 -20.53
C ASP Q 242 7.76 -47.57 -19.16
N ALA Q 243 7.29 -48.74 -18.77
CA ALA Q 243 6.75 -48.90 -17.44
C ALA Q 243 7.85 -48.63 -16.42
N ALA Q 244 9.03 -49.08 -16.75
CA ALA Q 244 10.22 -48.87 -15.94
C ALA Q 244 10.50 -47.37 -15.80
N GLN Q 245 10.19 -46.63 -16.85
CA GLN Q 245 10.40 -45.20 -16.91
C GLN Q 245 9.31 -44.54 -16.09
N ALA Q 246 8.11 -45.12 -16.06
CA ALA Q 246 7.03 -44.55 -15.23
C ALA Q 246 7.47 -44.55 -13.81
N ILE Q 247 8.09 -45.65 -13.40
CA ILE Q 247 8.57 -45.74 -12.04
C ILE Q 247 9.66 -44.76 -11.83
N THR Q 248 10.58 -44.70 -12.78
CA THR Q 248 11.66 -43.75 -12.69
C THR Q 248 11.07 -42.37 -12.53
N ARG Q 249 10.07 -42.00 -13.31
CA ARG Q 249 9.43 -40.72 -13.14
C ARG Q 249 8.75 -40.59 -11.80
N LEU Q 250 8.08 -41.62 -11.32
CA LEU Q 250 7.44 -41.45 -10.03
C LEU Q 250 8.56 -41.04 -9.05
N ASP Q 251 9.68 -41.78 -9.07
CA ASP Q 251 10.82 -41.48 -8.20
C ASP Q 251 11.35 -40.05 -8.48
N GLU Q 252 11.45 -39.67 -9.76
CA GLU Q 252 11.99 -38.37 -10.16
C GLU Q 252 10.99 -37.21 -10.07
N MET Q 253 9.70 -37.49 -9.79
CA MET Q 253 8.73 -36.42 -9.64
C MET Q 253 8.74 -35.93 -8.19
N GLY Q 254 9.61 -36.51 -7.37
CA GLY Q 254 9.71 -36.13 -5.98
C GLY Q 254 8.99 -37.11 -5.08
N VAL Q 255 8.54 -38.22 -5.64
CA VAL Q 255 7.87 -39.16 -4.81
C VAL Q 255 8.96 -40.08 -4.29
N GLU Q 256 9.12 -40.12 -3.00
CA GLU Q 256 10.23 -40.83 -2.43
C GLU Q 256 10.31 -42.31 -2.84
N PRO Q 257 11.42 -42.82 -3.49
CA PRO Q 257 11.61 -44.20 -3.90
C PRO Q 257 11.58 -45.15 -2.74
N PHE Q 258 11.91 -44.65 -1.56
CA PHE Q 258 11.87 -45.56 -0.46
C PHE Q 258 10.41 -45.86 -0.18
N ASN Q 259 9.58 -44.82 -0.17
CA ASN Q 259 8.16 -44.96 0.05
C ASN Q 259 7.48 -45.63 -1.12
N ILE Q 260 7.95 -45.38 -2.33
CA ILE Q 260 7.40 -45.97 -3.54
C ILE Q 260 7.58 -47.46 -3.51
N SER Q 261 8.72 -47.93 -3.01
CA SER Q 261 8.92 -49.37 -2.95
C SER Q 261 7.83 -50.05 -2.10
N ALA Q 262 7.11 -49.27 -1.29
CA ALA Q 262 5.99 -49.75 -0.53
C ALA Q 262 4.68 -49.37 -1.24
N ALA Q 263 4.60 -48.10 -1.63
CA ALA Q 263 3.40 -47.49 -2.20
C ALA Q 263 3.05 -47.86 -3.63
N LEU Q 264 3.96 -48.44 -4.41
CA LEU Q 264 3.62 -48.76 -5.80
C LEU Q 264 3.13 -50.20 -6.06
N ILE Q 265 1.94 -50.29 -6.68
CA ILE Q 265 1.24 -51.53 -7.04
C ILE Q 265 1.66 -52.07 -8.38
N GLY Q 266 1.62 -51.19 -9.37
CA GLY Q 266 1.92 -51.63 -10.71
C GLY Q 266 1.93 -50.47 -11.65
N VAL Q 267 2.42 -50.71 -12.84
CA VAL Q 267 2.54 -49.67 -13.84
C VAL Q 267 1.85 -50.08 -15.11
N LEU Q 268 1.04 -49.19 -15.65
CA LEU Q 268 0.39 -49.52 -16.88
C LEU Q 268 0.87 -48.59 -17.97
N SER Q 269 2.00 -48.93 -18.58
CA SER Q 269 2.44 -48.03 -19.60
C SER Q 269 1.70 -48.32 -20.83
N GLN Q 270 1.03 -47.32 -21.37
CA GLN Q 270 0.26 -47.63 -22.53
C GLN Q 270 0.05 -46.50 -23.49
N ARG Q 271 -0.06 -46.89 -24.74
CA ARG Q 271 -0.27 -45.93 -25.79
C ARG Q 271 -1.36 -46.36 -26.76
N LEU Q 272 -2.24 -45.44 -27.09
CA LEU Q 272 -3.33 -45.74 -28.01
C LEU Q 272 -2.94 -45.73 -29.46
N VAL Q 273 -2.37 -46.85 -29.86
CA VAL Q 273 -1.97 -47.00 -31.22
C VAL Q 273 -3.29 -46.92 -31.92
N ARG Q 274 -3.40 -46.21 -33.00
CA ARG Q 274 -4.73 -46.15 -33.55
C ARG Q 274 -5.02 -47.46 -34.31
N ARG Q 275 -6.20 -48.05 -34.15
CA ARG Q 275 -6.50 -49.32 -34.83
C ARG Q 275 -6.89 -49.14 -36.28
N VAL Q 276 -6.38 -49.95 -37.16
CA VAL Q 276 -6.68 -49.76 -38.56
C VAL Q 276 -8.16 -49.88 -38.82
N CYS Q 277 -8.76 -48.93 -39.56
CA CYS Q 277 -10.19 -49.02 -39.71
C CYS Q 277 -10.52 -50.30 -40.37
N GLU Q 278 -11.65 -50.88 -40.02
CA GLU Q 278 -12.04 -52.12 -40.64
C GLU Q 278 -12.27 -51.93 -42.13
N HIS Q 279 -12.70 -50.74 -42.52
CA HIS Q 279 -13.00 -50.45 -43.91
C HIS Q 279 -11.81 -49.90 -44.68
N CYS Q 280 -10.63 -49.91 -44.07
CA CYS Q 280 -9.47 -49.36 -44.74
C CYS Q 280 -8.32 -50.28 -44.46
N LYS Q 281 -8.66 -51.46 -44.00
CA LYS Q 281 -7.64 -52.35 -43.52
C LYS Q 281 -6.87 -53.02 -44.63
N VAL Q 282 -5.85 -52.29 -45.12
CA VAL Q 282 -5.05 -52.74 -46.27
C VAL Q 282 -3.75 -53.40 -45.83
N GLU Q 283 -3.54 -54.67 -46.17
CA GLU Q 283 -2.31 -55.29 -45.64
C GLU Q 283 -1.14 -54.51 -46.17
N VAL Q 284 -0.26 -54.08 -45.27
CA VAL Q 284 0.86 -53.25 -45.65
C VAL Q 284 2.25 -53.72 -45.29
N LYS Q 285 2.43 -54.32 -44.12
CA LYS Q 285 3.81 -54.56 -43.67
C LYS Q 285 4.61 -53.23 -43.81
N PRO Q 286 4.26 -52.26 -42.94
CA PRO Q 286 4.56 -50.81 -43.04
C PRO Q 286 5.48 -50.29 -44.17
N ASP Q 287 6.72 -49.95 -43.82
CA ASP Q 287 7.60 -49.18 -44.70
C ASP Q 287 8.40 -49.93 -45.77
N PRO Q 288 8.84 -51.19 -45.58
CA PRO Q 288 8.75 -52.17 -44.47
C PRO Q 288 9.61 -51.92 -43.25
N GLU Q 289 10.54 -50.96 -43.31
CA GLU Q 289 11.49 -50.69 -42.22
C GLU Q 289 10.91 -50.69 -40.79
N THR Q 290 9.74 -50.09 -40.52
CA THR Q 290 9.24 -50.20 -39.15
C THR Q 290 9.15 -51.67 -38.62
N LEU Q 291 9.03 -52.68 -39.50
CA LEU Q 291 8.93 -54.09 -39.07
C LEU Q 291 10.16 -54.48 -38.27
N ARG Q 292 11.34 -53.98 -38.69
CA ARG Q 292 12.58 -54.31 -38.00
C ARG Q 292 12.81 -53.35 -36.85
N ARG Q 293 12.34 -52.10 -36.99
CA ARG Q 293 12.56 -51.13 -35.93
C ARG Q 293 11.88 -51.59 -34.66
N LEU Q 294 10.74 -52.24 -34.79
CA LEU Q 294 10.01 -52.70 -33.63
C LEU Q 294 10.44 -54.09 -33.14
N GLY Q 295 11.40 -54.73 -33.83
CA GLY Q 295 11.90 -56.03 -33.40
C GLY Q 295 11.13 -57.31 -33.80
N LEU Q 296 10.48 -57.39 -34.96
CA LEU Q 296 9.79 -58.65 -35.25
C LEU Q 296 10.70 -59.86 -35.46
N SER Q 297 10.31 -61.00 -34.87
CA SER Q 297 11.00 -62.27 -35.07
C SER Q 297 10.52 -62.87 -36.36
N GLU Q 298 11.21 -63.87 -36.88
CA GLU Q 298 10.73 -64.49 -38.12
C GLU Q 298 9.31 -65.03 -38.00
N ALA Q 299 9.01 -65.67 -36.88
CA ALA Q 299 7.67 -66.22 -36.72
C ALA Q 299 6.65 -65.11 -36.71
N GLU Q 300 6.98 -64.02 -36.02
CA GLU Q 300 6.06 -62.92 -35.91
C GLU Q 300 5.91 -62.20 -37.27
N ILE Q 301 6.98 -62.17 -38.07
CA ILE Q 301 6.92 -61.58 -39.40
C ILE Q 301 6.03 -62.41 -40.31
N GLN Q 302 6.17 -63.73 -40.29
CA GLN Q 302 5.34 -64.56 -41.16
C GLN Q 302 3.86 -64.40 -40.84
N GLY Q 303 3.53 -64.22 -39.56
CA GLY Q 303 2.16 -64.02 -39.13
C GLY Q 303 1.77 -62.53 -39.13
N ALA Q 304 2.59 -61.69 -39.75
CA ALA Q 304 2.40 -60.26 -39.68
C ALA Q 304 1.32 -59.70 -40.53
N ARG Q 305 0.09 -59.86 -40.06
CA ARG Q 305 -1.05 -59.32 -40.78
C ARG Q 305 -1.20 -57.87 -40.33
N LEU Q 306 -0.24 -57.08 -40.78
CA LEU Q 306 -0.09 -55.67 -40.47
C LEU Q 306 -0.85 -54.89 -41.48
N TYR Q 307 -1.70 -53.99 -41.05
CA TYR Q 307 -2.51 -53.28 -42.01
C TYR Q 307 -2.28 -51.82 -41.92
N LYS Q 308 -2.53 -51.14 -43.02
CA LYS Q 308 -2.41 -49.70 -43.11
C LYS Q 308 -3.69 -48.98 -42.85
N GLY Q 309 -3.62 -48.02 -41.95
CA GLY Q 309 -4.75 -47.19 -41.67
C GLY Q 309 -5.03 -46.23 -42.82
N MET Q 310 -5.74 -46.70 -43.86
CA MET Q 310 -6.08 -45.83 -44.98
C MET Q 310 -7.34 -44.97 -44.71
N GLY Q 311 -8.00 -45.19 -43.57
CA GLY Q 311 -9.17 -44.39 -43.15
C GLY Q 311 -10.47 -44.70 -43.85
N CYS Q 312 -10.47 -44.33 -45.12
CA CYS Q 312 -11.57 -44.47 -46.06
C CYS Q 312 -12.81 -43.66 -45.68
N GLU Q 313 -13.43 -44.00 -44.56
CA GLU Q 313 -14.64 -43.32 -44.12
C GLU Q 313 -14.87 -43.34 -42.61
N ARG Q 314 -14.32 -44.33 -41.92
CA ARG Q 314 -14.75 -44.61 -40.54
C ARG Q 314 -14.30 -43.58 -39.51
N CYS Q 315 -13.40 -42.72 -39.91
CA CYS Q 315 -12.86 -41.66 -39.10
C CYS Q 315 -12.46 -40.67 -40.12
N GLY Q 316 -13.29 -40.58 -41.14
CA GLY Q 316 -12.93 -39.74 -42.24
C GLY Q 316 -11.72 -40.46 -42.78
N GLY Q 317 -10.81 -39.72 -43.40
CA GLY Q 317 -9.60 -40.30 -43.96
C GLY Q 317 -8.43 -40.26 -42.99
N THR Q 318 -8.69 -40.11 -41.67
CA THR Q 318 -7.58 -39.96 -40.73
C THR Q 318 -6.84 -41.29 -40.46
N GLY Q 319 -7.38 -42.39 -40.97
CA GLY Q 319 -6.74 -43.70 -40.96
C GLY Q 319 -7.28 -44.86 -40.11
N TYR Q 320 -7.79 -44.57 -38.91
CA TYR Q 320 -8.06 -45.63 -37.95
C TYR Q 320 -9.48 -45.65 -37.31
N LYS Q 321 -9.94 -46.85 -36.87
CA LYS Q 321 -11.26 -47.01 -36.23
C LYS Q 321 -11.11 -47.82 -34.94
N GLY Q 322 -11.31 -47.17 -33.80
CA GLY Q 322 -11.03 -47.78 -32.52
C GLY Q 322 -9.56 -47.51 -32.24
N ARG Q 323 -9.14 -47.66 -30.99
CA ARG Q 323 -7.75 -47.42 -30.64
C ARG Q 323 -7.29 -48.55 -29.73
N TYR Q 324 -5.99 -48.87 -29.69
CA TYR Q 324 -5.57 -49.97 -28.83
C TYR Q 324 -4.47 -49.58 -27.84
N ALA Q 325 -4.77 -49.79 -26.57
CA ALA Q 325 -3.83 -49.43 -25.52
C ALA Q 325 -2.67 -50.39 -25.48
N ILE Q 326 -1.63 -50.11 -26.24
CA ILE Q 326 -0.48 -50.99 -26.29
C ILE Q 326 -0.09 -51.08 -24.85
N HIS Q 327 0.13 -52.26 -24.26
CA HIS Q 327 0.38 -52.23 -22.82
C HIS Q 327 1.61 -52.98 -22.28
N GLU Q 328 2.52 -52.19 -21.76
CA GLU Q 328 3.72 -52.66 -21.10
C GLU Q 328 3.43 -52.73 -19.61
N LEU Q 329 3.15 -53.95 -19.13
CA LEU Q 329 2.75 -54.10 -17.74
C LEU Q 329 3.88 -54.42 -16.82
N LEU Q 330 4.03 -53.60 -15.80
CA LEU Q 330 5.02 -53.87 -14.81
C LEU Q 330 4.35 -54.11 -13.48
N VAL Q 331 4.46 -55.33 -13.00
CA VAL Q 331 3.87 -55.68 -11.73
C VAL Q 331 4.89 -55.26 -10.73
N VAL Q 332 4.55 -54.41 -9.77
CA VAL Q 332 5.63 -54.04 -8.89
C VAL Q 332 5.79 -55.03 -7.76
N ASP Q 333 6.58 -56.03 -8.14
CA ASP Q 333 6.97 -57.20 -7.39
C ASP Q 333 8.10 -56.82 -6.46
N ASP Q 334 8.46 -57.71 -5.56
CA ASP Q 334 9.54 -57.41 -4.62
C ASP Q 334 10.88 -57.05 -5.30
N GLU Q 335 11.17 -57.59 -6.49
CA GLU Q 335 12.42 -57.24 -7.19
C GLU Q 335 12.37 -55.82 -7.76
N ILE Q 336 11.17 -55.34 -8.04
CA ILE Q 336 10.98 -54.01 -8.61
C ILE Q 336 10.95 -53.08 -7.45
N ARG Q 337 10.27 -53.47 -6.38
CA ARG Q 337 10.21 -52.68 -5.18
C ARG Q 337 11.63 -52.53 -4.68
N HIS Q 338 12.41 -53.59 -4.81
CA HIS Q 338 13.81 -53.49 -4.46
C HIS Q 338 14.47 -52.50 -5.42
N ALA Q 339 14.25 -52.66 -6.72
CA ALA Q 339 14.87 -51.74 -7.66
C ALA Q 339 14.49 -50.30 -7.28
N ILE Q 340 13.26 -50.10 -6.86
CA ILE Q 340 12.80 -48.81 -6.47
C ILE Q 340 13.45 -48.31 -5.19
N VAL Q 341 13.49 -49.16 -4.15
CA VAL Q 341 14.05 -48.73 -2.87
C VAL Q 341 15.53 -48.45 -3.04
N ALA Q 342 16.15 -49.15 -3.99
CA ALA Q 342 17.54 -49.01 -4.31
C ALA Q 342 17.81 -47.78 -5.18
N GLY Q 343 16.76 -47.08 -5.65
CA GLY Q 343 16.92 -45.90 -6.49
C GLY Q 343 17.28 -46.21 -7.94
N LYS Q 344 16.83 -47.33 -8.48
CA LYS Q 344 17.18 -47.72 -9.84
C LYS Q 344 16.53 -46.92 -10.94
N SER Q 345 17.31 -46.76 -12.02
CA SER Q 345 16.91 -46.06 -13.23
C SER Q 345 15.94 -46.86 -14.07
N ALA Q 346 15.35 -46.20 -15.07
CA ALA Q 346 14.45 -46.88 -15.99
C ALA Q 346 15.14 -48.04 -16.65
N THR Q 347 16.42 -47.90 -16.99
CA THR Q 347 17.12 -48.99 -17.63
C THR Q 347 17.23 -50.16 -16.67
N GLU Q 348 17.67 -49.88 -15.46
CA GLU Q 348 17.87 -50.96 -14.51
C GLU Q 348 16.56 -51.64 -14.13
N ILE Q 349 15.51 -50.85 -13.98
CA ILE Q 349 14.22 -51.41 -13.66
C ILE Q 349 13.73 -52.21 -14.84
N LYS Q 350 13.89 -51.68 -16.06
CA LYS Q 350 13.47 -52.34 -17.28
C LYS Q 350 14.17 -53.68 -17.45
N GLU Q 351 15.46 -53.74 -17.13
CA GLU Q 351 16.15 -55.01 -17.26
C GLU Q 351 15.57 -56.04 -16.29
N ILE Q 352 15.29 -55.65 -15.05
CA ILE Q 352 14.69 -56.57 -14.10
C ILE Q 352 13.29 -56.93 -14.54
N ALA Q 353 12.55 -55.92 -14.90
CA ALA Q 353 11.18 -56.04 -15.32
C ALA Q 353 11.01 -56.90 -16.53
N ARG Q 354 11.90 -56.76 -17.51
CA ARG Q 354 11.76 -57.54 -18.72
C ARG Q 354 12.20 -58.95 -18.41
N ARG Q 355 13.21 -59.10 -17.55
CA ARG Q 355 13.67 -60.42 -17.10
C ARG Q 355 12.49 -61.21 -16.52
N LYS Q 356 11.61 -60.47 -15.83
CA LYS Q 356 10.41 -60.99 -15.19
C LYS Q 356 9.17 -61.06 -16.09
N GLY Q 357 9.29 -60.76 -17.38
CA GLY Q 357 8.16 -60.84 -18.32
C GLY Q 357 7.51 -59.52 -18.76
N MET Q 358 8.11 -58.38 -18.47
CA MET Q 358 7.52 -57.10 -18.89
C MET Q 358 7.66 -56.80 -20.36
N LYS Q 359 6.86 -57.47 -21.17
CA LYS Q 359 6.87 -57.26 -22.62
C LYS Q 359 6.68 -55.78 -22.85
N THR Q 360 7.55 -55.19 -23.67
CA THR Q 360 7.54 -53.74 -23.88
C THR Q 360 6.45 -53.21 -24.78
N LEU Q 361 6.26 -51.88 -24.79
CA LEU Q 361 5.26 -51.29 -25.69
C LEU Q 361 5.62 -51.59 -27.14
N ARG Q 362 6.91 -51.53 -27.43
CA ARG Q 362 7.41 -51.80 -28.76
C ARG Q 362 6.98 -53.21 -29.17
N GLU Q 363 7.29 -54.19 -28.31
CA GLU Q 363 6.94 -55.58 -28.61
C GLU Q 363 5.44 -55.86 -28.61
N ASP Q 364 4.72 -55.27 -27.67
CA ASP Q 364 3.31 -55.56 -27.57
C ASP Q 364 2.57 -54.93 -28.69
N GLY Q 365 2.83 -53.64 -28.94
CA GLY Q 365 2.12 -52.90 -29.97
C GLY Q 365 2.36 -53.54 -31.27
N LEU Q 366 3.58 -53.99 -31.44
CA LEU Q 366 3.97 -54.69 -32.62
C LEU Q 366 3.10 -55.89 -32.77
N TYR Q 367 2.97 -56.69 -31.71
CA TYR Q 367 2.16 -57.86 -31.80
C TYR Q 367 0.72 -57.51 -32.11
N LYS Q 368 0.20 -56.45 -31.50
CA LYS Q 368 -1.18 -56.09 -31.77
C LYS Q 368 -1.34 -55.88 -33.27
N ALA Q 369 -0.40 -55.18 -33.86
CA ALA Q 369 -0.47 -54.91 -35.26
C ALA Q 369 -0.46 -56.19 -36.07
N LEU Q 370 0.36 -57.16 -35.65
CA LEU Q 370 0.50 -58.43 -36.38
C LEU Q 370 -0.81 -59.17 -36.40
N GLN Q 371 -1.59 -58.95 -35.34
CA GLN Q 371 -2.88 -59.57 -35.11
C GLN Q 371 -4.03 -58.88 -35.86
N GLY Q 372 -3.70 -57.84 -36.63
CA GLY Q 372 -4.69 -57.13 -37.41
C GLY Q 372 -5.37 -55.97 -36.70
N ILE Q 373 -4.77 -55.53 -35.59
CA ILE Q 373 -5.31 -54.43 -34.81
C ILE Q 373 -4.90 -53.07 -35.35
N THR Q 374 -3.61 -52.89 -35.58
CA THR Q 374 -3.07 -51.61 -35.98
C THR Q 374 -2.04 -51.66 -37.12
N THR Q 375 -1.35 -50.52 -37.32
CA THR Q 375 -0.35 -50.27 -38.34
C THR Q 375 0.95 -50.08 -37.57
N LEU Q 376 2.06 -50.65 -38.02
CA LEU Q 376 3.27 -50.46 -37.22
C LEU Q 376 3.75 -49.04 -37.19
N GLU Q 377 3.30 -48.22 -38.12
CA GLU Q 377 3.66 -46.81 -38.15
C GLU Q 377 3.19 -46.19 -36.84
N GLU Q 378 2.00 -46.61 -36.41
CA GLU Q 378 1.42 -46.12 -35.18
C GLU Q 378 2.14 -46.73 -34.02
N VAL Q 379 2.52 -48.00 -34.12
CA VAL Q 379 3.19 -48.60 -32.97
C VAL Q 379 4.51 -47.87 -32.71
N LEU Q 380 5.25 -47.61 -33.76
CA LEU Q 380 6.53 -46.90 -33.65
C LEU Q 380 6.33 -45.55 -32.98
N ALA Q 381 5.27 -44.84 -33.38
CA ALA Q 381 4.93 -43.54 -32.84
C ALA Q 381 4.30 -43.64 -31.44
N ARG Q 382 4.18 -44.86 -30.94
CA ARG Q 382 3.58 -45.15 -29.67
C ARG Q 382 4.52 -45.95 -28.78
N THR Q 383 5.82 -45.96 -29.10
CA THR Q 383 6.79 -46.67 -28.25
C THR Q 383 8.11 -45.91 -28.12
N ILE Q 384 9.06 -46.61 -27.52
CA ILE Q 384 10.41 -46.21 -27.22
C ILE Q 384 11.19 -47.49 -27.24
N SER R 1 36.15 20.51 34.19
CA SER R 1 35.08 20.04 35.07
C SER R 1 35.26 18.56 35.16
N ALA R 2 34.59 17.86 36.05
CA ALA R 2 34.83 16.41 36.04
C ALA R 2 34.53 15.78 34.67
N ALA R 3 33.45 16.21 34.01
CA ALA R 3 33.11 15.64 32.71
C ALA R 3 34.14 16.05 31.65
N GLN R 4 34.55 17.34 31.66
CA GLN R 4 35.51 17.83 30.68
C GLN R 4 36.88 17.24 30.90
N LYS R 5 37.28 17.08 32.16
CA LYS R 5 38.61 16.55 32.44
C LYS R 5 38.70 15.13 31.96
N PHE R 6 37.69 14.30 32.22
CA PHE R 6 37.82 12.94 31.72
C PHE R 6 37.95 12.92 30.22
N VAL R 7 37.02 13.58 29.53
CA VAL R 7 37.06 13.49 28.10
C VAL R 7 38.29 14.16 27.50
N LYS R 8 38.59 15.37 27.93
CA LYS R 8 39.70 16.04 27.34
C LYS R 8 41.02 15.36 27.63
N GLN R 9 41.20 14.88 28.87
CA GLN R 9 42.47 14.30 29.22
C GLN R 9 42.60 12.88 28.66
N VAL R 10 41.49 12.10 28.58
CA VAL R 10 41.63 10.76 28.01
C VAL R 10 41.93 10.87 26.54
N ILE R 11 41.37 11.86 25.90
CA ILE R 11 41.61 12.04 24.50
C ILE R 11 43.03 12.49 24.28
N ARG R 12 43.48 13.46 25.07
CA ARG R 12 44.83 13.94 24.92
C ARG R 12 45.79 12.74 25.04
N GLU R 13 45.61 11.91 26.07
CA GLU R 13 46.40 10.70 26.27
C GLU R 13 46.18 9.65 25.20
N ALA R 14 44.97 9.55 24.67
CA ALA R 14 44.71 8.56 23.66
C ALA R 14 45.61 8.76 22.48
N PHE R 15 45.82 10.00 22.12
CA PHE R 15 46.68 10.24 21.01
C PHE R 15 48.15 10.05 21.42
N LEU R 16 48.53 10.51 22.60
CA LEU R 16 49.92 10.43 23.06
C LEU R 16 50.43 9.00 23.21
N GLN R 17 49.53 8.09 23.59
CA GLN R 17 49.88 6.70 23.79
C GLN R 17 49.80 5.88 22.48
N ASP R 18 49.39 6.52 21.39
CA ASP R 18 49.14 5.93 20.06
C ASP R 18 47.94 4.98 20.03
N ALA R 19 46.81 5.45 20.54
CA ALA R 19 45.59 4.71 20.43
C ALA R 19 45.02 4.92 19.06
N SER R 20 44.25 3.98 18.56
CA SER R 20 43.49 4.29 17.36
C SER R 20 42.09 4.79 17.75
N ASP R 21 41.65 4.39 18.94
CA ASP R 21 40.30 4.66 19.44
C ASP R 21 40.23 4.79 20.97
N ILE R 22 39.30 5.60 21.47
CA ILE R 22 39.05 5.72 22.93
C ILE R 22 37.77 5.05 23.32
N HIS R 23 37.83 4.15 24.28
CA HIS R 23 36.66 3.43 24.69
C HIS R 23 36.22 3.65 26.11
N ILE R 24 34.93 3.81 26.27
CA ILE R 24 34.31 3.86 27.57
C ILE R 24 33.39 2.68 27.56
N GLU R 25 33.78 1.63 28.26
CA GLU R 25 33.12 0.33 28.16
C GLU R 25 32.33 0.01 29.42
N PRO R 26 31.02 0.19 29.41
CA PRO R 26 30.16 0.12 30.53
C PRO R 26 30.30 -1.15 31.31
N ARG R 27 30.28 -1.02 32.62
CA ARG R 27 30.35 -2.12 33.56
C ARG R 27 29.50 -1.67 34.75
N GLN R 28 29.02 -2.58 35.61
CA GLN R 28 28.27 -2.07 36.78
C GLN R 28 29.22 -1.58 37.88
N ASN R 29 29.78 -0.38 37.69
CA ASN R 29 30.73 0.23 38.64
C ASN R 29 32.02 -0.59 38.93
N ASP R 30 32.89 -0.72 37.90
CA ASP R 30 33.36 0.46 37.12
C ASP R 30 33.66 0.15 35.69
N VAL R 31 33.27 1.10 34.87
CA VAL R 31 33.36 1.12 33.42
C VAL R 31 34.77 1.05 33.04
N GLN R 32 35.12 0.16 32.17
CA GLN R 32 36.51 0.07 31.89
C GLN R 32 36.83 1.17 30.87
N VAL R 33 37.91 1.91 31.06
CA VAL R 33 38.28 2.91 30.07
C VAL R 33 39.56 2.52 29.41
N ARG R 34 39.46 2.36 28.12
CA ARG R 34 40.61 1.86 27.43
C ARG R 34 40.96 2.56 26.16
N LEU R 35 42.23 2.51 25.88
CA LEU R 35 42.75 3.08 24.67
C LEU R 35 43.15 1.99 23.71
N ARG R 36 42.83 2.12 22.42
CA ARG R 36 43.18 1.04 21.50
C ARG R 36 44.63 1.16 21.06
N ILE R 37 45.51 0.86 22.02
CA ILE R 37 46.94 1.06 21.90
C ILE R 37 47.55 -0.05 21.10
N ASP R 38 48.27 0.34 20.08
CA ASP R 38 48.92 -0.59 19.15
C ASP R 38 47.91 -1.50 18.45
N GLY R 39 46.66 -1.08 18.38
CA GLY R 39 45.65 -1.91 17.74
C GLY R 39 44.77 -2.72 18.70
N ALA R 40 44.93 -2.57 20.03
CA ALA R 40 44.04 -3.30 20.97
C ALA R 40 43.77 -2.46 22.23
N LEU R 41 42.59 -2.61 22.84
CA LEU R 41 42.29 -1.76 24.03
C LEU R 41 43.07 -2.02 25.28
N ARG R 42 43.56 -0.97 25.97
CA ARG R 42 44.28 -1.20 27.22
C ARG R 42 43.85 -0.28 28.39
N PRO R 43 43.88 -0.79 29.65
CA PRO R 43 43.55 -0.11 30.91
C PRO R 43 44.04 1.32 31.11
N TYR R 44 43.44 2.29 30.45
CA TYR R 44 43.77 3.69 30.72
C TYR R 44 43.32 4.09 32.12
N SER R 45 42.06 3.79 32.40
CA SER R 45 41.37 4.13 33.64
C SER R 45 40.11 3.31 33.77
N THR R 46 39.31 3.69 34.74
CA THR R 46 37.99 3.16 34.87
C THR R 46 37.12 4.39 35.01
N LEU R 47 35.81 4.21 34.92
CA LEU R 47 34.84 5.28 35.01
C LEU R 47 33.56 4.77 35.78
N PRO R 48 32.91 5.54 36.65
CA PRO R 48 31.70 5.10 37.36
C PRO R 48 30.50 5.06 36.43
N LYS R 49 29.44 4.27 36.73
CA LYS R 49 28.30 4.34 35.81
C LYS R 49 27.64 5.73 35.87
N GLY R 50 27.89 6.47 36.96
CA GLY R 50 27.40 7.85 37.06
C GLY R 50 28.06 8.68 35.95
N ALA R 51 29.31 8.33 35.63
CA ALA R 51 30.05 8.98 34.59
C ALA R 51 29.68 8.34 33.27
N LEU R 52 29.17 7.11 33.26
CA LEU R 52 28.74 6.70 31.93
C LEU R 52 27.68 7.68 31.56
N ASN R 53 26.78 7.95 32.46
CA ASN R 53 25.77 8.90 32.07
C ASN R 53 26.40 10.27 31.73
N ALA R 54 27.28 10.83 32.59
CA ALA R 54 27.86 12.14 32.26
C ALA R 54 28.78 12.16 31.03
N VAL R 55 29.71 11.23 30.97
CA VAL R 55 30.72 11.12 29.94
C VAL R 55 30.22 10.49 28.66
N ILE R 56 29.43 9.42 28.76
CA ILE R 56 28.87 8.83 27.54
C ILE R 56 28.04 9.94 26.94
N SER R 57 27.30 10.69 27.80
CA SER R 57 26.56 11.82 27.27
C SER R 57 27.52 12.79 26.63
N VAL R 58 28.68 13.07 27.22
CA VAL R 58 29.58 13.99 26.53
C VAL R 58 29.94 13.43 25.15
N VAL R 59 30.21 12.13 25.05
CA VAL R 59 30.54 11.57 23.74
C VAL R 59 29.38 11.78 22.78
N LYS R 60 28.17 11.54 23.25
CA LYS R 60 26.98 11.72 22.46
C LYS R 60 26.70 13.18 22.11
N ILE R 61 26.97 14.08 23.04
CA ILE R 61 26.75 15.49 22.83
C ILE R 61 27.69 15.97 21.75
N MET R 62 28.94 15.55 21.86
CA MET R 62 29.93 15.87 20.86
C MET R 62 29.53 15.28 19.51
N GLY R 63 29.25 13.98 19.48
CA GLY R 63 28.93 13.27 18.25
C GLY R 63 27.68 13.75 17.52
N GLY R 64 26.69 14.20 18.29
CA GLY R 64 25.39 14.60 17.77
C GLY R 64 24.43 13.42 17.87
N LEU R 65 24.60 12.62 18.93
CA LEU R 65 23.85 11.41 19.17
C LEU R 65 22.68 11.73 20.14
N ASN R 66 21.71 10.82 20.26
CA ASN R 66 20.51 10.96 21.11
C ASN R 66 20.76 10.66 22.60
N ILE R 67 20.86 11.70 23.45
CA ILE R 67 21.24 11.43 24.83
C ILE R 67 20.07 11.14 25.74
N ALA R 68 19.59 9.91 25.61
CA ALA R 68 18.49 9.37 26.40
C ALA R 68 18.16 7.97 25.96
N GLU R 69 18.39 7.70 24.69
CA GLU R 69 17.83 6.48 24.17
C GLU R 69 18.60 5.21 24.31
N LYS R 70 18.30 4.56 25.43
CA LYS R 70 18.87 3.28 25.79
C LYS R 70 18.23 2.14 24.97
N ARG R 71 17.42 2.50 23.99
CA ARG R 71 16.83 1.51 23.15
C ARG R 71 17.16 1.67 21.66
N LEU R 72 18.22 2.44 21.30
CA LEU R 72 18.64 2.49 19.89
C LEU R 72 20.18 2.71 19.71
N PRO R 73 20.82 2.19 18.63
CA PRO R 73 22.24 2.35 18.25
C PRO R 73 22.58 3.74 17.68
N GLN R 74 23.84 4.25 17.87
CA GLN R 74 24.17 5.60 17.34
C GLN R 74 25.60 5.80 16.73
N ASP R 75 25.78 6.89 15.92
CA ASP R 75 27.07 7.27 15.26
C ASP R 75 27.12 8.79 14.87
N GLY R 76 28.33 9.42 14.94
CA GLY R 76 28.54 10.87 14.62
C GLY R 76 30.04 11.36 14.57
N ARG R 77 30.28 12.69 14.63
CA ARG R 77 31.66 13.24 14.43
C ARG R 77 31.98 14.68 14.97
N VAL R 78 33.15 14.87 15.64
CA VAL R 78 33.61 16.24 16.06
C VAL R 78 35.09 16.51 15.82
N ARG R 79 35.49 17.77 16.05
CA ARG R 79 36.90 18.19 16.11
C ARG R 79 37.35 18.32 17.57
N TYR R 80 38.50 17.71 17.97
CA TYR R 80 38.96 17.81 19.37
C TYR R 80 40.32 18.47 19.61
N ARG R 81 40.37 19.34 20.64
CA ARG R 81 41.63 20.01 20.98
C ARG R 81 41.89 20.21 22.50
N GLU R 82 43.12 19.87 22.93
CA GLU R 82 43.68 20.14 24.28
C GLU R 82 45.14 19.71 24.36
N GLY R 83 45.94 20.45 25.11
CA GLY R 83 47.32 20.09 25.33
C GLY R 83 48.04 19.97 24.00
N ALA R 84 48.63 18.81 23.79
CA ALA R 84 49.39 18.51 22.57
C ALA R 84 48.53 18.13 21.38
N ILE R 85 47.22 17.99 21.58
CA ILE R 85 46.30 17.48 20.57
C ILE R 85 45.35 18.45 19.90
N ASP R 86 45.26 18.30 18.58
CA ASP R 86 44.31 18.98 17.69
C ASP R 86 43.99 18.05 16.54
N VAL R 87 43.18 17.04 16.85
CA VAL R 87 42.85 15.93 15.95
C VAL R 87 41.35 15.59 16.06
N ASP R 88 40.69 15.30 14.96
CA ASP R 88 39.26 14.98 14.99
C ASP R 88 38.90 13.66 15.70
N LEU R 89 37.61 13.51 16.07
CA LEU R 89 37.10 12.25 16.65
C LEU R 89 35.83 11.68 15.99
N ARG R 90 35.75 10.35 15.89
CA ARG R 90 34.49 9.68 15.44
C ARG R 90 33.75 9.30 16.67
N LEU R 91 32.47 9.60 16.76
CA LEU R 91 31.81 9.25 18.00
C LEU R 91 30.65 8.31 17.80
N SER R 92 30.53 7.34 18.69
CA SER R 92 29.44 6.39 18.55
C SER R 92 29.02 5.82 19.87
N THR R 93 27.77 5.36 19.91
CA THR R 93 27.27 4.68 21.11
C THR R 93 26.34 3.48 20.86
N LEU R 94 26.16 2.68 21.90
CA LEU R 94 25.20 1.57 21.82
C LEU R 94 24.65 1.21 23.21
N PRO R 95 23.32 1.30 23.45
CA PRO R 95 22.68 1.05 24.72
C PRO R 95 23.04 -0.19 25.37
N THR R 96 23.37 -0.05 26.61
CA THR R 96 23.89 -1.11 27.39
C THR R 96 23.26 -1.18 28.77
N VAL R 97 23.09 -2.39 29.26
CA VAL R 97 22.48 -2.69 30.58
C VAL R 97 23.20 -2.02 31.74
N TYR R 98 24.45 -1.69 31.51
CA TYR R 98 25.34 -1.07 32.45
C TYR R 98 25.32 0.45 32.31
N GLY R 99 24.62 0.92 31.31
CA GLY R 99 24.62 2.30 30.87
C GLY R 99 25.26 2.23 29.50
N GLU R 100 24.81 3.05 28.58
CA GLU R 100 25.24 3.06 27.18
C GLU R 100 26.75 3.16 26.93
N LYS R 101 27.27 2.37 25.97
CA LYS R 101 28.70 2.39 25.59
C LYS R 101 29.07 3.53 24.71
N ALA R 102 30.31 4.04 24.82
CA ALA R 102 30.79 5.03 23.87
C ALA R 102 32.21 4.86 23.40
N VAL R 103 32.41 5.27 22.15
CA VAL R 103 33.72 5.28 21.52
C VAL R 103 34.04 6.61 20.86
N MET R 104 35.27 7.08 21.02
CA MET R 104 35.78 8.28 20.34
C MET R 104 37.02 7.91 19.48
N ARG R 105 36.83 7.69 18.17
CA ARG R 105 37.93 7.24 17.28
C ARG R 105 38.92 8.32 17.03
N LEU R 106 40.18 8.00 17.07
CA LEU R 106 41.16 9.04 16.83
C LEU R 106 41.34 9.28 15.36
N LEU R 107 40.66 10.32 14.88
CA LEU R 107 40.63 10.62 13.46
C LEU R 107 41.86 11.41 13.07
N LYS R 108 42.95 10.66 12.92
CA LYS R 108 44.28 11.14 12.63
C LYS R 108 44.23 12.10 11.45
N LYS R 109 44.92 13.22 11.58
CA LYS R 109 44.94 14.22 10.51
C LYS R 109 45.98 13.92 9.48
N ALA R 110 45.94 14.63 8.36
CA ALA R 110 46.93 14.38 7.35
C ALA R 110 48.34 14.58 7.90
N SER R 111 48.48 15.49 8.84
CA SER R 111 49.76 15.79 9.46
C SER R 111 50.31 14.60 10.27
N ASP R 112 49.46 13.60 10.54
CA ASP R 112 49.84 12.41 11.28
C ASP R 112 50.31 11.27 10.33
N ILE R 113 50.16 11.48 9.02
CA ILE R 113 50.49 10.48 8.00
C ILE R 113 52.00 10.38 7.70
N PRO R 114 52.62 9.19 7.71
CA PRO R 114 54.02 8.92 7.41
C PRO R 114 54.35 9.04 5.94
N GLU R 115 55.63 8.94 5.60
CA GLU R 115 56.07 8.99 4.20
C GLU R 115 56.21 7.62 3.58
N ILE R 116 56.40 7.59 2.29
CA ILE R 116 56.59 6.33 1.59
C ILE R 116 57.92 5.66 1.99
N GLU R 117 58.85 6.47 2.46
CA GLU R 117 60.17 6.03 2.90
C GLU R 117 60.12 5.43 4.29
N ASP R 118 58.96 5.54 4.95
CA ASP R 118 58.78 5.04 6.30
C ASP R 118 58.13 3.68 6.27
N LEU R 119 58.03 3.10 5.08
CA LEU R 119 57.40 1.80 4.93
C LEU R 119 58.35 0.62 5.05
N GLY R 120 59.56 0.85 5.57
CA GLY R 120 60.45 -0.24 5.94
C GLY R 120 61.10 -1.05 4.83
N PHE R 121 61.37 -0.46 3.68
CA PHE R 121 61.94 -1.26 2.62
C PHE R 121 63.47 -1.18 2.57
N ALA R 122 64.11 -2.34 2.36
CA ALA R 122 65.56 -2.42 2.22
C ALA R 122 65.95 -1.75 0.90
N PRO R 123 67.15 -1.19 0.74
CA PRO R 123 67.57 -0.45 -0.45
C PRO R 123 67.07 -0.97 -1.82
N GLY R 124 67.26 -2.26 -2.10
CA GLY R 124 66.83 -2.78 -3.41
C GLY R 124 65.32 -2.65 -3.59
N VAL R 125 64.60 -3.33 -2.71
CA VAL R 125 63.15 -3.30 -2.70
C VAL R 125 62.55 -1.90 -2.51
N PHE R 126 63.24 -1.02 -1.78
CA PHE R 126 62.75 0.34 -1.63
C PHE R 126 62.79 1.08 -2.91
N GLU R 127 63.93 1.01 -3.61
CA GLU R 127 63.99 1.74 -4.85
C GLU R 127 62.83 1.30 -5.71
N ARG R 128 62.53 -0.01 -5.73
CA ARG R 128 61.41 -0.48 -6.52
C ARG R 128 60.09 0.02 -5.94
N PHE R 129 59.97 0.06 -4.62
CA PHE R 129 58.74 0.52 -3.99
C PHE R 129 58.43 1.93 -4.44
N LYS R 130 59.43 2.79 -4.33
CA LYS R 130 59.32 4.17 -4.73
C LYS R 130 58.91 4.25 -6.19
N GLU R 131 59.60 3.49 -7.05
CA GLU R 131 59.29 3.51 -8.48
C GLU R 131 57.85 3.11 -8.72
N VAL R 132 57.36 2.15 -7.95
CA VAL R 132 55.99 1.73 -8.09
C VAL R 132 54.98 2.76 -7.67
N ILE R 133 55.06 3.25 -6.45
CA ILE R 133 54.02 4.17 -6.02
C ILE R 133 54.11 5.52 -6.68
N SER R 134 55.26 5.85 -7.27
CA SER R 134 55.45 7.10 -7.96
C SER R 134 54.73 7.14 -9.31
N LYS R 135 54.19 6.00 -9.75
CA LYS R 135 53.51 5.92 -11.04
C LYS R 135 52.26 6.80 -11.07
N PRO R 136 51.88 7.36 -12.25
CA PRO R 136 50.70 8.18 -12.46
C PRO R 136 49.37 7.44 -12.39
N TYR R 137 49.36 6.11 -12.49
CA TYR R 137 48.10 5.40 -12.40
C TYR R 137 48.35 3.99 -11.90
N GLY R 138 47.28 3.28 -11.57
CA GLY R 138 47.40 1.88 -11.21
C GLY R 138 47.20 1.73 -9.74
N ILE R 139 47.09 0.50 -9.26
CA ILE R 139 46.83 0.33 -7.86
C ILE R 139 47.98 -0.15 -7.05
N PHE R 140 48.14 0.51 -5.92
CA PHE R 140 49.09 0.08 -4.94
C PHE R 140 48.23 -0.44 -3.81
N LEU R 141 48.27 -1.74 -3.67
CA LEU R 141 47.41 -2.44 -2.78
C LEU R 141 48.04 -2.61 -1.42
N ILE R 142 47.36 -2.09 -0.41
CA ILE R 142 47.84 -2.09 0.95
C ILE R 142 46.97 -3.00 1.75
N THR R 143 47.59 -4.02 2.27
CA THR R 143 46.82 -5.03 2.91
C THR R 143 47.29 -5.47 4.27
N GLY R 144 46.43 -6.25 4.92
CA GLY R 144 46.73 -6.83 6.25
C GLY R 144 45.49 -6.98 7.17
N PRO R 145 45.61 -7.76 8.28
CA PRO R 145 44.60 -7.99 9.32
C PRO R 145 44.13 -6.73 10.04
N THR R 146 42.97 -6.78 10.65
CA THR R 146 42.60 -5.63 11.45
C THR R 146 43.66 -5.53 12.53
N GLY R 147 44.23 -4.34 12.67
CA GLY R 147 45.39 -4.18 13.53
C GLY R 147 46.65 -4.36 12.67
N SER R 148 46.66 -3.70 11.49
CA SER R 148 47.80 -3.66 10.57
C SER R 148 48.41 -2.27 10.29
N GLY R 149 47.75 -1.19 10.74
CA GLY R 149 48.27 0.16 10.49
C GLY R 149 48.09 0.60 9.03
N LYS R 150 47.15 -0.05 8.35
CA LYS R 150 46.91 0.21 6.94
C LYS R 150 46.56 1.64 6.65
N SER R 151 45.90 2.36 7.56
CA SER R 151 45.54 3.73 7.20
C SER R 151 46.77 4.60 7.11
N PHE R 152 47.86 4.23 7.77
CA PHE R 152 49.03 5.04 7.60
C PHE R 152 49.66 4.82 6.27
N THR R 153 49.81 3.56 5.90
CA THR R 153 50.45 3.27 4.62
C THR R 153 49.57 3.80 3.49
N THR R 154 48.28 3.56 3.61
CA THR R 154 47.29 3.97 2.63
C THR R 154 47.37 5.45 2.46
N PHE R 155 47.36 6.17 3.56
CA PHE R 155 47.45 7.57 3.42
C PHE R 155 48.87 8.10 3.20
N SER R 156 49.93 7.30 3.44
CA SER R 156 51.29 7.80 3.17
C SER R 156 51.46 7.97 1.68
N ILE R 157 50.79 7.12 0.92
CA ILE R 157 50.88 7.24 -0.51
C ILE R 157 49.88 8.29 -0.94
N LEU R 158 48.67 8.29 -0.36
CA LEU R 158 47.72 9.34 -0.75
C LEU R 158 48.43 10.65 -0.57
N LYS R 159 49.07 10.82 0.59
CA LYS R 159 49.77 12.03 0.94
C LYS R 159 50.82 12.37 -0.09
N ARG R 160 51.59 11.35 -0.54
CA ARG R 160 52.59 11.58 -1.57
C ARG R 160 51.96 12.33 -2.74
N ILE R 161 50.79 11.86 -3.14
CA ILE R 161 50.07 12.44 -4.25
C ILE R 161 48.98 13.47 -3.86
N ALA R 162 48.69 13.62 -2.56
CA ALA R 162 47.59 14.46 -2.07
C ALA R 162 47.83 15.92 -2.04
N THR R 163 48.02 16.48 -3.20
CA THR R 163 48.12 17.91 -3.27
C THR R 163 46.77 18.36 -3.73
N PRO R 164 46.24 19.46 -3.20
CA PRO R 164 45.03 20.09 -3.66
C PRO R 164 45.08 20.45 -5.13
N ASP R 165 46.30 20.58 -5.69
CA ASP R 165 46.44 20.93 -7.10
C ASP R 165 45.83 19.86 -7.99
N LYS R 166 45.91 18.62 -7.53
CA LYS R 166 45.45 17.46 -8.27
C LYS R 166 44.21 16.96 -7.61
N ASN R 167 43.38 16.26 -8.34
CA ASN R 167 42.20 15.81 -7.69
C ASN R 167 42.39 14.55 -6.97
N THR R 168 42.76 14.73 -5.75
CA THR R 168 43.01 13.64 -4.87
C THR R 168 41.71 13.34 -4.19
N GLN R 169 41.28 12.11 -4.21
CA GLN R 169 40.02 11.77 -3.58
C GLN R 169 40.07 10.47 -2.78
N THR R 170 39.58 10.56 -1.55
CA THR R 170 39.58 9.44 -0.63
C THR R 170 38.27 9.29 0.13
N ILE R 171 37.92 8.03 0.45
CA ILE R 171 36.73 7.74 1.25
C ILE R 171 37.10 7.54 2.69
N GLU R 172 36.43 8.27 3.55
CA GLU R 172 36.67 8.19 4.95
C GLU R 172 35.32 7.98 5.68
N ASP R 173 35.41 7.54 6.93
CA ASP R 173 34.22 7.21 7.71
C ASP R 173 34.40 7.49 9.19
N PRO R 174 34.27 8.74 9.63
CA PRO R 174 34.10 10.00 8.95
C PRO R 174 35.46 10.53 8.55
N VAL R 175 35.49 11.70 7.96
CA VAL R 175 36.77 12.29 7.55
C VAL R 175 37.76 12.56 8.63
N GLU R 176 39.01 12.15 8.35
CA GLU R 176 40.10 12.33 9.26
C GLU R 176 41.37 12.94 8.65
N TYR R 177 41.80 12.48 7.48
CA TYR R 177 43.12 12.88 6.99
C TYR R 177 43.15 14.15 6.13
N GLU R 178 42.83 15.28 6.74
CA GLU R 178 42.77 16.58 6.04
C GLU R 178 43.92 17.52 6.43
N ILE R 179 44.82 17.82 5.47
CA ILE R 179 44.66 18.24 4.06
C ILE R 179 43.29 18.47 3.45
N PRO R 180 42.75 19.67 3.52
CA PRO R 180 41.63 20.13 2.76
C PRO R 180 42.09 20.31 1.34
N GLY R 181 41.20 20.31 0.36
CA GLY R 181 41.67 20.55 -1.00
C GLY R 181 41.75 19.29 -1.76
N ILE R 182 41.56 18.21 -1.06
CA ILE R 182 41.49 16.92 -1.67
C ILE R 182 40.11 16.49 -1.26
N ASN R 183 39.47 15.69 -2.05
CA ASN R 183 38.15 15.25 -1.68
C ASN R 183 38.21 14.28 -0.55
N GLN R 184 37.42 14.55 0.45
CA GLN R 184 37.37 13.68 1.60
C GLN R 184 35.95 13.24 1.84
N THR R 185 35.57 12.22 1.09
CA THR R 185 34.20 11.74 1.07
C THR R 185 33.80 11.11 2.35
N GLN R 186 32.64 11.48 2.82
CA GLN R 186 32.19 10.97 4.09
C GLN R 186 30.97 10.12 3.87
N VAL R 187 31.14 8.84 4.16
CA VAL R 187 30.04 7.93 3.88
C VAL R 187 28.80 8.21 4.70
N ASN R 188 27.68 7.84 4.12
CA ASN R 188 26.34 8.02 4.63
C ASN R 188 25.43 6.93 4.08
N PRO R 189 25.64 5.65 4.49
CA PRO R 189 24.96 4.46 4.02
C PRO R 189 23.48 4.52 4.31
N GLN R 190 23.09 5.35 5.27
CA GLN R 190 21.68 5.54 5.60
C GLN R 190 20.99 6.20 4.42
N ALA R 191 21.72 7.08 3.73
CA ALA R 191 21.23 7.77 2.57
C ALA R 191 21.35 6.88 1.36
N GLY R 192 22.36 6.01 1.44
CA GLY R 192 22.71 5.05 0.40
C GLY R 192 24.19 5.12 0.10
N LEU R 193 24.86 6.07 0.74
CA LEU R 193 26.28 6.21 0.53
C LEU R 193 27.16 5.30 1.34
N THR R 194 27.29 4.09 0.84
CA THR R 194 28.14 3.08 1.45
C THR R 194 29.51 3.35 0.90
N PHE R 195 30.52 2.58 1.28
CA PHE R 195 31.81 2.86 0.68
C PHE R 195 31.78 2.49 -0.80
N ALA R 196 30.89 1.58 -1.17
CA ALA R 196 30.85 1.18 -2.56
C ALA R 196 30.14 2.24 -3.33
N ARG R 197 29.06 2.76 -2.75
CA ARG R 197 28.34 3.84 -3.40
C ARG R 197 29.29 5.01 -3.56
N ALA R 198 30.12 5.23 -2.53
CA ALA R 198 31.10 6.29 -2.57
C ALA R 198 32.07 6.04 -3.68
N LEU R 199 32.59 4.83 -3.81
CA LEU R 199 33.53 4.66 -4.90
C LEU R 199 32.87 4.65 -6.24
N ARG R 200 31.64 4.22 -6.26
CA ARG R 200 30.89 4.21 -7.47
C ARG R 200 30.90 5.63 -7.93
N ALA R 201 30.65 6.53 -6.99
CA ALA R 201 30.75 7.93 -7.25
C ALA R 201 32.17 8.32 -7.58
N PHE R 202 33.19 7.76 -6.92
CA PHE R 202 34.55 8.17 -7.26
C PHE R 202 34.83 7.94 -8.72
N LEU R 203 34.34 6.84 -9.27
CA LEU R 203 34.58 6.64 -10.68
C LEU R 203 33.85 7.74 -11.44
N ARG R 204 32.62 8.02 -11.01
CA ARG R 204 31.77 9.02 -11.67
C ARG R 204 32.22 10.45 -11.33
N GLN R 205 33.01 10.57 -10.28
CA GLN R 205 33.59 11.79 -9.76
C GLN R 205 34.97 12.04 -10.28
N ASP R 206 35.37 11.28 -11.32
CA ASP R 206 36.66 11.33 -12.02
C ASP R 206 37.90 11.99 -11.41
N PRO R 207 38.28 11.74 -10.17
CA PRO R 207 39.43 12.34 -9.57
C PRO R 207 40.66 11.75 -10.20
N ASP R 208 41.83 12.27 -9.90
CA ASP R 208 43.04 11.69 -10.46
C ASP R 208 43.40 10.50 -9.57
N ILE R 209 43.14 10.64 -8.27
CA ILE R 209 43.50 9.58 -7.32
C ILE R 209 42.28 9.06 -6.55
N ILE R 210 42.08 7.75 -6.59
CA ILE R 210 41.02 7.06 -5.85
C ILE R 210 41.53 6.25 -4.68
N MET R 211 41.07 6.62 -3.50
CA MET R 211 41.44 5.95 -2.28
C MET R 211 40.34 5.48 -1.38
N VAL R 212 40.55 4.29 -0.83
CA VAL R 212 39.63 3.81 0.17
C VAL R 212 40.33 3.64 1.51
N GLY R 213 39.92 4.43 2.50
CA GLY R 213 40.55 4.33 3.80
C GLY R 213 40.30 2.99 4.48
N GLU R 214 39.09 2.44 4.31
CA GLU R 214 38.67 1.17 4.92
C GLU R 214 37.67 0.33 4.07
N ILE R 215 38.12 -0.73 3.41
CA ILE R 215 37.17 -1.53 2.63
C ILE R 215 36.34 -2.46 3.50
N ARG R 216 35.29 -1.91 4.08
CA ARG R 216 34.39 -2.70 4.90
C ARG R 216 33.37 -3.39 3.99
N ASP R 217 33.18 -2.80 2.83
CA ASP R 217 32.23 -3.24 1.82
C ASP R 217 33.06 -3.91 0.70
N SER R 218 32.87 -5.20 0.44
CA SER R 218 33.72 -5.87 -0.57
C SER R 218 33.61 -5.22 -1.97
N GLU R 219 32.47 -4.59 -2.25
CA GLU R 219 32.24 -3.89 -3.50
C GLU R 219 33.14 -2.67 -3.60
N THR R 220 33.52 -2.13 -2.46
CA THR R 220 34.41 -0.99 -2.41
C THR R 220 35.74 -1.43 -2.97
N ALA R 221 36.18 -2.64 -2.58
CA ALA R 221 37.44 -3.14 -3.14
C ALA R 221 37.32 -3.23 -4.64
N LYS R 222 36.17 -3.75 -5.10
CA LYS R 222 35.94 -3.91 -6.52
C LYS R 222 36.08 -2.60 -7.24
N ILE R 223 35.41 -1.58 -6.73
CA ILE R 223 35.36 -0.32 -7.41
C ILE R 223 36.68 0.45 -7.29
N ALA R 224 37.29 0.42 -6.12
CA ALA R 224 38.52 1.16 -5.96
C ALA R 224 39.53 0.63 -6.90
N THR R 225 39.64 -0.68 -6.98
CA THR R 225 40.63 -1.16 -7.87
C THR R 225 40.13 -0.94 -9.26
N GLU R 226 38.81 -1.05 -9.50
CA GLU R 226 38.26 -0.78 -10.82
C GLU R 226 38.78 0.57 -11.27
N ALA R 227 38.84 1.53 -10.37
CA ALA R 227 39.38 2.79 -10.77
C ALA R 227 40.77 2.62 -11.34
N ALA R 228 41.61 1.78 -10.74
CA ALA R 228 42.93 1.50 -11.26
C ALA R 228 42.85 0.77 -12.58
N LEU R 229 41.87 -0.13 -12.68
CA LEU R 229 41.71 -0.98 -13.84
C LEU R 229 41.36 -0.07 -15.03
N THR R 230 40.68 1.04 -14.74
CA THR R 230 40.28 1.99 -15.74
C THR R 230 41.33 3.08 -15.98
N GLY R 231 42.44 3.13 -15.22
CA GLY R 231 43.45 4.18 -15.42
C GLY R 231 43.60 5.29 -14.36
N HIS R 232 42.96 5.18 -13.19
CA HIS R 232 43.14 6.18 -12.12
C HIS R 232 44.27 5.70 -11.21
N LEU R 233 44.83 6.59 -10.38
CA LEU R 233 45.81 6.13 -9.40
C LEU R 233 45.05 5.66 -8.21
N VAL R 234 45.29 4.43 -7.76
CA VAL R 234 44.53 3.92 -6.65
C VAL R 234 45.35 3.41 -5.51
N ILE R 235 44.98 3.82 -4.32
CA ILE R 235 45.62 3.33 -3.15
C ILE R 235 44.51 2.78 -2.24
N ALA R 236 44.59 1.55 -1.78
CA ALA R 236 43.44 1.10 -0.96
C ALA R 236 43.76 0.02 0.07
N THR R 237 42.93 0.03 1.15
CA THR R 237 42.98 -0.83 2.36
C THR R 237 42.15 -2.18 2.32
N LEU R 238 42.86 -3.34 2.20
CA LEU R 238 42.29 -4.73 2.00
C LEU R 238 42.92 -5.89 2.88
N HIS R 239 42.14 -6.85 3.42
CA HIS R 239 42.78 -7.93 4.24
C HIS R 239 43.71 -8.91 3.48
N THR R 240 44.92 -9.18 4.03
CA THR R 240 45.84 -10.19 3.47
C THR R 240 46.96 -10.70 4.42
N ASN R 241 47.18 -12.04 4.52
CA ASN R 241 48.28 -12.59 5.36
C ASN R 241 49.56 -12.94 4.58
N ASP R 242 49.50 -12.67 3.30
CA ASP R 242 50.49 -12.94 2.27
C ASP R 242 50.31 -12.01 1.04
N ALA R 243 51.26 -11.16 0.72
CA ALA R 243 51.10 -10.20 -0.39
C ALA R 243 50.68 -10.91 -1.69
N ALA R 244 51.13 -12.14 -1.90
CA ALA R 244 50.71 -12.82 -3.10
C ALA R 244 49.23 -13.09 -2.99
N GLN R 245 48.83 -13.44 -1.76
CA GLN R 245 47.44 -13.69 -1.45
C GLN R 245 46.64 -12.45 -1.73
N ALA R 246 47.21 -11.26 -1.45
CA ALA R 246 46.52 -9.99 -1.70
C ALA R 246 46.16 -9.84 -3.16
N ILE R 247 47.06 -10.29 -4.03
CA ILE R 247 46.78 -10.21 -5.43
C ILE R 247 45.62 -11.10 -5.76
N THR R 248 45.67 -12.31 -5.23
CA THR R 248 44.58 -13.25 -5.43
C THR R 248 43.31 -12.62 -4.82
N ARG R 249 43.44 -11.95 -3.67
CA ARG R 249 42.30 -11.30 -3.03
C ARG R 249 41.70 -10.25 -3.93
N LEU R 250 42.51 -9.54 -4.72
CA LEU R 250 41.88 -8.58 -5.63
C LEU R 250 40.98 -9.35 -6.57
N ASP R 251 41.46 -10.49 -7.06
CA ASP R 251 40.66 -11.26 -7.99
C ASP R 251 39.35 -11.69 -7.28
N GLU R 252 39.48 -12.12 -6.01
CA GLU R 252 38.35 -12.58 -5.18
C GLU R 252 37.34 -11.46 -4.84
N MET R 253 37.81 -10.21 -4.79
CA MET R 253 36.97 -9.04 -4.50
C MET R 253 36.20 -8.52 -5.70
N GLY R 254 36.35 -9.16 -6.86
CA GLY R 254 35.63 -8.71 -8.04
C GLY R 254 36.45 -7.77 -8.90
N VAL R 255 37.74 -7.68 -8.61
CA VAL R 255 38.59 -6.82 -9.38
C VAL R 255 39.09 -7.65 -10.55
N GLU R 256 38.78 -7.24 -11.76
CA GLU R 256 39.10 -8.08 -12.90
C GLU R 256 40.60 -8.46 -13.03
N PRO R 257 40.98 -9.77 -12.87
CA PRO R 257 42.32 -10.33 -12.99
C PRO R 257 42.99 -9.93 -14.25
N PHE R 258 42.20 -9.77 -15.30
CA PHE R 258 42.86 -9.47 -16.51
C PHE R 258 43.34 -8.02 -16.50
N ASN R 259 42.46 -7.09 -16.16
CA ASN R 259 42.88 -5.71 -16.09
C ASN R 259 43.88 -5.50 -14.96
N ILE R 260 43.81 -6.31 -13.90
CA ILE R 260 44.74 -6.18 -12.79
C ILE R 260 46.16 -6.40 -13.28
N SER R 261 46.35 -7.34 -14.19
CA SER R 261 47.70 -7.59 -14.70
C SER R 261 48.32 -6.37 -15.39
N ALA R 262 47.51 -5.36 -15.71
CA ALA R 262 48.01 -4.13 -16.28
C ALA R 262 47.99 -3.02 -15.22
N ALA R 263 46.91 -2.98 -14.44
CA ALA R 263 46.67 -1.96 -13.42
C ALA R 263 47.43 -2.09 -12.11
N LEU R 264 47.77 -3.29 -11.67
CA LEU R 264 48.44 -3.44 -10.39
C LEU R 264 49.91 -3.16 -10.49
N ILE R 265 50.35 -2.21 -9.69
CA ILE R 265 51.74 -1.79 -9.69
C ILE R 265 52.48 -2.30 -8.47
N GLY R 266 51.76 -2.59 -7.40
CA GLY R 266 52.43 -3.12 -6.23
C GLY R 266 51.48 -3.53 -5.14
N VAL R 267 51.93 -4.50 -4.35
CA VAL R 267 51.17 -5.06 -3.26
C VAL R 267 51.94 -5.17 -1.97
N LEU R 268 51.34 -4.72 -0.90
CA LEU R 268 52.01 -4.78 0.36
C LEU R 268 51.17 -5.38 1.47
N SER R 269 51.62 -6.49 2.04
CA SER R 269 50.89 -7.11 3.17
C SER R 269 51.54 -6.67 4.44
N GLN R 270 50.73 -6.17 5.33
CA GLN R 270 51.22 -5.64 6.56
C GLN R 270 50.54 -6.24 7.76
N ARG R 271 51.13 -5.98 8.89
CA ARG R 271 50.52 -6.36 10.16
C ARG R 271 51.14 -5.62 11.29
N LEU R 272 50.39 -5.42 12.36
CA LEU R 272 51.02 -4.82 13.49
C LEU R 272 51.39 -5.82 14.49
N VAL R 273 52.55 -5.60 15.00
CA VAL R 273 53.05 -6.33 16.11
C VAL R 273 53.25 -5.20 17.07
N ARG R 274 53.15 -5.43 18.35
CA ARG R 274 53.27 -4.26 19.19
C ARG R 274 54.71 -3.77 19.27
N ARG R 275 54.97 -2.47 19.11
CA ARG R 275 56.36 -2.02 19.26
C ARG R 275 56.78 -2.13 20.68
N VAL R 276 58.00 -2.53 20.92
CA VAL R 276 58.42 -2.51 22.30
C VAL R 276 58.48 -1.05 22.65
N CYS R 277 57.80 -0.64 23.72
CA CYS R 277 57.75 0.77 24.03
C CYS R 277 59.13 1.30 24.14
N GLU R 278 59.39 2.38 23.40
CA GLU R 278 60.70 3.02 23.36
C GLU R 278 61.18 3.52 24.70
N HIS R 279 60.28 3.60 25.67
CA HIS R 279 60.59 4.09 26.99
C HIS R 279 60.90 2.95 27.98
N CYS R 280 60.88 1.70 27.52
CA CYS R 280 61.19 0.57 28.39
C CYS R 280 61.65 -0.59 27.52
N LYS R 281 62.37 -0.24 26.48
CA LYS R 281 62.82 -1.21 25.52
C LYS R 281 64.04 -1.97 25.99
N VAL R 282 63.79 -3.04 26.75
CA VAL R 282 64.85 -3.84 27.39
C VAL R 282 65.37 -4.96 26.50
N GLU R 283 66.68 -5.07 26.32
CA GLU R 283 67.17 -6.12 25.42
C GLU R 283 67.05 -7.51 25.98
N VAL R 284 66.22 -8.31 25.32
CA VAL R 284 65.92 -9.67 25.69
C VAL R 284 65.79 -10.55 24.47
N LYS R 285 65.90 -11.86 24.63
CA LYS R 285 65.51 -12.76 23.53
C LYS R 285 66.28 -12.44 22.19
N PRO R 286 66.01 -13.15 21.08
CA PRO R 286 64.96 -14.10 20.72
C PRO R 286 64.83 -15.41 21.52
N ASP R 287 63.57 -15.68 21.85
CA ASP R 287 63.04 -16.84 22.58
C ASP R 287 62.96 -18.11 21.75
N PRO R 288 63.48 -19.26 22.18
CA PRO R 288 63.44 -20.51 21.43
C PRO R 288 62.04 -21.06 21.09
N GLU R 289 60.98 -20.75 21.86
CA GLU R 289 59.68 -21.28 21.48
C GLU R 289 59.21 -20.48 20.29
N THR R 290 59.44 -19.20 20.43
CA THR R 290 59.06 -18.23 19.45
C THR R 290 59.83 -18.47 18.14
N LEU R 291 61.15 -18.70 18.26
CA LEU R 291 62.02 -18.94 17.12
C LEU R 291 61.64 -20.19 16.35
N ARG R 292 61.29 -21.25 17.11
CA ARG R 292 60.90 -22.53 16.56
C ARG R 292 59.64 -22.39 15.70
N ARG R 293 58.66 -21.67 16.22
CA ARG R 293 57.41 -21.46 15.51
C ARG R 293 57.61 -20.59 14.27
N LEU R 294 58.47 -19.59 14.38
CA LEU R 294 58.73 -18.62 13.32
C LEU R 294 59.71 -19.02 12.21
N GLY R 295 60.73 -19.82 12.50
CA GLY R 295 61.72 -20.16 11.46
C GLY R 295 62.75 -19.05 11.23
N LEU R 296 63.16 -18.39 12.31
CA LEU R 296 64.12 -17.27 12.25
C LEU R 296 65.50 -17.60 11.66
N SER R 297 66.02 -16.74 10.74
CA SER R 297 67.37 -16.94 10.15
C SER R 297 68.47 -16.76 11.17
N GLU R 298 69.56 -17.49 11.02
CA GLU R 298 70.70 -17.31 11.92
C GLU R 298 71.19 -15.87 11.93
N ALA R 299 71.08 -15.17 10.80
CA ALA R 299 71.52 -13.77 10.74
C ALA R 299 70.72 -12.92 11.72
N GLU R 300 69.46 -13.30 11.84
CA GLU R 300 68.48 -12.63 12.62
C GLU R 300 68.53 -13.14 14.08
N ILE R 301 68.84 -14.44 14.27
CA ILE R 301 68.92 -15.07 15.60
C ILE R 301 70.13 -14.61 16.38
N GLN R 302 71.28 -14.62 15.72
CA GLN R 302 72.58 -14.41 16.33
C GLN R 302 73.26 -13.11 15.93
N GLY R 303 72.56 -11.99 16.01
CA GLY R 303 73.16 -10.73 15.61
C GLY R 303 72.10 -9.70 15.82
N ALA R 304 71.02 -9.84 15.08
CA ALA R 304 69.87 -8.98 15.35
C ALA R 304 69.32 -9.44 16.73
N ARG R 305 68.60 -8.55 17.47
CA ARG R 305 68.13 -8.81 18.85
C ARG R 305 66.71 -8.32 19.16
N LEU R 306 66.02 -8.96 20.12
CA LEU R 306 64.69 -8.48 20.51
C LEU R 306 64.66 -7.65 21.75
N TYR R 307 63.55 -6.96 21.92
CA TYR R 307 63.37 -6.20 23.13
C TYR R 307 62.08 -6.59 23.86
N LYS R 308 62.07 -6.34 25.15
CA LYS R 308 60.94 -6.57 26.02
C LYS R 308 60.25 -5.31 26.42
N GLY R 309 58.96 -5.30 26.23
CA GLY R 309 58.18 -4.19 26.69
C GLY R 309 58.03 -4.34 28.18
N MET R 310 59.01 -3.83 28.91
CA MET R 310 59.06 -4.04 30.34
C MET R 310 57.94 -3.30 31.13
N GLY R 311 57.49 -2.16 30.60
CA GLY R 311 56.49 -1.30 31.21
C GLY R 311 56.92 0.17 31.11
N CYS R 312 56.11 1.02 30.48
CA CYS R 312 56.46 2.44 30.32
C CYS R 312 55.30 3.41 30.45
N GLU R 313 54.22 3.03 31.14
CA GLU R 313 53.02 3.88 31.35
C GLU R 313 52.17 4.19 30.10
N ARG R 314 52.79 4.72 29.06
CA ARG R 314 52.10 5.12 27.83
C ARG R 314 51.82 3.95 26.89
N CYS R 315 52.04 2.79 27.45
CA CYS R 315 51.80 1.49 26.91
C CYS R 315 50.51 0.88 27.46
N GLY R 316 49.82 1.59 28.34
CA GLY R 316 48.59 1.05 28.88
C GLY R 316 48.85 -0.07 29.87
N GLY R 317 50.05 -0.08 30.44
CA GLY R 317 50.48 -1.09 31.39
C GLY R 317 51.09 -2.36 30.78
N THR R 318 51.23 -2.43 29.45
CA THR R 318 51.76 -3.65 28.85
C THR R 318 53.25 -3.63 28.54
N GLY R 319 53.81 -2.45 28.44
CA GLY R 319 55.20 -2.22 28.05
C GLY R 319 55.36 -2.06 26.55
N TYR R 320 54.27 -2.17 25.82
CA TYR R 320 54.31 -2.00 24.39
C TYR R 320 53.63 -0.72 24.00
N LYS R 321 54.24 0.02 23.09
CA LYS R 321 53.72 1.31 22.68
C LYS R 321 54.05 1.70 21.27
N GLY R 322 53.03 1.84 20.49
CA GLY R 322 53.12 2.26 19.11
C GLY R 322 52.86 1.10 18.20
N ARG R 323 52.06 1.36 17.19
CA ARG R 323 51.76 0.32 16.23
C ARG R 323 53.05 -0.02 15.46
N TYR R 324 53.40 -1.31 15.31
CA TYR R 324 54.57 -1.62 14.50
C TYR R 324 54.22 -2.31 13.20
N ALA R 325 54.12 -1.59 12.10
CA ALA R 325 53.77 -2.30 10.89
C ALA R 325 54.98 -3.02 10.30
N ILE R 326 54.71 -4.23 9.85
CA ILE R 326 55.59 -5.12 9.10
C ILE R 326 55.21 -4.99 7.64
N HIS R 327 56.19 -4.99 6.70
CA HIS R 327 55.90 -4.68 5.29
C HIS R 327 56.32 -5.67 4.19
N GLU R 328 55.45 -6.60 3.86
CA GLU R 328 55.76 -7.59 2.85
C GLU R 328 55.52 -7.03 1.47
N LEU R 329 56.53 -6.43 0.87
CA LEU R 329 56.27 -5.81 -0.42
C LEU R 329 56.51 -6.70 -1.60
N LEU R 330 55.49 -6.79 -2.41
CA LEU R 330 55.50 -7.49 -3.66
C LEU R 330 55.40 -6.48 -4.81
N VAL R 331 56.47 -6.36 -5.57
CA VAL R 331 56.50 -5.43 -6.69
C VAL R 331 55.82 -6.13 -7.85
N VAL R 332 54.81 -5.52 -8.46
CA VAL R 332 54.14 -6.28 -9.48
C VAL R 332 54.71 -6.12 -10.88
N ASP R 333 55.67 -7.02 -11.15
CA ASP R 333 56.41 -7.13 -12.39
C ASP R 333 55.73 -8.11 -13.34
N ASP R 334 56.39 -8.44 -14.45
CA ASP R 334 55.85 -9.34 -15.47
C ASP R 334 55.48 -10.76 -14.98
N GLU R 335 56.19 -11.28 -13.99
CA GLU R 335 55.89 -12.64 -13.53
C GLU R 335 54.63 -12.63 -12.72
N ILE R 336 54.47 -11.55 -11.98
CA ILE R 336 53.32 -11.42 -11.14
C ILE R 336 52.15 -11.09 -12.01
N ARG R 337 52.34 -10.17 -12.96
CA ARG R 337 51.30 -9.78 -13.90
C ARG R 337 50.85 -10.94 -14.72
N HIS R 338 51.77 -11.81 -15.11
CA HIS R 338 51.34 -13.00 -15.82
C HIS R 338 50.51 -13.83 -14.86
N ALA R 339 51.02 -14.06 -13.66
CA ALA R 339 50.27 -14.87 -12.72
C ALA R 339 48.88 -14.26 -12.50
N ILE R 340 48.79 -12.94 -12.47
CA ILE R 340 47.55 -12.24 -12.32
C ILE R 340 46.63 -12.41 -13.52
N VAL R 341 47.15 -12.22 -14.73
CA VAL R 341 46.30 -12.28 -15.89
C VAL R 341 45.82 -13.70 -16.06
N ALA R 342 46.62 -14.65 -15.59
CA ALA R 342 46.29 -16.05 -15.62
C ALA R 342 45.30 -16.43 -14.48
N GLY R 343 45.00 -15.51 -13.55
CA GLY R 343 44.08 -15.76 -12.44
C GLY R 343 44.66 -16.67 -11.35
N LYS R 344 45.96 -16.59 -11.11
CA LYS R 344 46.60 -17.47 -10.16
C LYS R 344 46.37 -17.27 -8.66
N SER R 345 46.52 -18.39 -7.97
CA SER R 345 46.36 -18.51 -6.53
C SER R 345 47.47 -17.86 -5.76
N ALA R 346 47.22 -17.69 -4.47
CA ALA R 346 48.21 -17.09 -3.59
C ALA R 346 49.50 -17.87 -3.62
N THR R 347 49.40 -19.19 -3.63
CA THR R 347 50.59 -20.02 -3.64
C THR R 347 51.37 -19.86 -4.92
N GLU R 348 50.67 -19.91 -6.04
CA GLU R 348 51.39 -19.80 -7.30
C GLU R 348 52.06 -18.45 -7.47
N ILE R 349 51.36 -17.40 -7.06
CA ILE R 349 51.91 -16.08 -7.16
C ILE R 349 53.07 -15.95 -6.19
N LYS R 350 52.88 -16.42 -4.96
CA LYS R 350 53.89 -16.38 -3.92
C LYS R 350 55.14 -17.07 -4.36
N GLU R 351 55.03 -18.25 -4.96
CA GLU R 351 56.24 -18.93 -5.36
C GLU R 351 57.01 -18.19 -6.44
N ILE R 352 56.33 -17.64 -7.44
CA ILE R 352 57.16 -16.91 -8.39
C ILE R 352 57.64 -15.62 -7.75
N ALA R 353 56.81 -15.02 -6.91
CA ALA R 353 57.15 -13.80 -6.23
C ALA R 353 58.35 -13.97 -5.32
N ARG R 354 58.41 -15.11 -4.65
CA ARG R 354 59.46 -15.48 -3.73
C ARG R 354 60.75 -15.57 -4.51
N ARG R 355 60.70 -16.27 -5.65
CA ARG R 355 61.86 -16.40 -6.51
C ARG R 355 62.30 -15.03 -7.02
N LYS R 356 61.34 -14.13 -7.18
CA LYS R 356 61.59 -12.77 -7.63
C LYS R 356 61.90 -11.77 -6.48
N GLY R 357 62.10 -12.25 -5.25
CA GLY R 357 62.48 -11.37 -4.12
C GLY R 357 61.43 -11.08 -3.03
N MET R 358 60.29 -11.73 -3.06
CA MET R 358 59.25 -11.48 -2.04
C MET R 358 59.53 -12.09 -0.67
N LYS R 359 60.36 -11.42 0.12
CA LYS R 359 60.60 -11.85 1.50
C LYS R 359 59.21 -11.85 2.08
N THR R 360 58.80 -12.91 2.79
CA THR R 360 57.41 -13.00 3.22
C THR R 360 57.05 -12.14 4.41
N LEU R 361 55.75 -12.04 4.67
CA LEU R 361 55.21 -11.28 5.78
C LEU R 361 55.80 -11.77 7.08
N ARG R 362 55.79 -13.09 7.26
CA ARG R 362 56.34 -13.59 8.49
C ARG R 362 57.81 -13.23 8.58
N GLU R 363 58.56 -13.46 7.50
CA GLU R 363 60.00 -13.19 7.51
C GLU R 363 60.36 -11.72 7.70
N ASP R 364 59.58 -10.84 7.12
CA ASP R 364 59.88 -9.42 7.23
C ASP R 364 59.70 -9.04 8.68
N GLY R 365 58.71 -9.63 9.34
CA GLY R 365 58.47 -9.38 10.74
C GLY R 365 59.57 -9.88 11.58
N LEU R 366 60.13 -11.01 11.20
CA LEU R 366 61.16 -11.58 12.01
C LEU R 366 62.34 -10.66 12.01
N TYR R 367 62.68 -10.21 10.82
CA TYR R 367 63.80 -9.31 10.62
C TYR R 367 63.59 -8.05 11.42
N LYS R 368 62.44 -7.42 11.24
CA LYS R 368 62.09 -6.18 11.90
C LYS R 368 62.02 -6.26 13.43
N ALA R 369 61.59 -7.40 13.96
CA ALA R 369 61.58 -7.55 15.40
C ALA R 369 62.97 -7.49 15.92
N LEU R 370 63.85 -8.14 15.20
CA LEU R 370 65.24 -8.26 15.56
C LEU R 370 66.03 -7.00 15.23
N GLN R 371 65.41 -6.09 14.46
CA GLN R 371 66.01 -4.77 14.21
C GLN R 371 65.81 -3.90 15.45
N GLY R 372 65.12 -4.43 16.47
CA GLY R 372 64.93 -3.77 17.72
C GLY R 372 63.67 -2.95 17.85
N ILE R 373 62.67 -3.28 17.04
CA ILE R 373 61.45 -2.52 17.11
C ILE R 373 60.35 -3.17 17.95
N THR R 374 60.22 -4.46 17.80
CA THR R 374 59.18 -5.26 18.42
C THR R 374 59.77 -6.52 19.06
N THR R 375 58.91 -7.50 19.29
CA THR R 375 59.27 -8.74 19.91
C THR R 375 58.82 -9.84 18.94
N LEU R 376 59.61 -10.89 18.73
CA LEU R 376 59.17 -11.97 17.83
C LEU R 376 57.88 -12.60 18.33
N GLU R 377 57.64 -12.52 19.62
CA GLU R 377 56.43 -13.04 20.23
C GLU R 377 55.20 -12.40 19.55
N GLU R 378 55.31 -11.13 19.21
CA GLU R 378 54.24 -10.40 18.56
C GLU R 378 54.14 -10.86 17.11
N VAL R 379 55.30 -11.18 16.54
CA VAL R 379 55.38 -11.67 15.17
C VAL R 379 54.61 -13.00 15.09
N LEU R 380 54.73 -13.85 16.15
CA LEU R 380 54.00 -15.11 16.20
C LEU R 380 52.52 -14.89 16.18
N ALA R 381 52.07 -13.96 17.01
CA ALA R 381 50.65 -13.70 17.20
C ALA R 381 49.97 -13.28 15.91
N ARG R 382 50.67 -12.51 15.09
CA ARG R 382 50.05 -12.03 13.87
C ARG R 382 50.26 -12.90 12.64
N THR R 383 51.03 -13.96 12.74
CA THR R 383 51.22 -14.87 11.62
C THR R 383 51.19 -16.30 12.09
N ILE R 384 52.37 -16.89 12.08
CA ILE R 384 52.57 -18.25 12.51
C ILE R 384 53.55 -18.22 13.68
N GLU R 385 52.99 -18.37 14.89
CA GLU R 385 52.00 -19.36 15.30
C GLU R 385 51.61 -19.06 16.74
#